data_9P8U
#
_entry.id   9P8U
#
_cell.length_a   1.00
_cell.length_b   1.00
_cell.length_c   1.00
_cell.angle_alpha   90.00
_cell.angle_beta   90.00
_cell.angle_gamma   90.00
#
_symmetry.space_group_name_H-M   'P 1'
#
loop_
_entity.id
_entity.type
_entity.pdbx_description
1 polymer 'DNTP triphosphohydrolase'
2 polymer "5'-triphosphothymidyl-3'5'-thymidine (p3diT)"
3 non-polymer "2'-DEOXYGUANOSINE-5'-TRIPHOSPHATE"
4 non-polymer 'MAGNESIUM ION'
#
loop_
_entity_poly.entity_id
_entity_poly.type
_entity_poly.pdbx_seq_one_letter_code
_entity_poly.pdbx_strand_id
1 'polypeptide(L)'
;GSMHWNDLLNSNRRKPKNEKKESSQDTSKGRQQIERDYDRILFAAPTRRLADKTQVFPLDKNDSVRTRLTHSHEVANLSR
GIGMRLAFELEDDVFKDVSEDICLKRDVPALLAAIGLVHDMGNPPFGAQGAKAMSEWFTKNLPEHSDNYKDKIYGDFRHF
DGNSQTLRLVTKLQILNDTYGLNLTYATLASMIKYPRSSESDSSLWKKHGFFLSEKDVVQDIWNNTGLSEGVRHPFTYIM
EACDDIAYSVLDAEDIIKKGFASFHDLIDFIQSNQFCKEDDVAKRVIENCKKIHADYAQQKLSPAELNDMSMQMFRVYAI
AELVDAVVIAFKDNINEFLNDTCEIKDLISCSSGKNLCQALKKFDSSRGYQHRSVLKLELEGSNYIKGLMDMLWLGIKGR
ATGDTQYDTPFGRYVYGRISENYRRIFEQENNLPACYKEAQLLADAISGMTDSYLIALHDELRALHQYECRQR
;
A,B,D,E,G,H,J,K
2 'polydeoxyribonucleotide' (TTP)(DT) M,N,O,P,Q,R,S,T
#
# COMPACT_ATOMS: atom_id res chain seq x y z
N SER A 2 -69.70 5.19 -12.27
CA SER A 2 -69.61 4.51 -13.56
C SER A 2 -68.82 3.22 -13.44
N MET A 3 -67.83 3.22 -12.54
CA MET A 3 -67.01 2.05 -12.28
C MET A 3 -67.43 1.41 -10.96
N HIS A 4 -67.67 0.11 -10.98
CA HIS A 4 -68.18 -0.60 -9.82
C HIS A 4 -67.03 -1.13 -8.97
N TRP A 5 -67.23 -1.09 -7.65
CA TRP A 5 -66.21 -1.57 -6.73
C TRP A 5 -66.02 -3.08 -6.81
N ASN A 6 -67.02 -3.82 -7.31
CA ASN A 6 -66.86 -5.26 -7.46
C ASN A 6 -65.76 -5.61 -8.43
N ASP A 7 -65.68 -4.89 -9.55
CA ASP A 7 -64.62 -5.12 -10.52
C ASP A 7 -63.28 -4.58 -10.03
N LEU A 8 -63.29 -3.42 -9.38
CA LEU A 8 -62.05 -2.80 -8.92
C LEU A 8 -61.39 -3.63 -7.83
N LEU A 9 -62.18 -4.32 -7.01
CA LEU A 9 -61.66 -5.17 -5.93
C LEU A 9 -61.69 -6.63 -6.32
N ASN A 10 -61.45 -6.94 -7.58
CA ASN A 10 -61.46 -8.32 -8.05
C ASN A 10 -60.30 -9.09 -7.43
N SER A 11 -60.62 -10.20 -6.77
CA SER A 11 -59.62 -11.01 -6.09
C SER A 11 -59.15 -12.20 -6.93
N ASN A 12 -59.61 -12.30 -8.18
CA ASN A 12 -59.14 -13.37 -9.05
C ASN A 12 -57.71 -13.09 -9.51
N ARG A 13 -57.01 -14.14 -9.88
CA ARG A 13 -55.63 -14.05 -10.35
C ARG A 13 -55.55 -14.45 -11.81
N ARG A 14 -54.45 -14.04 -12.45
CA ARG A 14 -54.29 -14.29 -13.89
C ARG A 14 -54.03 -15.76 -14.19
N LYS A 15 -53.23 -16.43 -13.36
CA LYS A 15 -52.91 -17.83 -13.62
C LYS A 15 -54.16 -18.68 -13.53
N PRO A 16 -54.44 -19.53 -14.51
CA PRO A 16 -55.60 -20.43 -14.39
C PRO A 16 -55.47 -21.33 -13.17
N LYS A 17 -56.58 -21.54 -12.49
CA LYS A 17 -56.57 -22.32 -11.26
C LYS A 17 -56.27 -23.78 -11.57
N ASN A 18 -55.36 -24.37 -10.81
CA ASN A 18 -54.99 -25.76 -11.01
C ASN A 18 -56.06 -26.67 -10.43
N GLU A 19 -56.72 -27.45 -11.29
CA GLU A 19 -57.79 -28.33 -10.87
C GLU A 19 -57.28 -29.60 -10.20
N LYS A 20 -55.98 -29.85 -10.22
CA LYS A 20 -55.39 -31.03 -9.60
C LYS A 20 -54.97 -30.80 -8.16
N LYS A 21 -55.17 -29.58 -7.65
CA LYS A 21 -54.80 -29.29 -6.27
C LYS A 21 -55.71 -30.03 -5.30
N GLU A 22 -55.12 -30.56 -4.24
CA GLU A 22 -55.83 -31.26 -3.19
C GLU A 22 -55.95 -30.37 -1.95
N SER A 23 -56.78 -30.81 -1.00
CA SER A 23 -56.96 -30.06 0.23
C SER A 23 -55.69 -30.00 1.06
N SER A 24 -54.77 -30.94 0.88
CA SER A 24 -53.51 -30.94 1.61
C SER A 24 -52.52 -29.91 1.08
N GLN A 25 -52.71 -29.43 -0.16
CA GLN A 25 -51.83 -28.43 -0.73
C GLN A 25 -52.37 -27.01 -0.57
N ASP A 26 -53.51 -26.85 0.09
CA ASP A 26 -54.06 -25.52 0.31
C ASP A 26 -53.13 -24.71 1.22
N THR A 27 -52.88 -23.46 0.82
CA THR A 27 -51.95 -22.60 1.52
C THR A 27 -52.60 -21.36 2.11
N SER A 28 -53.85 -21.06 1.71
CA SER A 28 -54.52 -19.85 2.19
C SER A 28 -54.59 -19.84 3.72
N LYS A 29 -55.02 -20.94 4.32
CA LYS A 29 -55.11 -21.06 5.78
C LYS A 29 -55.95 -19.94 6.37
N GLY A 30 -57.13 -19.75 5.80
CA GLY A 30 -58.03 -18.69 6.27
C GLY A 30 -57.51 -17.29 6.04
N ARG A 31 -56.94 -17.02 4.86
CA ARG A 31 -56.45 -15.72 4.50
C ARG A 31 -57.19 -15.20 3.27
N GLN A 32 -57.44 -13.90 3.24
CA GLN A 32 -58.01 -13.30 2.05
C GLN A 32 -56.96 -13.25 0.94
N GLN A 33 -57.44 -13.23 -0.30
CA GLN A 33 -56.54 -13.32 -1.44
C GLN A 33 -55.58 -12.14 -1.49
N ILE A 34 -56.07 -10.94 -1.19
CA ILE A 34 -55.21 -9.76 -1.24
C ILE A 34 -54.20 -9.78 -0.10
N GLU A 35 -54.58 -10.35 1.05
CA GLU A 35 -53.60 -10.57 2.11
C GLU A 35 -52.51 -11.51 1.63
N ARG A 36 -52.88 -12.54 0.87
CA ARG A 36 -51.88 -13.41 0.28
C ARG A 36 -51.00 -12.66 -0.70
N ASP A 37 -51.56 -11.69 -1.43
CA ASP A 37 -50.75 -10.86 -2.31
C ASP A 37 -49.72 -10.06 -1.53
N TYR A 38 -50.15 -9.47 -0.41
CA TYR A 38 -49.23 -8.72 0.44
C TYR A 38 -48.13 -9.63 0.96
N ASP A 39 -48.49 -10.84 1.39
CA ASP A 39 -47.50 -11.79 1.88
C ASP A 39 -46.52 -12.19 0.78
N ARG A 40 -47.04 -12.40 -0.44
CA ARG A 40 -46.18 -12.72 -1.57
C ARG A 40 -45.17 -11.61 -1.84
N ILE A 41 -45.65 -10.36 -1.82
CA ILE A 41 -44.76 -9.23 -2.06
C ILE A 41 -43.71 -9.13 -0.95
N LEU A 42 -44.14 -9.28 0.30
CA LEU A 42 -43.22 -9.12 1.43
C LEU A 42 -42.11 -10.17 1.41
N PHE A 43 -42.46 -11.42 1.10
CA PHE A 43 -41.50 -12.52 1.16
C PHE A 43 -40.69 -12.68 -0.12
N ALA A 44 -40.92 -11.84 -1.13
CA ALA A 44 -40.16 -11.92 -2.36
C ALA A 44 -38.72 -11.45 -2.13
N ALA A 45 -37.80 -12.06 -2.88
CA ALA A 45 -36.39 -11.64 -2.81
C ALA A 45 -36.17 -10.17 -3.15
N PRO A 46 -36.80 -9.59 -4.18
CA PRO A 46 -36.60 -8.14 -4.41
C PRO A 46 -37.01 -7.28 -3.24
N THR A 47 -38.00 -7.70 -2.45
CA THR A 47 -38.37 -6.93 -1.27
C THR A 47 -37.21 -6.85 -0.29
N ARG A 48 -36.52 -7.98 -0.07
CA ARG A 48 -35.36 -7.97 0.82
C ARG A 48 -34.21 -7.19 0.20
N ARG A 49 -34.00 -7.33 -1.10
CA ARG A 49 -32.91 -6.60 -1.76
C ARG A 49 -33.18 -5.10 -1.83
N LEU A 50 -34.43 -4.67 -1.60
CA LEU A 50 -34.71 -3.24 -1.55
C LEU A 50 -33.90 -2.54 -0.45
N ALA A 51 -33.49 -3.28 0.57
CA ALA A 51 -32.71 -2.69 1.65
C ALA A 51 -31.35 -2.21 1.16
N ASP A 52 -30.74 -2.94 0.21
CA ASP A 52 -29.43 -2.56 -0.29
C ASP A 52 -29.48 -1.42 -1.30
N LYS A 53 -30.65 -1.11 -1.84
CA LYS A 53 -30.78 -0.02 -2.78
C LYS A 53 -31.08 1.28 -2.04
N THR A 54 -30.33 2.32 -2.36
CA THR A 54 -30.47 3.60 -1.68
C THR A 54 -31.71 4.34 -2.18
N GLN A 55 -32.11 5.35 -1.40
CA GLN A 55 -33.26 6.17 -1.75
C GLN A 55 -32.84 7.59 -2.11
N VAL A 56 -32.20 8.31 -1.20
CA VAL A 56 -31.66 9.63 -1.50
C VAL A 56 -30.20 9.70 -1.09
N PHE A 57 -29.92 9.41 0.18
CA PHE A 57 -28.61 9.56 0.78
C PHE A 57 -27.91 8.22 0.92
N PRO A 58 -26.58 8.22 1.10
CA PRO A 58 -25.86 6.96 1.29
C PRO A 58 -26.39 6.19 2.49
N LEU A 59 -26.43 4.86 2.35
CA LEU A 59 -27.07 3.99 3.33
C LEU A 59 -26.07 3.25 4.21
N ASP A 60 -24.80 3.67 4.21
CA ASP A 60 -23.78 2.99 5.00
C ASP A 60 -23.10 3.94 5.98
N LYS A 61 -23.80 5.01 6.36
CA LYS A 61 -23.25 6.00 7.29
C LYS A 61 -23.78 5.85 8.71
N ASN A 62 -24.64 4.85 8.96
CA ASN A 62 -25.20 4.59 10.29
C ASN A 62 -25.95 5.80 10.84
N ASP A 63 -26.55 6.60 9.96
CA ASP A 63 -27.32 7.77 10.36
C ASP A 63 -28.83 7.50 10.37
N SER A 64 -29.23 6.24 10.21
CA SER A 64 -30.64 5.85 10.20
C SER A 64 -31.44 6.58 9.12
N VAL A 65 -30.82 6.82 7.98
CA VAL A 65 -31.51 7.42 6.84
C VAL A 65 -32.37 6.36 6.19
N ARG A 66 -33.34 6.79 5.38
CA ARG A 66 -34.28 5.88 4.75
C ARG A 66 -33.66 5.25 3.51
N THR A 67 -33.89 3.95 3.35
CA THR A 67 -33.58 3.23 2.13
C THR A 67 -34.87 2.93 1.37
N ARG A 68 -34.74 2.18 0.28
CA ARG A 68 -35.94 1.80 -0.47
C ARG A 68 -36.86 0.93 0.37
N LEU A 69 -36.29 0.02 1.16
CA LEU A 69 -37.11 -0.86 1.98
C LEU A 69 -37.86 -0.08 3.06
N THR A 70 -37.16 0.82 3.76
CA THR A 70 -37.80 1.60 4.81
C THR A 70 -38.86 2.53 4.24
N HIS A 71 -38.54 3.19 3.12
CA HIS A 71 -39.51 4.07 2.49
C HIS A 71 -40.74 3.29 2.02
N SER A 72 -40.52 2.11 1.45
CA SER A 72 -41.64 1.27 1.01
C SER A 72 -42.51 0.85 2.19
N HIS A 73 -41.87 0.48 3.30
CA HIS A 73 -42.64 0.08 4.48
C HIS A 73 -43.44 1.25 5.04
N GLU A 74 -42.85 2.44 5.06
CA GLU A 74 -43.57 3.61 5.54
C GLU A 74 -44.76 3.96 4.64
N VAL A 75 -44.57 3.88 3.32
CA VAL A 75 -45.66 4.11 2.40
C VAL A 75 -46.76 3.06 2.61
N ALA A 76 -46.35 1.81 2.79
CA ALA A 76 -47.33 0.75 3.01
C ALA A 76 -48.11 0.98 4.30
N ASN A 77 -47.43 1.43 5.36
CA ASN A 77 -48.13 1.72 6.61
C ASN A 77 -49.11 2.87 6.47
N LEU A 78 -48.72 3.95 5.78
CA LEU A 78 -49.65 5.05 5.57
C LEU A 78 -50.85 4.61 4.75
N SER A 79 -50.61 3.85 3.69
CA SER A 79 -51.71 3.35 2.87
C SER A 79 -52.61 2.42 3.67
N ARG A 80 -52.03 1.58 4.53
CA ARG A 80 -52.82 0.71 5.37
C ARG A 80 -53.69 1.50 6.34
N GLY A 81 -53.14 2.56 6.93
CA GLY A 81 -53.93 3.39 7.81
C GLY A 81 -55.09 4.05 7.09
N ILE A 82 -54.83 4.56 5.88
CA ILE A 82 -55.92 5.15 5.09
C ILE A 82 -56.96 4.08 4.76
N GLY A 83 -56.52 2.85 4.49
CA GLY A 83 -57.47 1.78 4.22
C GLY A 83 -58.32 1.42 5.43
N MET A 84 -57.70 1.41 6.61
CA MET A 84 -58.47 1.19 7.83
C MET A 84 -59.52 2.29 8.02
N ARG A 85 -59.13 3.54 7.77
CA ARG A 85 -60.08 4.63 7.89
C ARG A 85 -61.23 4.49 6.89
N LEU A 86 -60.90 4.08 5.66
CA LEU A 86 -61.93 3.94 4.63
C LEU A 86 -62.88 2.80 4.93
N ALA A 87 -62.35 1.66 5.36
CA ALA A 87 -63.16 0.46 5.54
C ALA A 87 -63.84 0.39 6.90
N PHE A 88 -63.45 1.22 7.87
CA PHE A 88 -64.05 1.16 9.20
C PHE A 88 -64.86 2.39 9.58
N GLU A 89 -64.59 3.55 8.97
CA GLU A 89 -65.34 4.76 9.26
C GLU A 89 -66.13 5.28 8.07
N LEU A 90 -65.49 5.43 6.92
CA LEU A 90 -66.10 6.01 5.74
C LEU A 90 -66.61 4.96 4.75
N GLU A 91 -67.04 3.80 5.26
CA GLU A 91 -67.51 2.75 4.37
C GLU A 91 -68.76 3.18 3.61
N ASP A 92 -69.71 3.83 4.30
CA ASP A 92 -70.94 4.24 3.65
C ASP A 92 -70.68 5.30 2.57
N ASP A 93 -69.78 6.25 2.86
CA ASP A 93 -69.53 7.31 1.89
C ASP A 93 -68.79 6.80 0.66
N VAL A 94 -67.79 5.94 0.87
CA VAL A 94 -66.92 5.51 -0.22
C VAL A 94 -67.51 4.31 -0.94
N PHE A 95 -67.66 3.19 -0.22
CA PHE A 95 -68.11 1.94 -0.82
C PHE A 95 -69.63 1.85 -0.72
N LYS A 96 -70.30 2.55 -1.64
CA LYS A 96 -71.76 2.61 -1.61
C LYS A 96 -72.39 1.30 -2.09
N ASP A 97 -71.83 0.70 -3.15
CA ASP A 97 -72.39 -0.50 -3.74
C ASP A 97 -71.29 -1.56 -3.84
N VAL A 98 -71.25 -2.46 -2.85
CA VAL A 98 -70.28 -3.55 -2.82
C VAL A 98 -71.02 -4.83 -2.45
N SER A 99 -70.74 -5.91 -3.18
CA SER A 99 -71.35 -7.19 -2.87
C SER A 99 -70.86 -7.71 -1.52
N GLU A 100 -71.71 -8.49 -0.86
CA GLU A 100 -71.37 -9.02 0.45
C GLU A 100 -70.22 -10.02 0.40
N ASP A 101 -69.87 -10.52 -0.78
CA ASP A 101 -68.77 -11.48 -0.90
C ASP A 101 -67.40 -10.84 -0.70
N ILE A 102 -67.33 -9.51 -0.64
CA ILE A 102 -66.08 -8.80 -0.45
C ILE A 102 -66.02 -8.29 0.97
N CYS A 103 -64.97 -8.68 1.70
CA CYS A 103 -64.74 -8.21 3.07
C CYS A 103 -63.86 -6.98 2.97
N LEU A 104 -64.48 -5.79 3.01
CA LEU A 104 -63.73 -4.55 2.86
C LEU A 104 -62.71 -4.38 3.97
N LYS A 105 -63.10 -4.68 5.21
CA LYS A 105 -62.23 -4.47 6.36
C LYS A 105 -60.95 -5.28 6.28
N ARG A 106 -60.95 -6.38 5.53
CA ARG A 106 -59.75 -7.19 5.36
C ARG A 106 -59.08 -6.98 4.01
N ASP A 107 -59.81 -6.53 2.99
CA ASP A 107 -59.28 -6.38 1.65
C ASP A 107 -58.68 -5.01 1.40
N VAL A 108 -59.42 -3.94 1.73
CA VAL A 108 -58.95 -2.58 1.42
C VAL A 108 -57.64 -2.25 2.12
N PRO A 109 -57.50 -2.43 3.43
CA PRO A 109 -56.18 -2.15 4.05
C PRO A 109 -55.08 -3.02 3.50
N ALA A 110 -55.35 -4.31 3.27
CA ALA A 110 -54.34 -5.19 2.71
C ALA A 110 -53.95 -4.76 1.30
N LEU A 111 -54.94 -4.37 0.49
CA LEU A 111 -54.65 -3.94 -0.88
C LEU A 111 -53.80 -2.68 -0.88
N LEU A 112 -54.16 -1.70 -0.04
CA LEU A 112 -53.38 -0.46 0.01
C LEU A 112 -51.96 -0.72 0.50
N ALA A 113 -51.82 -1.56 1.53
CA ALA A 113 -50.48 -1.89 2.02
C ALA A 113 -49.67 -2.61 0.96
N ALA A 114 -50.28 -3.54 0.23
CA ALA A 114 -49.56 -4.29 -0.78
C ALA A 114 -49.09 -3.39 -1.91
N ILE A 115 -49.97 -2.50 -2.38
CA ILE A 115 -49.55 -1.63 -3.48
C ILE A 115 -48.53 -0.60 -3.00
N GLY A 116 -48.61 -0.18 -1.73
CA GLY A 116 -47.60 0.73 -1.21
C GLY A 116 -46.25 0.08 -1.07
N LEU A 117 -46.21 -1.18 -0.64
CA LEU A 117 -44.94 -1.86 -0.42
C LEU A 117 -44.21 -2.16 -1.72
N VAL A 118 -44.96 -2.39 -2.80
CA VAL A 118 -44.38 -2.80 -4.07
C VAL A 118 -44.24 -1.64 -5.04
N HIS A 119 -44.54 -0.41 -4.60
CA HIS A 119 -44.61 0.72 -5.52
C HIS A 119 -43.26 1.06 -6.13
N ASP A 120 -42.15 0.74 -5.47
CA ASP A 120 -40.82 1.07 -5.97
C ASP A 120 -39.95 -0.18 -6.02
N MET A 121 -40.54 -1.31 -6.38
CA MET A 121 -39.83 -2.58 -6.37
C MET A 121 -38.83 -2.72 -7.51
N GLY A 122 -39.18 -2.27 -8.71
CA GLY A 122 -38.34 -2.44 -9.87
C GLY A 122 -37.53 -1.24 -10.29
N ASN A 123 -37.41 -0.21 -9.45
CA ASN A 123 -36.64 0.97 -9.83
C ASN A 123 -35.16 0.60 -9.92
N PRO A 124 -34.43 1.21 -10.86
CA PRO A 124 -32.99 0.96 -10.95
C PRO A 124 -32.27 1.49 -9.73
N PRO A 125 -31.08 0.98 -9.44
CA PRO A 125 -30.35 1.45 -8.25
C PRO A 125 -29.88 2.89 -8.39
N PHE A 126 -29.24 3.41 -7.33
CA PHE A 126 -28.67 4.76 -7.32
C PHE A 126 -29.75 5.83 -7.43
N GLY A 127 -30.93 5.55 -6.88
CA GLY A 127 -31.99 6.54 -6.89
C GLY A 127 -32.54 6.82 -8.27
N ALA A 128 -33.17 8.00 -8.38
CA ALA A 128 -33.70 8.45 -9.66
C ALA A 128 -32.58 8.68 -10.68
N GLN A 129 -31.38 8.99 -10.21
CA GLN A 129 -30.25 9.12 -11.13
C GLN A 129 -29.98 7.83 -11.87
N GLY A 130 -30.30 6.68 -11.27
CA GLY A 130 -30.16 5.43 -12.00
C GLY A 130 -31.04 5.36 -13.22
N ALA A 131 -32.32 5.71 -13.06
CA ALA A 131 -33.23 5.72 -14.19
C ALA A 131 -32.80 6.76 -15.22
N LYS A 132 -32.34 7.93 -14.76
CA LYS A 132 -31.86 8.95 -15.68
C LYS A 132 -30.66 8.45 -16.48
N ALA A 133 -29.73 7.76 -15.80
CA ALA A 133 -28.54 7.27 -16.47
C ALA A 133 -28.88 6.20 -17.50
N MET A 134 -29.78 5.27 -17.15
CA MET A 134 -30.19 4.27 -18.13
C MET A 134 -30.91 4.91 -19.31
N SER A 135 -31.73 5.94 -19.05
CA SER A 135 -32.39 6.63 -20.14
C SER A 135 -31.38 7.28 -21.08
N GLU A 136 -30.37 7.94 -20.51
CA GLU A 136 -29.34 8.58 -21.34
C GLU A 136 -28.56 7.53 -22.13
N TRP A 137 -28.19 6.43 -21.49
CA TRP A 137 -27.43 5.39 -22.18
C TRP A 137 -28.23 4.79 -23.32
N PHE A 138 -29.53 4.53 -23.09
CA PHE A 138 -30.36 3.97 -24.14
C PHE A 138 -30.58 4.97 -25.27
N THR A 139 -30.71 6.26 -24.93
CA THR A 139 -30.85 7.27 -25.96
C THR A 139 -29.60 7.34 -26.84
N LYS A 140 -28.43 7.24 -26.22
CA LYS A 140 -27.19 7.30 -27.00
C LYS A 140 -26.97 6.03 -27.82
N ASN A 141 -27.24 4.86 -27.23
CA ASN A 141 -26.93 3.59 -27.86
C ASN A 141 -28.07 3.01 -28.67
N LEU A 142 -29.26 3.62 -28.62
CA LEU A 142 -30.39 3.25 -29.48
C LEU A 142 -30.88 4.51 -30.17
N PRO A 143 -30.11 5.04 -31.11
CA PRO A 143 -30.45 6.33 -31.72
C PRO A 143 -31.79 6.27 -32.44
N GLU A 144 -32.54 7.38 -32.36
CA GLU A 144 -33.85 7.45 -32.99
C GLU A 144 -33.76 7.52 -34.51
N HIS A 145 -32.68 8.07 -35.05
CA HIS A 145 -32.57 8.17 -36.51
C HIS A 145 -32.24 6.83 -37.14
N SER A 146 -31.62 5.92 -36.40
CA SER A 146 -31.29 4.61 -36.95
C SER A 146 -32.57 3.81 -37.23
N ASP A 147 -32.58 3.10 -38.35
CA ASP A 147 -33.79 2.39 -38.75
C ASP A 147 -34.11 1.24 -37.80
N ASN A 148 -33.10 0.70 -37.11
CA ASN A 148 -33.35 -0.37 -36.17
C ASN A 148 -34.20 0.11 -35.00
N TYR A 149 -34.00 1.35 -34.57
CA TYR A 149 -34.72 1.90 -33.42
C TYR A 149 -35.57 3.12 -33.79
N LYS A 150 -36.02 3.23 -35.04
CA LYS A 150 -36.90 4.33 -35.41
C LYS A 150 -38.25 4.23 -34.73
N ASP A 151 -38.68 3.01 -34.41
CA ASP A 151 -40.01 2.80 -33.85
C ASP A 151 -40.14 3.47 -32.49
N LYS A 152 -41.34 3.96 -32.18
CA LYS A 152 -41.58 4.63 -30.91
C LYS A 152 -41.55 3.67 -29.73
N ILE A 153 -41.66 2.36 -29.98
CA ILE A 153 -41.65 1.39 -28.88
C ILE A 153 -40.34 1.45 -28.13
N TYR A 154 -39.23 1.71 -28.83
CA TYR A 154 -37.93 1.83 -28.18
C TYR A 154 -37.86 3.02 -27.25
N GLY A 155 -38.82 3.95 -27.32
CA GLY A 155 -38.92 4.97 -26.30
C GLY A 155 -39.05 4.38 -24.91
N ASP A 156 -39.67 3.21 -24.80
CA ASP A 156 -39.75 2.48 -23.53
C ASP A 156 -38.40 2.40 -22.85
N PHE A 157 -37.31 2.45 -23.61
CA PHE A 157 -35.96 2.44 -23.07
C PHE A 157 -35.30 3.80 -23.08
N ARG A 158 -35.65 4.67 -24.04
CA ARG A 158 -35.06 6.00 -24.08
C ARG A 158 -35.66 6.90 -23.00
N HIS A 159 -36.83 6.54 -22.47
CA HIS A 159 -37.48 7.23 -21.36
C HIS A 159 -37.81 6.21 -20.26
N PHE A 160 -36.82 5.41 -19.88
CA PHE A 160 -37.02 4.31 -18.96
C PHE A 160 -37.67 4.78 -17.66
N ASP A 161 -38.66 4.02 -17.21
CA ASP A 161 -39.42 4.33 -16.01
C ASP A 161 -39.31 3.19 -15.02
N GLY A 162 -39.24 3.54 -13.73
CA GLY A 162 -39.24 2.52 -12.70
C GLY A 162 -40.55 1.75 -12.61
N ASN A 163 -41.67 2.43 -12.85
CA ASN A 163 -42.98 1.80 -12.67
C ASN A 163 -43.21 0.68 -13.67
N SER A 164 -42.85 0.89 -14.94
CA SER A 164 -43.01 -0.14 -15.94
C SER A 164 -42.17 -1.36 -15.62
N GLN A 165 -40.92 -1.14 -15.19
CA GLN A 165 -40.07 -2.25 -14.80
C GLN A 165 -40.61 -2.96 -13.57
N THR A 166 -41.20 -2.22 -12.63
CA THR A 166 -41.80 -2.84 -11.46
C THR A 166 -42.96 -3.74 -11.86
N LEU A 167 -43.82 -3.27 -12.76
CA LEU A 167 -44.93 -4.09 -13.23
C LEU A 167 -44.42 -5.34 -13.95
N ARG A 168 -43.40 -5.17 -14.80
CA ARG A 168 -42.83 -6.32 -15.49
C ARG A 168 -42.23 -7.33 -14.51
N LEU A 169 -41.52 -6.83 -13.49
CA LEU A 169 -40.89 -7.69 -12.52
C LEU A 169 -41.93 -8.47 -11.71
N VAL A 170 -43.01 -7.80 -11.32
CA VAL A 170 -44.00 -8.42 -10.45
C VAL A 170 -44.91 -9.33 -11.29
N THR A 171 -44.89 -9.15 -12.60
CA THR A 171 -45.74 -9.94 -13.48
C THR A 171 -45.00 -10.98 -14.31
N LYS A 172 -43.76 -10.72 -14.72
CA LYS A 172 -43.07 -11.66 -15.61
C LYS A 172 -41.67 -12.06 -15.14
N LEU A 173 -40.95 -11.23 -14.39
CA LEU A 173 -39.55 -11.49 -14.09
C LEU A 173 -39.35 -12.27 -12.81
N GLN A 174 -40.02 -13.41 -12.66
CA GLN A 174 -39.71 -14.34 -11.58
C GLN A 174 -38.90 -15.49 -12.14
N ILE A 175 -38.51 -16.42 -11.25
CA ILE A 175 -37.66 -17.53 -11.68
C ILE A 175 -38.41 -18.41 -12.68
N LEU A 176 -39.67 -18.73 -12.38
CA LEU A 176 -40.47 -19.51 -13.31
C LEU A 176 -40.94 -18.63 -14.46
N ASN A 177 -40.75 -19.13 -15.69
CA ASN A 177 -41.14 -18.39 -16.89
C ASN A 177 -42.52 -18.85 -17.33
N ASP A 178 -43.53 -18.34 -16.63
CA ASP A 178 -44.92 -18.64 -16.95
C ASP A 178 -45.73 -17.39 -17.28
N THR A 179 -45.08 -16.23 -17.40
CA THR A 179 -45.75 -14.96 -17.68
C THR A 179 -46.80 -14.63 -16.62
N TYR A 180 -46.61 -15.14 -15.40
CA TYR A 180 -47.54 -14.88 -14.30
C TYR A 180 -46.88 -14.29 -13.07
N GLY A 181 -45.56 -14.42 -12.93
CA GLY A 181 -44.84 -13.80 -11.84
C GLY A 181 -45.32 -14.20 -10.46
N LEU A 182 -45.53 -13.22 -9.59
CA LEU A 182 -46.07 -13.47 -8.26
C LEU A 182 -47.54 -13.86 -8.28
N ASN A 183 -48.22 -13.72 -9.42
CA ASN A 183 -49.61 -14.08 -9.58
C ASN A 183 -50.50 -13.34 -8.58
N LEU A 184 -50.32 -12.03 -8.53
CA LEU A 184 -51.14 -11.20 -7.68
C LEU A 184 -52.56 -11.10 -8.24
N THR A 185 -53.49 -10.67 -7.38
CA THR A 185 -54.87 -10.52 -7.81
C THR A 185 -55.00 -9.38 -8.81
N TYR A 186 -56.12 -9.38 -9.53
CA TYR A 186 -56.36 -8.32 -10.51
C TYR A 186 -56.42 -6.95 -9.86
N ALA A 187 -56.96 -6.88 -8.63
CA ALA A 187 -57.05 -5.59 -7.95
C ALA A 187 -55.68 -5.00 -7.69
N THR A 188 -54.74 -5.82 -7.20
CA THR A 188 -53.41 -5.33 -6.90
C THR A 188 -52.69 -4.88 -8.17
N LEU A 189 -52.77 -5.66 -9.24
CA LEU A 189 -52.12 -5.29 -10.49
C LEU A 189 -52.74 -4.02 -11.08
N ALA A 190 -54.06 -3.89 -11.01
CA ALA A 190 -54.71 -2.68 -11.50
C ALA A 190 -54.31 -1.46 -10.69
N SER A 191 -54.23 -1.60 -9.37
CA SER A 191 -53.86 -0.47 -8.53
C SER A 191 -52.39 -0.12 -8.66
N MET A 192 -51.55 -1.08 -9.07
CA MET A 192 -50.13 -0.83 -9.17
C MET A 192 -49.77 0.05 -10.36
N ILE A 193 -50.66 0.12 -11.35
CA ILE A 193 -50.36 0.88 -12.57
C ILE A 193 -50.51 2.37 -12.26
N LYS A 194 -49.38 3.05 -12.08
CA LYS A 194 -49.41 4.48 -11.78
C LYS A 194 -49.88 5.28 -12.97
N TYR A 195 -49.37 4.97 -14.17
CA TYR A 195 -49.68 5.71 -15.39
C TYR A 195 -50.30 4.76 -16.41
N PRO A 196 -51.62 4.71 -16.52
CA PRO A 196 -52.24 3.74 -17.43
C PRO A 196 -52.10 4.10 -18.90
N ARG A 197 -50.86 4.11 -19.41
CA ARG A 197 -50.62 4.36 -20.82
C ARG A 197 -49.23 3.83 -21.16
N SER A 198 -49.01 3.61 -22.45
CA SER A 198 -47.73 3.16 -22.97
C SER A 198 -47.04 4.29 -23.71
N SER A 199 -45.77 4.08 -24.05
CA SER A 199 -45.02 5.09 -24.79
C SER A 199 -45.58 5.30 -26.19
N GLU A 200 -46.20 4.27 -26.77
CA GLU A 200 -46.83 4.44 -28.08
C GLU A 200 -47.97 5.44 -28.01
N SER A 201 -48.76 5.39 -26.94
CA SER A 201 -49.85 6.34 -26.78
C SER A 201 -49.33 7.74 -26.54
N ASP A 202 -50.20 8.72 -26.77
CA ASP A 202 -49.83 10.12 -26.64
C ASP A 202 -50.76 10.84 -25.68
N SER A 203 -51.05 10.22 -24.54
CA SER A 203 -51.93 10.84 -23.56
C SER A 203 -51.27 12.07 -22.94
N SER A 204 -52.06 13.12 -22.77
CA SER A 204 -51.60 14.35 -22.13
C SER A 204 -51.81 14.34 -20.63
N LEU A 205 -52.61 13.41 -20.10
CA LEU A 205 -52.87 13.38 -18.67
C LEU A 205 -51.67 12.84 -17.90
N TRP A 206 -51.02 11.80 -18.42
CA TRP A 206 -49.89 11.15 -17.75
C TRP A 206 -48.63 11.42 -18.58
N LYS A 207 -47.64 12.04 -17.95
CA LYS A 207 -46.41 12.36 -18.66
C LYS A 207 -45.58 11.12 -18.93
N LYS A 208 -45.55 10.18 -17.98
CA LYS A 208 -44.77 8.97 -18.11
C LYS A 208 -45.63 7.84 -18.64
N HIS A 209 -45.00 6.70 -18.90
CA HIS A 209 -45.69 5.50 -19.35
C HIS A 209 -45.58 4.42 -18.27
N GLY A 210 -46.65 3.66 -18.09
CA GLY A 210 -46.73 2.74 -16.97
C GLY A 210 -46.36 1.30 -17.26
N PHE A 211 -46.22 0.93 -18.54
CA PHE A 211 -45.90 -0.44 -18.87
C PHE A 211 -45.15 -0.49 -20.20
N PHE A 212 -44.40 -1.58 -20.37
CA PHE A 212 -43.64 -1.81 -21.59
C PHE A 212 -44.53 -2.37 -22.68
N LEU A 213 -43.94 -2.53 -23.88
CA LEU A 213 -44.66 -3.17 -24.97
C LEU A 213 -44.90 -4.64 -24.67
N SER A 214 -43.97 -5.29 -23.97
CA SER A 214 -44.11 -6.71 -23.69
C SER A 214 -45.30 -6.98 -22.77
N GLU A 215 -45.59 -6.06 -21.87
CA GLU A 215 -46.68 -6.22 -20.92
C GLU A 215 -48.01 -5.69 -21.44
N LYS A 216 -48.10 -5.35 -22.72
CA LYS A 216 -49.32 -4.74 -23.26
C LYS A 216 -50.51 -5.67 -23.12
N ASP A 217 -50.32 -6.96 -23.46
CA ASP A 217 -51.41 -7.92 -23.35
C ASP A 217 -51.82 -8.14 -21.90
N VAL A 218 -50.83 -8.18 -21.00
CA VAL A 218 -51.13 -8.36 -19.58
C VAL A 218 -51.96 -7.19 -19.05
N VAL A 219 -51.56 -5.96 -19.42
CA VAL A 219 -52.29 -4.79 -18.96
C VAL A 219 -53.69 -4.75 -19.56
N GLN A 220 -53.82 -5.19 -20.82
CA GLN A 220 -55.13 -5.28 -21.44
C GLN A 220 -56.03 -6.26 -20.68
N ASP A 221 -55.46 -7.40 -20.29
CA ASP A 221 -56.21 -8.38 -19.50
C ASP A 221 -56.64 -7.79 -18.15
N ILE A 222 -55.72 -7.06 -17.51
CA ILE A 222 -56.03 -6.45 -16.22
C ILE A 222 -57.17 -5.44 -16.37
N TRP A 223 -57.12 -4.63 -17.42
CA TRP A 223 -58.19 -3.67 -17.66
C TRP A 223 -59.51 -4.38 -17.93
N ASN A 224 -59.48 -5.47 -18.70
CA ASN A 224 -60.69 -6.22 -18.99
C ASN A 224 -61.30 -6.84 -17.74
N ASN A 225 -60.47 -7.31 -16.81
CA ASN A 225 -60.96 -7.99 -15.62
C ASN A 225 -61.24 -7.04 -14.46
N THR A 226 -61.03 -5.74 -14.64
CA THR A 226 -61.29 -4.78 -13.58
C THR A 226 -62.17 -3.61 -14.01
N GLY A 227 -62.61 -3.57 -15.27
CA GLY A 227 -63.45 -2.49 -15.73
C GLY A 227 -62.73 -1.21 -16.04
N LEU A 228 -61.40 -1.19 -15.98
CA LEU A 228 -60.62 -0.01 -16.30
C LEU A 228 -60.32 0.02 -17.80
N SER A 229 -59.66 1.08 -18.24
CA SER A 229 -59.26 1.23 -19.63
C SER A 229 -58.04 2.15 -19.68
N GLU A 230 -57.51 2.34 -20.88
CA GLU A 230 -56.33 3.17 -21.04
C GLU A 230 -56.62 4.61 -20.65
N GLY A 231 -55.73 5.19 -19.85
CA GLY A 231 -55.85 6.54 -19.37
C GLY A 231 -56.63 6.66 -18.07
N VAL A 232 -57.36 5.62 -17.69
CA VAL A 232 -58.13 5.63 -16.46
C VAL A 232 -57.31 4.94 -15.37
N ARG A 233 -57.14 5.62 -14.24
CA ARG A 233 -56.31 5.14 -13.16
C ARG A 233 -57.19 4.54 -12.06
N HIS A 234 -56.69 3.47 -11.45
CA HIS A 234 -57.43 2.83 -10.37
C HIS A 234 -57.60 3.80 -9.21
N PRO A 235 -58.77 3.81 -8.55
CA PRO A 235 -58.97 4.79 -7.47
C PRO A 235 -57.97 4.67 -6.34
N PHE A 236 -57.52 3.46 -6.01
CA PHE A 236 -56.55 3.29 -4.94
C PHE A 236 -55.13 3.68 -5.36
N THR A 237 -54.88 3.78 -6.67
CA THR A 237 -53.57 4.25 -7.12
C THR A 237 -53.36 5.70 -6.71
N TYR A 238 -54.42 6.50 -6.72
CA TYR A 238 -54.31 7.88 -6.22
C TYR A 238 -53.92 7.90 -4.76
N ILE A 239 -54.52 7.03 -3.95
CA ILE A 239 -54.19 6.97 -2.53
C ILE A 239 -52.74 6.53 -2.35
N MET A 240 -52.30 5.52 -3.10
CA MET A 240 -50.93 5.06 -2.99
C MET A 240 -49.94 6.16 -3.39
N GLU A 241 -50.23 6.86 -4.47
CA GLU A 241 -49.36 7.95 -4.91
C GLU A 241 -49.31 9.08 -3.90
N ALA A 242 -50.46 9.44 -3.31
CA ALA A 242 -50.48 10.48 -2.29
C ALA A 242 -49.67 10.06 -1.07
N CYS A 243 -49.82 8.80 -0.65
CA CYS A 243 -49.06 8.31 0.50
C CYS A 243 -47.56 8.31 0.20
N ASP A 244 -47.19 7.91 -1.02
CA ASP A 244 -45.77 7.94 -1.40
C ASP A 244 -45.24 9.36 -1.39
N ASP A 245 -46.01 10.31 -1.92
CA ASP A 245 -45.58 11.71 -1.93
C ASP A 245 -45.40 12.23 -0.52
N ILE A 246 -46.38 12.00 0.35
CA ILE A 246 -46.33 12.47 1.72
C ILE A 246 -45.12 11.88 2.41
N ALA A 247 -44.94 10.57 2.28
CA ALA A 247 -43.85 9.88 2.97
C ALA A 247 -42.50 10.41 2.51
N TYR A 248 -42.27 10.47 1.20
CA TYR A 248 -40.95 10.89 0.74
C TYR A 248 -40.71 12.36 1.09
N SER A 249 -41.72 13.21 0.91
CA SER A 249 -41.54 14.64 1.17
C SER A 249 -41.23 14.92 2.63
N VAL A 250 -41.91 14.23 3.55
CA VAL A 250 -41.68 14.50 4.97
C VAL A 250 -40.40 13.83 5.45
N LEU A 251 -40.20 12.55 5.12
CA LEU A 251 -39.05 11.83 5.64
C LEU A 251 -37.74 12.25 4.98
N ASP A 252 -37.77 12.77 3.75
CA ASP A 252 -36.54 13.32 3.19
C ASP A 252 -36.13 14.60 3.91
N ALA A 253 -37.10 15.42 4.30
CA ALA A 253 -36.77 16.59 5.13
C ALA A 253 -36.23 16.14 6.48
N GLU A 254 -36.83 15.11 7.06
CA GLU A 254 -36.31 14.58 8.33
C GLU A 254 -34.87 14.09 8.17
N ASP A 255 -34.59 13.39 7.08
CA ASP A 255 -33.24 12.89 6.84
C ASP A 255 -32.26 14.03 6.57
N ILE A 256 -32.72 15.09 5.91
CA ILE A 256 -31.87 16.26 5.69
C ILE A 256 -31.49 16.89 7.03
N ILE A 257 -32.47 17.04 7.92
CA ILE A 257 -32.18 17.60 9.23
C ILE A 257 -31.24 16.70 10.02
N LYS A 258 -31.49 15.39 9.97
CA LYS A 258 -30.65 14.44 10.71
C LYS A 258 -29.21 14.46 10.18
N LYS A 259 -29.04 14.54 8.86
CA LYS A 259 -27.72 14.51 8.26
C LYS A 259 -26.94 15.81 8.43
N GLY A 260 -27.58 16.85 8.96
CA GLY A 260 -26.90 18.10 9.21
C GLY A 260 -26.89 19.07 8.05
N PHE A 261 -27.53 18.73 6.92
CA PHE A 261 -27.58 19.64 5.79
C PHE A 261 -28.46 20.85 6.06
N ALA A 262 -29.30 20.78 7.08
CA ALA A 262 -30.15 21.91 7.49
C ALA A 262 -30.50 21.71 8.96
N SER A 263 -31.32 22.62 9.48
CA SER A 263 -31.74 22.55 10.87
C SER A 263 -33.25 22.72 10.94
N PHE A 264 -33.81 22.38 12.10
CA PHE A 264 -35.25 22.50 12.30
C PHE A 264 -35.71 23.94 12.14
N HIS A 265 -34.94 24.89 12.68
CA HIS A 265 -35.29 26.30 12.51
C HIS A 265 -35.21 26.70 11.04
N ASP A 266 -34.28 26.14 10.28
CA ASP A 266 -34.22 26.42 8.85
C ASP A 266 -35.50 25.98 8.16
N LEU A 267 -35.99 24.77 8.48
CA LEU A 267 -37.23 24.30 7.88
C LEU A 267 -38.42 25.15 8.31
N ILE A 268 -38.46 25.55 9.58
CA ILE A 268 -39.55 26.39 10.06
C ILE A 268 -39.56 27.71 9.32
N ASP A 269 -38.39 28.33 9.17
CA ASP A 269 -38.30 29.60 8.45
C ASP A 269 -38.67 29.42 6.98
N PHE A 270 -38.25 28.32 6.37
CA PHE A 270 -38.58 28.08 4.96
C PHE A 270 -40.08 27.96 4.77
N ILE A 271 -40.75 27.24 5.67
CA ILE A 271 -42.20 27.07 5.56
C ILE A 271 -42.92 28.39 5.83
N GLN A 272 -42.46 29.13 6.85
CA GLN A 272 -43.11 30.39 7.19
C GLN A 272 -42.96 31.42 6.06
N SER A 273 -41.79 31.49 5.45
CA SER A 273 -41.51 32.46 4.40
C SER A 273 -41.92 31.97 3.02
N ASN A 274 -42.45 30.75 2.91
CA ASN A 274 -42.90 30.26 1.62
C ASN A 274 -44.10 31.07 1.14
N GLN A 275 -44.15 31.34 -0.16
CA GLN A 275 -45.19 32.21 -0.70
C GLN A 275 -46.58 31.61 -0.50
N PHE A 276 -46.74 30.32 -0.77
CA PHE A 276 -48.05 29.68 -0.67
C PHE A 276 -48.37 29.19 0.73
N CYS A 277 -47.39 29.09 1.61
CA CYS A 277 -47.60 28.59 2.96
C CYS A 277 -47.78 29.70 3.99
N LYS A 278 -47.76 30.96 3.58
CA LYS A 278 -47.95 32.05 4.53
C LYS A 278 -49.38 32.09 5.04
N GLU A 279 -50.35 31.65 4.24
CA GLU A 279 -51.75 31.69 4.62
C GLU A 279 -52.41 30.33 4.65
N ASP A 280 -51.68 29.25 4.39
CA ASP A 280 -52.26 27.92 4.40
C ASP A 280 -52.59 27.51 5.84
N ASP A 281 -53.81 27.04 6.05
CA ASP A 281 -54.23 26.66 7.40
C ASP A 281 -53.45 25.47 7.92
N VAL A 282 -53.21 24.46 7.07
CA VAL A 282 -52.50 23.26 7.52
C VAL A 282 -51.07 23.62 7.92
N ALA A 283 -50.40 24.42 7.09
CA ALA A 283 -49.04 24.83 7.42
C ALA A 283 -49.00 25.65 8.70
N LYS A 284 -49.97 26.56 8.87
CA LYS A 284 -50.02 27.36 10.08
C LYS A 284 -50.19 26.49 11.32
N ARG A 285 -51.10 25.51 11.25
CA ARG A 285 -51.32 24.63 12.39
C ARG A 285 -50.08 23.81 12.70
N VAL A 286 -49.41 23.29 11.65
CA VAL A 286 -48.21 22.51 11.86
C VAL A 286 -47.13 23.36 12.51
N ILE A 287 -46.94 24.59 12.03
CA ILE A 287 -45.93 25.47 12.60
C ILE A 287 -46.25 25.79 14.06
N GLU A 288 -47.53 26.07 14.35
CA GLU A 288 -47.91 26.40 15.72
C GLU A 288 -47.65 25.22 16.65
N ASN A 289 -48.04 24.02 16.23
CA ASN A 289 -47.80 22.84 17.07
C ASN A 289 -46.32 22.60 17.27
N CYS A 290 -45.53 22.75 16.21
CA CYS A 290 -44.08 22.54 16.33
C CYS A 290 -43.45 23.53 17.29
N LYS A 291 -43.83 24.81 17.20
CA LYS A 291 -43.29 25.80 18.11
C LYS A 291 -43.72 25.55 19.55
N LYS A 292 -44.99 25.15 19.73
CA LYS A 292 -45.47 24.88 21.07
C LYS A 292 -44.71 23.72 21.72
N ILE A 293 -44.46 22.66 20.95
CA ILE A 293 -43.71 21.54 21.49
C ILE A 293 -42.23 21.91 21.66
N HIS A 294 -41.70 22.76 20.78
CA HIS A 294 -40.29 23.12 20.85
C HIS A 294 -39.99 23.96 22.08
N ALA A 295 -40.93 24.82 22.49
CA ALA A 295 -40.72 25.58 23.72
C ALA A 295 -40.57 24.64 24.91
N ASP A 296 -41.47 23.67 25.04
CA ASP A 296 -41.41 22.73 26.15
C ASP A 296 -40.13 21.89 26.09
N TYR A 297 -39.73 21.48 24.89
CA TYR A 297 -38.49 20.72 24.77
C TYR A 297 -37.29 21.55 25.15
N ALA A 298 -37.29 22.83 24.78
CA ALA A 298 -36.21 23.73 25.18
C ALA A 298 -36.20 23.94 26.69
N GLN A 299 -37.36 23.81 27.35
CA GLN A 299 -37.37 23.88 28.80
C GLN A 299 -36.53 22.78 29.43
N GLN A 300 -36.58 21.57 28.85
CA GLN A 300 -35.74 20.49 29.33
C GLN A 300 -34.29 20.72 28.94
N LYS A 301 -33.42 19.81 29.36
CA LYS A 301 -32.00 19.87 29.04
C LYS A 301 -31.72 18.88 27.91
N LEU A 302 -31.24 19.39 26.78
CA LEU A 302 -30.97 18.58 25.61
C LEU A 302 -29.81 19.19 24.82
N SER A 303 -29.03 18.34 24.17
CA SER A 303 -28.00 18.81 23.28
C SER A 303 -28.65 19.41 22.03
N PRO A 304 -27.95 20.31 21.33
CA PRO A 304 -28.54 20.89 20.12
C PRO A 304 -28.96 19.86 19.09
N ALA A 305 -28.17 18.81 18.90
CA ALA A 305 -28.56 17.75 17.97
C ALA A 305 -29.80 17.03 18.46
N GLU A 306 -29.90 16.77 19.76
CA GLU A 306 -31.06 16.10 20.31
C GLU A 306 -32.30 16.97 20.20
N LEU A 307 -32.16 18.27 20.46
CA LEU A 307 -33.29 19.19 20.29
C LEU A 307 -33.74 19.23 18.83
N ASN A 308 -32.78 19.27 17.90
CA ASN A 308 -33.12 19.23 16.48
C ASN A 308 -33.87 17.96 16.15
N ASP A 309 -33.40 16.82 16.67
CA ASP A 309 -34.02 15.53 16.37
C ASP A 309 -35.45 15.48 16.91
N MET A 310 -35.66 15.93 18.15
CA MET A 310 -37.00 15.92 18.72
C MET A 310 -37.95 16.85 17.98
N SER A 311 -37.47 18.04 17.64
CA SER A 311 -38.31 18.98 16.91
C SER A 311 -38.67 18.41 15.53
N MET A 312 -37.70 17.79 14.87
CA MET A 312 -37.97 17.15 13.58
C MET A 312 -38.96 16.00 13.72
N GLN A 313 -38.85 15.21 14.78
CA GLN A 313 -39.77 14.10 15.00
C GLN A 313 -41.20 14.62 15.19
N MET A 314 -41.35 15.67 16.00
CA MET A 314 -42.68 16.21 16.23
C MET A 314 -43.24 16.85 14.96
N PHE A 315 -42.39 17.53 14.19
CA PHE A 315 -42.82 18.07 12.91
C PHE A 315 -43.29 16.94 11.99
N ARG A 316 -42.55 15.84 11.95
CA ARG A 316 -42.97 14.70 11.13
C ARG A 316 -44.32 14.19 11.58
N VAL A 317 -44.52 14.05 12.89
CA VAL A 317 -45.79 13.54 13.39
C VAL A 317 -46.94 14.45 12.97
N TYR A 318 -46.82 15.75 13.23
CA TYR A 318 -47.91 16.67 12.92
C TYR A 318 -48.15 16.81 11.43
N ALA A 319 -47.09 16.92 10.63
CA ALA A 319 -47.24 17.05 9.19
C ALA A 319 -47.86 15.80 8.58
N ILE A 320 -47.42 14.62 9.02
CA ILE A 320 -47.98 13.38 8.50
C ILE A 320 -49.45 13.27 8.86
N ALA A 321 -49.80 13.61 10.11
CA ALA A 321 -51.20 13.55 10.51
C ALA A 321 -52.05 14.48 9.67
N GLU A 322 -51.61 15.74 9.52
CA GLU A 322 -52.40 16.70 8.76
C GLU A 322 -52.53 16.29 7.29
N LEU A 323 -51.43 15.86 6.68
CA LEU A 323 -51.47 15.49 5.27
C LEU A 323 -52.33 14.25 5.05
N VAL A 324 -52.24 13.26 5.93
CA VAL A 324 -53.06 12.06 5.79
C VAL A 324 -54.53 12.41 5.94
N ASP A 325 -54.87 13.25 6.92
CA ASP A 325 -56.26 13.64 7.10
C ASP A 325 -56.78 14.40 5.88
N ALA A 326 -55.96 15.32 5.34
CA ALA A 326 -56.37 16.07 4.16
C ALA A 326 -56.57 15.15 2.97
N VAL A 327 -55.67 14.17 2.79
CA VAL A 327 -55.78 13.25 1.67
C VAL A 327 -57.03 12.39 1.80
N VAL A 328 -57.32 11.91 3.01
CA VAL A 328 -58.52 11.11 3.22
C VAL A 328 -59.77 11.93 2.93
N ILE A 329 -59.81 13.18 3.41
CA ILE A 329 -60.97 14.03 3.16
C ILE A 329 -61.13 14.28 1.67
N ALA A 330 -60.03 14.57 0.97
CA ALA A 330 -60.12 14.82 -0.47
C ALA A 330 -60.61 13.58 -1.22
N PHE A 331 -60.11 12.41 -0.85
CA PHE A 331 -60.57 11.19 -1.51
C PHE A 331 -62.04 10.94 -1.25
N LYS A 332 -62.49 11.17 -0.01
CA LYS A 332 -63.90 10.97 0.30
C LYS A 332 -64.78 11.95 -0.47
N ASP A 333 -64.35 13.21 -0.57
CA ASP A 333 -65.17 14.21 -1.25
C ASP A 333 -65.27 13.96 -2.75
N ASN A 334 -64.15 13.57 -3.38
CA ASN A 334 -64.09 13.37 -4.82
C ASN A 334 -64.20 11.90 -5.20
N ILE A 335 -64.93 11.10 -4.42
CA ILE A 335 -65.01 9.67 -4.71
C ILE A 335 -65.79 9.42 -6.00
N ASN A 336 -66.84 10.20 -6.25
CA ASN A 336 -67.61 10.01 -7.47
C ASN A 336 -66.77 10.32 -8.71
N GLU A 337 -65.97 11.38 -8.66
CA GLU A 337 -65.09 11.70 -9.78
C GLU A 337 -64.04 10.61 -9.99
N PHE A 338 -63.50 10.07 -8.90
CA PHE A 338 -62.51 9.00 -9.03
C PHE A 338 -63.13 7.75 -9.63
N LEU A 339 -64.35 7.41 -9.24
CA LEU A 339 -65.05 6.25 -9.80
C LEU A 339 -65.58 6.51 -11.19
N ASN A 340 -65.55 7.76 -11.66
CA ASN A 340 -66.00 8.06 -13.01
C ASN A 340 -65.08 7.43 -14.04
N ASP A 341 -65.67 6.95 -15.14
CA ASP A 341 -64.89 6.29 -16.19
C ASP A 341 -63.98 7.25 -16.93
N THR A 342 -64.18 8.56 -16.79
CA THR A 342 -63.38 9.57 -17.46
C THR A 342 -62.72 10.51 -16.46
N CYS A 343 -62.15 9.95 -15.40
CA CYS A 343 -61.49 10.77 -14.40
C CYS A 343 -60.25 11.44 -14.98
N GLU A 344 -60.08 12.72 -14.65
CA GLU A 344 -58.94 13.49 -15.15
C GLU A 344 -58.17 14.17 -14.02
N ILE A 345 -58.27 13.66 -12.80
CA ILE A 345 -57.54 14.22 -11.68
C ILE A 345 -56.08 13.77 -11.76
N LYS A 346 -55.16 14.73 -11.71
CA LYS A 346 -53.75 14.38 -11.83
C LYS A 346 -53.21 13.72 -10.57
N ASP A 347 -53.57 14.24 -9.39
CA ASP A 347 -53.11 13.67 -8.14
C ASP A 347 -54.10 14.02 -7.04
N LEU A 348 -54.07 13.22 -5.97
CA LEU A 348 -54.97 13.41 -4.85
C LEU A 348 -54.55 14.58 -3.97
N ILE A 349 -53.25 14.81 -3.83
CA ILE A 349 -52.77 15.88 -2.93
C ILE A 349 -53.22 17.24 -3.45
N SER A 350 -53.12 17.46 -4.76
CA SER A 350 -53.50 18.75 -5.33
C SER A 350 -54.97 19.07 -5.10
N CYS A 351 -55.81 18.06 -4.88
CA CYS A 351 -57.22 18.27 -4.58
C CYS A 351 -57.48 18.42 -3.08
N SER A 352 -56.46 18.26 -2.25
CA SER A 352 -56.62 18.33 -0.80
C SER A 352 -56.15 19.69 -0.29
N SER A 353 -56.28 19.89 1.02
CA SER A 353 -55.85 21.12 1.67
C SER A 353 -54.39 21.09 2.07
N GLY A 354 -53.71 19.95 1.94
CA GLY A 354 -52.31 19.85 2.27
C GLY A 354 -51.41 20.00 1.07
N LYS A 355 -51.96 20.54 -0.03
CA LYS A 355 -51.20 20.69 -1.25
C LYS A 355 -50.03 21.65 -1.06
N ASN A 356 -50.28 22.79 -0.45
CA ASN A 356 -49.23 23.80 -0.29
C ASN A 356 -48.12 23.30 0.61
N LEU A 357 -48.47 22.63 1.72
CA LEU A 357 -47.45 22.13 2.63
C LEU A 357 -46.58 21.08 1.96
N CYS A 358 -47.20 20.14 1.22
CA CYS A 358 -46.43 19.12 0.54
C CYS A 358 -45.53 19.72 -0.54
N GLN A 359 -46.06 20.70 -1.29
CA GLN A 359 -45.25 21.35 -2.31
C GLN A 359 -44.06 22.08 -1.70
N ALA A 360 -44.28 22.78 -0.59
CA ALA A 360 -43.19 23.47 0.09
C ALA A 360 -42.16 22.48 0.62
N LEU A 361 -42.62 21.35 1.15
CA LEU A 361 -41.69 20.33 1.63
C LEU A 361 -40.86 19.76 0.48
N LYS A 362 -41.48 19.54 -0.68
CA LYS A 362 -40.74 19.07 -1.84
C LYS A 362 -39.71 20.10 -2.28
N LYS A 363 -40.08 21.37 -2.28
CA LYS A 363 -39.12 22.41 -2.65
C LYS A 363 -37.96 22.47 -1.67
N PHE A 364 -38.26 22.34 -0.37
CA PHE A 364 -37.20 22.33 0.63
C PHE A 364 -36.26 21.14 0.45
N ASP A 365 -36.82 19.97 0.18
CA ASP A 365 -36.00 18.78 -0.04
C ASP A 365 -35.12 18.95 -1.28
N SER A 366 -35.68 19.51 -2.35
CA SER A 366 -34.90 19.74 -3.56
C SER A 366 -33.77 20.73 -3.31
N SER A 367 -34.06 21.83 -2.63
CA SER A 367 -33.06 22.88 -2.44
C SER A 367 -31.97 22.43 -1.47
N ARG A 368 -32.33 21.70 -0.43
CA ARG A 368 -31.36 21.36 0.61
C ARG A 368 -30.72 19.99 0.41
N GLY A 369 -31.50 18.99 0.04
CA GLY A 369 -30.97 17.64 -0.02
C GLY A 369 -30.65 17.11 -1.40
N TYR A 370 -31.55 17.30 -2.36
CA TYR A 370 -31.34 16.73 -3.68
C TYR A 370 -30.23 17.43 -4.44
N GLN A 371 -30.04 18.73 -4.21
CA GLN A 371 -29.00 19.50 -4.86
C GLN A 371 -27.76 19.68 -4.00
N HIS A 372 -27.64 18.93 -2.91
CA HIS A 372 -26.44 18.99 -2.09
C HIS A 372 -25.24 18.48 -2.86
N ARG A 373 -24.07 19.00 -2.53
CA ARG A 373 -22.85 18.66 -3.25
C ARG A 373 -22.53 17.17 -3.16
N SER A 374 -22.64 16.59 -1.96
CA SER A 374 -22.35 15.18 -1.80
C SER A 374 -23.33 14.32 -2.58
N VAL A 375 -24.61 14.69 -2.57
CA VAL A 375 -25.61 13.93 -3.31
C VAL A 375 -25.34 14.00 -4.80
N LEU A 376 -24.97 15.19 -5.30
CA LEU A 376 -24.66 15.32 -6.73
C LEU A 376 -23.44 14.49 -7.11
N LYS A 377 -22.40 14.49 -6.26
CA LYS A 377 -21.21 13.69 -6.55
C LYS A 377 -21.55 12.20 -6.56
N LEU A 378 -22.34 11.75 -5.60
CA LEU A 378 -22.75 10.35 -5.57
C LEU A 378 -23.60 10.00 -6.79
N GLU A 379 -24.46 10.92 -7.22
CA GLU A 379 -25.26 10.68 -8.42
C GLU A 379 -24.37 10.54 -9.65
N LEU A 380 -23.37 11.40 -9.77
CA LEU A 380 -22.45 11.29 -10.90
C LEU A 380 -21.69 9.97 -10.86
N GLU A 381 -21.23 9.56 -9.68
CA GLU A 381 -20.54 8.28 -9.56
C GLU A 381 -21.44 7.11 -9.95
N GLY A 382 -22.69 7.14 -9.50
CA GLY A 382 -23.63 6.09 -9.87
C GLY A 382 -23.91 6.08 -11.36
N SER A 383 -24.03 7.25 -11.96
CA SER A 383 -24.24 7.33 -13.40
C SER A 383 -23.06 6.74 -14.17
N ASN A 384 -21.84 7.05 -13.74
CA ASN A 384 -20.66 6.49 -14.38
C ASN A 384 -20.65 4.97 -14.24
N TYR A 385 -20.92 4.47 -13.04
CA TYR A 385 -20.96 3.03 -12.82
C TYR A 385 -21.98 2.36 -13.72
N ILE A 386 -23.19 2.91 -13.75
CA ILE A 386 -24.28 2.30 -14.52
C ILE A 386 -23.95 2.31 -16.00
N LYS A 387 -23.46 3.45 -16.52
CA LYS A 387 -23.17 3.52 -17.94
C LYS A 387 -22.02 2.60 -18.33
N GLY A 388 -20.98 2.51 -17.50
CA GLY A 388 -19.89 1.59 -17.80
C GLY A 388 -20.35 0.14 -17.81
N LEU A 389 -21.13 -0.25 -16.80
CA LEU A 389 -21.63 -1.62 -16.76
C LEU A 389 -22.56 -1.90 -17.92
N MET A 390 -23.36 -0.92 -18.32
CA MET A 390 -24.25 -1.11 -19.46
C MET A 390 -23.47 -1.29 -20.75
N ASP A 391 -22.40 -0.52 -20.94
CA ASP A 391 -21.55 -0.72 -22.11
C ASP A 391 -20.94 -2.12 -22.11
N MET A 392 -20.43 -2.54 -20.95
CA MET A 392 -19.80 -3.86 -20.86
C MET A 392 -20.80 -4.98 -21.15
N LEU A 393 -22.02 -4.87 -20.61
CA LEU A 393 -23.03 -5.88 -20.86
C LEU A 393 -23.49 -5.85 -22.32
N TRP A 394 -23.64 -4.66 -22.89
CA TRP A 394 -24.04 -4.54 -24.29
C TRP A 394 -23.00 -5.16 -25.22
N LEU A 395 -21.74 -5.17 -24.80
CA LEU A 395 -20.72 -5.86 -25.59
C LEU A 395 -21.08 -7.32 -25.80
N GLY A 396 -21.71 -7.95 -24.81
CA GLY A 396 -22.09 -9.34 -24.89
C GLY A 396 -23.55 -9.63 -25.17
N ILE A 397 -24.34 -8.61 -25.52
CA ILE A 397 -25.76 -8.79 -25.76
C ILE A 397 -26.15 -8.42 -27.19
N LYS A 398 -25.60 -7.32 -27.73
CA LYS A 398 -26.00 -6.86 -29.04
C LYS A 398 -25.71 -7.92 -30.11
N GLY A 399 -26.69 -8.18 -30.96
CA GLY A 399 -26.57 -9.17 -32.00
C GLY A 399 -26.97 -10.57 -31.59
N ARG A 400 -27.21 -10.82 -30.31
CA ARG A 400 -27.58 -12.15 -29.86
C ARG A 400 -28.92 -12.59 -30.45
N ALA A 401 -29.82 -11.64 -30.70
CA ALA A 401 -31.12 -11.94 -31.27
C ALA A 401 -31.27 -11.51 -32.72
N THR A 402 -30.58 -10.44 -33.14
CA THR A 402 -30.69 -9.97 -34.51
C THR A 402 -30.05 -10.95 -35.49
N GLY A 403 -28.88 -11.50 -35.13
CA GLY A 403 -28.21 -12.44 -36.00
C GLY A 403 -26.71 -12.22 -36.10
N ASP A 404 -26.25 -11.02 -35.79
CA ASP A 404 -24.82 -10.73 -35.82
C ASP A 404 -24.09 -11.53 -34.75
N THR A 405 -22.83 -11.83 -35.01
CA THR A 405 -22.01 -12.65 -34.13
C THR A 405 -20.87 -11.85 -33.53
N GLN A 406 -21.10 -10.58 -33.24
CA GLN A 406 -20.09 -9.74 -32.61
C GLN A 406 -19.93 -10.02 -31.12
N TYR A 407 -20.81 -10.85 -30.55
CA TYR A 407 -20.78 -11.18 -29.13
C TYR A 407 -19.94 -12.42 -28.83
N ASP A 408 -19.41 -13.09 -29.85
CA ASP A 408 -18.81 -14.41 -29.67
C ASP A 408 -17.44 -14.36 -29.01
N THR A 409 -16.95 -13.18 -28.64
CA THR A 409 -15.70 -13.10 -27.92
C THR A 409 -15.83 -13.74 -26.54
N PRO A 410 -14.73 -14.26 -25.98
CA PRO A 410 -14.83 -14.86 -24.64
C PRO A 410 -15.37 -13.92 -23.58
N PHE A 411 -15.00 -12.64 -23.64
CA PHE A 411 -15.54 -11.67 -22.71
C PHE A 411 -17.04 -11.54 -22.90
N GLY A 412 -17.51 -11.53 -24.15
CA GLY A 412 -18.94 -11.44 -24.39
C GLY A 412 -19.70 -12.63 -23.85
N ARG A 413 -19.17 -13.83 -24.05
CA ARG A 413 -19.83 -15.02 -23.53
C ARG A 413 -19.86 -15.01 -22.00
N TYR A 414 -18.74 -14.62 -21.37
CA TYR A 414 -18.73 -14.54 -19.91
C TYR A 414 -19.73 -13.51 -19.40
N VAL A 415 -19.78 -12.35 -20.05
CA VAL A 415 -20.71 -11.30 -19.65
C VAL A 415 -22.15 -11.78 -19.78
N TYR A 416 -22.47 -12.46 -20.87
CA TYR A 416 -23.80 -13.02 -21.03
C TYR A 416 -24.10 -14.04 -19.93
N GLY A 417 -23.12 -14.89 -19.61
CA GLY A 417 -23.32 -15.85 -18.55
C GLY A 417 -23.49 -15.22 -17.18
N ARG A 418 -22.97 -14.01 -16.99
CA ARG A 418 -23.09 -13.34 -15.69
C ARG A 418 -24.50 -12.82 -15.43
N ILE A 419 -25.30 -12.61 -16.47
CA ILE A 419 -26.66 -12.13 -16.27
C ILE A 419 -27.51 -13.23 -15.63
N SER A 420 -28.49 -12.82 -14.84
CA SER A 420 -29.34 -13.76 -14.12
C SER A 420 -30.06 -14.68 -15.10
N GLU A 421 -30.25 -15.93 -14.68
CA GLU A 421 -30.77 -16.96 -15.57
C GLU A 421 -32.19 -16.68 -16.03
N ASN A 422 -33.04 -16.13 -15.15
CA ASN A 422 -34.42 -15.89 -15.52
C ASN A 422 -34.52 -14.85 -16.64
N TYR A 423 -33.72 -13.79 -16.55
CA TYR A 423 -33.72 -12.77 -17.60
C TYR A 423 -33.30 -13.35 -18.93
N ARG A 424 -32.24 -14.16 -18.93
CA ARG A 424 -31.79 -14.79 -20.16
C ARG A 424 -32.83 -15.77 -20.70
N ARG A 425 -33.51 -16.49 -19.82
CA ARG A 425 -34.53 -17.42 -20.26
C ARG A 425 -35.70 -16.70 -20.92
N ILE A 426 -36.10 -15.56 -20.35
CA ILE A 426 -37.14 -14.75 -20.98
C ILE A 426 -36.66 -14.19 -22.31
N PHE A 427 -35.40 -13.75 -22.37
CA PHE A 427 -34.87 -13.18 -23.60
C PHE A 427 -34.80 -14.21 -24.71
N GLU A 428 -34.41 -15.44 -24.39
CA GLU A 428 -34.28 -16.48 -25.40
C GLU A 428 -35.62 -17.07 -25.83
N GLN A 429 -36.70 -16.76 -25.11
CA GLN A 429 -38.02 -17.26 -25.50
C GLN A 429 -38.44 -16.66 -26.83
N GLU A 430 -39.13 -17.47 -27.63
CA GLU A 430 -39.59 -17.06 -28.95
C GLU A 430 -40.94 -16.35 -28.81
N ASN A 431 -40.97 -15.06 -29.09
CA ASN A 431 -42.18 -14.27 -29.02
C ASN A 431 -42.21 -13.33 -30.22
N ASN A 432 -43.17 -12.40 -30.21
CA ASN A 432 -43.38 -11.48 -31.33
C ASN A 432 -42.64 -10.17 -31.15
N LEU A 433 -41.87 -9.99 -30.09
CA LEU A 433 -41.15 -8.75 -29.89
C LEU A 433 -39.99 -8.63 -30.89
N PRO A 434 -39.67 -7.42 -31.33
CA PRO A 434 -38.50 -7.24 -32.21
C PRO A 434 -37.21 -7.62 -31.49
N ALA A 435 -36.25 -8.11 -32.29
CA ALA A 435 -35.00 -8.61 -31.71
C ALA A 435 -34.24 -7.54 -30.95
N CYS A 436 -34.14 -6.34 -31.54
CA CYS A 436 -33.47 -5.24 -30.85
C CYS A 436 -34.20 -4.88 -29.57
N TYR A 437 -35.53 -4.89 -29.61
CA TYR A 437 -36.32 -4.65 -28.42
C TYR A 437 -36.03 -5.70 -27.35
N LYS A 438 -35.92 -6.97 -27.76
CA LYS A 438 -35.62 -8.03 -26.81
C LYS A 438 -34.25 -7.83 -26.17
N GLU A 439 -33.25 -7.46 -26.97
CA GLU A 439 -31.91 -7.23 -26.41
C GLU A 439 -31.92 -6.08 -25.43
N ALA A 440 -32.56 -4.96 -25.80
CA ALA A 440 -32.61 -3.81 -24.91
C ALA A 440 -33.38 -4.14 -23.64
N GLN A 441 -34.46 -4.90 -23.75
CA GLN A 441 -35.21 -5.31 -22.57
C GLN A 441 -34.39 -6.21 -21.67
N LEU A 442 -33.59 -7.12 -22.25
CA LEU A 442 -32.72 -7.95 -21.44
C LEU A 442 -31.72 -7.11 -20.67
N LEU A 443 -31.12 -6.12 -21.34
CA LEU A 443 -30.16 -5.25 -20.65
C LEU A 443 -30.84 -4.46 -19.53
N ALA A 444 -32.03 -3.92 -19.81
CA ALA A 444 -32.74 -3.15 -18.79
C ALA A 444 -33.13 -4.01 -17.61
N ASP A 445 -33.59 -5.24 -17.86
CA ASP A 445 -33.93 -6.15 -16.77
C ASP A 445 -32.71 -6.49 -15.94
N ALA A 446 -31.57 -6.71 -16.61
CA ALA A 446 -30.35 -7.03 -15.89
C ALA A 446 -29.94 -5.88 -14.97
N ILE A 447 -29.90 -4.66 -15.50
CA ILE A 447 -29.42 -3.54 -14.70
C ILE A 447 -30.40 -3.17 -13.61
N SER A 448 -31.70 -3.20 -13.91
CA SER A 448 -32.70 -2.69 -12.97
C SER A 448 -32.76 -3.54 -11.70
N GLY A 449 -32.56 -4.85 -11.82
CA GLY A 449 -32.63 -5.72 -10.67
C GLY A 449 -31.44 -5.68 -9.74
N MET A 450 -30.39 -4.95 -10.13
CA MET A 450 -29.17 -4.89 -9.35
C MET A 450 -29.29 -3.89 -8.21
N THR A 451 -28.52 -4.12 -7.16
CA THR A 451 -28.38 -3.16 -6.07
C THR A 451 -27.10 -2.37 -6.24
N ASP A 452 -26.92 -1.36 -5.38
CA ASP A 452 -25.75 -0.50 -5.48
C ASP A 452 -24.46 -1.29 -5.31
N SER A 453 -24.36 -2.05 -4.22
CA SER A 453 -23.15 -2.82 -3.95
C SER A 453 -22.91 -3.86 -5.03
N TYR A 454 -23.96 -4.59 -5.42
CA TYR A 454 -23.81 -5.60 -6.44
C TYR A 454 -23.41 -5.00 -7.78
N LEU A 455 -24.01 -3.86 -8.15
CA LEU A 455 -23.65 -3.21 -9.40
C LEU A 455 -22.20 -2.76 -9.39
N ILE A 456 -21.77 -2.16 -8.27
CA ILE A 456 -20.38 -1.70 -8.20
C ILE A 456 -19.41 -2.87 -8.27
N ALA A 457 -19.72 -3.95 -7.55
CA ALA A 457 -18.84 -5.12 -7.57
C ALA A 457 -18.76 -5.74 -8.95
N LEU A 458 -19.90 -5.88 -9.63
CA LEU A 458 -19.90 -6.44 -10.97
C LEU A 458 -19.16 -5.54 -11.94
N HIS A 459 -19.33 -4.22 -11.81
CA HIS A 459 -18.62 -3.29 -12.68
C HIS A 459 -17.11 -3.42 -12.50
N ASP A 460 -16.66 -3.48 -11.25
CA ASP A 460 -15.23 -3.62 -10.99
C ASP A 460 -14.69 -4.93 -11.52
N GLU A 461 -15.43 -6.03 -11.29
CA GLU A 461 -14.98 -7.34 -11.75
C GLU A 461 -14.87 -7.38 -13.27
N LEU A 462 -15.90 -6.88 -13.97
CA LEU A 462 -15.86 -6.92 -15.43
C LEU A 462 -14.83 -5.95 -15.99
N ARG A 463 -14.59 -4.82 -15.32
CA ARG A 463 -13.51 -3.94 -15.73
C ARG A 463 -12.15 -4.64 -15.61
N ALA A 464 -11.97 -5.41 -14.53
CA ALA A 464 -10.75 -6.18 -14.39
C ALA A 464 -10.62 -7.22 -15.50
N LEU A 465 -11.73 -7.86 -15.86
CA LEU A 465 -11.70 -8.89 -16.89
C LEU A 465 -11.75 -8.34 -18.31
N HIS A 466 -11.97 -7.03 -18.48
CA HIS A 466 -12.08 -6.42 -19.79
C HIS A 466 -10.76 -5.83 -20.29
N GLN A 467 -9.68 -6.00 -19.53
CA GLN A 467 -8.43 -5.33 -19.87
C GLN A 467 -7.89 -5.78 -21.22
N TYR A 468 -7.92 -7.09 -21.47
CA TYR A 468 -7.33 -7.60 -22.72
C TYR A 468 -8.13 -7.14 -23.93
N GLU A 469 -9.46 -7.19 -23.85
CA GLU A 469 -10.29 -6.83 -24.99
C GLU A 469 -10.20 -5.34 -25.29
N CYS A 470 -10.04 -4.51 -24.24
CA CYS A 470 -9.92 -3.07 -24.45
C CYS A 470 -8.68 -2.73 -25.28
N ARG A 471 -7.57 -3.38 -24.98
CA ARG A 471 -6.32 -3.13 -25.69
C ARG A 471 -6.28 -3.89 -27.02
N SER B 2 -58.97 -17.18 34.22
CA SER B 2 -59.63 -16.23 35.11
C SER B 2 -59.31 -14.79 34.72
N MET B 3 -58.28 -14.63 33.89
CA MET B 3 -57.93 -13.30 33.40
C MET B 3 -58.95 -12.82 32.38
N HIS B 4 -59.20 -11.52 32.38
CA HIS B 4 -60.20 -10.91 31.51
C HIS B 4 -59.52 -10.22 30.33
N TRP B 5 -60.16 -10.30 29.17
CA TRP B 5 -59.62 -9.66 27.97
C TRP B 5 -59.65 -8.14 28.06
N ASN B 6 -60.55 -7.59 28.88
CA ASN B 6 -60.60 -6.13 29.03
C ASN B 6 -59.31 -5.59 29.61
N ASP B 7 -58.77 -6.26 30.62
CA ASP B 7 -57.49 -5.83 31.20
C ASP B 7 -56.33 -6.19 30.28
N LEU B 8 -56.39 -7.35 29.64
CA LEU B 8 -55.28 -7.79 28.79
C LEU B 8 -55.15 -6.90 27.55
N LEU B 9 -56.26 -6.34 27.08
CA LEU B 9 -56.25 -5.45 25.92
C LEU B 9 -56.40 -3.99 26.34
N ASN B 10 -55.85 -3.63 27.50
CA ASN B 10 -55.96 -2.27 27.99
C ASN B 10 -55.21 -1.32 27.07
N SER B 11 -55.91 -0.31 26.56
CA SER B 11 -55.35 0.63 25.60
C SER B 11 -54.83 1.91 26.26
N ASN B 12 -54.85 1.99 27.58
CA ASN B 12 -54.31 3.15 28.27
C ASN B 12 -52.77 3.13 28.21
N ARG B 13 -52.18 4.29 28.44
CA ARG B 13 -50.74 4.46 28.39
C ARG B 13 -50.22 4.95 29.74
N ARG B 14 -48.95 4.66 30.00
CA ARG B 14 -48.36 4.97 31.29
C ARG B 14 -48.29 6.48 31.52
N LYS B 15 -47.91 7.23 30.50
CA LYS B 15 -47.78 8.68 30.65
C LYS B 15 -49.13 9.30 30.98
N PRO B 16 -49.20 10.16 31.99
CA PRO B 16 -50.48 10.81 32.31
C PRO B 16 -50.97 11.63 31.13
N LYS B 17 -52.28 11.57 30.89
CA LYS B 17 -52.86 12.29 29.75
C LYS B 17 -52.84 13.79 30.02
N ASN B 18 -52.13 14.53 29.18
CA ASN B 18 -52.05 15.97 29.33
C ASN B 18 -53.41 16.60 29.08
N GLU B 19 -53.73 17.61 29.91
CA GLU B 19 -55.03 18.26 29.84
C GLU B 19 -55.03 19.55 29.03
N LYS B 20 -53.88 20.21 28.88
CA LYS B 20 -53.79 21.42 28.07
C LYS B 20 -53.44 21.12 26.62
N LYS B 21 -54.18 20.22 25.98
CA LYS B 21 -54.02 19.89 24.57
C LYS B 21 -55.29 20.27 23.84
N GLU B 22 -55.16 21.11 22.82
CA GLU B 22 -56.30 21.51 22.02
C GLU B 22 -56.59 20.47 20.95
N SER B 23 -57.77 20.58 20.34
CA SER B 23 -58.15 19.66 19.27
C SER B 23 -57.23 19.76 18.07
N SER B 24 -56.59 20.93 17.86
CA SER B 24 -55.66 21.08 16.76
C SER B 24 -54.40 20.25 16.93
N GLN B 25 -54.09 19.83 18.16
CA GLN B 25 -52.92 19.02 18.44
C GLN B 25 -53.21 17.53 18.45
N ASP B 26 -54.43 17.11 18.16
CA ASP B 26 -54.76 15.70 18.12
C ASP B 26 -54.14 15.07 16.88
N THR B 27 -53.44 13.95 17.06
CA THR B 27 -52.79 13.26 15.95
C THR B 27 -53.28 11.83 15.80
N SER B 28 -54.37 11.47 16.48
CA SER B 28 -54.92 10.13 16.33
C SER B 28 -55.46 9.92 14.92
N LYS B 29 -56.29 10.86 14.45
CA LYS B 29 -56.88 10.81 13.11
C LYS B 29 -57.62 9.50 12.87
N GLY B 30 -58.52 9.18 13.81
CA GLY B 30 -59.32 7.97 13.69
C GLY B 30 -58.50 6.69 13.73
N ARG B 31 -57.51 6.63 14.62
CA ARG B 31 -56.66 5.46 14.76
C ARG B 31 -56.86 4.87 16.15
N GLN B 32 -56.93 3.55 16.23
CA GLN B 32 -56.92 2.90 17.52
C GLN B 32 -55.56 3.09 18.19
N GLN B 33 -55.56 3.06 19.51
CA GLN B 33 -54.35 3.36 20.26
C GLN B 33 -53.25 2.35 19.97
N ILE B 34 -53.61 1.07 19.82
CA ILE B 34 -52.62 0.05 19.52
C ILE B 34 -52.06 0.23 18.11
N GLU B 35 -52.88 0.70 17.18
CA GLU B 35 -52.36 1.05 15.86
C GLU B 35 -51.34 2.17 15.97
N ARG B 36 -51.59 3.16 16.82
CA ARG B 36 -50.60 4.20 17.05
C ARG B 36 -49.34 3.63 17.69
N ASP B 37 -49.48 2.62 18.54
CA ASP B 37 -48.31 1.96 19.09
C ASP B 37 -47.48 1.31 18.00
N TYR B 38 -48.14 0.61 17.08
CA TYR B 38 -47.41 0.00 15.96
C TYR B 38 -46.73 1.06 15.11
N ASP B 39 -47.42 2.17 14.86
CA ASP B 39 -46.81 3.25 14.08
C ASP B 39 -45.60 3.86 14.81
N ARG B 40 -45.70 4.05 16.12
CA ARG B 40 -44.57 4.55 16.89
C ARG B 40 -43.39 3.61 16.81
N ILE B 41 -43.64 2.31 16.92
CA ILE B 41 -42.55 1.34 16.82
C ILE B 41 -41.93 1.38 15.43
N LEU B 42 -42.76 1.46 14.39
CA LEU B 42 -42.24 1.44 13.02
C LEU B 42 -41.41 2.69 12.72
N PHE B 43 -41.86 3.85 13.18
CA PHE B 43 -41.18 5.10 12.88
C PHE B 43 -40.02 5.40 13.82
N ALA B 44 -39.78 4.56 14.82
CA ALA B 44 -38.69 4.78 15.75
C ALA B 44 -37.34 4.58 15.06
N ALA B 45 -36.35 5.36 15.49
CA ALA B 45 -35.01 5.22 14.94
C ALA B 45 -34.41 3.83 15.13
N PRO B 46 -34.52 3.17 16.28
CA PRO B 46 -33.98 1.80 16.38
C PRO B 46 -34.57 0.83 15.38
N THR B 47 -35.84 1.00 15.01
CA THR B 47 -36.44 0.13 14.00
C THR B 47 -35.70 0.25 12.67
N ARG B 48 -35.39 1.48 12.26
CA ARG B 48 -34.61 1.67 11.04
C ARG B 48 -33.19 1.16 11.21
N ARG B 49 -32.59 1.37 12.38
CA ARG B 49 -31.23 0.89 12.61
C ARG B 49 -31.15 -0.63 12.65
N LEU B 50 -32.27 -1.31 12.84
CA LEU B 50 -32.27 -2.78 12.85
C LEU B 50 -31.78 -3.35 11.53
N ALA B 51 -31.84 -2.59 10.44
CA ALA B 51 -31.34 -3.08 9.17
C ALA B 51 -29.83 -3.30 9.20
N ASP B 52 -29.11 -2.49 9.98
CA ASP B 52 -27.66 -2.63 10.05
C ASP B 52 -27.24 -3.76 10.99
N LYS B 53 -28.15 -4.22 11.85
CA LYS B 53 -27.82 -5.33 12.73
C LYS B 53 -28.05 -6.66 12.02
N THR B 54 -27.15 -7.61 12.28
CA THR B 54 -27.21 -8.91 11.64
C THR B 54 -28.07 -9.88 12.44
N GLN B 55 -28.55 -10.92 11.76
CA GLN B 55 -29.33 -11.97 12.40
C GLN B 55 -28.52 -13.25 12.54
N VAL B 56 -28.05 -13.81 11.44
CA VAL B 56 -27.17 -14.99 11.46
C VAL B 56 -25.95 -14.73 10.59
N PHE B 57 -26.19 -14.32 9.35
CA PHE B 57 -25.21 -14.22 8.29
C PHE B 57 -24.85 -12.78 8.00
N PRO B 58 -23.66 -12.53 7.43
CA PRO B 58 -23.24 -11.16 7.17
C PRO B 58 -24.15 -10.46 6.16
N LEU B 59 -24.22 -9.13 6.27
CA LEU B 59 -25.11 -8.33 5.45
C LEU B 59 -24.46 -7.82 4.16
N ASP B 60 -23.12 -7.69 4.15
CA ASP B 60 -22.46 -7.08 3.00
C ASP B 60 -22.61 -7.94 1.74
N LYS B 61 -22.66 -9.26 1.90
CA LYS B 61 -22.97 -10.12 0.77
C LYS B 61 -24.35 -9.79 0.21
N ASN B 62 -24.45 -9.75 -1.11
CA ASN B 62 -25.71 -9.44 -1.78
C ASN B 62 -26.50 -10.72 -2.10
N ASP B 63 -26.69 -11.56 -1.09
CA ASP B 63 -27.44 -12.80 -1.24
C ASP B 63 -28.86 -12.70 -0.72
N SER B 64 -29.31 -11.49 -0.37
CA SER B 64 -30.66 -11.25 0.15
C SER B 64 -30.93 -12.05 1.42
N VAL B 65 -29.89 -12.25 2.24
CA VAL B 65 -30.09 -12.88 3.54
C VAL B 65 -30.82 -11.90 4.46
N ARG B 66 -31.52 -12.45 5.45
CA ARG B 66 -32.41 -11.66 6.28
C ARG B 66 -31.65 -11.02 7.43
N THR B 67 -31.83 -9.71 7.58
CA THR B 67 -31.26 -8.95 8.68
C THR B 67 -32.24 -8.96 9.85
N ARG B 68 -31.94 -8.19 10.88
CA ARG B 68 -32.87 -8.08 12.01
C ARG B 68 -34.15 -7.38 11.59
N LEU B 69 -34.05 -6.38 10.73
CA LEU B 69 -35.24 -5.65 10.28
C LEU B 69 -36.17 -6.56 9.49
N THR B 70 -35.61 -7.32 8.54
CA THR B 70 -36.43 -8.22 7.72
C THR B 70 -37.06 -9.31 8.58
N HIS B 71 -36.28 -9.87 9.51
CA HIS B 71 -36.82 -10.90 10.39
C HIS B 71 -37.94 -10.35 11.25
N SER B 72 -37.76 -9.14 11.80
CA SER B 72 -38.80 -8.53 12.60
C SER B 72 -40.06 -8.27 11.78
N HIS B 73 -39.89 -7.82 10.54
CA HIS B 73 -41.05 -7.57 9.69
C HIS B 73 -41.78 -8.86 9.36
N GLU B 74 -41.05 -9.94 9.10
CA GLU B 74 -41.70 -11.22 8.83
C GLU B 74 -42.44 -11.74 10.06
N VAL B 75 -41.84 -11.59 11.24
CA VAL B 75 -42.50 -12.00 12.47
C VAL B 75 -43.78 -11.18 12.67
N ALA B 76 -43.69 -9.88 12.41
CA ALA B 76 -44.85 -9.01 12.55
C ALA B 76 -45.95 -9.40 11.59
N ASN B 77 -45.59 -9.76 10.35
CA ASN B 77 -46.58 -10.18 9.38
C ASN B 77 -47.26 -11.47 9.81
N LEU B 78 -46.48 -12.44 10.30
CA LEU B 78 -47.07 -13.69 10.77
C LEU B 78 -48.02 -13.45 11.94
N SER B 79 -47.60 -12.59 12.89
CA SER B 79 -48.44 -12.28 14.03
C SER B 79 -49.72 -11.56 13.59
N ARG B 80 -49.60 -10.67 12.61
CA ARG B 80 -50.78 -9.96 12.10
C ARG B 80 -51.74 -10.93 11.44
N GLY B 81 -51.22 -11.91 10.69
CA GLY B 81 -52.09 -12.91 10.09
C GLY B 81 -52.80 -13.74 11.14
N ILE B 82 -52.08 -14.15 12.18
CA ILE B 82 -52.71 -14.90 13.26
C ILE B 82 -53.76 -14.06 13.95
N GLY B 83 -53.49 -12.77 14.15
CA GLY B 83 -54.47 -11.90 14.78
C GLY B 83 -55.72 -11.71 13.93
N MET B 84 -55.54 -11.59 12.62
CA MET B 84 -56.70 -11.52 11.74
C MET B 84 -57.53 -12.80 11.82
N ARG B 85 -56.85 -13.95 11.84
CA ARG B 85 -57.57 -15.21 12.00
C ARG B 85 -58.34 -15.25 13.32
N LEU B 86 -57.72 -14.79 14.40
CA LEU B 86 -58.38 -14.83 15.70
C LEU B 86 -59.58 -13.89 15.75
N ALA B 87 -59.43 -12.67 15.23
CA ALA B 87 -60.46 -11.65 15.37
C ALA B 87 -61.54 -11.75 14.30
N PHE B 88 -61.33 -12.51 13.22
CA PHE B 88 -62.33 -12.60 12.16
C PHE B 88 -62.98 -13.97 12.03
N GLU B 89 -62.34 -15.03 12.53
CA GLU B 89 -62.90 -16.37 12.43
C GLU B 89 -63.17 -16.98 13.80
N LEU B 90 -62.19 -16.94 14.70
CA LEU B 90 -62.29 -17.60 15.99
C LEU B 90 -62.64 -16.63 17.12
N GLU B 91 -63.40 -15.57 16.81
CA GLU B 91 -63.74 -14.59 17.83
C GLU B 91 -64.56 -15.20 18.95
N ASP B 92 -65.57 -16.01 18.60
CA ASP B 92 -66.41 -16.61 19.62
C ASP B 92 -65.65 -17.61 20.47
N ASP B 93 -64.78 -18.40 19.84
CA ASP B 93 -64.03 -19.42 20.57
C ASP B 93 -62.97 -18.81 21.49
N VAL B 94 -62.36 -17.71 21.07
CA VAL B 94 -61.23 -17.15 21.80
C VAL B 94 -61.69 -16.02 22.72
N PHE B 95 -62.31 -15.00 22.16
CA PHE B 95 -62.66 -13.80 22.90
C PHE B 95 -64.09 -13.91 23.41
N LYS B 96 -64.24 -14.03 24.73
CA LYS B 96 -65.54 -14.06 25.37
C LYS B 96 -65.57 -13.01 26.47
N ASP B 97 -66.77 -12.47 26.72
CA ASP B 97 -66.96 -11.42 27.73
C ASP B 97 -66.04 -10.24 27.48
N VAL B 98 -65.94 -9.81 26.23
CA VAL B 98 -65.11 -8.68 25.83
C VAL B 98 -65.99 -7.46 25.69
N SER B 99 -65.56 -6.34 26.28
CA SER B 99 -66.35 -5.12 26.23
C SER B 99 -66.51 -4.65 24.79
N GLU B 100 -67.68 -4.07 24.51
CA GLU B 100 -67.96 -3.56 23.16
C GLU B 100 -67.08 -2.38 22.80
N ASP B 101 -66.48 -1.71 23.78
CA ASP B 101 -65.58 -0.60 23.48
C ASP B 101 -64.36 -1.07 22.70
N ILE B 102 -63.85 -2.25 23.03
CA ILE B 102 -62.67 -2.78 22.35
C ILE B 102 -63.07 -3.27 20.97
N CYS B 103 -62.39 -2.77 19.94
CA CYS B 103 -62.57 -3.24 18.57
C CYS B 103 -61.52 -4.30 18.30
N LEU B 104 -61.91 -5.57 18.40
CA LEU B 104 -60.96 -6.66 18.25
C LEU B 104 -60.34 -6.66 16.85
N LYS B 105 -61.15 -6.45 15.83
CA LYS B 105 -60.67 -6.53 14.45
C LYS B 105 -59.59 -5.51 14.15
N ARG B 106 -59.56 -4.39 14.89
CA ARG B 106 -58.53 -3.39 14.70
C ARG B 106 -57.41 -3.46 15.73
N ASP B 107 -57.69 -4.01 16.92
CA ASP B 107 -56.70 -4.03 17.99
C ASP B 107 -55.84 -5.28 17.98
N VAL B 108 -56.46 -6.46 17.86
CA VAL B 108 -55.71 -7.71 17.96
C VAL B 108 -54.66 -7.84 16.86
N PRO B 109 -54.98 -7.66 15.56
CA PRO B 109 -53.91 -7.71 14.55
C PRO B 109 -52.86 -6.65 14.78
N ALA B 110 -53.27 -5.43 15.14
CA ALA B 110 -52.31 -4.37 15.38
C ALA B 110 -51.42 -4.70 16.57
N LEU B 111 -52.00 -5.24 17.64
CA LEU B 111 -51.21 -5.59 18.81
C LEU B 111 -50.19 -6.67 18.49
N LEU B 112 -50.64 -7.72 17.79
CA LEU B 112 -49.72 -8.80 17.45
C LEU B 112 -48.61 -8.33 16.53
N ALA B 113 -48.96 -7.51 15.53
CA ALA B 113 -47.94 -6.97 14.64
C ALA B 113 -46.95 -6.08 15.38
N ALA B 114 -47.44 -5.24 16.29
CA ALA B 114 -46.57 -4.35 17.04
C ALA B 114 -45.61 -5.14 17.92
N ILE B 115 -46.10 -6.16 18.63
CA ILE B 115 -45.21 -6.91 19.50
C ILE B 115 -44.26 -7.77 18.68
N GLY B 116 -44.67 -8.23 17.50
CA GLY B 116 -43.76 -8.96 16.65
C GLY B 116 -42.64 -8.10 16.09
N LEU B 117 -42.98 -6.86 15.71
CA LEU B 117 -41.99 -5.97 15.10
C LEU B 117 -40.92 -5.54 16.09
N VAL B 118 -41.29 -5.33 17.36
CA VAL B 118 -40.38 -4.79 18.36
C VAL B 118 -39.71 -5.88 19.18
N HIS B 119 -39.94 -7.16 18.83
CA HIS B 119 -39.48 -8.26 19.66
C HIS B 119 -37.97 -8.35 19.77
N ASP B 120 -37.22 -7.72 18.85
CA ASP B 120 -35.76 -7.79 18.87
C ASP B 120 -35.14 -6.42 18.68
N MET B 121 -35.78 -5.37 19.19
CA MET B 121 -35.29 -4.02 18.96
C MET B 121 -34.06 -3.70 19.82
N GLY B 122 -33.96 -4.29 21.00
CA GLY B 122 -32.88 -4.00 21.92
C GLY B 122 -31.77 -5.02 21.98
N ASN B 123 -31.73 -5.98 21.07
CA ASN B 123 -30.67 -6.98 21.09
C ASN B 123 -29.33 -6.35 20.71
N PRO B 124 -28.24 -6.82 21.33
CA PRO B 124 -26.91 -6.34 20.95
C PRO B 124 -26.56 -6.77 19.53
N PRO B 125 -25.62 -6.09 18.89
CA PRO B 125 -25.26 -6.44 17.51
C PRO B 125 -24.49 -7.76 17.46
N PHE B 126 -24.07 -8.12 16.25
CA PHE B 126 -23.34 -9.36 15.97
C PHE B 126 -24.15 -10.60 16.33
N GLY B 127 -25.48 -10.50 16.23
CA GLY B 127 -26.30 -11.66 16.48
C GLY B 127 -26.33 -12.04 17.95
N ALA B 128 -26.86 -13.24 18.20
CA ALA B 128 -27.01 -13.73 19.57
C ALA B 128 -25.69 -13.73 20.30
N GLN B 129 -24.62 -14.19 19.64
CA GLN B 129 -23.30 -14.19 20.26
C GLN B 129 -22.94 -12.84 20.85
N GLY B 130 -23.29 -11.75 20.17
CA GLY B 130 -23.08 -10.43 20.74
C GLY B 130 -23.51 -10.35 22.17
N ALA B 131 -24.79 -10.63 22.44
CA ALA B 131 -25.27 -10.61 23.82
C ALA B 131 -24.44 -11.54 24.69
N LYS B 132 -24.21 -12.77 24.21
CA LYS B 132 -23.37 -13.71 24.94
C LYS B 132 -22.03 -13.07 25.28
N ALA B 133 -21.38 -12.46 24.29
CA ALA B 133 -20.09 -11.82 24.55
C ALA B 133 -20.22 -10.82 25.69
N MET B 134 -21.24 -9.97 25.64
CA MET B 134 -21.42 -8.99 26.70
C MET B 134 -21.48 -9.68 28.06
N SER B 135 -22.26 -10.76 28.16
CA SER B 135 -22.34 -11.47 29.42
C SER B 135 -20.96 -11.88 29.90
N GLU B 136 -20.16 -12.48 29.01
CA GLU B 136 -18.82 -12.88 29.40
C GLU B 136 -18.04 -11.70 29.96
N TRP B 137 -18.09 -10.56 29.26
CA TRP B 137 -17.39 -9.38 29.76
C TRP B 137 -17.90 -9.00 31.13
N PHE B 138 -19.22 -8.98 31.31
CA PHE B 138 -19.78 -8.59 32.60
C PHE B 138 -19.46 -9.64 33.66
N THR B 139 -19.19 -10.87 33.24
CA THR B 139 -18.80 -11.89 34.20
C THR B 139 -17.37 -11.64 34.68
N LYS B 140 -16.53 -11.05 33.84
CA LYS B 140 -15.14 -10.87 34.21
C LYS B 140 -14.92 -9.55 34.93
N ASN B 141 -15.53 -8.48 34.44
CA ASN B 141 -15.30 -7.14 34.99
C ASN B 141 -16.24 -6.79 36.13
N LEU B 142 -17.22 -7.64 36.43
CA LEU B 142 -18.08 -7.49 37.61
C LEU B 142 -18.05 -8.81 38.37
N PRO B 143 -16.92 -9.10 39.02
CA PRO B 143 -16.77 -10.42 39.66
C PRO B 143 -17.82 -10.66 40.73
N GLU B 144 -18.29 -11.90 40.80
CA GLU B 144 -19.35 -12.24 41.75
C GLU B 144 -18.82 -12.24 43.19
N HIS B 145 -17.60 -12.72 43.38
CA HIS B 145 -17.05 -12.82 44.74
C HIS B 145 -16.72 -11.45 45.33
N SER B 146 -16.54 -10.43 44.49
CA SER B 146 -16.26 -9.09 44.99
C SER B 146 -17.46 -8.54 45.74
N ASP B 147 -17.17 -7.75 46.78
CA ASP B 147 -18.24 -7.17 47.58
C ASP B 147 -19.05 -6.14 46.80
N ASN B 148 -18.42 -5.42 45.88
CA ASN B 148 -19.13 -4.42 45.09
C ASN B 148 -20.21 -5.05 44.22
N TYR B 149 -19.91 -6.20 43.62
CA TYR B 149 -20.81 -6.85 42.68
C TYR B 149 -21.25 -8.21 43.20
N LYS B 150 -21.44 -8.31 44.52
CA LYS B 150 -21.88 -9.55 45.14
C LYS B 150 -23.37 -9.78 45.01
N ASP B 151 -24.16 -8.71 44.97
CA ASP B 151 -25.62 -8.84 44.96
C ASP B 151 -26.09 -9.50 43.67
N LYS B 152 -27.24 -10.17 43.77
CA LYS B 152 -27.80 -10.87 42.63
C LYS B 152 -28.32 -9.94 41.55
N ILE B 153 -28.55 -8.66 41.87
CA ILE B 153 -29.07 -7.73 40.88
C ILE B 153 -28.09 -7.57 39.72
N TYR B 154 -26.79 -7.62 40.00
CA TYR B 154 -25.80 -7.52 38.96
C TYR B 154 -25.84 -8.70 38.00
N GLY B 155 -26.53 -9.79 38.36
CA GLY B 155 -26.80 -10.83 37.40
C GLY B 155 -27.49 -10.31 36.15
N ASP B 156 -28.29 -9.25 36.32
CA ASP B 156 -28.91 -8.56 35.17
C ASP B 156 -27.90 -8.30 34.06
N PHE B 157 -26.63 -8.11 34.42
CA PHE B 157 -25.59 -7.91 33.42
C PHE B 157 -24.74 -9.15 33.20
N ARG B 158 -24.58 -10.00 34.21
CA ARG B 158 -23.84 -11.23 34.02
C ARG B 158 -24.60 -12.24 33.18
N HIS B 159 -25.92 -12.12 33.14
CA HIS B 159 -26.75 -12.95 32.28
C HIS B 159 -27.53 -12.04 31.32
N PHE B 160 -26.83 -11.10 30.71
CA PHE B 160 -27.46 -10.08 29.88
C PHE B 160 -28.29 -10.72 28.77
N ASP B 161 -29.51 -10.22 28.61
CA ASP B 161 -30.46 -10.73 27.63
C ASP B 161 -31.06 -9.55 26.86
N GLY B 162 -31.41 -9.82 25.60
CA GLY B 162 -31.93 -8.76 24.74
C GLY B 162 -33.35 -8.34 25.05
N ASN B 163 -34.14 -9.20 25.69
CA ASN B 163 -35.52 -8.85 25.98
C ASN B 163 -35.61 -7.74 27.03
N SER B 164 -34.81 -7.83 28.08
CA SER B 164 -34.81 -6.79 29.10
C SER B 164 -34.35 -5.46 28.52
N GLN B 165 -33.33 -5.50 27.66
CA GLN B 165 -32.87 -4.27 27.03
C GLN B 165 -33.91 -3.72 26.06
N THR B 166 -34.66 -4.59 25.38
CA THR B 166 -35.74 -4.12 24.52
C THR B 166 -36.82 -3.41 25.33
N LEU B 167 -37.20 -3.99 26.47
CA LEU B 167 -38.20 -3.34 27.33
C LEU B 167 -37.68 -1.99 27.84
N ARG B 168 -36.41 -1.95 28.24
CA ARG B 168 -35.83 -0.69 28.70
C ARG B 168 -35.79 0.34 27.58
N LEU B 169 -35.48 -0.09 26.36
CA LEU B 169 -35.42 0.82 25.22
C LEU B 169 -36.79 1.40 24.90
N VAL B 170 -37.83 0.56 24.93
CA VAL B 170 -39.17 1.04 24.60
C VAL B 170 -39.83 1.77 25.75
N THR B 171 -39.31 1.65 26.98
CA THR B 171 -39.91 2.31 28.12
C THR B 171 -39.12 3.50 28.63
N LYS B 172 -37.80 3.44 28.59
CA LYS B 172 -37.02 4.53 29.18
C LYS B 172 -35.97 5.10 28.24
N LEU B 173 -35.37 4.28 27.39
CA LEU B 173 -34.20 4.69 26.62
C LEU B 173 -34.60 5.41 25.33
N GLN B 174 -35.34 6.50 25.50
CA GLN B 174 -35.59 7.45 24.42
C GLN B 174 -34.82 8.73 24.70
N ILE B 175 -34.79 9.61 23.70
CA ILE B 175 -34.01 10.84 23.83
C ILE B 175 -34.56 11.71 24.95
N LEU B 176 -35.89 11.84 25.01
CA LEU B 176 -36.51 12.61 26.07
C LEU B 176 -36.57 11.77 27.34
N ASN B 177 -35.86 12.22 28.38
CA ASN B 177 -35.80 11.49 29.65
C ASN B 177 -37.04 11.82 30.46
N ASP B 178 -38.07 10.98 30.33
CA ASP B 178 -39.30 11.13 31.08
C ASP B 178 -39.83 9.83 31.66
N THR B 179 -39.05 8.75 31.60
CA THR B 179 -39.42 7.42 32.09
C THR B 179 -40.68 6.88 31.44
N TYR B 180 -41.00 7.36 30.24
CA TYR B 180 -42.16 6.88 29.50
C TYR B 180 -41.83 6.35 28.11
N GLY B 181 -40.66 6.69 27.57
CA GLY B 181 -40.24 6.12 26.30
C GLY B 181 -41.19 6.46 25.18
N LEU B 182 -41.56 5.43 24.41
CA LEU B 182 -42.49 5.58 23.30
C LEU B 182 -43.93 5.72 23.77
N ASN B 183 -44.19 5.55 25.06
CA ASN B 183 -45.53 5.65 25.64
C ASN B 183 -46.49 4.68 24.97
N LEU B 184 -46.05 3.43 24.87
CA LEU B 184 -46.90 2.39 24.31
C LEU B 184 -48.03 2.04 25.27
N THR B 185 -49.08 1.45 24.73
CA THR B 185 -50.23 1.07 25.54
C THR B 185 -49.86 -0.04 26.51
N TYR B 186 -50.69 -0.20 27.54
CA TYR B 186 -50.44 -1.25 28.52
C TYR B 186 -50.49 -2.63 27.90
N ALA B 187 -51.37 -2.84 26.93
CA ALA B 187 -51.45 -4.14 26.26
C ALA B 187 -50.15 -4.46 25.54
N THR B 188 -49.60 -3.49 24.82
CA THR B 188 -48.35 -3.73 24.08
C THR B 188 -47.21 -4.02 25.04
N LEU B 189 -47.09 -3.24 26.12
CA LEU B 189 -46.02 -3.46 27.09
C LEU B 189 -46.16 -4.82 27.76
N ALA B 190 -47.39 -5.21 28.12
CA ALA B 190 -47.59 -6.50 28.75
C ALA B 190 -47.25 -7.64 27.80
N SER B 191 -47.67 -7.54 26.54
CA SER B 191 -47.38 -8.59 25.57
C SER B 191 -45.91 -8.61 25.18
N MET B 192 -45.18 -7.51 25.41
CA MET B 192 -43.77 -7.47 25.06
C MET B 192 -42.92 -8.28 26.02
N ILE B 193 -43.34 -8.40 27.28
CA ILE B 193 -42.55 -9.11 28.28
C ILE B 193 -42.60 -10.60 28.02
N LYS B 194 -41.51 -11.13 27.44
CA LYS B 194 -41.46 -12.56 27.12
C LYS B 194 -41.25 -13.41 28.37
N TYR B 195 -40.44 -12.93 29.30
CA TYR B 195 -40.13 -13.67 30.52
C TYR B 195 -40.53 -12.85 31.74
N PRO B 196 -41.72 -13.06 32.29
CA PRO B 196 -42.23 -12.22 33.37
C PRO B 196 -41.57 -12.52 34.72
N ARG B 197 -40.26 -12.30 34.79
CA ARG B 197 -39.53 -12.48 36.03
C ARG B 197 -38.24 -11.66 35.97
N SER B 198 -37.68 -11.41 37.14
CA SER B 198 -36.42 -10.68 37.26
C SER B 198 -35.28 -11.62 37.61
N SER B 199 -34.06 -11.11 37.52
CA SER B 199 -32.89 -11.92 37.83
C SER B 199 -32.87 -12.33 39.30
N GLU B 200 -33.28 -11.43 40.19
CA GLU B 200 -33.32 -11.77 41.62
C GLU B 200 -34.30 -12.90 41.88
N SER B 201 -35.47 -12.86 41.24
CA SER B 201 -36.46 -13.91 41.41
C SER B 201 -35.95 -15.22 40.81
N ASP B 202 -36.20 -16.32 41.52
CA ASP B 202 -35.79 -17.65 41.08
C ASP B 202 -37.04 -18.42 40.67
N SER B 203 -37.23 -18.58 39.36
CA SER B 203 -38.38 -19.29 38.82
C SER B 203 -37.89 -20.41 37.91
N SER B 204 -38.42 -21.61 38.11
CA SER B 204 -38.08 -22.74 37.24
C SER B 204 -38.84 -22.72 35.93
N LEU B 205 -39.92 -21.93 35.84
CA LEU B 205 -40.71 -21.90 34.62
C LEU B 205 -39.98 -21.16 33.50
N TRP B 206 -39.35 -20.04 33.80
CA TRP B 206 -38.71 -19.20 32.81
C TRP B 206 -37.20 -19.24 32.99
N LYS B 207 -36.48 -19.57 31.92
CA LYS B 207 -35.04 -19.72 31.99
C LYS B 207 -34.34 -18.37 32.17
N LYS B 208 -34.84 -17.33 31.54
CA LYS B 208 -34.18 -16.03 31.54
C LYS B 208 -35.07 -14.99 32.21
N HIS B 209 -34.43 -13.90 32.65
CA HIS B 209 -35.16 -12.75 33.18
C HIS B 209 -35.62 -11.86 32.03
N GLY B 210 -36.69 -11.11 32.27
CA GLY B 210 -37.28 -10.32 31.22
C GLY B 210 -37.19 -8.82 31.41
N PHE B 211 -36.70 -8.37 32.56
CA PHE B 211 -36.57 -6.94 32.80
C PHE B 211 -35.49 -6.68 33.84
N PHE B 212 -34.90 -5.49 33.77
CA PHE B 212 -33.84 -5.10 34.67
C PHE B 212 -34.41 -4.69 36.03
N LEU B 213 -33.51 -4.44 36.98
CA LEU B 213 -33.92 -3.90 38.26
C LEU B 213 -34.49 -2.50 38.10
N SER B 214 -33.92 -1.70 37.21
CA SER B 214 -34.38 -0.33 36.99
C SER B 214 -35.80 -0.29 36.44
N GLU B 215 -36.27 -1.36 35.81
CA GLU B 215 -37.61 -1.41 35.24
C GLU B 215 -38.59 -2.17 36.12
N LYS B 216 -38.22 -2.46 37.37
CA LYS B 216 -39.11 -3.22 38.24
C LYS B 216 -40.42 -2.48 38.50
N ASP B 217 -40.34 -1.17 38.76
CA ASP B 217 -41.55 -0.39 39.01
C ASP B 217 -42.43 -0.30 37.77
N VAL B 218 -41.81 -0.14 36.59
CA VAL B 218 -42.58 -0.08 35.36
C VAL B 218 -43.31 -1.39 35.11
N VAL B 219 -42.61 -2.51 35.30
CA VAL B 219 -43.23 -3.82 35.10
C VAL B 219 -44.33 -4.05 36.13
N GLN B 220 -44.14 -3.61 37.37
CA GLN B 220 -45.19 -3.72 38.36
C GLN B 220 -46.41 -2.91 37.97
N ASP B 221 -46.21 -1.70 37.45
CA ASP B 221 -47.32 -0.89 36.98
C ASP B 221 -48.06 -1.57 35.83
N ILE B 222 -47.31 -2.16 34.90
CA ILE B 222 -47.92 -2.87 33.79
C ILE B 222 -48.76 -4.04 34.29
N TRP B 223 -48.22 -4.80 35.23
CA TRP B 223 -48.96 -5.93 35.79
C TRP B 223 -50.22 -5.46 36.52
N ASN B 224 -50.12 -4.36 37.26
CA ASN B 224 -51.29 -3.84 37.96
C ASN B 224 -52.37 -3.40 36.98
N ASN B 225 -51.98 -2.76 35.88
CA ASN B 225 -52.94 -2.23 34.94
C ASN B 225 -53.44 -3.25 33.92
N THR B 226 -52.80 -4.42 33.83
CA THR B 226 -53.21 -5.44 32.88
C THR B 226 -53.72 -6.72 33.52
N GLY B 227 -53.72 -6.81 34.85
CA GLY B 227 -54.20 -8.00 35.52
C GLY B 227 -53.21 -9.14 35.58
N LEU B 228 -52.01 -8.97 35.03
CA LEU B 228 -51.00 -10.01 35.09
C LEU B 228 -50.26 -9.96 36.42
N SER B 229 -49.28 -10.85 36.58
CA SER B 229 -48.46 -10.89 37.79
C SER B 229 -47.15 -11.57 37.44
N GLU B 230 -46.28 -11.67 38.44
CA GLU B 230 -44.97 -12.28 38.22
C GLU B 230 -45.12 -13.75 37.84
N GLY B 231 -44.39 -14.17 36.81
CA GLY B 231 -44.44 -15.52 36.33
C GLY B 231 -45.58 -15.83 35.39
N VAL B 232 -46.53 -14.91 35.23
CA VAL B 232 -47.66 -15.08 34.33
C VAL B 232 -47.39 -14.31 33.06
N ARG B 233 -47.51 -14.98 31.92
CA ARG B 233 -47.17 -14.40 30.63
C ARG B 233 -48.46 -14.01 29.90
N HIS B 234 -48.40 -12.88 29.20
CA HIS B 234 -49.56 -12.43 28.43
C HIS B 234 -49.91 -13.46 27.36
N PRO B 235 -51.20 -13.71 27.12
CA PRO B 235 -51.56 -14.74 26.13
C PRO B 235 -51.01 -14.47 24.74
N PHE B 236 -50.93 -13.20 24.33
CA PHE B 236 -50.42 -12.88 23.01
C PHE B 236 -48.90 -13.02 22.92
N THR B 237 -48.21 -13.03 24.07
CA THR B 237 -46.77 -13.26 24.05
C THR B 237 -46.46 -14.68 23.57
N TYR B 238 -47.31 -15.65 23.90
CA TYR B 238 -47.13 -17.00 23.37
C TYR B 238 -47.22 -17.00 21.85
N ILE B 239 -48.21 -16.28 21.31
CA ILE B 239 -48.36 -16.20 19.85
C ILE B 239 -47.15 -15.53 19.23
N MET B 240 -46.69 -14.44 19.83
CA MET B 240 -45.53 -13.73 19.29
C MET B 240 -44.29 -14.61 19.31
N GLU B 241 -44.07 -15.35 20.40
CA GLU B 241 -42.92 -16.23 20.50
C GLU B 241 -43.02 -17.38 19.51
N ALA B 242 -44.22 -17.95 19.32
CA ALA B 242 -44.39 -19.00 18.33
C ALA B 242 -44.11 -18.49 16.93
N CYS B 243 -44.59 -17.28 16.61
CA CYS B 243 -44.31 -16.70 15.30
C CYS B 243 -42.83 -16.45 15.12
N ASP B 244 -42.15 -15.95 16.16
CA ASP B 244 -40.72 -15.75 16.09
C ASP B 244 -39.98 -17.06 15.83
N ASP B 245 -40.36 -18.12 16.54
CA ASP B 245 -39.71 -19.41 16.36
C ASP B 245 -39.94 -19.93 14.95
N ILE B 246 -41.18 -19.88 14.47
CA ILE B 246 -41.49 -20.36 13.12
C ILE B 246 -40.69 -19.58 12.10
N ALA B 247 -40.70 -18.25 12.21
CA ALA B 247 -40.02 -17.41 11.24
C ALA B 247 -38.54 -17.70 11.21
N TYR B 248 -37.88 -17.68 12.37
CA TYR B 248 -36.43 -17.86 12.35
C TYR B 248 -36.07 -19.27 11.91
N SER B 249 -36.81 -20.28 12.39
CA SER B 249 -36.48 -21.66 12.05
C SER B 249 -36.62 -21.92 10.55
N VAL B 250 -37.67 -21.38 9.92
CA VAL B 250 -37.86 -21.64 8.49
C VAL B 250 -36.93 -20.79 7.65
N LEU B 251 -36.86 -19.49 7.94
CA LEU B 251 -36.11 -18.59 7.08
C LEU B 251 -34.61 -18.76 7.27
N ASP B 252 -34.15 -19.25 8.43
CA ASP B 252 -32.74 -19.56 8.56
C ASP B 252 -32.35 -20.75 7.70
N ALA B 253 -33.22 -21.76 7.62
CA ALA B 253 -32.96 -22.86 6.69
C ALA B 253 -32.96 -22.37 5.25
N GLU B 254 -33.91 -21.48 4.92
CA GLU B 254 -33.93 -20.91 3.57
C GLU B 254 -32.64 -20.16 3.26
N ASP B 255 -32.15 -19.36 4.21
CA ASP B 255 -30.91 -18.62 4.02
C ASP B 255 -29.70 -19.54 3.95
N ILE B 256 -29.72 -20.64 4.71
CA ILE B 256 -28.64 -21.62 4.62
C ILE B 256 -28.58 -22.21 3.22
N ILE B 257 -29.74 -22.57 2.68
CA ILE B 257 -29.79 -23.15 1.34
C ILE B 257 -29.35 -22.12 0.30
N LYS B 258 -29.80 -20.87 0.45
CA LYS B 258 -29.42 -19.84 -0.51
C LYS B 258 -27.92 -19.57 -0.46
N LYS B 259 -27.34 -19.56 0.74
CA LYS B 259 -25.91 -19.30 0.88
C LYS B 259 -25.04 -20.44 0.40
N GLY B 260 -25.63 -21.59 0.08
CA GLY B 260 -24.86 -22.72 -0.41
C GLY B 260 -24.30 -23.63 0.65
N PHE B 261 -24.62 -23.39 1.93
CA PHE B 261 -24.13 -24.27 2.98
C PHE B 261 -24.81 -25.63 2.95
N ALA B 262 -25.93 -25.76 2.25
CA ALA B 262 -26.63 -27.02 2.07
C ALA B 262 -27.52 -26.89 0.85
N SER B 263 -28.25 -27.97 0.54
CA SER B 263 -29.13 -28.00 -0.61
C SER B 263 -30.52 -28.42 -0.19
N PHE B 264 -31.47 -28.24 -1.10
CA PHE B 264 -32.85 -28.62 -0.81
C PHE B 264 -32.98 -30.12 -0.54
N HIS B 265 -32.27 -30.93 -1.32
CA HIS B 265 -32.29 -32.37 -1.09
C HIS B 265 -31.69 -32.72 0.26
N ASP B 266 -30.66 -31.98 0.69
CA ASP B 266 -30.10 -32.21 2.02
C ASP B 266 -31.14 -31.96 3.10
N LEU B 267 -31.90 -30.87 2.99
CA LEU B 267 -32.95 -30.60 3.97
C LEU B 267 -34.04 -31.66 3.94
N ILE B 268 -34.43 -32.09 2.73
CA ILE B 268 -35.46 -33.12 2.63
C ILE B 268 -35.00 -34.42 3.28
N ASP B 269 -33.76 -34.82 3.01
CA ASP B 269 -33.23 -36.04 3.62
C ASP B 269 -33.10 -35.90 5.13
N PHE B 270 -32.69 -34.73 5.61
CA PHE B 270 -32.59 -34.51 7.04
C PHE B 270 -33.94 -34.62 7.72
N ILE B 271 -34.97 -34.05 7.11
CA ILE B 271 -36.31 -34.11 7.70
C ILE B 271 -36.84 -35.53 7.65
N GLN B 272 -36.64 -36.23 6.53
CA GLN B 272 -37.14 -37.58 6.40
C GLN B 272 -36.45 -38.54 7.38
N SER B 273 -35.15 -38.39 7.55
CA SER B 273 -34.38 -39.27 8.42
C SER B 273 -34.42 -38.85 9.88
N ASN B 274 -35.06 -37.72 10.20
CA ASN B 274 -35.16 -37.30 11.59
C ASN B 274 -36.03 -38.27 12.37
N GLN B 275 -35.62 -38.53 13.61
CA GLN B 275 -36.30 -39.55 14.42
C GLN B 275 -37.75 -39.16 14.70
N PHE B 276 -37.99 -37.89 15.04
CA PHE B 276 -39.34 -37.47 15.40
C PHE B 276 -40.19 -37.10 14.19
N CYS B 277 -39.57 -36.72 13.08
CA CYS B 277 -40.31 -36.35 11.88
C CYS B 277 -40.57 -37.52 10.94
N LYS B 278 -40.15 -38.73 11.32
CA LYS B 278 -40.40 -39.89 10.47
C LYS B 278 -41.89 -40.19 10.36
N GLU B 279 -42.62 -40.07 11.47
CA GLU B 279 -44.04 -40.37 11.51
C GLU B 279 -44.91 -39.15 11.76
N ASP B 280 -44.33 -37.95 11.77
CA ASP B 280 -45.11 -36.74 12.02
C ASP B 280 -45.97 -36.41 10.82
N ASP B 281 -47.25 -36.14 11.07
CA ASP B 281 -48.18 -35.85 9.98
C ASP B 281 -47.82 -34.57 9.26
N VAL B 282 -47.49 -33.51 10.02
CA VAL B 282 -47.17 -32.23 9.40
C VAL B 282 -45.92 -32.34 8.54
N ALA B 283 -44.88 -32.98 9.07
CA ALA B 283 -43.65 -33.16 8.31
C ALA B 283 -43.90 -34.01 7.06
N LYS B 284 -44.69 -35.07 7.21
CA LYS B 284 -45.00 -35.92 6.06
C LYS B 284 -45.73 -35.13 4.98
N ARG B 285 -46.72 -34.33 5.36
CA ARG B 285 -47.45 -33.53 4.39
C ARG B 285 -46.54 -32.52 3.71
N VAL B 286 -45.67 -31.86 4.47
CA VAL B 286 -44.77 -30.89 3.88
C VAL B 286 -43.82 -31.55 2.89
N ILE B 287 -43.27 -32.71 3.26
CA ILE B 287 -42.37 -33.42 2.36
C ILE B 287 -43.10 -33.85 1.09
N GLU B 288 -44.32 -34.37 1.24
CA GLU B 288 -45.08 -34.81 0.07
C GLU B 288 -45.36 -33.66 -0.87
N ASN B 289 -45.80 -32.52 -0.32
CA ASN B 289 -46.07 -31.36 -1.16
C ASN B 289 -44.81 -30.85 -1.84
N CYS B 290 -43.69 -30.83 -1.11
CA CYS B 290 -42.44 -30.36 -1.68
C CYS B 290 -41.99 -31.26 -2.83
N LYS B 291 -42.08 -32.58 -2.65
CA LYS B 291 -41.70 -33.50 -3.73
C LYS B 291 -42.64 -33.37 -4.92
N LYS B 292 -43.94 -33.23 -4.65
CA LYS B 292 -44.92 -33.11 -5.73
C LYS B 292 -44.66 -31.87 -6.57
N ILE B 293 -44.33 -30.75 -5.92
CA ILE B 293 -44.05 -29.54 -6.68
C ILE B 293 -42.66 -29.59 -7.31
N HIS B 294 -41.73 -30.31 -6.68
CA HIS B 294 -40.36 -30.38 -7.19
C HIS B 294 -40.29 -31.19 -8.47
N ALA B 295 -41.12 -32.22 -8.59
CA ALA B 295 -41.17 -32.98 -9.85
C ALA B 295 -41.61 -32.07 -11.00
N ASP B 296 -42.71 -31.33 -10.79
CA ASP B 296 -43.20 -30.42 -11.83
C ASP B 296 -42.16 -29.34 -12.15
N TYR B 297 -41.47 -28.84 -11.13
CA TYR B 297 -40.46 -27.81 -11.38
C TYR B 297 -39.27 -28.38 -12.13
N ALA B 298 -38.91 -29.63 -11.85
CA ALA B 298 -37.86 -30.30 -12.61
C ALA B 298 -38.29 -30.58 -14.04
N GLN B 299 -39.59 -30.64 -14.32
CA GLN B 299 -40.04 -30.77 -15.70
C GLN B 299 -39.57 -29.58 -16.54
N GLN B 300 -39.61 -28.38 -15.98
CA GLN B 300 -39.14 -27.21 -16.70
C GLN B 300 -37.60 -27.21 -16.81
N LYS B 301 -37.07 -26.17 -17.44
CA LYS B 301 -35.63 -26.01 -17.63
C LYS B 301 -35.15 -24.91 -16.71
N LEU B 302 -34.47 -25.30 -15.63
CA LEU B 302 -33.93 -24.36 -14.66
C LEU B 302 -32.51 -24.75 -14.30
N SER B 303 -31.72 -23.76 -13.90
CA SER B 303 -30.39 -24.03 -13.39
C SER B 303 -30.50 -24.72 -12.04
N PRO B 304 -29.47 -25.49 -11.64
CA PRO B 304 -29.53 -26.15 -10.33
C PRO B 304 -29.72 -25.18 -9.18
N ALA B 305 -29.08 -24.00 -9.24
CA ALA B 305 -29.30 -22.99 -8.21
C ALA B 305 -30.73 -22.50 -8.21
N GLU B 306 -31.29 -22.25 -9.40
CA GLU B 306 -32.69 -21.81 -9.48
C GLU B 306 -33.63 -22.90 -8.98
N LEU B 307 -33.36 -24.15 -9.33
CA LEU B 307 -34.19 -25.26 -8.86
C LEU B 307 -34.16 -25.34 -7.34
N ASN B 308 -32.97 -25.23 -6.75
CA ASN B 308 -32.85 -25.23 -5.30
C ASN B 308 -33.63 -24.09 -4.68
N ASP B 309 -33.46 -22.88 -5.24
CA ASP B 309 -34.11 -21.70 -4.69
C ASP B 309 -35.63 -21.83 -4.73
N MET B 310 -36.17 -22.26 -5.87
CA MET B 310 -37.62 -22.35 -6.01
C MET B 310 -38.20 -23.49 -5.19
N SER B 311 -37.49 -24.63 -5.12
CA SER B 311 -37.95 -25.72 -4.29
C SER B 311 -37.99 -25.31 -2.82
N MET B 312 -37.00 -24.53 -2.38
CA MET B 312 -37.02 -24.09 -0.98
C MET B 312 -38.04 -22.97 -0.76
N GLN B 313 -38.33 -22.18 -1.80
CA GLN B 313 -39.42 -21.22 -1.69
C GLN B 313 -40.74 -21.95 -1.44
N MET B 314 -41.00 -23.01 -2.21
CA MET B 314 -42.21 -23.80 -2.00
C MET B 314 -42.19 -24.49 -0.64
N PHE B 315 -41.03 -24.97 -0.22
CA PHE B 315 -40.90 -25.55 1.11
C PHE B 315 -41.29 -24.53 2.18
N ARG B 316 -40.85 -23.28 2.03
CA ARG B 316 -41.19 -22.25 2.99
C ARG B 316 -42.69 -22.00 2.99
N VAL B 317 -43.29 -21.86 1.80
CA VAL B 317 -44.71 -21.51 1.76
C VAL B 317 -45.57 -22.66 2.29
N TYR B 318 -45.06 -23.88 2.25
CA TYR B 318 -45.81 -25.00 2.83
C TYR B 318 -45.59 -25.11 4.33
N ALA B 319 -44.34 -25.06 4.76
CA ALA B 319 -44.01 -25.23 6.18
C ALA B 319 -44.59 -24.10 7.02
N ILE B 320 -44.48 -22.86 6.53
CA ILE B 320 -45.02 -21.73 7.27
C ILE B 320 -46.52 -21.86 7.43
N ALA B 321 -47.21 -22.26 6.35
CA ALA B 321 -48.66 -22.44 6.42
C ALA B 321 -49.03 -23.51 7.43
N GLU B 322 -48.36 -24.66 7.38
CA GLU B 322 -48.67 -25.75 8.29
C GLU B 322 -48.41 -25.35 9.74
N LEU B 323 -47.26 -24.72 9.99
CA LEU B 323 -46.90 -24.33 11.35
C LEU B 323 -47.85 -23.26 11.89
N VAL B 324 -48.21 -22.29 11.06
CA VAL B 324 -49.14 -21.25 11.51
C VAL B 324 -50.50 -21.84 11.82
N ASP B 325 -50.99 -22.75 10.97
CA ASP B 325 -52.27 -23.38 11.24
C ASP B 325 -52.22 -24.18 12.54
N ALA B 326 -51.14 -24.93 12.75
CA ALA B 326 -51.00 -25.70 13.98
C ALA B 326 -50.95 -24.80 15.20
N VAL B 327 -50.22 -23.68 15.11
CA VAL B 327 -50.12 -22.76 16.24
C VAL B 327 -51.47 -22.14 16.55
N VAL B 328 -52.22 -21.75 15.51
CA VAL B 328 -53.55 -21.16 15.73
C VAL B 328 -54.47 -22.18 16.38
N ILE B 329 -54.44 -23.43 15.91
CA ILE B 329 -55.28 -24.46 16.49
C ILE B 329 -54.91 -24.70 17.95
N ALA B 330 -53.61 -24.75 18.25
CA ALA B 330 -53.17 -24.97 19.63
C ALA B 330 -53.60 -23.82 20.53
N PHE B 331 -53.47 -22.59 20.05
CA PHE B 331 -53.89 -21.44 20.85
C PHE B 331 -55.40 -21.46 21.10
N LYS B 332 -56.18 -21.82 20.08
CA LYS B 332 -57.62 -21.89 20.24
C LYS B 332 -58.02 -22.97 21.24
N ASP B 333 -57.36 -24.13 21.17
CA ASP B 333 -57.72 -25.24 22.05
C ASP B 333 -57.39 -24.94 23.51
N ASN B 334 -56.21 -24.38 23.77
CA ASN B 334 -55.74 -24.14 25.13
C ASN B 334 -55.97 -22.69 25.57
N ILE B 335 -57.03 -22.05 25.08
CA ILE B 335 -57.26 -20.64 25.42
C ILE B 335 -57.60 -20.50 26.90
N ASN B 336 -58.37 -21.45 27.45
CA ASN B 336 -58.73 -21.37 28.86
C ASN B 336 -57.50 -21.49 29.76
N GLU B 337 -56.58 -22.39 29.41
CA GLU B 337 -55.35 -22.52 30.18
C GLU B 337 -54.50 -21.25 30.08
N PHE B 338 -54.43 -20.65 28.89
CA PHE B 338 -53.67 -19.41 28.74
C PHE B 338 -54.28 -18.28 29.55
N LEU B 339 -55.60 -18.20 29.59
CA LEU B 339 -56.28 -17.16 30.36
C LEU B 339 -56.24 -17.42 31.85
N ASN B 340 -55.79 -18.60 32.28
CA ASN B 340 -55.70 -18.89 33.70
C ASN B 340 -54.57 -18.09 34.34
N ASP B 341 -54.79 -17.70 35.60
CA ASP B 341 -53.80 -16.93 36.32
C ASP B 341 -52.57 -17.75 36.71
N THR B 342 -52.63 -19.07 36.56
CA THR B 342 -51.51 -19.95 36.91
C THR B 342 -51.07 -20.75 35.70
N CYS B 343 -50.95 -20.10 34.55
CA CYS B 343 -50.52 -20.77 33.33
C CYS B 343 -49.06 -21.21 33.47
N GLU B 344 -48.77 -22.43 33.02
CA GLU B 344 -47.43 -22.98 33.12
C GLU B 344 -46.91 -23.48 31.77
N ILE B 345 -47.61 -23.19 30.68
CA ILE B 345 -47.18 -23.66 29.37
C ILE B 345 -45.88 -22.96 28.98
N LYS B 346 -44.88 -23.76 28.58
CA LYS B 346 -43.58 -23.20 28.23
C LYS B 346 -43.66 -22.42 26.91
N ASP B 347 -44.29 -23.02 25.89
CA ASP B 347 -44.38 -22.36 24.59
C ASP B 347 -45.58 -22.93 23.85
N LEU B 348 -46.07 -22.15 22.88
CA LEU B 348 -47.23 -22.54 22.12
C LEU B 348 -46.92 -23.64 21.11
N ILE B 349 -45.70 -23.64 20.55
CA ILE B 349 -45.35 -24.61 19.52
C ILE B 349 -45.35 -26.03 20.10
N SER B 350 -44.90 -26.18 21.34
CA SER B 350 -44.86 -27.50 21.96
C SER B 350 -46.26 -28.09 22.08
N CYS B 351 -47.25 -27.27 22.42
CA CYS B 351 -48.62 -27.75 22.49
C CYS B 351 -49.20 -28.00 21.11
N SER B 352 -48.60 -27.44 20.06
CA SER B 352 -49.12 -27.60 18.72
C SER B 352 -48.69 -28.93 18.10
N SER B 353 -49.20 -29.21 16.92
CA SER B 353 -48.84 -30.41 16.17
C SER B 353 -47.63 -30.20 15.28
N GLY B 354 -47.11 -28.97 15.18
CA GLY B 354 -45.94 -28.70 14.38
C GLY B 354 -44.67 -28.67 15.20
N LYS B 355 -44.73 -29.26 16.40
CA LYS B 355 -43.58 -29.25 17.30
C LYS B 355 -42.39 -29.99 16.69
N ASN B 356 -42.64 -31.18 16.13
CA ASN B 356 -41.55 -31.99 15.60
C ASN B 356 -40.88 -31.31 14.41
N LEU B 357 -41.69 -30.73 13.51
CA LEU B 357 -41.11 -30.05 12.35
C LEU B 357 -40.26 -28.86 12.77
N CYS B 358 -40.76 -28.07 13.72
CA CYS B 358 -39.99 -26.92 14.19
C CYS B 358 -38.70 -27.37 14.87
N GLN B 359 -38.76 -28.43 15.67
CA GLN B 359 -37.55 -28.94 16.31
C GLN B 359 -36.53 -29.42 15.27
N ALA B 360 -37.01 -30.13 14.24
CA ALA B 360 -36.11 -30.59 13.20
C ALA B 360 -35.49 -29.42 12.43
N LEU B 361 -36.29 -28.39 12.16
CA LEU B 361 -35.76 -27.22 11.46
C LEU B 361 -34.71 -26.51 12.32
N LYS B 362 -34.96 -26.39 13.63
CA LYS B 362 -33.97 -25.78 14.51
C LYS B 362 -32.68 -26.60 14.54
N LYS B 363 -32.80 -27.93 14.59
CA LYS B 363 -31.62 -28.77 14.58
C LYS B 363 -30.85 -28.63 13.27
N PHE B 364 -31.57 -28.56 12.14
CA PHE B 364 -30.91 -28.37 10.85
C PHE B 364 -30.19 -27.02 10.80
N ASP B 365 -30.84 -25.97 11.29
CA ASP B 365 -30.20 -24.65 11.30
C ASP B 365 -28.95 -24.66 12.17
N SER B 366 -29.02 -25.29 13.35
CA SER B 366 -27.87 -25.34 14.22
C SER B 366 -26.72 -26.13 13.60
N SER B 367 -27.02 -27.29 13.01
CA SER B 367 -25.97 -28.15 12.50
C SER B 367 -25.33 -27.58 11.24
N ARG B 368 -26.14 -26.97 10.36
CA ARG B 368 -25.65 -26.53 9.07
C ARG B 368 -25.28 -25.06 9.02
N GLY B 369 -26.04 -24.19 9.68
CA GLY B 369 -25.79 -22.76 9.56
C GLY B 369 -25.17 -22.11 10.78
N TYR B 370 -25.61 -22.47 11.98
CA TYR B 370 -25.11 -21.81 13.17
C TYR B 370 -23.69 -22.24 13.52
N GLN B 371 -23.32 -23.47 13.20
CA GLN B 371 -21.98 -23.98 13.48
C GLN B 371 -21.10 -24.02 12.24
N HIS B 372 -21.47 -23.30 11.19
CA HIS B 372 -20.63 -23.21 10.02
C HIS B 372 -19.34 -22.45 10.34
N ARG B 373 -18.29 -22.75 9.59
CA ARG B 373 -16.97 -22.18 9.88
C ARG B 373 -16.99 -20.66 9.77
N SER B 374 -17.60 -20.14 8.70
CA SER B 374 -17.65 -18.69 8.51
C SER B 374 -18.43 -18.01 9.63
N VAL B 375 -19.57 -18.59 10.02
CA VAL B 375 -20.37 -18.00 11.09
C VAL B 375 -19.59 -17.99 12.40
N LEU B 376 -18.87 -19.08 12.70
CA LEU B 376 -18.09 -19.13 13.92
C LEU B 376 -16.97 -18.10 13.91
N LYS B 377 -16.29 -17.94 12.78
CA LYS B 377 -15.23 -16.94 12.68
C LYS B 377 -15.79 -15.53 12.87
N LEU B 378 -16.92 -15.25 12.23
CA LEU B 378 -17.54 -13.92 12.38
C LEU B 378 -18.00 -13.70 13.81
N GLU B 379 -18.50 -14.74 14.48
CA GLU B 379 -18.90 -14.61 15.87
C GLU B 379 -17.71 -14.31 16.76
N LEU B 380 -16.57 -14.98 16.52
CA LEU B 380 -15.38 -14.69 17.30
C LEU B 380 -14.90 -13.25 17.07
N GLU B 381 -14.92 -12.81 15.81
CA GLU B 381 -14.52 -11.43 15.53
C GLU B 381 -15.44 -10.43 16.22
N GLY B 382 -16.75 -10.68 16.17
CA GLY B 382 -17.69 -9.80 16.84
C GLY B 382 -17.48 -9.78 18.35
N SER B 383 -17.21 -10.95 18.93
CA SER B 383 -16.93 -11.00 20.37
C SER B 383 -15.69 -10.20 20.72
N ASN B 384 -14.63 -10.32 19.90
CA ASN B 384 -13.42 -9.54 20.15
C ASN B 384 -13.70 -8.06 20.06
N TYR B 385 -14.44 -7.64 19.03
CA TYR B 385 -14.78 -6.23 18.87
C TYR B 385 -15.57 -5.73 20.07
N ILE B 386 -16.58 -6.47 20.48
CA ILE B 386 -17.45 -6.04 21.57
C ILE B 386 -16.67 -5.94 22.87
N LYS B 387 -15.83 -6.94 23.16
CA LYS B 387 -15.07 -6.92 24.41
C LYS B 387 -14.04 -5.80 24.42
N GLY B 388 -13.37 -5.56 23.30
CA GLY B 388 -12.43 -4.46 23.24
C GLY B 388 -13.11 -3.11 23.43
N LEU B 389 -14.22 -2.90 22.74
CA LEU B 389 -14.95 -1.64 22.90
C LEU B 389 -15.46 -1.47 24.33
N MET B 390 -15.92 -2.57 24.94
CA MET B 390 -16.37 -2.50 26.32
C MET B 390 -15.22 -2.13 27.26
N ASP B 391 -14.03 -2.67 27.01
CA ASP B 391 -12.88 -2.30 27.83
C ASP B 391 -12.58 -0.81 27.69
N MET B 392 -12.53 -0.32 26.45
CA MET B 392 -12.20 1.10 26.26
C MET B 392 -13.26 2.01 26.87
N LEU B 393 -14.54 1.62 26.79
CA LEU B 393 -15.58 2.44 27.38
C LEU B 393 -15.55 2.39 28.90
N TRP B 394 -15.33 1.20 29.46
CA TRP B 394 -15.20 1.07 30.91
C TRP B 394 -14.04 1.89 31.45
N LEU B 395 -13.01 2.10 30.62
CA LEU B 395 -11.93 2.98 31.04
C LEU B 395 -12.43 4.39 31.34
N GLY B 396 -13.53 4.80 30.72
CA GLY B 396 -14.06 6.14 30.93
C GLY B 396 -15.37 6.17 31.69
N ILE B 397 -15.94 5.01 31.98
CA ILE B 397 -17.19 4.91 32.72
C ILE B 397 -16.96 4.56 34.19
N LYS B 398 -16.01 3.68 34.47
CA LYS B 398 -15.81 3.19 35.83
C LYS B 398 -15.44 4.33 36.77
N GLY B 399 -16.09 4.35 37.93
CA GLY B 399 -15.84 5.37 38.93
C GLY B 399 -16.59 6.66 38.72
N ARG B 400 -17.37 6.79 37.65
CA ARG B 400 -18.10 8.02 37.39
C ARG B 400 -19.19 8.25 38.43
N ALA B 401 -19.68 7.19 39.06
CA ALA B 401 -20.73 7.29 40.06
C ALA B 401 -20.31 6.87 41.45
N THR B 402 -19.38 5.93 41.57
CA THR B 402 -18.97 5.48 42.90
C THR B 402 -18.24 6.58 43.66
N GLY B 403 -17.33 7.28 42.98
CA GLY B 403 -16.61 8.37 43.62
C GLY B 403 -15.14 8.44 43.24
N ASP B 404 -14.63 7.40 42.60
CA ASP B 404 -13.24 7.38 42.18
C ASP B 404 -13.00 8.40 41.07
N THR B 405 -11.73 8.63 40.77
CA THR B 405 -11.34 9.60 39.75
C THR B 405 -10.44 8.98 38.69
N GLN B 406 -10.51 7.66 38.52
CA GLN B 406 -9.70 6.98 37.51
C GLN B 406 -10.15 7.30 36.09
N TYR B 407 -11.30 7.93 35.92
CA TYR B 407 -11.82 8.26 34.60
C TYR B 407 -11.38 9.63 34.10
N ASP B 408 -10.64 10.39 34.91
CA ASP B 408 -10.37 11.78 34.59
C ASP B 408 -9.31 11.96 33.51
N THR B 409 -8.74 10.88 33.00
CA THR B 409 -7.79 10.98 31.92
C THR B 409 -8.47 11.53 30.66
N PRO B 410 -7.72 12.18 29.77
CA PRO B 410 -8.35 12.72 28.55
C PRO B 410 -9.06 11.66 27.72
N PHE B 411 -8.48 10.46 27.63
CA PHE B 411 -9.15 9.39 26.89
C PHE B 411 -10.45 9.00 27.56
N GLY B 412 -10.46 8.94 28.89
CA GLY B 412 -11.70 8.62 29.60
C GLY B 412 -12.78 9.64 29.36
N ARG B 413 -12.43 10.93 29.42
CA ARG B 413 -13.40 11.97 29.16
C ARG B 413 -13.91 11.89 27.72
N TYR B 414 -13.01 11.63 26.77
CA TYR B 414 -13.43 11.54 25.38
C TYR B 414 -14.40 10.38 25.16
N VAL B 415 -14.07 9.21 25.70
CA VAL B 415 -14.94 8.05 25.48
C VAL B 415 -16.25 8.21 26.22
N TYR B 416 -16.25 8.93 27.35
CA TYR B 416 -17.52 9.26 28.00
C TYR B 416 -18.34 10.18 27.12
N GLY B 417 -17.70 11.16 26.48
CA GLY B 417 -18.42 12.05 25.59
C GLY B 417 -18.91 11.39 24.32
N ARG B 418 -18.28 10.28 23.92
CA ARG B 418 -18.70 9.59 22.70
C ARG B 418 -20.03 8.87 22.91
N ILE B 419 -20.35 8.47 24.14
CA ILE B 419 -21.61 7.79 24.40
C ILE B 419 -22.78 8.74 24.13
N SER B 420 -23.91 8.16 23.71
CA SER B 420 -25.07 8.96 23.35
C SER B 420 -25.57 9.76 24.55
N GLU B 421 -26.12 10.94 24.27
CA GLU B 421 -26.49 11.86 25.33
C GLU B 421 -27.62 11.34 26.19
N ASN B 422 -28.57 10.61 25.61
CA ASN B 422 -29.70 10.11 26.41
C ASN B 422 -29.24 9.11 27.45
N TYR B 423 -28.31 8.22 27.08
CA TYR B 423 -27.79 7.25 28.04
C TYR B 423 -27.07 7.95 29.19
N ARG B 424 -26.26 8.95 28.87
CA ARG B 424 -25.56 9.70 29.91
C ARG B 424 -26.54 10.47 30.79
N ARG B 425 -27.60 11.01 30.19
CA ARG B 425 -28.61 11.72 30.97
C ARG B 425 -29.30 10.78 31.94
N ILE B 426 -29.63 9.57 31.49
CA ILE B 426 -30.23 8.57 32.38
C ILE B 426 -29.24 8.20 33.48
N PHE B 427 -27.97 8.01 33.12
CA PHE B 427 -26.98 7.59 34.10
C PHE B 427 -26.76 8.65 35.17
N GLU B 428 -26.72 9.93 34.78
CA GLU B 428 -26.46 11.00 35.71
C GLU B 428 -27.68 11.38 36.55
N GLN B 429 -28.87 10.94 36.17
CA GLN B 429 -30.06 11.24 36.95
C GLN B 429 -29.98 10.60 38.33
N GLU B 430 -30.46 11.33 39.33
CA GLU B 430 -30.42 10.87 40.71
C GLU B 430 -31.57 9.91 40.95
N ASN B 431 -31.24 8.62 41.12
CA ASN B 431 -32.25 7.61 41.41
C ASN B 431 -31.79 6.72 42.55
N ASN B 432 -32.53 5.64 42.80
CA ASN B 432 -32.22 4.73 43.90
C ASN B 432 -31.32 3.57 43.50
N LEU B 433 -30.92 3.49 42.24
CA LEU B 433 -30.06 2.40 41.80
C LEU B 433 -28.67 2.55 42.40
N PRO B 434 -28.00 1.45 42.73
CA PRO B 434 -26.62 1.54 43.21
C PRO B 434 -25.69 2.07 42.12
N ALA B 435 -24.62 2.74 42.56
CA ALA B 435 -23.73 3.40 41.62
C ALA B 435 -23.09 2.42 40.65
N CYS B 436 -22.64 1.27 41.15
CA CYS B 436 -22.06 0.26 40.27
C CYS B 436 -23.10 -0.24 39.28
N TYR B 437 -24.33 -0.45 39.74
CA TYR B 437 -25.41 -0.83 38.84
C TYR B 437 -25.64 0.23 37.78
N LYS B 438 -25.59 1.51 38.16
CA LYS B 438 -25.78 2.58 37.19
C LYS B 438 -24.68 2.58 36.13
N GLU B 439 -23.43 2.39 36.55
CA GLU B 439 -22.33 2.35 35.59
C GLU B 439 -22.47 1.16 34.64
N ALA B 440 -22.78 -0.01 35.18
CA ALA B 440 -22.95 -1.19 34.34
C ALA B 440 -24.11 -1.02 33.38
N GLN B 441 -25.21 -0.42 33.85
CA GLN B 441 -26.35 -0.16 32.98
C GLN B 441 -26.00 0.82 31.88
N LEU B 442 -25.22 1.85 32.20
CA LEU B 442 -24.79 2.78 31.17
C LEU B 442 -23.98 2.08 30.09
N LEU B 443 -23.04 1.24 30.51
CA LEU B 443 -22.23 0.51 29.53
C LEU B 443 -23.10 -0.42 28.68
N ALA B 444 -24.04 -1.14 29.32
CA ALA B 444 -24.89 -2.06 28.59
C ALA B 444 -25.79 -1.32 27.61
N ASP B 445 -26.36 -0.19 28.02
CA ASP B 445 -27.20 0.60 27.13
C ASP B 445 -26.40 1.13 25.96
N ALA B 446 -25.17 1.58 26.21
CA ALA B 446 -24.33 2.08 25.12
C ALA B 446 -24.04 0.98 24.11
N ILE B 447 -23.60 -0.19 24.61
CA ILE B 447 -23.18 -1.25 23.70
C ILE B 447 -24.38 -1.83 22.94
N SER B 448 -25.51 -2.03 23.63
CA SER B 448 -26.66 -2.67 23.01
C SER B 448 -27.23 -1.84 21.88
N GLY B 449 -27.17 -0.51 21.98
CA GLY B 449 -27.74 0.34 20.95
C GLY B 449 -26.92 0.51 19.70
N MET B 450 -25.73 -0.08 19.65
CA MET B 450 -24.87 0.06 18.50
C MET B 450 -25.20 -0.99 17.43
N THR B 451 -24.96 -0.63 16.18
CA THR B 451 -25.01 -1.57 15.08
C THR B 451 -23.63 -2.16 14.85
N ASP B 452 -23.56 -3.16 13.97
CA ASP B 452 -22.29 -3.84 13.71
C ASP B 452 -21.27 -2.89 13.12
N SER B 453 -21.63 -2.18 12.05
CA SER B 453 -20.69 -1.27 11.40
C SER B 453 -20.30 -0.13 12.34
N TYR B 454 -21.28 0.43 13.06
CA TYR B 454 -20.98 1.51 13.99
C TYR B 454 -20.07 1.02 15.10
N LEU B 455 -20.32 -0.18 15.64
CA LEU B 455 -19.47 -0.71 16.70
C LEU B 455 -18.06 -0.92 16.20
N ILE B 456 -17.90 -1.47 14.99
CA ILE B 456 -16.56 -1.70 14.45
C ILE B 456 -15.83 -0.37 14.24
N ALA B 457 -16.52 0.62 13.68
CA ALA B 457 -15.90 1.91 13.44
C ALA B 457 -15.49 2.58 14.75
N LEU B 458 -16.36 2.55 15.76
CA LEU B 458 -16.03 3.14 17.05
C LEU B 458 -14.87 2.41 17.71
N HIS B 459 -14.86 1.08 17.62
CA HIS B 459 -13.75 0.32 18.20
C HIS B 459 -12.43 0.68 17.54
N ASP B 460 -12.42 0.78 16.20
CA ASP B 460 -11.18 1.13 15.51
C ASP B 460 -10.74 2.55 15.87
N GLU B 461 -11.68 3.49 15.91
CA GLU B 461 -11.33 4.87 16.24
C GLU B 461 -10.76 4.98 17.65
N LEU B 462 -11.41 4.31 18.61
CA LEU B 462 -10.92 4.38 19.99
C LEU B 462 -9.58 3.67 20.14
N ARG B 463 -9.38 2.56 19.42
CA ARG B 463 -8.08 1.90 19.44
C ARG B 463 -7.00 2.82 18.89
N ALA B 464 -7.32 3.56 17.83
CA ALA B 464 -6.37 4.53 17.30
C ALA B 464 -6.07 5.62 18.33
N LEU B 465 -7.09 6.08 19.04
CA LEU B 465 -6.89 7.15 20.02
C LEU B 465 -6.36 6.65 21.37
N HIS B 466 -6.35 5.34 21.60
CA HIS B 466 -5.90 4.79 22.87
C HIS B 466 -4.41 4.47 22.88
N GLN B 467 -3.69 4.77 21.80
CA GLN B 467 -2.30 4.33 21.67
C GLN B 467 -1.42 4.94 22.76
N TYR B 468 -1.59 6.23 23.04
CA TYR B 468 -0.70 6.89 23.99
C TYR B 468 -0.89 6.36 25.40
N GLU B 469 -2.15 6.25 25.85
CA GLU B 469 -2.39 5.80 27.21
C GLU B 469 -2.13 4.31 27.38
N CYS B 470 -2.30 3.53 26.31
CA CYS B 470 -2.00 2.10 26.39
C CYS B 470 -0.52 1.86 26.65
N ARG B 471 0.35 2.62 25.99
CA ARG B 471 1.78 2.49 26.17
C ARG B 471 2.21 3.11 27.50
N SER C 2 -2.10 70.02 -11.30
CA SER C 2 -3.21 69.93 -12.24
C SER C 2 -4.34 69.08 -11.66
N MET C 3 -3.97 68.08 -10.86
CA MET C 3 -4.93 67.21 -10.20
C MET C 3 -5.03 67.58 -8.73
N HIS C 4 -6.26 67.77 -8.25
CA HIS C 4 -6.49 68.23 -6.90
C HIS C 4 -6.62 67.05 -5.94
N TRP C 5 -6.09 67.23 -4.73
CA TRP C 5 -6.16 66.18 -3.72
C TRP C 5 -7.58 65.93 -3.24
N ASN C 6 -8.48 66.90 -3.40
CA ASN C 6 -9.86 66.69 -2.99
C ASN C 6 -10.52 65.59 -3.80
N ASP C 7 -10.27 65.55 -5.11
CA ASP C 7 -10.82 64.50 -5.95
C ASP C 7 -10.09 63.18 -5.74
N LEU C 8 -8.77 63.23 -5.57
CA LEU C 8 -7.99 62.01 -5.41
C LEU C 8 -8.32 61.29 -4.11
N LEU C 9 -8.67 62.04 -3.06
CA LEU C 9 -9.03 61.47 -1.77
C LEU C 9 -10.54 61.45 -1.57
N ASN C 10 -11.29 61.21 -2.63
CA ASN C 10 -12.74 61.17 -2.54
C ASN C 10 -13.19 59.98 -1.72
N SER C 11 -13.98 60.24 -0.68
CA SER C 11 -14.44 59.20 0.23
C SER C 11 -15.84 58.69 -0.12
N ASN C 12 -16.42 59.16 -1.22
CA ASN C 12 -17.72 58.66 -1.64
C ASN C 12 -17.59 57.25 -2.21
N ARG C 13 -18.68 56.51 -2.18
CA ARG C 13 -18.73 55.15 -2.69
C ARG C 13 -19.65 55.07 -3.90
N ARG C 14 -19.47 54.00 -4.67
CA ARG C 14 -20.24 53.85 -5.91
C ARG C 14 -21.70 53.53 -5.65
N LYS C 15 -21.98 52.70 -4.65
CA LYS C 15 -23.37 52.32 -4.38
C LYS C 15 -24.16 53.54 -3.93
N PRO C 16 -25.33 53.80 -4.51
CA PRO C 16 -26.15 54.91 -4.04
C PRO C 16 -26.52 54.73 -2.57
N LYS C 17 -26.50 55.82 -1.83
CA LYS C 17 -26.76 55.76 -0.40
C LYS C 17 -28.22 55.40 -0.14
N ASN C 18 -28.44 54.46 0.76
CA ASN C 18 -29.80 54.03 1.09
C ASN C 18 -30.45 55.06 2.00
N GLU C 19 -31.51 55.70 1.51
CA GLU C 19 -32.21 56.73 2.26
C GLU C 19 -33.12 56.16 3.34
N LYS C 20 -33.32 54.84 3.38
CA LYS C 20 -34.16 54.20 4.38
C LYS C 20 -33.38 53.77 5.62
N LYS C 21 -32.07 54.01 5.64
CA LYS C 21 -31.27 53.64 6.80
C LYS C 21 -31.62 54.50 8.00
N GLU C 22 -31.69 53.86 9.17
CA GLU C 22 -31.96 54.54 10.42
C GLU C 22 -30.68 54.67 11.24
N SER C 23 -30.76 55.47 12.30
CA SER C 23 -29.60 55.66 13.17
C SER C 23 -29.19 54.38 13.88
N SER C 24 -30.10 53.43 14.04
CA SER C 24 -29.78 52.17 14.68
C SER C 24 -29.00 51.22 13.77
N GLN C 25 -29.02 51.45 12.45
CA GLN C 25 -28.29 50.62 11.51
C GLN C 25 -26.93 51.22 11.14
N ASP C 26 -26.57 52.35 11.73
CA ASP C 26 -25.27 52.95 11.45
C ASP C 26 -24.16 52.04 11.96
N THR C 27 -23.13 51.85 11.12
CA THR C 27 -22.04 50.95 11.42
C THR C 27 -20.70 51.64 11.51
N SER C 28 -20.61 52.91 11.06
CA SER C 28 -19.33 53.62 11.08
C SER C 28 -18.75 53.67 12.48
N LYS C 29 -19.55 54.04 13.47
CA LYS C 29 -19.12 54.11 14.87
C LYS C 29 -17.88 54.98 15.02
N GLY C 30 -17.96 56.18 14.45
CA GLY C 30 -16.83 57.11 14.51
C GLY C 30 -15.61 56.65 13.76
N ARG C 31 -15.79 56.11 12.56
CA ARG C 31 -14.70 55.68 11.71
C ARG C 31 -14.71 56.47 10.40
N GLN C 32 -13.53 56.76 9.89
CA GLN C 32 -13.44 57.38 8.58
C GLN C 32 -13.78 56.35 7.50
N GLN C 33 -14.24 56.85 6.36
CA GLN C 33 -14.72 55.96 5.31
C GLN C 33 -13.61 55.05 4.80
N ILE C 34 -12.41 55.59 4.63
CA ILE C 34 -11.31 54.78 4.12
C ILE C 34 -10.86 53.75 5.16
N GLU C 35 -10.96 54.08 6.44
CA GLU C 35 -10.74 53.08 7.48
C GLU C 35 -11.75 51.96 7.36
N ARG C 36 -13.01 52.31 7.05
CA ARG C 36 -14.00 51.27 6.81
C ARG C 36 -13.65 50.44 5.59
N ASP C 37 -13.05 51.05 4.56
CA ASP C 37 -12.59 50.28 3.41
C ASP C 37 -11.51 49.28 3.81
N TYR C 38 -10.56 49.72 4.64
CA TYR C 38 -9.52 48.82 5.11
C TYR C 38 -10.13 47.67 5.91
N ASP C 39 -11.09 47.98 6.77
CA ASP C 39 -11.75 46.94 7.55
C ASP C 39 -12.51 45.96 6.65
N ARG C 40 -13.18 46.49 5.62
CA ARG C 40 -13.88 45.63 4.67
C ARG C 40 -12.92 44.68 3.97
N ILE C 41 -11.77 45.20 3.54
CA ILE C 41 -10.79 44.36 2.86
C ILE C 41 -10.24 43.31 3.82
N LEU C 42 -9.92 43.71 5.05
CA LEU C 42 -9.32 42.78 6.00
C LEU C 42 -10.26 41.63 6.35
N PHE C 43 -11.54 41.93 6.54
CA PHE C 43 -12.51 40.93 6.98
C PHE C 43 -13.11 40.13 5.83
N ALA C 44 -12.72 40.41 4.60
CA ALA C 44 -13.24 39.66 3.46
C ALA C 44 -12.67 38.24 3.45
N ALA C 45 -13.48 37.31 2.96
CA ALA C 45 -13.02 35.92 2.83
C ALA C 45 -11.78 35.76 1.95
N PRO C 46 -11.65 36.43 0.80
CA PRO C 46 -10.40 36.30 0.04
C PRO C 46 -9.17 36.72 0.81
N THR C 47 -9.29 37.68 1.72
CA THR C 47 -8.15 38.07 2.55
C THR C 47 -7.66 36.89 3.38
N ARG C 48 -8.60 36.16 4.00
CA ARG C 48 -8.22 34.99 4.78
C ARG C 48 -7.70 33.88 3.88
N ARG C 49 -8.31 33.68 2.72
CA ARG C 49 -7.85 32.64 1.80
C ARG C 49 -6.50 32.96 1.18
N LEU C 50 -6.05 34.22 1.27
CA LEU C 50 -4.71 34.57 0.79
C LEU C 50 -3.63 33.77 1.52
N ALA C 51 -3.92 33.32 2.73
CA ALA C 51 -2.94 32.55 3.49
C ALA C 51 -2.63 31.21 2.82
N ASP C 52 -3.64 30.59 2.19
CA ASP C 52 -3.44 29.30 1.55
C ASP C 52 -2.77 29.41 0.19
N LYS C 53 -2.73 30.61 -0.40
CA LYS C 53 -2.07 30.79 -1.68
C LYS C 53 -0.59 31.13 -1.47
N THR C 54 0.27 30.43 -2.18
CA THR C 54 1.70 30.61 -2.03
C THR C 54 2.16 31.89 -2.73
N GLN C 55 3.37 32.32 -2.38
CA GLN C 55 3.97 33.51 -2.98
C GLN C 55 5.16 33.16 -3.86
N VAL C 56 6.19 32.53 -3.30
CA VAL C 56 7.31 32.05 -4.09
C VAL C 56 7.58 30.59 -3.79
N PHE C 57 7.79 30.27 -2.51
CA PHE C 57 8.21 28.96 -2.04
C PHE C 57 7.04 28.21 -1.43
N PRO C 58 7.15 26.88 -1.31
CA PRO C 58 6.08 26.11 -0.68
C PRO C 58 5.81 26.58 0.74
N LEU C 59 4.52 26.57 1.12
CA LEU C 59 4.07 27.16 2.37
C LEU C 59 3.75 26.12 3.43
N ASP C 60 4.17 24.87 3.24
CA ASP C 60 3.87 23.81 4.19
C ASP C 60 5.15 23.16 4.73
N LYS C 61 6.26 23.89 4.70
CA LYS C 61 7.54 23.37 5.17
C LYS C 61 7.92 23.88 6.55
N ASN C 62 7.06 24.69 7.18
CA ASN C 62 7.30 25.21 8.53
C ASN C 62 8.61 26.01 8.61
N ASP C 63 8.99 26.65 7.51
CA ASP C 63 10.20 27.47 7.46
C ASP C 63 9.91 28.96 7.61
N SER C 64 8.67 29.31 7.95
CA SER C 64 8.26 30.70 8.13
C SER C 64 8.50 31.55 6.89
N VAL C 65 8.31 30.95 5.71
CA VAL C 65 8.42 31.69 4.46
C VAL C 65 7.16 32.51 4.28
N ARG C 66 7.22 33.51 3.39
CA ARG C 66 6.11 34.42 3.18
C ARG C 66 5.08 33.80 2.25
N THR C 67 3.81 33.98 2.59
CA THR C 67 2.69 33.65 1.73
C THR C 67 2.09 34.93 1.18
N ARG C 68 0.99 34.80 0.44
CA ARG C 68 0.32 35.98 -0.08
C ARG C 68 -0.20 36.86 1.06
N LEU C 69 -0.73 36.24 2.12
CA LEU C 69 -1.26 37.01 3.23
C LEU C 69 -0.16 37.77 3.95
N THR C 70 0.96 37.11 4.25
CA THR C 70 2.06 37.76 4.95
C THR C 70 2.67 38.87 4.10
N HIS C 71 2.87 38.59 2.81
CA HIS C 71 3.42 39.61 1.91
C HIS C 71 2.47 40.81 1.81
N SER C 72 1.17 40.55 1.72
CA SER C 72 0.20 41.64 1.66
C SER C 72 0.23 42.47 2.94
N HIS C 73 0.32 41.80 4.09
CA HIS C 73 0.36 42.54 5.35
C HIS C 73 1.64 43.38 5.45
N GLU C 74 2.77 42.84 5.00
CA GLU C 74 4.01 43.60 5.03
C GLU C 74 3.95 44.81 4.11
N VAL C 75 3.39 44.63 2.91
CA VAL C 75 3.22 45.76 2.00
C VAL C 75 2.29 46.80 2.61
N ALA C 76 1.21 46.34 3.25
CA ALA C 76 0.28 47.27 3.88
C ALA C 76 0.96 48.04 5.01
N ASN C 77 1.80 47.37 5.80
CA ASN C 77 2.51 48.06 6.87
C ASN C 77 3.49 49.09 6.33
N LEU C 78 4.24 48.75 5.28
CA LEU C 78 5.15 49.73 4.70
C LEU C 78 4.40 50.93 4.14
N SER C 79 3.30 50.67 3.44
CA SER C 79 2.49 51.76 2.89
C SER C 79 1.91 52.60 4.01
N ARG C 80 1.47 51.98 5.11
CA ARG C 80 0.96 52.73 6.23
C ARG C 80 2.03 53.60 6.86
N GLY C 81 3.24 53.09 6.99
CA GLY C 81 4.32 53.90 7.52
C GLY C 81 4.62 55.10 6.64
N ILE C 82 4.64 54.88 5.32
CA ILE C 82 4.85 56.00 4.39
C ILE C 82 3.71 57.01 4.52
N GLY C 83 2.49 56.52 4.72
CA GLY C 83 1.36 57.43 4.90
C GLY C 83 1.46 58.24 6.18
N MET C 84 1.91 57.61 7.26
CA MET C 84 2.15 58.35 8.50
C MET C 84 3.19 59.44 8.29
N ARG C 85 4.28 59.10 7.58
CA ARG C 85 5.30 60.10 7.31
C ARG C 85 4.75 61.25 6.47
N LEU C 86 3.92 60.93 5.46
CA LEU C 86 3.37 61.97 4.60
C LEU C 86 2.40 62.86 5.34
N ALA C 87 1.52 62.28 6.15
CA ALA C 87 0.45 63.04 6.79
C ALA C 87 0.87 63.70 8.10
N PHE C 88 2.02 63.33 8.66
CA PHE C 88 2.45 63.91 9.93
C PHE C 88 3.70 64.76 9.85
N GLU C 89 4.55 64.55 8.84
CA GLU C 89 5.76 65.34 8.68
C GLU C 89 5.77 66.17 7.41
N LEU C 90 5.49 65.55 6.26
CA LEU C 90 5.57 66.20 4.97
C LEU C 90 4.21 66.68 4.46
N GLU C 91 3.31 67.05 5.38
CA GLU C 91 1.98 67.50 4.97
C GLU C 91 2.05 68.77 4.14
N ASP C 92 2.89 69.74 4.55
CA ASP C 92 2.98 71.00 3.84
C ASP C 92 3.56 70.80 2.44
N ASP C 93 4.58 69.93 2.31
CA ASP C 93 5.21 69.74 1.01
C ASP C 93 4.30 68.99 0.05
N VAL C 94 3.61 67.96 0.53
CA VAL C 94 2.83 67.08 -0.34
C VAL C 94 1.43 67.63 -0.54
N PHE C 95 0.66 67.74 0.55
CA PHE C 95 -0.74 68.14 0.48
C PHE C 95 -0.83 69.65 0.65
N LYS C 96 -0.55 70.36 -0.45
CA LYS C 96 -0.54 71.82 -0.39
C LYS C 96 -1.95 72.40 -0.34
N ASP C 97 -2.88 71.84 -1.10
CA ASP C 97 -4.24 72.35 -1.18
C ASP C 97 -5.22 71.22 -0.91
N VAL C 98 -5.68 71.12 0.35
CA VAL C 98 -6.65 70.11 0.76
C VAL C 98 -7.71 70.79 1.60
N SER C 99 -8.97 70.46 1.32
CA SER C 99 -10.07 71.02 2.12
C SER C 99 -10.02 70.50 3.54
N GLU C 100 -10.53 71.30 4.48
CA GLU C 100 -10.51 70.93 5.88
C GLU C 100 -11.42 69.74 6.17
N ASP C 101 -12.32 69.39 5.26
CA ASP C 101 -13.21 68.24 5.48
C ASP C 101 -12.50 66.90 5.38
N ILE C 102 -11.25 66.89 4.94
CA ILE C 102 -10.48 65.66 4.80
C ILE C 102 -9.47 65.60 5.93
N CYS C 103 -9.52 64.53 6.72
CA CYS C 103 -8.56 64.30 7.80
C CYS C 103 -7.43 63.47 7.23
N LEU C 104 -6.34 64.14 6.83
CA LEU C 104 -5.22 63.44 6.20
C LEU C 104 -4.60 62.41 7.14
N LYS C 105 -4.44 62.77 8.41
CA LYS C 105 -3.78 61.90 9.37
C LYS C 105 -4.52 60.59 9.56
N ARG C 106 -5.82 60.55 9.28
CA ARG C 106 -6.59 59.32 9.40
C ARG C 106 -6.89 58.68 8.05
N ASP C 107 -6.88 59.44 6.96
CA ASP C 107 -7.23 58.94 5.64
C ASP C 107 -6.02 58.40 4.88
N VAL C 108 -4.93 59.18 4.80
CA VAL C 108 -3.78 58.77 3.99
C VAL C 108 -3.17 57.46 4.47
N PRO C 109 -2.83 57.29 5.76
CA PRO C 109 -2.30 55.98 6.18
C PRO C 109 -3.28 54.85 5.97
N ALA C 110 -4.56 55.08 6.25
CA ALA C 110 -5.56 54.04 6.03
C ALA C 110 -5.68 53.69 4.56
N LEU C 111 -5.66 54.70 3.68
CA LEU C 111 -5.76 54.45 2.25
C LEU C 111 -4.57 53.65 1.75
N LEU C 112 -3.36 54.04 2.17
CA LEU C 112 -2.17 53.31 1.73
C LEU C 112 -2.18 51.88 2.24
N ALA C 113 -2.56 51.68 3.50
CA ALA C 113 -2.64 50.33 4.04
C ALA C 113 -3.68 49.50 3.31
N ALA C 114 -4.83 50.08 3.00
CA ALA C 114 -5.89 49.35 2.33
C ALA C 114 -5.46 48.93 0.92
N ILE C 115 -4.84 49.85 0.18
CA ILE C 115 -4.44 49.48 -1.18
C ILE C 115 -3.27 48.51 -1.15
N GLY C 116 -2.41 48.58 -0.13
CA GLY C 116 -1.34 47.60 -0.02
C GLY C 116 -1.84 46.22 0.32
N LEU C 117 -2.84 46.13 1.19
CA LEU C 117 -3.35 44.82 1.61
C LEU C 117 -4.09 44.11 0.50
N VAL C 118 -4.74 44.86 -0.39
CA VAL C 118 -5.58 44.28 -1.43
C VAL C 118 -4.86 44.20 -2.77
N HIS C 119 -3.57 44.55 -2.82
CA HIS C 119 -2.87 44.68 -4.09
C HIS C 119 -2.74 43.35 -4.83
N ASP C 120 -2.76 42.22 -4.13
CA ASP C 120 -2.60 40.91 -4.75
C ASP C 120 -3.74 39.99 -4.35
N MET C 121 -4.94 40.54 -4.24
CA MET C 121 -6.09 39.78 -3.78
C MET C 121 -6.62 38.79 -4.81
N GLY C 122 -6.67 39.18 -6.08
CA GLY C 122 -7.23 38.34 -7.12
C GLY C 122 -6.25 37.59 -7.98
N ASN C 123 -4.98 37.51 -7.59
CA ASN C 123 -4.01 36.79 -8.41
C ASN C 123 -4.34 35.29 -8.40
N PRO C 124 -4.10 34.60 -9.51
CA PRO C 124 -4.32 33.16 -9.55
C PRO C 124 -3.35 32.44 -8.63
N PRO C 125 -3.67 31.23 -8.21
CA PRO C 125 -2.76 30.50 -7.31
C PRO C 125 -1.46 30.09 -7.99
N PHE C 126 -0.57 29.46 -7.22
CA PHE C 126 0.71 28.94 -7.73
C PHE C 126 1.63 30.06 -8.21
N GLY C 127 1.53 31.22 -7.56
CA GLY C 127 2.41 32.33 -7.91
C GLY C 127 2.13 32.91 -9.28
N ALA C 128 3.16 33.59 -9.81
CA ALA C 128 3.08 34.15 -11.15
C ALA C 128 2.95 33.07 -12.21
N GLN C 129 3.45 31.87 -11.93
CA GLN C 129 3.26 30.76 -12.86
C GLN C 129 1.79 30.44 -13.07
N GLY C 130 0.95 30.71 -12.07
CA GLY C 130 -0.48 30.53 -12.28
C GLY C 130 -1.04 31.42 -13.36
N ALA C 131 -0.70 32.71 -13.31
CA ALA C 131 -1.14 33.64 -14.34
C ALA C 131 -0.55 33.26 -15.69
N LYS C 132 0.72 32.85 -15.71
CA LYS C 132 1.33 32.42 -16.97
C LYS C 132 0.61 31.22 -17.55
N ALA C 133 0.26 30.25 -16.70
CA ALA C 133 -0.42 29.05 -17.16
C ALA C 133 -1.80 29.36 -17.70
N MET C 134 -2.56 30.22 -17.00
CA MET C 134 -3.87 30.60 -17.52
C MET C 134 -3.74 31.36 -18.84
N SER C 135 -2.72 32.22 -18.96
CA SER C 135 -2.51 32.93 -20.21
C SER C 135 -2.24 31.95 -21.35
N GLU C 136 -1.37 30.96 -21.10
CA GLU C 136 -1.06 29.98 -22.14
C GLU C 136 -2.30 29.16 -22.50
N TRP C 137 -3.07 28.74 -21.50
CA TRP C 137 -4.27 27.95 -21.78
C TRP C 137 -5.28 28.74 -22.58
N PHE C 138 -5.48 30.02 -22.23
CA PHE C 138 -6.42 30.85 -22.97
C PHE C 138 -5.93 31.12 -24.39
N THR C 139 -4.61 31.30 -24.56
CA THR C 139 -4.07 31.49 -25.89
C THR C 139 -4.29 30.26 -26.76
N LYS C 140 -4.11 29.08 -26.18
CA LYS C 140 -4.31 27.85 -26.96
C LYS C 140 -5.79 27.60 -27.25
N ASN C 141 -6.66 27.81 -26.26
CA ASN C 141 -8.06 27.46 -26.37
C ASN C 141 -8.94 28.59 -26.87
N LEU C 142 -8.40 29.80 -27.02
CA LEU C 142 -9.10 30.92 -27.64
C LEU C 142 -8.20 31.47 -28.74
N PRO C 143 -8.04 30.74 -29.84
CA PRO C 143 -7.09 31.14 -30.88
C PRO C 143 -7.46 32.49 -31.48
N GLU C 144 -6.43 33.28 -31.80
CA GLU C 144 -6.65 34.60 -32.37
C GLU C 144 -7.16 34.54 -33.81
N HIS C 145 -6.81 33.49 -34.55
CA HIS C 145 -7.26 33.41 -35.94
C HIS C 145 -8.74 33.03 -36.03
N SER C 146 -9.28 32.36 -35.02
CA SER C 146 -10.69 31.99 -35.04
C SER C 146 -11.57 33.23 -34.97
N ASP C 147 -12.65 33.24 -35.74
CA ASP C 147 -13.50 34.41 -35.81
C ASP C 147 -14.22 34.68 -34.49
N ASN C 148 -14.42 33.63 -33.67
CA ASN C 148 -15.07 33.82 -32.39
C ASN C 148 -14.21 34.68 -31.46
N TYR C 149 -12.89 34.52 -31.54
CA TYR C 149 -11.97 35.25 -30.66
C TYR C 149 -11.01 36.15 -31.43
N LYS C 150 -11.40 36.62 -32.62
CA LYS C 150 -10.55 37.55 -33.36
C LYS C 150 -10.43 38.89 -32.65
N ASP C 151 -11.45 39.27 -31.88
CA ASP C 151 -11.47 40.58 -31.25
C ASP C 151 -10.34 40.72 -30.23
N LYS C 152 -9.82 41.93 -30.10
CA LYS C 152 -8.73 42.18 -29.16
C LYS C 152 -9.17 42.09 -27.71
N ILE C 153 -10.48 42.15 -27.44
CA ILE C 153 -10.96 42.09 -26.07
C ILE C 153 -10.58 40.76 -25.43
N TYR C 154 -10.57 39.68 -26.21
CA TYR C 154 -10.17 38.38 -25.69
C TYR C 154 -8.72 38.35 -25.27
N GLY C 155 -7.91 39.34 -25.66
CA GLY C 155 -6.59 39.47 -25.10
C GLY C 155 -6.61 39.56 -23.58
N ASP C 156 -7.67 40.13 -23.03
CA ASP C 156 -7.88 40.15 -21.58
C ASP C 156 -7.65 38.79 -20.95
N PHE C 157 -7.85 37.72 -21.71
CA PHE C 157 -7.61 36.36 -21.24
C PHE C 157 -6.34 35.76 -21.79
N ARG C 158 -5.91 36.15 -22.99
CA ARG C 158 -4.67 35.63 -23.54
C ARG C 158 -3.45 36.25 -22.86
N HIS C 159 -3.63 37.39 -22.20
CA HIS C 159 -2.59 38.05 -21.42
C HIS C 159 -3.13 38.32 -20.01
N PHE C 160 -3.69 37.29 -19.38
CA PHE C 160 -4.37 37.44 -18.11
C PHE C 160 -3.47 38.09 -17.06
N ASP C 161 -4.03 39.04 -16.33
CA ASP C 161 -3.31 39.80 -15.32
C ASP C 161 -3.99 39.62 -13.97
N GLY C 162 -3.19 39.55 -12.91
CA GLY C 162 -3.74 39.50 -11.57
C GLY C 162 -4.46 40.77 -11.16
N ASN C 163 -3.96 41.92 -11.61
CA ASN C 163 -4.52 43.20 -11.17
C ASN C 163 -5.94 43.39 -11.67
N SER C 164 -6.21 43.06 -12.93
CA SER C 164 -7.55 43.20 -13.46
C SER C 164 -8.53 42.30 -12.73
N GLN C 165 -8.12 41.05 -12.46
CA GLN C 165 -8.97 40.16 -11.70
C GLN C 165 -9.18 40.65 -10.28
N THR C 166 -8.16 41.25 -9.67
CA THR C 166 -8.31 41.81 -8.33
C THR C 166 -9.34 42.93 -8.33
N LEU C 167 -9.27 43.83 -9.32
CA LEU C 167 -10.24 44.91 -9.42
C LEU C 167 -11.65 44.36 -9.62
N ARG C 168 -11.79 43.36 -10.50
CA ARG C 168 -13.09 42.76 -10.73
C ARG C 168 -13.63 42.10 -9.46
N LEU C 169 -12.76 41.40 -8.73
CA LEU C 169 -13.18 40.72 -7.52
C LEU C 169 -13.62 41.71 -6.44
N VAL C 170 -12.90 42.81 -6.31
CA VAL C 170 -13.17 43.77 -5.24
C VAL C 170 -14.36 44.64 -5.64
N THR C 171 -14.69 44.66 -6.93
CA THR C 171 -15.78 45.49 -7.42
C THR C 171 -17.03 44.71 -7.82
N LYS C 172 -16.90 43.49 -8.33
CA LYS C 172 -18.09 42.78 -8.82
C LYS C 172 -18.24 41.35 -8.28
N LEU C 173 -17.16 40.66 -7.92
CA LEU C 173 -17.24 39.24 -7.58
C LEU C 173 -17.48 39.00 -6.10
N GLN C 174 -18.50 39.61 -5.52
CA GLN C 174 -18.94 39.25 -4.19
C GLN C 174 -20.19 38.40 -4.29
N ILE C 175 -20.70 37.96 -3.13
CA ILE C 175 -21.86 37.07 -3.13
C ILE C 175 -23.08 37.80 -3.70
N LEU C 176 -23.30 39.04 -3.28
CA LEU C 176 -24.40 39.83 -3.82
C LEU C 176 -24.04 40.34 -5.20
N ASN C 177 -24.96 40.15 -6.16
CA ASN C 177 -24.73 40.58 -7.53
C ASN C 177 -25.37 41.95 -7.73
N ASP C 178 -24.67 42.97 -7.24
CA ASP C 178 -25.11 44.36 -7.38
C ASP C 178 -24.11 45.22 -8.14
N THR C 179 -23.06 44.62 -8.70
CA THR C 179 -22.01 45.35 -9.42
C THR C 179 -21.34 46.40 -8.54
N TYR C 180 -21.34 46.16 -7.22
CA TYR C 180 -20.72 47.09 -6.27
C TYR C 180 -19.69 46.44 -5.38
N GLY C 181 -19.71 45.11 -5.24
CA GLY C 181 -18.70 44.40 -4.47
C GLY C 181 -18.57 44.84 -3.03
N LEU C 182 -17.34 45.09 -2.59
CA LEU C 182 -17.09 45.59 -1.25
C LEU C 182 -17.50 47.04 -1.08
N ASN C 183 -17.83 47.74 -2.17
CA ASN C 183 -18.27 49.12 -2.14
C ASN C 183 -17.24 50.02 -1.47
N LEU C 184 -16.00 49.90 -1.92
CA LEU C 184 -14.93 50.74 -1.42
C LEU C 184 -15.10 52.17 -1.93
N THR C 185 -14.41 53.11 -1.27
CA THR C 185 -14.48 54.50 -1.68
C THR C 185 -13.80 54.69 -3.04
N TYR C 186 -14.11 55.82 -3.68
CA TYR C 186 -13.50 56.11 -4.98
C TYR C 186 -12.00 56.22 -4.88
N ALA C 187 -11.48 56.75 -3.76
CA ALA C 187 -10.04 56.88 -3.61
C ALA C 187 -9.34 55.53 -3.63
N THR C 188 -9.89 54.56 -2.90
CA THR C 188 -9.28 53.23 -2.85
C THR C 188 -9.32 52.55 -4.21
N LEU C 189 -10.45 52.62 -4.90
CA LEU C 189 -10.56 52.01 -6.22
C LEU C 189 -9.62 52.68 -7.22
N ALA C 190 -9.51 54.01 -7.17
CA ALA C 190 -8.60 54.72 -8.06
C ALA C 190 -7.16 54.35 -7.78
N SER C 191 -6.79 54.25 -6.51
CA SER C 191 -5.41 53.92 -6.16
C SER C 191 -5.09 52.46 -6.46
N MET C 192 -6.11 51.59 -6.50
CA MET C 192 -5.87 50.18 -6.73
C MET C 192 -5.49 49.88 -8.17
N ILE C 193 -5.82 50.78 -9.09
CA ILE C 193 -5.57 50.53 -10.51
C ILE C 193 -4.08 50.74 -10.78
N LYS C 194 -3.34 49.64 -10.90
CA LYS C 194 -1.91 49.72 -11.16
C LYS C 194 -1.63 50.24 -12.56
N TYR C 195 -2.36 49.74 -13.56
CA TYR C 195 -2.14 50.09 -14.96
C TYR C 195 -3.42 50.68 -15.53
N PRO C 196 -3.56 52.00 -15.58
CA PRO C 196 -4.82 52.60 -16.04
C PRO C 196 -5.03 52.49 -17.54
N ARG C 197 -5.17 51.27 -18.05
CA ARG C 197 -5.47 51.05 -19.45
C ARG C 197 -6.04 49.65 -19.61
N SER C 198 -6.72 49.44 -20.73
CA SER C 198 -7.29 48.15 -21.08
C SER C 198 -6.50 47.52 -22.22
N SER C 199 -6.79 46.24 -22.48
CA SER C 199 -6.11 45.55 -23.57
C SER C 199 -6.46 46.13 -24.93
N GLU C 200 -7.65 46.72 -25.06
CA GLU C 200 -8.01 47.37 -26.32
C GLU C 200 -7.10 48.55 -26.59
N SER C 201 -6.76 49.32 -25.57
CA SER C 201 -5.86 50.45 -25.74
C SER C 201 -4.45 49.99 -26.06
N ASP C 202 -3.66 50.90 -26.62
CA ASP C 202 -2.30 50.58 -27.04
C ASP C 202 -1.30 51.53 -26.39
N SER C 203 -1.45 51.78 -25.09
CA SER C 203 -0.55 52.67 -24.39
C SER C 203 0.85 52.05 -24.30
N SER C 204 1.86 52.88 -24.52
CA SER C 204 3.25 52.46 -24.40
C SER C 204 3.81 52.65 -23.00
N LEU C 205 3.12 53.40 -22.14
CA LEU C 205 3.62 53.64 -20.79
C LEU C 205 3.45 52.41 -19.92
N TRP C 206 2.31 51.73 -20.02
CA TRP C 206 2.00 50.56 -19.19
C TRP C 206 1.97 49.33 -20.09
N LYS C 207 2.82 48.35 -19.77
CA LYS C 207 2.89 47.14 -20.59
C LYS C 207 1.67 46.27 -20.40
N LYS C 208 1.16 46.19 -19.17
CA LYS C 208 0.02 45.36 -18.85
C LYS C 208 -1.26 46.18 -18.89
N HIS C 209 -2.40 45.51 -18.72
CA HIS C 209 -3.70 46.15 -18.67
C HIS C 209 -4.28 45.98 -17.26
N GLY C 210 -4.96 47.02 -16.78
CA GLY C 210 -5.39 47.05 -15.40
C GLY C 210 -6.82 46.62 -15.13
N PHE C 211 -7.64 46.48 -16.18
CA PHE C 211 -9.03 46.11 -15.98
C PHE C 211 -9.55 45.38 -17.21
N PHE C 212 -10.60 44.59 -16.98
CA PHE C 212 -11.24 43.84 -18.05
C PHE C 212 -12.20 44.72 -18.83
N LEU C 213 -12.78 44.14 -19.89
CA LEU C 213 -13.81 44.84 -20.64
C LEU C 213 -15.07 45.03 -19.80
N SER C 214 -15.37 44.05 -18.94
CA SER C 214 -16.58 44.14 -18.14
C SER C 214 -16.53 45.30 -17.15
N GLU C 215 -15.34 45.62 -16.65
CA GLU C 215 -15.17 46.69 -15.68
C GLU C 215 -14.92 48.04 -16.33
N LYS C 216 -15.09 48.17 -17.64
CA LYS C 216 -14.77 49.41 -18.33
C LYS C 216 -15.62 50.57 -17.81
N ASP C 217 -16.93 50.32 -17.65
CA ASP C 217 -17.82 51.37 -17.16
C ASP C 217 -17.48 51.75 -15.72
N VAL C 218 -17.15 50.75 -14.90
CA VAL C 218 -16.79 51.02 -13.51
C VAL C 218 -15.54 51.89 -13.43
N VAL C 219 -14.52 51.55 -14.25
CA VAL C 219 -13.29 52.32 -14.24
C VAL C 219 -13.53 53.73 -14.77
N GLN C 220 -14.41 53.85 -15.77
CA GLN C 220 -14.77 55.17 -16.27
C GLN C 220 -15.42 56.02 -15.17
N ASP C 221 -16.31 55.40 -14.40
CA ASP C 221 -16.95 56.10 -13.28
C ASP C 221 -15.91 56.53 -12.24
N ILE C 222 -14.96 55.63 -11.94
CA ILE C 222 -13.92 55.94 -10.97
C ILE C 222 -13.08 57.13 -11.46
N TRP C 223 -12.72 57.13 -12.74
CA TRP C 223 -11.96 58.24 -13.29
C TRP C 223 -12.76 59.53 -13.24
N ASN C 224 -14.05 59.46 -13.54
CA ASN C 224 -14.90 60.66 -13.49
C ASN C 224 -15.02 61.21 -12.08
N ASN C 225 -15.08 60.36 -11.07
CA ASN C 225 -15.28 60.80 -9.69
C ASN C 225 -13.97 61.10 -8.97
N THR C 226 -12.82 60.95 -9.63
CA THR C 226 -11.54 61.23 -9.00
C THR C 226 -10.66 62.16 -9.82
N GLY C 227 -11.11 62.63 -10.98
CA GLY C 227 -10.31 63.52 -11.80
C GLY C 227 -9.21 62.85 -12.58
N LEU C 228 -9.13 61.52 -12.58
CA LEU C 228 -8.14 60.80 -13.34
C LEU C 228 -8.66 60.52 -14.75
N SER C 229 -7.83 59.91 -15.57
CA SER C 229 -8.20 59.54 -16.93
C SER C 229 -7.33 58.36 -17.35
N GLU C 230 -7.59 57.85 -18.55
CA GLU C 230 -6.84 56.71 -19.05
C GLU C 230 -5.37 57.05 -19.22
N GLY C 231 -4.50 56.18 -18.72
CA GLY C 231 -3.08 56.35 -18.78
C GLY C 231 -2.49 57.11 -17.60
N VAL C 232 -3.34 57.80 -16.84
CA VAL C 232 -2.89 58.54 -15.67
C VAL C 232 -3.10 57.68 -14.43
N ARG C 233 -2.03 57.53 -13.65
CA ARG C 233 -2.04 56.66 -12.49
C ARG C 233 -2.22 57.49 -11.22
N HIS C 234 -2.96 56.94 -10.26
CA HIS C 234 -3.17 57.64 -9.01
C HIS C 234 -1.84 57.84 -8.29
N PRO C 235 -1.62 58.99 -7.65
CA PRO C 235 -0.31 59.22 -7.01
C PRO C 235 0.04 58.20 -5.95
N PHE C 236 -0.94 57.69 -5.21
CA PHE C 236 -0.67 56.71 -4.18
C PHE C 236 -0.42 55.31 -4.76
N THR C 237 -0.81 55.08 -6.01
CA THR C 237 -0.50 53.80 -6.64
C THR C 237 1.01 53.64 -6.81
N TYR C 238 1.71 54.73 -7.10
CA TYR C 238 3.17 54.67 -7.16
C TYR C 238 3.76 54.26 -5.82
N ILE C 239 3.23 54.82 -4.73
CA ILE C 239 3.72 54.46 -3.40
C ILE C 239 3.44 52.99 -3.10
N MET C 240 2.24 52.52 -3.43
CA MET C 240 1.89 51.13 -3.19
C MET C 240 2.79 50.19 -4.01
N GLU C 241 3.03 50.53 -5.27
CA GLU C 241 3.89 49.71 -6.10
C GLU C 241 5.32 49.69 -5.60
N ALA C 242 5.84 50.85 -5.16
CA ALA C 242 7.19 50.89 -4.60
C ALA C 242 7.28 50.05 -3.33
N CYS C 243 6.27 50.14 -2.47
CA CYS C 243 6.28 49.34 -1.25
C CYS C 243 6.22 47.85 -1.57
N ASP C 244 5.40 47.48 -2.55
CA ASP C 244 5.32 46.07 -2.96
C ASP C 244 6.66 45.60 -3.50
N ASP C 245 7.31 46.42 -4.32
CA ASP C 245 8.62 46.05 -4.88
C ASP C 245 9.64 45.86 -3.77
N ILE C 246 9.72 46.82 -2.85
CA ILE C 246 10.68 46.78 -1.75
C ILE C 246 10.43 45.53 -0.93
N ALA C 247 9.17 45.30 -0.56
CA ALA C 247 8.83 44.17 0.30
C ALA C 247 9.19 42.85 -0.36
N TYR C 248 8.76 42.64 -1.60
CA TYR C 248 9.02 41.35 -2.22
C TYR C 248 10.52 41.16 -2.46
N SER C 249 11.21 42.21 -2.92
CA SER C 249 12.63 42.09 -3.22
C SER C 249 13.45 41.77 -1.98
N VAL C 250 13.14 42.41 -0.85
CA VAL C 250 13.93 42.17 0.35
C VAL C 250 13.53 40.85 1.01
N LEU C 251 12.24 40.60 1.18
CA LEU C 251 11.80 39.42 1.90
C LEU C 251 11.98 38.14 1.10
N ASP C 252 12.00 38.20 -0.24
CA ASP C 252 12.34 37.01 -1.00
C ASP C 252 13.80 36.64 -0.82
N ALA C 253 14.69 37.63 -0.75
CA ALA C 253 16.09 37.35 -0.42
C ALA C 253 16.20 36.76 0.97
N GLU C 254 15.45 37.31 1.92
CA GLU C 254 15.45 36.75 3.28
C GLU C 254 14.99 35.30 3.28
N ASP C 255 13.93 35.00 2.52
CA ASP C 255 13.42 33.64 2.44
C ASP C 255 14.41 32.72 1.74
N ILE C 256 15.13 33.23 0.75
CA ILE C 256 16.16 32.43 0.07
C ILE C 256 17.25 32.05 1.07
N ILE C 257 17.70 33.02 1.86
CA ILE C 257 18.72 32.74 2.86
C ILE C 257 18.21 31.75 3.90
N LYS C 258 16.97 31.95 4.36
CA LYS C 258 16.40 31.06 5.37
C LYS C 258 16.26 29.63 4.83
N LYS C 259 15.85 29.48 3.57
CA LYS C 259 15.64 28.17 2.99
C LYS C 259 16.93 27.45 2.64
N GLY C 260 18.07 28.12 2.76
CA GLY C 260 19.35 27.49 2.50
C GLY C 260 19.80 27.54 1.06
N PHE C 261 19.04 28.18 0.16
CA PHE C 261 19.46 28.28 -1.23
C PHE C 261 20.65 29.21 -1.41
N ALA C 262 20.95 30.03 -0.41
CA ALA C 262 22.12 30.91 -0.43
C ALA C 262 22.48 31.23 1.01
N SER C 263 23.49 32.09 1.18
CA SER C 263 23.94 32.48 2.50
C SER C 263 24.07 34.00 2.54
N PHE C 264 24.17 34.52 3.77
CA PHE C 264 24.32 35.96 3.95
C PHE C 264 25.57 36.49 3.28
N HIS C 265 26.68 35.75 3.39
CA HIS C 265 27.90 36.15 2.71
C HIS C 265 27.73 36.12 1.20
N ASP C 266 26.95 35.18 0.68
CA ASP C 266 26.68 35.15 -0.75
C ASP C 266 25.96 36.42 -1.19
N LEU C 267 24.95 36.86 -0.43
CA LEU C 267 24.24 38.08 -0.76
C LEU C 267 25.16 39.30 -0.66
N ILE C 268 26.01 39.33 0.38
CA ILE C 268 26.93 40.46 0.53
C ILE C 268 27.87 40.53 -0.65
N ASP C 269 28.43 39.39 -1.06
CA ASP C 269 29.33 39.36 -2.20
C ASP C 269 28.60 39.74 -3.49
N PHE C 270 27.37 39.29 -3.65
CA PHE C 270 26.61 39.63 -4.85
C PHE C 270 26.37 41.13 -4.94
N ILE C 271 26.02 41.75 -3.81
CA ILE C 271 25.77 43.19 -3.82
C ILE C 271 27.07 43.96 -4.04
N GLN C 272 28.16 43.52 -3.39
CA GLN C 272 29.43 44.22 -3.53
C GLN C 272 29.96 44.12 -4.96
N SER C 273 29.84 42.97 -5.58
CA SER C 273 30.35 42.74 -6.93
C SER C 273 29.36 43.15 -8.01
N ASN C 274 28.17 43.63 -7.65
CA ASN C 274 27.22 44.09 -8.64
C ASN C 274 27.74 45.32 -9.35
N GLN C 275 27.50 45.40 -10.66
CA GLN C 275 28.07 46.48 -11.45
C GLN C 275 27.55 47.84 -11.01
N PHE C 276 26.25 47.96 -10.77
CA PHE C 276 25.65 49.24 -10.40
C PHE C 276 25.71 49.51 -8.91
N CYS C 277 25.99 48.52 -8.08
CA CYS C 277 26.02 48.69 -6.63
C CYS C 277 27.43 48.90 -6.09
N LYS C 278 28.45 48.94 -6.95
CA LYS C 278 29.81 49.16 -6.48
C LYS C 278 29.99 50.58 -5.97
N GLU C 279 29.25 51.55 -6.52
CA GLU C 279 29.39 52.94 -6.14
C GLU C 279 28.11 53.54 -5.59
N ASP C 280 27.04 52.77 -5.44
CA ASP C 280 25.79 53.30 -4.91
C ASP C 280 25.95 53.59 -3.41
N ASP C 281 25.55 54.79 -3.01
CA ASP C 281 25.69 55.17 -1.61
C ASP C 281 24.81 54.33 -0.70
N VAL C 282 23.57 54.07 -1.11
CA VAL C 282 22.65 53.30 -0.27
C VAL C 282 23.18 51.88 -0.07
N ALA C 283 23.63 51.25 -1.16
CA ALA C 283 24.18 49.91 -1.05
C ALA C 283 25.42 49.89 -0.18
N LYS C 284 26.29 50.88 -0.33
CA LYS C 284 27.49 50.95 0.49
C LYS C 284 27.15 51.07 1.97
N ARG C 285 26.18 51.94 2.30
CA ARG C 285 25.79 52.10 3.69
C ARG C 285 25.19 50.83 4.25
N VAL C 286 24.34 50.16 3.46
CA VAL C 286 23.73 48.92 3.91
C VAL C 286 24.80 47.86 4.17
N ILE C 287 25.76 47.73 3.25
CA ILE C 287 26.83 46.75 3.42
C ILE C 287 27.66 47.06 4.66
N GLU C 288 27.99 48.35 4.85
CA GLU C 288 28.80 48.73 6.02
C GLU C 288 28.06 48.40 7.32
N ASN C 289 26.78 48.75 7.39
CA ASN C 289 26.02 48.45 8.60
C ASN C 289 25.92 46.95 8.84
N CYS C 290 25.69 46.19 7.77
CA CYS C 290 25.58 44.73 7.92
C CYS C 290 26.88 44.13 8.41
N LYS C 291 28.02 44.56 7.86
CA LYS C 291 29.29 44.05 8.32
C LYS C 291 29.59 44.45 9.76
N LYS C 292 29.25 45.69 10.12
CA LYS C 292 29.48 46.15 11.48
C LYS C 292 28.68 45.33 12.48
N ILE C 293 27.41 45.05 12.16
CA ILE C 293 26.61 44.24 13.07
C ILE C 293 27.06 42.78 13.04
N HIS C 294 27.54 42.30 11.89
CA HIS C 294 27.94 40.90 11.77
C HIS C 294 29.20 40.62 12.59
N ALA C 295 30.11 41.58 12.67
CA ALA C 295 31.29 41.39 13.51
C ALA C 295 30.87 41.18 14.97
N ASP C 296 29.99 42.05 15.48
CA ASP C 296 29.54 41.92 16.86
C ASP C 296 28.79 40.62 17.09
N TYR C 297 27.97 40.22 16.12
CA TYR C 297 27.25 38.95 16.26
C TYR C 297 28.21 37.78 16.27
N ALA C 298 29.26 37.83 15.44
CA ALA C 298 30.27 36.79 15.44
C ALA C 298 31.04 36.76 16.76
N GLN C 299 31.13 37.91 17.45
CA GLN C 299 31.74 37.91 18.77
C GLN C 299 30.98 37.01 19.74
N GLN C 300 29.64 37.02 19.66
CA GLN C 300 28.85 36.13 20.49
C GLN C 300 28.97 34.69 20.00
N LYS C 301 28.31 33.78 20.71
CA LYS C 301 28.29 32.37 20.35
C LYS C 301 26.96 32.07 19.66
N LEU C 302 27.03 31.62 18.41
CA LEU C 302 25.84 31.33 17.62
C LEU C 302 26.15 30.22 16.63
N SER C 303 25.14 29.41 16.33
CA SER C 303 25.27 28.41 15.29
C SER C 303 25.33 29.10 13.93
N PRO C 304 25.93 28.45 12.92
CA PRO C 304 25.99 29.08 11.60
C PRO C 304 24.64 29.48 11.04
N ALA C 305 23.62 28.64 11.25
CA ALA C 305 22.28 29.00 10.79
C ALA C 305 21.75 30.21 11.55
N GLU C 306 22.00 30.27 12.86
CA GLU C 306 21.54 31.40 13.65
C GLU C 306 22.27 32.68 13.26
N LEU C 307 23.57 32.59 13.00
CA LEU C 307 24.32 33.75 12.53
C LEU C 307 23.80 34.23 11.19
N ASN C 308 23.51 33.29 10.28
CA ASN C 308 22.93 33.64 8.99
C ASN C 308 21.60 34.35 9.18
N ASP C 309 20.76 33.82 10.08
CA ASP C 309 19.44 34.39 10.30
C ASP C 309 19.54 35.81 10.86
N MET C 310 20.42 36.02 11.84
CA MET C 310 20.58 37.35 12.42
C MET C 310 21.14 38.35 11.41
N SER C 311 22.13 37.93 10.64
CA SER C 311 22.69 38.81 9.63
C SER C 311 21.63 39.17 8.58
N MET C 312 20.84 38.19 8.17
CA MET C 312 19.75 38.45 7.22
C MET C 312 18.71 39.39 7.82
N GLN C 313 18.38 39.22 9.09
CA GLN C 313 17.41 40.10 9.74
C GLN C 313 17.91 41.54 9.76
N MET C 314 19.18 41.73 10.12
CA MET C 314 19.73 43.07 10.17
C MET C 314 19.83 43.67 8.77
N PHE C 315 20.19 42.86 7.77
CA PHE C 315 20.19 43.34 6.40
C PHE C 315 18.79 43.77 5.98
N ARG C 316 17.77 42.99 6.34
CA ARG C 316 16.40 43.37 6.02
C ARG C 316 16.05 44.69 6.67
N VAL C 317 16.41 44.87 7.94
CA VAL C 317 16.09 46.11 8.64
C VAL C 317 16.73 47.30 7.93
N TYR C 318 18.04 47.23 7.68
CA TYR C 318 18.74 48.36 7.08
C TYR C 318 18.30 48.63 5.66
N ALA C 319 18.13 47.59 4.84
CA ALA C 319 17.70 47.76 3.46
C ALA C 319 16.30 48.34 3.39
N ILE C 320 15.39 47.84 4.23
CA ILE C 320 14.02 48.36 4.23
C ILE C 320 14.01 49.82 4.64
N ALA C 321 14.78 50.16 5.68
CA ALA C 321 14.83 51.56 6.12
C ALA C 321 15.35 52.46 5.01
N GLU C 322 16.47 52.07 4.39
CA GLU C 322 17.05 52.91 3.34
C GLU C 322 16.11 53.05 2.14
N LEU C 323 15.52 51.93 1.71
CA LEU C 323 14.64 51.98 0.54
C LEU C 323 13.39 52.79 0.83
N VAL C 324 12.80 52.65 2.02
CA VAL C 324 11.62 53.42 2.36
C VAL C 324 11.94 54.91 2.42
N ASP C 325 13.08 55.26 3.01
CA ASP C 325 13.46 56.67 3.07
C ASP C 325 13.69 57.23 1.67
N ALA C 326 14.36 56.46 0.80
CA ALA C 326 14.60 56.92 -0.56
C ALA C 326 13.29 57.09 -1.31
N VAL C 327 12.35 56.16 -1.14
CA VAL C 327 11.07 56.25 -1.82
C VAL C 327 10.28 57.46 -1.35
N VAL C 328 10.29 57.71 -0.04
CA VAL C 328 9.58 58.87 0.50
C VAL C 328 10.20 60.16 -0.04
N ILE C 329 11.53 60.24 -0.07
CA ILE C 329 12.18 61.44 -0.58
C ILE C 329 11.86 61.65 -2.06
N ALA C 330 11.88 60.56 -2.84
CA ALA C 330 11.57 60.68 -4.27
C ALA C 330 10.13 61.13 -4.48
N PHE C 331 9.20 60.58 -3.72
CA PHE C 331 7.80 61.00 -3.86
C PHE C 331 7.63 62.45 -3.47
N LYS C 332 8.29 62.89 -2.40
CA LYS C 332 8.18 64.29 -2.00
C LYS C 332 8.77 65.22 -3.05
N ASP C 333 9.91 64.84 -3.64
CA ASP C 333 10.55 65.71 -4.61
C ASP C 333 9.75 65.82 -5.91
N ASN C 334 9.19 64.70 -6.38
CA ASN C 334 8.46 64.65 -7.64
C ASN C 334 6.95 64.70 -7.43
N ILE C 335 6.48 65.39 -6.39
CA ILE C 335 5.05 65.42 -6.12
C ILE C 335 4.31 66.20 -7.19
N ASN C 336 4.90 67.28 -7.69
CA ASN C 336 4.24 68.07 -8.73
C ASN C 336 4.09 67.26 -10.01
N GLU C 337 5.11 66.50 -10.39
CA GLU C 337 5.01 65.65 -11.58
C GLU C 337 3.96 64.56 -11.39
N PHE C 338 3.89 63.98 -10.19
CA PHE C 338 2.88 62.95 -9.94
C PHE C 338 1.47 63.53 -10.01
N LEU C 339 1.27 64.73 -9.48
CA LEU C 339 -0.03 65.38 -9.54
C LEU C 339 -0.34 65.95 -10.92
N ASN C 340 0.64 65.97 -11.82
CA ASN C 340 0.39 66.46 -13.17
C ASN C 340 -0.55 65.53 -13.92
N ASP C 341 -1.42 66.11 -14.73
CA ASP C 341 -2.40 65.33 -15.48
C ASP C 341 -1.76 64.47 -16.56
N THR C 342 -0.50 64.71 -16.91
CA THR C 342 0.20 63.97 -17.94
C THR C 342 1.47 63.34 -17.39
N CYS C 343 1.37 62.72 -16.21
CA CYS C 343 2.53 62.08 -15.60
C CYS C 343 2.97 60.88 -16.43
N GLU C 344 4.29 60.75 -16.61
CA GLU C 344 4.85 59.66 -17.40
C GLU C 344 5.93 58.90 -16.63
N ILE C 345 5.91 58.96 -15.31
CA ILE C 345 6.88 58.24 -14.50
C ILE C 345 6.48 56.77 -14.44
N LYS C 346 7.42 55.89 -14.78
CA LYS C 346 7.10 54.46 -14.81
C LYS C 346 6.97 53.88 -13.41
N ASP C 347 7.89 54.25 -12.51
CA ASP C 347 7.85 53.74 -11.14
C ASP C 347 8.55 54.73 -10.22
N LEU C 348 8.21 54.65 -8.94
CA LEU C 348 8.79 55.54 -7.94
C LEU C 348 10.22 55.16 -7.58
N ILE C 349 10.53 53.86 -7.58
CA ILE C 349 11.87 53.41 -7.16
C ILE C 349 12.92 53.93 -8.14
N SER C 350 12.63 53.86 -9.44
CA SER C 350 13.60 54.30 -10.44
C SER C 350 13.93 55.78 -10.31
N CYS C 351 13.05 56.57 -9.70
CA CYS C 351 13.32 57.98 -9.46
C CYS C 351 14.01 58.23 -8.12
N SER C 352 14.21 57.19 -7.32
CA SER C 352 14.82 57.33 -6.00
C SER C 352 16.28 56.91 -6.05
N SER C 353 16.96 57.03 -4.91
CA SER C 353 18.35 56.64 -4.78
C SER C 353 18.53 55.18 -4.44
N GLY C 354 17.44 54.46 -4.16
CA GLY C 354 17.52 53.04 -3.85
C GLY C 354 17.23 52.17 -5.05
N LYS C 355 17.30 52.76 -6.24
CA LYS C 355 17.01 52.02 -7.46
C LYS C 355 18.00 50.88 -7.68
N ASN C 356 19.29 51.18 -7.53
CA ASN C 356 20.32 50.17 -7.79
C ASN C 356 20.23 49.02 -6.80
N LEU C 357 20.02 49.34 -5.51
CA LEU C 357 19.92 48.28 -4.51
C LEU C 357 18.72 47.38 -4.77
N CYS C 358 17.56 47.97 -5.08
CA CYS C 358 16.38 47.17 -5.35
C CYS C 358 16.56 46.31 -6.60
N GLN C 359 17.17 46.88 -7.65
CA GLN C 359 17.41 46.12 -8.86
C GLN C 359 18.36 44.95 -8.61
N ALA C 360 19.41 45.18 -7.83
CA ALA C 360 20.35 44.11 -7.50
C ALA C 360 19.67 43.04 -6.66
N LEU C 361 18.80 43.44 -5.73
CA LEU C 361 18.07 42.46 -4.93
C LEU C 361 17.14 41.63 -5.81
N LYS C 362 16.48 42.26 -6.78
CA LYS C 362 15.63 41.52 -7.70
C LYS C 362 16.45 40.53 -8.52
N LYS C 363 17.62 40.96 -8.99
CA LYS C 363 18.47 40.05 -9.75
C LYS C 363 18.92 38.88 -8.90
N PHE C 364 19.29 39.15 -7.64
CA PHE C 364 19.69 38.07 -6.74
C PHE C 364 18.55 37.09 -6.49
N ASP C 365 17.34 37.61 -6.28
CA ASP C 365 16.19 36.74 -6.06
C ASP C 365 15.91 35.89 -7.30
N SER C 366 16.01 36.48 -8.48
CA SER C 366 15.79 35.73 -9.71
C SER C 366 16.84 34.64 -9.89
N SER C 367 18.11 34.97 -9.66
CA SER C 367 19.17 34.00 -9.91
C SER C 367 19.17 32.88 -8.88
N ARG C 368 18.87 33.20 -7.62
CA ARG C 368 18.98 32.20 -6.56
C ARG C 368 17.66 31.51 -6.25
N GLY C 369 16.56 32.26 -6.19
CA GLY C 369 15.31 31.67 -5.76
C GLY C 369 14.30 31.35 -6.84
N TYR C 370 14.09 32.26 -7.78
CA TYR C 370 13.08 32.05 -8.80
C TYR C 370 13.47 30.98 -9.80
N GLN C 371 14.77 30.85 -10.08
CA GLN C 371 15.27 29.84 -11.00
C GLN C 371 15.80 28.60 -10.30
N HIS C 372 15.52 28.44 -9.01
CA HIS C 372 15.93 27.22 -8.32
C HIS C 372 15.20 26.01 -8.87
N ARG C 373 15.85 24.86 -8.79
CA ARG C 373 15.30 23.64 -9.37
C ARG C 373 13.97 23.26 -8.73
N SER C 374 13.88 23.33 -7.40
CA SER C 374 12.64 22.98 -6.73
C SER C 374 11.51 23.93 -7.10
N VAL C 375 11.82 25.23 -7.19
CA VAL C 375 10.81 26.21 -7.56
C VAL C 375 10.33 25.96 -8.98
N LEU C 376 11.24 25.65 -9.90
CA LEU C 376 10.84 25.36 -11.28
C LEU C 376 9.97 24.11 -11.36
N LYS C 377 10.32 23.07 -10.60
CA LYS C 377 9.51 21.85 -10.60
C LYS C 377 8.12 22.12 -10.05
N LEU C 378 8.04 22.88 -8.96
CA LEU C 378 6.73 23.24 -8.40
C LEU C 378 5.92 24.08 -9.37
N GLU C 379 6.58 24.99 -10.09
CA GLU C 379 5.89 25.79 -11.09
C GLU C 379 5.32 24.92 -12.19
N LEU C 380 6.11 23.96 -12.66
CA LEU C 380 5.61 23.05 -13.69
C LEU C 380 4.43 22.24 -13.18
N GLU C 381 4.50 21.75 -11.95
CA GLU C 381 3.39 21.00 -11.38
C GLU C 381 2.13 21.86 -11.27
N GLY C 382 2.28 23.10 -10.82
CA GLY C 382 1.14 24.00 -10.75
C GLY C 382 0.56 24.30 -12.11
N SER C 383 1.42 24.48 -13.11
CA SER C 383 0.94 24.72 -14.47
C SER C 383 0.14 23.52 -14.99
N ASN C 384 0.64 22.31 -14.74
CA ASN C 384 -0.09 21.12 -15.16
C ASN C 384 -1.44 21.04 -14.46
N TYR C 385 -1.46 21.27 -13.15
CA TYR C 385 -2.72 21.25 -12.40
C TYR C 385 -3.71 22.26 -12.96
N ILE C 386 -3.25 23.49 -13.16
CA ILE C 386 -4.14 24.56 -13.61
C ILE C 386 -4.68 24.26 -14.99
N LYS C 387 -3.80 23.82 -15.92
CA LYS C 387 -4.26 23.55 -17.27
C LYS C 387 -5.23 22.38 -17.32
N GLY C 388 -4.96 21.32 -16.55
CA GLY C 388 -5.89 20.20 -16.51
C GLY C 388 -7.25 20.60 -15.96
N LEU C 389 -7.26 21.35 -14.85
CA LEU C 389 -8.52 21.79 -14.28
C LEU C 389 -9.25 22.72 -15.23
N MET C 390 -8.52 23.57 -15.95
CA MET C 390 -9.16 24.46 -16.90
C MET C 390 -9.78 23.69 -18.05
N ASP C 391 -9.11 22.66 -18.55
CA ASP C 391 -9.71 21.82 -19.58
C ASP C 391 -10.99 21.15 -19.08
N MET C 392 -10.92 20.60 -17.86
CA MET C 392 -12.08 19.93 -17.29
C MET C 392 -13.26 20.88 -17.11
N LEU C 393 -13.00 22.09 -16.62
CA LEU C 393 -14.07 23.06 -16.44
C LEU C 393 -14.60 23.55 -17.79
N TRP C 394 -13.72 23.76 -18.76
CA TRP C 394 -14.15 24.18 -20.09
C TRP C 394 -15.03 23.13 -20.74
N LEU C 395 -14.85 21.86 -20.40
CA LEU C 395 -15.75 20.83 -20.90
C LEU C 395 -17.19 21.13 -20.52
N GLY C 396 -17.42 21.73 -19.36
CA GLY C 396 -18.75 22.05 -18.90
C GLY C 396 -19.17 23.49 -19.01
N ILE C 397 -18.38 24.33 -19.69
CA ILE C 397 -18.69 25.75 -19.81
C ILE C 397 -18.90 26.17 -21.26
N LYS C 398 -18.07 25.68 -22.19
CA LYS C 398 -18.15 26.12 -23.56
C LYS C 398 -19.52 25.79 -24.16
N GLY C 399 -20.11 26.78 -24.82
CA GLY C 399 -21.42 26.63 -25.42
C GLY C 399 -22.58 26.97 -24.50
N ARG C 400 -22.33 27.18 -23.21
CA ARG C 400 -23.41 27.50 -22.28
C ARG C 400 -24.08 28.82 -22.63
N ALA C 401 -23.32 29.76 -23.19
CA ALA C 401 -23.86 31.06 -23.57
C ALA C 401 -24.01 31.24 -25.07
N THR C 402 -23.15 30.60 -25.88
CA THR C 402 -23.24 30.75 -27.32
C THR C 402 -24.50 30.08 -27.87
N GLY C 403 -24.83 28.89 -27.38
CA GLY C 403 -26.01 28.19 -27.84
C GLY C 403 -25.80 26.71 -28.06
N ASP C 404 -24.55 26.29 -28.24
CA ASP C 404 -24.25 24.88 -28.42
C ASP C 404 -24.56 24.10 -27.15
N THR C 405 -24.89 22.83 -27.31
CA THR C 405 -25.30 21.97 -26.21
C THR C 405 -24.29 20.84 -26.00
N GLN C 406 -23.01 21.13 -26.20
CA GLN C 406 -21.97 20.15 -25.96
C GLN C 406 -21.66 19.95 -24.47
N TYR C 407 -22.24 20.79 -23.61
CA TYR C 407 -22.01 20.72 -22.17
C TYR C 407 -23.02 19.83 -21.45
N ASP C 408 -24.00 19.29 -22.16
CA ASP C 408 -25.14 18.63 -21.51
C ASP C 408 -24.80 17.26 -20.96
N THR C 409 -23.55 16.81 -21.07
CA THR C 409 -23.17 15.55 -20.48
C THR C 409 -23.24 15.64 -18.96
N PRO C 410 -23.47 14.51 -18.27
CA PRO C 410 -23.53 14.56 -16.80
C PRO C 410 -22.28 15.13 -16.16
N PHE C 411 -21.11 14.80 -16.71
CA PHE C 411 -19.88 15.38 -16.19
C PHE C 411 -19.87 16.89 -16.38
N GLY C 412 -20.35 17.36 -17.53
CA GLY C 412 -20.40 18.80 -17.74
C GLY C 412 -21.32 19.51 -16.77
N ARG C 413 -22.49 18.93 -16.51
CA ARG C 413 -23.42 19.53 -15.57
C ARG C 413 -22.84 19.54 -14.16
N TYR C 414 -22.20 18.43 -13.75
CA TYR C 414 -21.58 18.40 -12.43
C TYR C 414 -20.47 19.43 -12.31
N VAL C 415 -19.64 19.55 -13.35
CA VAL C 415 -18.54 20.51 -13.35
C VAL C 415 -19.08 21.93 -13.25
N TYR C 416 -20.14 22.23 -13.99
CA TYR C 416 -20.76 23.54 -13.89
C TYR C 416 -21.29 23.79 -12.48
N GLY C 417 -21.93 22.77 -11.89
CA GLY C 417 -22.42 22.92 -10.54
C GLY C 417 -21.33 23.09 -9.50
N ARG C 418 -20.12 22.62 -9.80
CA ARG C 418 -19.02 22.74 -8.85
C ARG C 418 -18.48 24.17 -8.76
N ILE C 419 -18.71 25.00 -9.78
CA ILE C 419 -18.24 26.37 -9.74
C ILE C 419 -19.03 27.16 -8.70
N SER C 420 -18.39 28.15 -8.10
CA SER C 420 -19.02 28.95 -7.05
C SER C 420 -20.26 29.64 -7.59
N GLU C 421 -21.27 29.77 -6.72
CA GLU C 421 -22.57 30.26 -7.15
C GLU C 421 -22.53 31.71 -7.64
N ASN C 422 -21.72 32.56 -7.01
CA ASN C 422 -21.69 33.96 -7.40
C ASN C 422 -21.15 34.12 -8.82
N TYR C 423 -20.10 33.36 -9.17
CA TYR C 423 -19.56 33.42 -10.52
C TYR C 423 -20.58 32.99 -11.55
N ARG C 424 -21.30 31.90 -11.27
CA ARG C 424 -22.33 31.44 -12.19
C ARG C 424 -23.47 32.45 -12.29
N ARG C 425 -23.83 33.08 -11.19
CA ARG C 425 -24.90 34.08 -11.21
C ARG C 425 -24.51 35.28 -12.06
N ILE C 426 -23.26 35.72 -11.94
CA ILE C 426 -22.77 36.81 -12.80
C ILE C 426 -22.75 36.36 -14.26
N PHE C 427 -22.32 35.12 -14.52
CA PHE C 427 -22.23 34.64 -15.89
C PHE C 427 -23.60 34.54 -16.53
N GLU C 428 -24.61 34.09 -15.78
CA GLU C 428 -25.96 33.95 -16.33
C GLU C 428 -26.70 35.26 -16.47
N GLN C 429 -26.19 36.34 -15.90
CA GLN C 429 -26.83 37.64 -16.02
C GLN C 429 -26.79 38.11 -17.48
N GLU C 430 -27.87 38.78 -17.89
CA GLU C 430 -28.00 39.27 -19.25
C GLU C 430 -27.34 40.64 -19.35
N ASN C 431 -26.24 40.72 -20.09
CA ASN C 431 -25.51 41.98 -20.28
C ASN C 431 -25.11 42.06 -21.74
N ASN C 432 -24.28 43.06 -22.06
CA ASN C 432 -23.86 43.32 -23.43
C ASN C 432 -22.55 42.63 -23.80
N LEU C 433 -21.96 41.85 -22.90
CA LEU C 433 -20.71 41.18 -23.20
C LEU C 433 -20.95 40.04 -24.21
N PRO C 434 -19.98 39.78 -25.08
CA PRO C 434 -20.10 38.64 -25.99
C PRO C 434 -20.15 37.32 -25.22
N ALA C 435 -20.86 36.35 -25.80
CA ALA C 435 -21.07 35.07 -25.12
C ALA C 435 -19.77 34.35 -24.84
N CYS C 436 -18.87 34.30 -25.84
CA CYS C 436 -17.58 33.67 -25.63
C CYS C 436 -16.78 34.39 -24.56
N TYR C 437 -16.85 35.73 -24.56
CA TYR C 437 -16.20 36.50 -23.52
C TYR C 437 -16.77 36.16 -22.14
N LYS C 438 -18.09 36.00 -22.05
CA LYS C 438 -18.70 35.64 -20.78
C LYS C 438 -18.24 34.28 -20.30
N GLU C 439 -18.16 33.30 -21.20
CA GLU C 439 -17.69 31.97 -20.82
C GLU C 439 -16.25 32.00 -20.34
N ALA C 440 -15.39 32.70 -21.09
CA ALA C 440 -13.98 32.79 -20.70
C ALA C 440 -13.84 33.52 -19.36
N GLN C 441 -14.62 34.57 -19.15
CA GLN C 441 -14.58 35.29 -17.89
C GLN C 441 -15.04 34.42 -16.73
N LEU C 442 -16.08 33.59 -16.95
CA LEU C 442 -16.51 32.67 -15.92
C LEU C 442 -15.41 31.70 -15.55
N LEU C 443 -14.73 31.15 -16.56
CA LEU C 443 -13.64 30.21 -16.27
C LEU C 443 -12.51 30.91 -15.52
N ALA C 444 -12.15 32.13 -15.94
CA ALA C 444 -11.07 32.86 -15.27
C ALA C 444 -11.43 33.19 -13.84
N ASP C 445 -12.68 33.60 -13.60
CA ASP C 445 -13.12 33.89 -12.24
C ASP C 445 -13.09 32.64 -11.38
N ALA C 446 -13.51 31.50 -11.94
CA ALA C 446 -13.49 30.26 -11.19
C ALA C 446 -12.07 29.88 -10.79
N ILE C 447 -11.14 29.90 -11.74
CA ILE C 447 -9.78 29.46 -11.43
C ILE C 447 -9.06 30.44 -10.53
N SER C 448 -9.24 31.74 -10.76
CA SER C 448 -8.45 32.75 -10.05
C SER C 448 -8.76 32.75 -8.56
N GLY C 449 -10.01 32.50 -8.18
CA GLY C 449 -10.38 32.52 -6.79
C GLY C 449 -9.95 31.32 -5.98
N MET C 450 -9.40 30.30 -6.64
CA MET C 450 -9.01 29.07 -5.97
C MET C 450 -7.66 29.22 -5.29
N THR C 451 -7.44 28.43 -4.26
CA THR C 451 -6.14 28.31 -3.61
C THR C 451 -5.43 27.06 -4.10
N ASP C 452 -4.17 26.91 -3.69
CA ASP C 452 -3.37 25.78 -4.14
C ASP C 452 -3.99 24.46 -3.72
N SER C 453 -4.29 24.31 -2.43
CA SER C 453 -4.85 23.07 -1.93
C SER C 453 -6.22 22.80 -2.54
N TYR C 454 -7.07 23.83 -2.60
CA TYR C 454 -8.40 23.65 -3.17
C TYR C 454 -8.32 23.29 -4.65
N LEU C 455 -7.43 23.95 -5.40
CA LEU C 455 -7.29 23.64 -6.81
C LEU C 455 -6.81 22.21 -7.01
N ILE C 456 -5.83 21.78 -6.22
CA ILE C 456 -5.33 20.41 -6.36
C ILE C 456 -6.40 19.40 -6.02
N ALA C 457 -7.15 19.65 -4.94
CA ALA C 457 -8.21 18.72 -4.54
C ALA C 457 -9.30 18.63 -5.59
N LEU C 458 -9.73 19.78 -6.13
CA LEU C 458 -10.75 19.78 -7.16
C LEU C 458 -10.25 19.08 -8.42
N HIS C 459 -8.99 19.31 -8.80
CA HIS C 459 -8.44 18.65 -9.96
C HIS C 459 -8.43 17.14 -9.79
N ASP C 460 -8.00 16.66 -8.63
CA ASP C 460 -7.98 15.23 -8.38
C ASP C 460 -9.39 14.64 -8.39
N GLU C 461 -10.34 15.33 -7.74
CA GLU C 461 -11.71 14.84 -7.69
C GLU C 461 -12.32 14.75 -9.08
N LEU C 462 -12.16 15.80 -9.89
CA LEU C 462 -12.74 15.79 -11.22
C LEU C 462 -12.02 14.80 -12.13
N ARG C 463 -10.71 14.59 -11.94
CA ARG C 463 -10.02 13.56 -12.69
C ARG C 463 -10.58 12.18 -12.36
N ALA C 464 -10.87 11.94 -11.08
CA ALA C 464 -11.50 10.69 -10.69
C ALA C 464 -12.87 10.54 -11.33
N LEU C 465 -13.64 11.63 -11.39
CA LEU C 465 -14.98 11.57 -11.95
C LEU C 465 -15.00 11.66 -13.48
N HIS C 466 -13.87 11.94 -14.12
CA HIS C 466 -13.80 12.09 -15.57
C HIS C 466 -13.40 10.81 -16.29
N GLN C 467 -13.24 9.71 -15.55
CA GLN C 467 -12.70 8.49 -16.15
C GLN C 467 -13.61 7.95 -17.24
N TYR C 468 -14.92 7.93 -16.99
CA TYR C 468 -15.84 7.34 -17.97
C TYR C 468 -15.90 8.18 -19.24
N GLU C 469 -15.95 9.50 -19.11
CA GLU C 469 -16.08 10.36 -20.27
C GLU C 469 -14.81 10.34 -21.12
N CYS C 470 -13.64 10.19 -20.46
CA CYS C 470 -12.39 10.14 -21.20
C CYS C 470 -12.34 8.93 -22.13
N ARG C 471 -12.79 7.78 -21.64
CA ARG C 471 -12.79 6.56 -22.43
C ARG C 471 -13.99 6.51 -23.38
N SER D 2 -4.93 57.71 39.86
CA SER D 2 -3.74 58.39 40.35
C SER D 2 -2.54 58.14 39.44
N MET D 3 -2.67 57.13 38.57
CA MET D 3 -1.61 56.84 37.62
C MET D 3 -1.59 57.90 36.51
N HIS D 4 -0.39 58.20 36.03
CA HIS D 4 -0.19 59.24 35.03
C HIS D 4 0.03 58.61 33.66
N TRP D 5 -0.51 59.25 32.63
CA TRP D 5 -0.34 58.76 31.27
C TRP D 5 1.09 58.85 30.78
N ASN D 6 1.88 59.76 31.35
CA ASN D 6 3.29 59.87 30.94
C ASN D 6 4.05 58.60 31.24
N ASP D 7 3.82 58.01 32.41
CA ASP D 7 4.48 56.75 32.75
C ASP D 7 3.85 55.58 32.00
N LEU D 8 2.52 55.60 31.85
CA LEU D 8 1.84 54.49 31.19
C LEU D 8 2.19 54.42 29.71
N LEU D 9 2.50 55.55 29.09
CA LEU D 9 2.89 55.60 27.69
C LEU D 9 4.39 55.80 27.53
N ASN D 10 5.18 55.25 28.45
CA ASN D 10 6.62 55.41 28.40
C ASN D 10 7.18 54.71 27.16
N SER D 11 7.90 55.46 26.33
CA SER D 11 8.43 54.96 25.07
C SER D 11 9.87 54.48 25.19
N ASN D 12 10.45 54.48 26.38
CA ASN D 12 11.80 53.98 26.56
C ASN D 12 11.81 52.44 26.48
N ARG D 13 12.99 51.90 26.23
CA ARG D 13 13.17 50.47 26.08
C ARG D 13 14.15 49.95 27.13
N ARG D 14 14.02 48.66 27.45
CA ARG D 14 14.82 48.06 28.51
C ARG D 14 16.31 48.05 28.15
N LYS D 15 16.63 47.72 26.91
CA LYS D 15 18.03 47.65 26.50
C LYS D 15 18.68 49.01 26.61
N PRO D 16 19.85 49.11 27.23
CA PRO D 16 20.54 50.41 27.32
C PRO D 16 20.84 50.95 25.93
N LYS D 17 20.65 52.25 25.76
CA LYS D 17 20.86 52.88 24.46
C LYS D 17 22.36 52.91 24.14
N ASN D 18 22.75 52.26 23.06
CA ASN D 18 24.14 52.24 22.66
C ASN D 18 24.59 53.62 22.23
N GLU D 19 25.82 53.98 22.63
CA GLU D 19 26.36 55.30 22.36
C GLU D 19 27.24 55.36 21.13
N LYS D 20 27.83 54.25 20.70
CA LYS D 20 28.65 54.22 19.49
C LYS D 20 27.84 53.87 18.26
N LYS D 21 26.74 54.59 18.02
CA LYS D 21 25.91 54.43 16.84
C LYS D 21 25.94 55.73 16.05
N GLU D 22 26.34 55.65 14.79
CA GLU D 22 26.37 56.82 13.93
C GLU D 22 25.00 57.08 13.34
N SER D 23 24.83 58.27 12.77
CA SER D 23 23.57 58.63 12.14
C SER D 23 23.24 57.73 10.95
N SER D 24 24.25 57.14 10.32
CA SER D 24 24.00 56.23 9.20
C SER D 24 23.35 54.94 9.64
N GLN D 25 23.43 54.59 10.93
CA GLN D 25 22.82 53.38 11.45
C GLN D 25 21.44 53.60 12.03
N ASP D 26 20.91 54.82 11.97
CA ASP D 26 19.58 55.09 12.47
C ASP D 26 18.55 54.48 11.53
N THR D 27 17.59 53.73 12.10
CA THR D 27 16.56 53.06 11.31
C THR D 27 15.16 53.50 11.73
N SER D 28 15.04 54.55 12.52
CA SER D 28 13.72 55.05 12.91
C SER D 28 12.99 55.60 11.69
N LYS D 29 13.65 56.47 10.92
CA LYS D 29 13.09 57.07 9.72
C LYS D 29 11.75 57.76 10.02
N GLY D 30 11.79 58.64 11.03
CA GLY D 30 10.59 59.38 11.40
C GLY D 30 9.46 58.52 11.90
N ARG D 31 9.77 57.51 12.71
CA ARG D 31 8.77 56.61 13.25
C ARG D 31 8.74 56.77 14.77
N GLN D 32 7.54 56.79 15.34
CA GLN D 32 7.42 56.73 16.78
C GLN D 32 7.90 55.37 17.29
N GLN D 33 8.38 55.35 18.53
CA GLN D 33 8.97 54.14 19.08
C GLN D 33 7.96 53.01 19.15
N ILE D 34 6.71 53.32 19.50
CA ILE D 34 5.69 52.29 19.58
C ILE D 34 5.34 51.76 18.20
N GLU D 35 5.40 52.61 17.18
CA GLU D 35 5.24 52.13 15.81
C GLU D 35 6.35 51.15 15.45
N ARG D 36 7.58 51.43 15.89
CA ARG D 36 8.66 50.48 15.67
C ARG D 36 8.42 49.19 16.44
N ASP D 37 7.80 49.28 17.61
CA ASP D 37 7.44 48.07 18.34
C ASP D 37 6.44 47.22 17.55
N TYR D 38 5.43 47.87 16.98
CA TYR D 38 4.46 47.13 16.16
C TYR D 38 5.15 46.51 14.95
N ASP D 39 6.06 47.24 14.31
CA ASP D 39 6.79 46.69 13.18
C ASP D 39 7.66 45.50 13.58
N ARG D 40 8.33 45.59 14.73
CA ARG D 40 9.13 44.47 15.22
C ARG D 40 8.26 43.25 15.47
N ILE D 41 7.09 43.44 16.06
CA ILE D 41 6.19 42.32 16.30
C ILE D 41 5.73 41.72 14.99
N LEU D 42 5.38 42.57 14.01
CA LEU D 42 4.87 42.07 12.74
C LEU D 42 5.93 41.30 11.97
N PHE D 43 7.16 41.78 11.97
CA PHE D 43 8.23 41.16 11.20
C PHE D 43 8.90 40.00 11.93
N ALA D 44 8.51 39.72 13.16
CA ALA D 44 9.09 38.62 13.91
C ALA D 44 8.70 37.28 13.30
N ALA D 45 9.61 36.31 13.39
CA ALA D 45 9.32 34.97 12.89
C ALA D 45 8.13 34.32 13.57
N PRO D 46 7.94 34.39 14.88
CA PRO D 46 6.73 33.78 15.47
C PRO D 46 5.43 34.35 14.93
N THR D 47 5.41 35.63 14.56
CA THR D 47 4.21 36.20 13.97
C THR D 47 3.84 35.49 12.68
N ARG D 48 4.84 35.24 11.82
CA ARG D 48 4.58 34.48 10.60
C ARG D 48 4.21 33.04 10.91
N ARG D 49 4.87 32.44 11.89
CA ARG D 49 4.56 31.05 12.25
C ARG D 49 3.17 30.91 12.85
N LEU D 50 2.57 32.00 13.32
CA LEU D 50 1.22 31.94 13.87
C LEU D 50 0.20 31.44 12.86
N ALA D 51 0.50 31.56 11.56
CA ALA D 51 -0.42 31.05 10.56
C ALA D 51 -0.56 29.53 10.63
N ASP D 52 0.51 28.84 11.02
CA ASP D 52 0.45 27.38 11.09
C ASP D 52 -0.22 26.90 12.38
N LYS D 53 -0.36 27.77 13.38
CA LYS D 53 -1.04 27.39 14.60
C LYS D 53 -2.55 27.57 14.45
N THR D 54 -3.30 26.63 15.02
CA THR D 54 -4.75 26.65 14.92
C THR D 54 -5.37 27.45 16.05
N GLN D 55 -6.61 27.91 15.82
CA GLN D 55 -7.37 28.63 16.84
C GLN D 55 -8.47 27.77 17.42
N VAL D 56 -9.39 27.29 16.60
CA VAL D 56 -10.44 26.36 17.04
C VAL D 56 -10.49 25.17 16.10
N PHE D 57 -10.59 25.44 14.81
CA PHE D 57 -10.86 24.48 13.76
C PHE D 57 -9.62 24.18 12.94
N PRO D 58 -9.58 23.02 12.28
CA PRO D 58 -8.38 22.65 11.51
C PRO D 58 -8.15 23.61 10.34
N LEU D 59 -6.88 23.73 9.94
CA LEU D 59 -6.48 24.67 8.90
C LEU D 59 -6.47 24.05 7.50
N ASP D 60 -6.31 22.72 7.40
CA ASP D 60 -6.16 22.10 6.09
C ASP D 60 -7.43 22.23 5.25
N LYS D 61 -8.59 22.23 5.90
CA LYS D 61 -9.83 22.52 5.18
C LYS D 61 -9.78 23.92 4.59
N ASN D 62 -10.24 24.04 3.35
CA ASN D 62 -10.25 25.33 2.64
C ASN D 62 -11.58 26.06 2.85
N ASP D 63 -11.98 26.21 4.11
CA ASP D 63 -13.22 26.91 4.46
C ASP D 63 -12.97 28.32 4.95
N SER D 64 -11.73 28.81 4.83
CA SER D 64 -11.36 30.17 5.26
C SER D 64 -11.63 30.38 6.74
N VAL D 65 -11.47 29.32 7.55
CA VAL D 65 -11.57 29.48 9.00
C VAL D 65 -10.34 30.24 9.50
N ARG D 66 -10.50 30.90 10.64
CA ARG D 66 -9.49 31.80 11.14
C ARG D 66 -8.44 31.05 11.94
N THR D 67 -7.17 31.29 11.59
CA THR D 67 -6.03 30.74 12.31
C THR D 67 -5.63 31.70 13.43
N ARG D 68 -4.52 31.42 14.08
CA ARG D 68 -4.03 32.33 15.11
C ARG D 68 -3.57 33.65 14.50
N LEU D 69 -2.97 33.60 13.32
CA LEU D 69 -2.51 34.83 12.67
C LEU D 69 -3.68 35.72 12.30
N THR D 70 -4.72 35.15 11.69
CA THR D 70 -5.89 35.95 11.30
C THR D 70 -6.59 36.51 12.51
N HIS D 71 -6.74 35.70 13.57
CA HIS D 71 -7.37 36.18 14.78
C HIS D 71 -6.57 37.31 15.41
N SER D 72 -5.25 37.17 15.46
CA SER D 72 -4.41 38.23 16.00
C SER D 72 -4.53 39.51 15.18
N HIS D 73 -4.57 39.37 13.86
CA HIS D 73 -4.70 40.55 13.01
C HIS D 73 -6.04 41.24 13.21
N GLU D 74 -7.12 40.47 13.35
CA GLU D 74 -8.42 41.07 13.60
C GLU D 74 -8.46 41.77 14.95
N VAL D 75 -7.86 41.16 15.98
CA VAL D 75 -7.79 41.79 17.29
C VAL D 75 -7.00 43.09 17.21
N ALA D 76 -5.90 43.06 16.48
CA ALA D 76 -5.07 44.25 16.31
C ALA D 76 -5.84 45.35 15.60
N ASN D 77 -6.62 44.99 14.58
CA ASN D 77 -7.41 45.98 13.86
C ASN D 77 -8.47 46.60 14.77
N LEU D 78 -9.15 45.78 15.56
CA LEU D 78 -10.15 46.31 16.49
C LEU D 78 -9.52 47.25 17.51
N SER D 79 -8.35 46.85 18.05
CA SER D 79 -7.67 47.69 19.01
C SER D 79 -7.20 49.00 18.37
N ARG D 80 -6.74 48.93 17.13
CA ARG D 80 -6.32 50.14 16.42
C ARG D 80 -7.50 51.07 16.20
N GLY D 81 -8.67 50.52 15.86
CA GLY D 81 -9.85 51.36 15.71
C GLY D 81 -10.24 52.03 17.01
N ILE D 82 -10.20 51.27 18.11
CA ILE D 82 -10.52 51.86 19.41
C ILE D 82 -9.51 52.93 19.77
N GLY D 83 -8.24 52.71 19.46
CA GLY D 83 -7.22 53.72 19.74
C GLY D 83 -7.41 54.98 18.92
N MET D 84 -7.79 54.83 17.65
CA MET D 84 -8.09 56.00 16.84
C MET D 84 -9.27 56.77 17.43
N ARG D 85 -10.31 56.05 17.86
CA ARG D 85 -11.44 56.72 18.50
C ARG D 85 -11.01 57.47 19.76
N LEU D 86 -10.15 56.84 20.57
CA LEU D 86 -9.72 57.49 21.81
C LEU D 86 -8.87 58.72 21.53
N ALA D 87 -7.93 58.63 20.59
CA ALA D 87 -6.97 59.70 20.36
C ALA D 87 -7.49 60.79 19.45
N PHE D 88 -8.60 60.57 18.72
CA PHE D 88 -9.11 61.57 17.81
C PHE D 88 -10.45 62.17 18.21
N GLU D 89 -11.23 61.48 19.06
CA GLU D 89 -12.52 61.99 19.49
C GLU D 89 -12.58 62.21 20.99
N LEU D 90 -12.17 61.22 21.79
CA LEU D 90 -12.30 61.27 23.24
C LEU D 90 -10.99 61.65 23.92
N GLU D 91 -10.15 62.46 23.26
CA GLU D 91 -8.87 62.82 23.84
C GLU D 91 -9.04 63.60 25.14
N ASP D 92 -9.95 64.58 25.14
CA ASP D 92 -10.15 65.38 26.34
C ASP D 92 -10.73 64.57 27.48
N ASP D 93 -11.67 63.67 27.17
CA ASP D 93 -12.31 62.87 28.21
C ASP D 93 -11.37 61.83 28.80
N VAL D 94 -10.49 61.26 27.97
CA VAL D 94 -9.65 60.15 28.41
C VAL D 94 -8.28 60.64 28.85
N PHE D 95 -7.57 61.31 27.96
CA PHE D 95 -6.19 61.70 28.21
C PHE D 95 -6.14 63.11 28.76
N LYS D 96 -5.76 63.24 30.04
CA LYS D 96 -5.59 64.53 30.68
C LYS D 96 -4.21 64.59 31.31
N ASP D 97 -3.65 65.81 31.37
CA ASP D 97 -2.31 66.03 31.91
C ASP D 97 -1.27 65.16 31.21
N VAL D 98 -1.35 65.09 29.89
CA VAL D 98 -0.42 64.31 29.08
C VAL D 98 0.62 65.25 28.51
N SER D 99 1.89 64.86 28.62
CA SER D 99 2.97 65.69 28.14
C SER D 99 2.87 65.89 26.63
N GLU D 100 3.26 67.10 26.19
CA GLU D 100 3.21 67.41 24.75
C GLU D 100 4.20 66.59 23.95
N ASP D 101 5.21 66.00 24.59
CA ASP D 101 6.15 65.15 23.87
C ASP D 101 5.46 63.93 23.28
N ILE D 102 4.51 63.36 24.02
CA ILE D 102 3.81 62.17 23.56
C ILE D 102 2.82 62.57 22.48
N CYS D 103 2.90 61.92 21.31
CA CYS D 103 1.96 62.11 20.22
C CYS D 103 0.91 61.02 20.35
N LEU D 104 -0.24 61.36 20.93
CA LEU D 104 -1.28 60.36 21.17
C LEU D 104 -1.78 59.76 19.86
N LYS D 105 -2.01 60.60 18.85
CA LYS D 105 -2.58 60.14 17.59
C LYS D 105 -1.71 59.10 16.90
N ARG D 106 -0.40 59.10 17.16
CA ARG D 106 0.49 58.12 16.58
C ARG D 106 0.85 56.99 17.53
N ASP D 107 0.78 57.22 18.84
CA ASP D 107 1.20 56.21 19.82
C ASP D 107 0.06 55.31 20.26
N VAL D 108 -1.09 55.89 20.61
CA VAL D 108 -2.19 55.08 21.14
C VAL D 108 -2.69 54.04 20.14
N PRO D 109 -3.03 54.39 18.89
CA PRO D 109 -3.41 53.33 17.94
C PRO D 109 -2.31 52.32 17.72
N ALA D 110 -1.06 52.78 17.61
CA ALA D 110 0.04 51.85 17.40
C ALA D 110 0.22 50.94 18.60
N LEU D 111 0.10 51.48 19.82
CA LEU D 111 0.24 50.66 21.01
C LEU D 111 -0.85 49.60 21.09
N LEU D 112 -2.09 50.02 20.85
CA LEU D 112 -3.19 49.06 20.91
C LEU D 112 -3.06 47.98 19.85
N ALA D 113 -2.69 48.37 18.63
CA ALA D 113 -2.50 47.39 17.56
C ALA D 113 -1.37 46.43 17.89
N ALA D 114 -0.26 46.95 18.43
CA ALA D 114 0.87 46.10 18.77
C ALA D 114 0.51 45.09 19.85
N ILE D 115 -0.18 45.54 20.90
CA ILE D 115 -0.52 44.60 21.96
C ILE D 115 -1.60 43.62 21.50
N GLY D 116 -2.48 44.04 20.59
CA GLY D 116 -3.45 43.10 20.06
C GLY D 116 -2.82 42.03 19.18
N LEU D 117 -1.83 42.42 18.37
CA LEU D 117 -1.21 41.48 17.45
C LEU D 117 -0.39 40.42 18.17
N VAL D 118 0.26 40.78 19.28
CA VAL D 118 1.16 39.88 19.98
C VAL D 118 0.49 39.15 21.12
N HIS D 119 -0.84 39.33 21.29
CA HIS D 119 -1.53 38.82 22.46
C HIS D 119 -1.52 37.30 22.54
N ASP D 120 -1.26 36.59 21.44
CA ASP D 120 -1.27 35.13 21.44
C ASP D 120 -0.05 34.57 20.73
N MET D 121 1.09 35.25 20.83
CA MET D 121 2.27 34.82 20.09
C MET D 121 2.93 33.59 20.73
N GLY D 122 2.83 33.44 22.05
CA GLY D 122 3.49 32.37 22.76
C GLY D 122 2.60 31.21 23.17
N ASN D 123 1.37 31.15 22.68
CA ASN D 123 0.49 30.05 23.05
C ASN D 123 0.97 28.74 22.42
N PRO D 124 0.81 27.63 23.13
CA PRO D 124 1.15 26.32 22.56
C PRO D 124 0.23 25.97 21.41
N PRO D 125 0.65 25.08 20.53
CA PRO D 125 -0.18 24.71 19.37
C PRO D 125 -1.40 23.90 19.80
N PHE D 126 -2.18 23.48 18.80
CA PHE D 126 -3.40 22.70 18.99
C PHE D 126 -4.44 23.46 19.81
N GLY D 127 -4.44 24.78 19.72
CA GLY D 127 -5.44 25.55 20.41
C GLY D 127 -5.24 25.54 21.92
N ALA D 128 -6.27 26.03 22.61
CA ALA D 128 -6.21 26.14 24.07
C ALA D 128 -5.90 24.80 24.71
N GLN D 129 -6.54 23.73 24.24
CA GLN D 129 -6.26 22.39 24.77
C GLN D 129 -4.78 22.08 24.80
N GLY D 130 -4.04 22.50 23.77
CA GLY D 130 -2.59 22.32 23.80
C GLY D 130 -1.99 22.74 25.11
N ALA D 131 -2.19 24.00 25.50
CA ALA D 131 -1.67 24.46 26.79
C ALA D 131 -2.17 23.59 27.91
N LYS D 132 -3.49 23.31 27.92
CA LYS D 132 -4.05 22.42 28.93
C LYS D 132 -3.29 21.10 28.97
N ALA D 133 -3.07 20.49 27.80
CA ALA D 133 -2.34 19.23 27.76
C ALA D 133 -0.99 19.38 28.44
N MET D 134 -0.25 20.44 28.11
CA MET D 134 1.04 20.65 28.73
C MET D 134 0.92 20.65 30.24
N SER D 135 -0.07 21.39 30.77
CA SER D 135 -0.26 21.42 32.21
C SER D 135 -0.41 20.02 32.76
N GLU D 136 -1.27 19.20 32.14
CA GLU D 136 -1.45 17.84 32.61
C GLU D 136 -0.13 17.11 32.66
N TRP D 137 0.67 17.21 31.59
CA TRP D 137 1.96 16.55 31.59
C TRP D 137 2.82 17.06 32.74
N PHE D 138 2.86 18.38 32.93
CA PHE D 138 3.69 18.93 33.99
C PHE D 138 3.13 18.55 35.36
N THR D 139 1.84 18.25 35.42
CA THR D 139 1.27 17.79 36.69
C THR D 139 1.73 16.37 37.00
N LYS D 140 1.99 15.57 35.98
CA LYS D 140 2.34 14.18 36.21
C LYS D 140 3.84 14.00 36.37
N ASN D 141 4.63 14.66 35.54
CA ASN D 141 6.08 14.48 35.54
C ASN D 141 6.81 15.42 36.48
N LEU D 142 6.10 16.36 37.11
CA LEU D 142 6.65 17.21 38.17
C LEU D 142 5.73 17.11 39.37
N PRO D 143 5.73 15.97 40.05
CA PRO D 143 4.76 15.75 41.13
C PRO D 143 4.91 16.78 42.25
N GLU D 144 3.76 17.20 42.79
CA GLU D 144 3.78 18.22 43.83
C GLU D 144 4.33 17.68 45.14
N HIS D 145 4.01 16.43 45.47
CA HIS D 145 4.44 15.86 46.74
C HIS D 145 5.94 15.58 46.77
N SER D 146 6.57 15.45 45.60
CA SER D 146 8.01 15.21 45.55
C SER D 146 8.77 16.43 46.07
N ASP D 147 9.90 16.16 46.73
CA ASP D 147 10.70 17.24 47.29
C ASP D 147 11.34 18.10 46.20
N ASN D 148 11.67 17.51 45.06
CA ASN D 148 12.28 18.28 43.98
C ASN D 148 11.34 19.34 43.44
N TYR D 149 10.05 19.00 43.30
CA TYR D 149 9.07 19.89 42.71
C TYR D 149 7.99 20.27 43.71
N LYS D 150 8.39 20.44 44.97
CA LYS D 150 7.46 20.81 46.03
C LYS D 150 7.15 22.29 46.04
N ASP D 151 8.10 23.13 45.63
CA ASP D 151 7.93 24.58 45.71
C ASP D 151 6.81 25.04 44.78
N LYS D 152 6.20 26.16 45.15
CA LYS D 152 5.10 26.71 44.37
C LYS D 152 5.53 27.28 43.04
N ILE D 153 6.83 27.56 42.86
CA ILE D 153 7.30 28.14 41.61
C ILE D 153 7.05 27.18 40.44
N TYR D 154 7.15 25.87 40.69
CA TYR D 154 6.88 24.90 39.65
C TYR D 154 5.42 24.90 39.21
N GLY D 155 4.53 25.55 39.97
CA GLY D 155 3.20 25.78 39.48
C GLY D 155 3.19 26.52 38.15
N ASP D 156 4.21 27.36 37.93
CA ASP D 156 4.39 28.02 36.63
C ASP D 156 4.25 27.04 35.48
N PHE D 157 4.60 25.77 35.69
CA PHE D 157 4.44 24.75 34.67
C PHE D 157 3.24 23.86 34.90
N ARG D 158 2.84 23.65 36.16
CA ARG D 158 1.65 22.86 36.42
C ARG D 158 0.37 23.59 36.05
N HIS D 159 0.42 24.92 36.00
CA HIS D 159 -0.69 25.73 35.53
C HIS D 159 -0.24 26.55 34.34
N PHE D 160 0.43 25.89 33.39
CA PHE D 160 1.04 26.58 32.26
C PHE D 160 0.00 27.41 31.50
N ASP D 161 0.36 28.65 31.19
CA ASP D 161 -0.51 29.58 30.51
C ASP D 161 0.27 30.24 29.37
N GLY D 162 -0.47 30.61 28.31
CA GLY D 162 0.17 31.18 27.13
C GLY D 162 0.64 32.60 27.30
N ASN D 163 0.05 33.35 28.24
CA ASN D 163 0.44 34.75 28.41
C ASN D 163 1.86 34.87 28.97
N SER D 164 2.20 34.05 29.96
CA SER D 164 3.54 34.07 30.51
C SER D 164 4.57 33.68 29.46
N GLN D 165 4.25 32.67 28.65
CA GLN D 165 5.17 32.27 27.59
C GLN D 165 5.28 33.35 26.51
N THR D 166 4.19 34.07 26.24
CA THR D 166 4.26 35.18 25.29
C THR D 166 5.19 36.28 25.81
N LEU D 167 5.07 36.62 27.10
CA LEU D 167 5.96 37.63 27.67
C LEU D 167 7.42 37.16 27.62
N ARG D 168 7.66 35.89 27.94
CA ARG D 168 9.01 35.35 27.87
C ARG D 168 9.54 35.37 26.45
N LEU D 169 8.70 35.06 25.47
CA LEU D 169 9.11 35.06 24.07
C LEU D 169 9.48 36.46 23.60
N VAL D 170 8.68 37.46 23.98
CA VAL D 170 8.96 38.82 23.52
C VAL D 170 10.05 39.49 24.34
N THR D 171 10.41 38.95 25.50
CA THR D 171 11.44 39.56 26.33
C THR D 171 12.76 38.81 26.33
N LYS D 172 12.73 37.49 26.28
CA LYS D 172 13.98 36.75 26.39
C LYS D 172 14.19 35.74 25.28
N LEU D 173 13.13 35.11 24.77
CA LEU D 173 13.26 33.97 23.88
C LEU D 173 13.43 34.42 22.42
N GLN D 174 14.47 35.20 22.19
CA GLN D 174 14.93 35.51 20.84
C GLN D 174 16.26 34.79 20.60
N ILE D 175 16.69 34.81 19.34
CA ILE D 175 17.90 34.07 18.97
C ILE D 175 19.12 34.65 19.70
N LEU D 176 19.21 35.98 19.75
CA LEU D 176 20.31 36.62 20.46
C LEU D 176 20.01 36.63 21.95
N ASN D 177 20.84 35.92 22.73
CA ASN D 177 20.64 35.81 24.18
C ASN D 177 21.21 37.05 24.84
N ASP D 178 20.35 38.05 25.06
CA ASP D 178 20.73 39.28 25.73
C ASP D 178 19.73 39.73 26.78
N THR D 179 18.73 38.91 27.10
CA THR D 179 17.68 39.22 28.07
C THR D 179 16.89 40.47 27.70
N TYR D 180 16.87 40.83 26.42
CA TYR D 180 16.11 41.98 25.95
C TYR D 180 15.11 41.65 24.86
N GLY D 181 15.26 40.50 24.19
CA GLY D 181 14.26 40.07 23.22
C GLY D 181 14.12 41.05 22.08
N LEU D 182 12.87 41.39 21.76
CA LEU D 182 12.56 42.34 20.71
C LEU D 182 12.82 43.78 21.13
N ASN D 183 13.14 44.01 22.40
CA ASN D 183 13.41 45.34 22.93
C ASN D 183 12.22 46.27 22.71
N LEU D 184 11.04 45.79 23.08
CA LEU D 184 9.84 46.60 22.97
C LEU D 184 9.85 47.71 24.03
N THR D 185 9.06 48.74 23.78
CA THR D 185 8.98 49.86 24.71
C THR D 185 8.33 49.43 26.01
N TYR D 186 8.54 50.24 27.05
CA TYR D 186 7.95 49.92 28.34
C TYR D 186 6.43 49.93 28.29
N ALA D 187 5.84 50.82 27.49
CA ALA D 187 4.38 50.85 27.37
C ALA D 187 3.86 49.55 26.78
N THR D 188 4.50 49.05 25.73
CA THR D 188 4.05 47.80 25.11
C THR D 188 4.18 46.63 26.07
N LEU D 189 5.31 46.53 26.77
CA LEU D 189 5.51 45.44 27.72
C LEU D 189 4.50 45.52 28.85
N ALA D 190 4.23 46.72 29.37
CA ALA D 190 3.26 46.87 30.45
C ALA D 190 1.87 46.49 29.99
N SER D 191 1.47 46.93 28.80
CA SER D 191 0.15 46.61 28.28
C SER D 191 0.03 45.15 27.89
N MET D 192 1.15 44.46 27.67
CA MET D 192 1.11 43.06 27.29
C MET D 192 0.74 42.16 28.46
N ILE D 193 1.09 42.55 29.68
CA ILE D 193 0.84 41.72 30.85
C ILE D 193 -0.65 41.71 31.17
N LYS D 194 -1.32 40.62 30.80
CA LYS D 194 -2.76 40.51 31.04
C LYS D 194 -3.07 40.24 32.51
N TYR D 195 -2.24 39.45 33.17
CA TYR D 195 -2.46 39.08 34.57
C TYR D 195 -1.25 39.51 35.40
N PRO D 196 -1.28 40.68 36.03
CA PRO D 196 -0.11 41.20 36.72
C PRO D 196 0.14 40.51 38.07
N ARG D 197 0.41 39.21 38.02
CA ARG D 197 0.74 38.45 39.21
C ARG D 197 1.52 37.21 38.81
N SER D 198 2.21 36.63 39.77
CA SER D 198 2.97 35.41 39.58
C SER D 198 2.26 34.22 40.22
N SER D 199 2.75 33.03 39.91
CA SER D 199 2.15 31.82 40.47
C SER D 199 2.33 31.76 41.99
N GLU D 200 3.48 32.20 42.49
CA GLU D 200 3.71 32.20 43.93
C GLU D 200 2.73 33.13 44.63
N SER D 201 2.49 34.31 44.05
CA SER D 201 1.54 35.25 44.64
C SER D 201 0.12 34.70 44.56
N ASP D 202 -0.64 34.89 45.64
CA ASP D 202 -2.02 34.44 45.72
C ASP D 202 -2.93 35.66 45.67
N SER D 203 -3.58 35.86 44.52
CA SER D 203 -4.48 36.99 44.32
C SER D 203 -5.84 36.46 43.88
N SER D 204 -6.90 36.94 44.53
CA SER D 204 -8.25 36.57 44.15
C SER D 204 -8.76 37.35 42.94
N LEU D 205 -8.09 38.46 42.59
CA LEU D 205 -8.55 39.27 41.48
C LEU D 205 -8.27 38.59 40.14
N TRP D 206 -7.09 38.00 39.98
CA TRP D 206 -6.67 37.40 38.73
C TRP D 206 -6.59 35.89 38.87
N LYS D 207 -7.28 35.18 37.98
CA LYS D 207 -7.34 33.73 38.06
C LYS D 207 -6.00 33.09 37.70
N LYS D 208 -5.29 33.63 36.74
CA LYS D 208 -4.06 33.03 36.22
C LYS D 208 -2.87 33.95 36.48
N HIS D 209 -1.68 33.35 36.47
CA HIS D 209 -0.45 34.12 36.54
C HIS D 209 -0.07 34.63 35.16
N GLY D 210 0.68 35.73 35.13
CA GLY D 210 1.00 36.37 33.88
C GLY D 210 2.46 36.34 33.48
N PHE D 211 3.33 35.85 34.37
CA PHE D 211 4.75 35.78 34.04
C PHE D 211 5.41 34.69 34.88
N PHE D 212 6.51 34.16 34.35
CA PHE D 212 7.25 33.09 35.00
C PHE D 212 8.11 33.66 36.13
N LEU D 213 8.73 32.76 36.89
CA LEU D 213 9.71 33.17 37.88
C LEU D 213 10.92 33.80 37.23
N SER D 214 11.35 33.28 36.08
CA SER D 214 12.51 33.80 35.38
C SER D 214 12.30 35.23 34.89
N GLU D 215 11.06 35.66 34.73
CA GLU D 215 10.75 37.00 34.26
C GLU D 215 10.34 37.94 35.38
N LYS D 216 10.56 37.55 36.64
CA LYS D 216 10.16 38.39 37.76
C LYS D 216 10.90 39.72 37.75
N ASP D 217 12.21 39.69 37.50
CA ASP D 217 12.99 40.93 37.48
C ASP D 217 12.57 41.83 36.32
N VAL D 218 12.30 41.24 35.15
CA VAL D 218 11.87 42.02 34.00
C VAL D 218 10.53 42.70 34.29
N VAL D 219 9.59 41.95 34.87
CA VAL D 219 8.28 42.52 35.20
C VAL D 219 8.42 43.60 36.26
N GLN D 220 9.30 43.40 37.24
CA GLN D 220 9.54 44.44 38.23
C GLN D 220 10.11 45.70 37.60
N ASP D 221 11.03 45.55 36.66
CA ASP D 221 11.57 46.70 35.95
C ASP D 221 10.48 47.43 35.16
N ILE D 222 9.61 46.67 34.50
CA ILE D 222 8.51 47.27 33.76
C ILE D 222 7.60 48.05 34.69
N TRP D 223 7.26 47.47 35.83
CA TRP D 223 6.40 48.15 36.79
C TRP D 223 7.07 49.41 37.33
N ASN D 224 8.37 49.35 37.60
CA ASN D 224 9.08 50.53 38.08
C ASN D 224 9.08 51.64 37.04
N ASN D 225 9.27 51.29 35.77
CA ASN D 225 9.37 52.29 34.73
C ASN D 225 8.03 52.76 34.18
N THR D 226 6.94 52.08 34.53
CA THR D 226 5.62 52.46 34.03
C THR D 226 4.66 52.90 35.13
N GLY D 227 5.08 52.89 36.39
CA GLY D 227 4.21 53.30 37.47
C GLY D 227 3.21 52.27 37.93
N LEU D 228 3.20 51.08 37.32
CA LEU D 228 2.30 50.03 37.74
C LEU D 228 2.88 49.28 38.93
N SER D 229 2.14 48.26 39.38
CA SER D 229 2.58 47.42 40.49
C SER D 229 1.86 46.09 40.39
N GLU D 230 2.18 45.19 41.33
CA GLU D 230 1.58 43.86 41.31
C GLU D 230 0.07 43.96 41.52
N GLY D 231 -0.69 43.23 40.70
CA GLY D 231 -2.12 43.23 40.77
C GLY D 231 -2.80 44.37 40.05
N VAL D 232 -2.04 45.36 39.58
CA VAL D 232 -2.58 46.50 38.85
C VAL D 232 -2.33 46.28 37.37
N ARG D 233 -3.38 46.38 36.57
CA ARG D 233 -3.33 46.09 35.15
C ARG D 233 -3.28 47.40 34.36
N HIS D 234 -2.50 47.40 33.29
CA HIS D 234 -2.41 48.59 32.44
C HIS D 234 -3.77 48.91 31.85
N PRO D 235 -4.14 50.20 31.75
CA PRO D 235 -5.48 50.52 31.23
C PRO D 235 -5.74 50.00 29.83
N PHE D 236 -4.71 49.99 28.97
CA PHE D 236 -4.90 49.50 27.61
C PHE D 236 -5.01 47.99 27.54
N THR D 237 -4.56 47.28 28.59
CA THR D 237 -4.74 45.83 28.62
C THR D 237 -6.22 45.47 28.69
N TYR D 238 -7.02 46.27 29.39
CA TYR D 238 -8.46 46.04 29.40
C TYR D 238 -9.04 46.16 28.00
N ILE D 239 -8.61 47.18 27.25
CA ILE D 239 -9.10 47.36 25.88
C ILE D 239 -8.67 46.18 25.01
N MET D 240 -7.41 45.76 25.15
CA MET D 240 -6.93 44.64 24.35
C MET D 240 -7.70 43.36 24.66
N GLU D 241 -7.96 43.10 25.94
CA GLU D 241 -8.70 41.91 26.33
C GLU D 241 -10.14 41.98 25.85
N ALA D 242 -10.77 43.16 25.92
CA ALA D 242 -12.13 43.30 25.41
C ALA D 242 -12.17 43.07 23.91
N CYS D 243 -11.19 43.59 23.17
CA CYS D 243 -11.14 43.36 21.73
C CYS D 243 -10.93 41.89 21.43
N ASP D 244 -10.05 41.22 22.19
CA ASP D 244 -9.84 39.80 22.01
C ASP D 244 -11.12 39.01 22.24
N ASP D 245 -11.85 39.33 23.30
CA ASP D 245 -13.10 38.64 23.60
C ASP D 245 -14.12 38.86 22.50
N ILE D 246 -14.29 40.12 22.07
CA ILE D 246 -15.26 40.42 21.01
C ILE D 246 -14.89 39.66 19.75
N ALA D 247 -13.62 39.74 19.35
CA ALA D 247 -13.19 39.10 18.11
C ALA D 247 -13.42 37.61 18.15
N TYR D 248 -12.94 36.93 19.20
CA TYR D 248 -13.07 35.48 19.21
C TYR D 248 -14.53 35.07 19.32
N SER D 249 -15.30 35.76 20.17
CA SER D 249 -16.70 35.38 20.36
C SER D 249 -17.51 35.52 19.08
N VAL D 250 -17.28 36.61 18.32
CA VAL D 250 -18.07 36.81 17.10
C VAL D 250 -17.57 35.93 15.97
N LEU D 251 -16.25 35.91 15.75
CA LEU D 251 -15.71 35.21 14.60
C LEU D 251 -15.76 33.70 14.79
N ASP D 252 -15.76 33.20 16.03
CA ASP D 252 -15.95 31.77 16.23
C ASP D 252 -17.36 31.35 15.87
N ALA D 253 -18.36 32.18 16.20
CA ALA D 253 -19.71 31.89 15.75
C ALA D 253 -19.80 31.93 14.23
N GLU D 254 -19.14 32.92 13.61
CA GLU D 254 -19.12 32.99 12.15
C GLU D 254 -18.50 31.73 11.55
N ASP D 255 -17.38 31.26 12.12
CA ASP D 255 -16.73 30.06 11.62
C ASP D 255 -17.57 28.81 11.87
N ILE D 256 -18.30 28.77 12.99
CA ILE D 256 -19.21 27.65 13.24
C ILE D 256 -20.28 27.59 12.17
N ILE D 257 -20.85 28.75 11.83
CA ILE D 257 -21.89 28.79 10.81
C ILE D 257 -21.32 28.41 9.45
N LYS D 258 -20.13 28.91 9.12
CA LYS D 258 -19.51 28.58 7.85
C LYS D 258 -19.20 27.10 7.74
N LYS D 259 -18.72 26.50 8.84
CA LYS D 259 -18.38 25.08 8.83
C LYS D 259 -19.59 24.17 8.78
N GLY D 260 -20.79 24.71 8.93
CA GLY D 260 -21.99 23.91 8.89
C GLY D 260 -22.42 23.29 10.20
N PHE D 261 -21.73 23.60 11.30
CA PHE D 261 -22.13 23.07 12.59
C PHE D 261 -23.43 23.69 13.09
N ALA D 262 -23.84 24.82 12.52
CA ALA D 262 -25.10 25.46 12.85
C ALA D 262 -25.47 26.38 11.70
N SER D 263 -26.61 27.06 11.84
CA SER D 263 -27.10 27.96 10.80
C SER D 263 -27.38 29.32 11.40
N PHE D 264 -27.59 30.30 10.51
CA PHE D 264 -27.87 31.65 10.97
C PHE D 264 -29.16 31.71 11.78
N HIS D 265 -30.18 30.99 11.35
CA HIS D 265 -31.43 30.94 12.10
C HIS D 265 -31.23 30.30 13.47
N ASP D 266 -30.34 29.31 13.56
CA ASP D 266 -30.03 28.71 14.86
C ASP D 266 -29.44 29.75 15.80
N LEU D 267 -28.49 30.56 15.30
CA LEU D 267 -27.90 31.60 16.14
C LEU D 267 -28.94 32.65 16.54
N ILE D 268 -29.80 33.03 15.60
CA ILE D 268 -30.83 34.03 15.91
C ILE D 268 -31.77 33.50 16.99
N ASP D 269 -32.20 32.25 16.86
CA ASP D 269 -33.08 31.66 17.87
C ASP D 269 -32.38 31.52 19.22
N PHE D 270 -31.10 31.15 19.20
CA PHE D 270 -30.36 31.03 20.45
C PHE D 270 -30.24 32.37 21.16
N ILE D 271 -29.98 33.43 20.41
CA ILE D 271 -29.85 34.75 21.01
C ILE D 271 -31.21 35.23 21.52
N GLN D 272 -32.27 35.02 20.73
CA GLN D 272 -33.59 35.47 21.14
C GLN D 272 -34.08 34.72 22.38
N SER D 273 -33.84 33.42 22.45
CA SER D 273 -34.30 32.61 23.57
C SER D 273 -33.36 32.64 24.76
N ASN D 274 -32.22 33.33 24.65
CA ASN D 274 -31.30 33.43 25.78
C ASN D 274 -31.94 34.24 26.90
N GLN D 275 -31.70 33.81 28.13
CA GLN D 275 -32.36 34.42 29.28
C GLN D 275 -31.94 35.89 29.44
N PHE D 276 -30.65 36.17 29.28
CA PHE D 276 -30.16 37.54 29.49
C PHE D 276 -30.31 38.42 28.26
N CYS D 277 -30.36 37.83 27.07
CA CYS D 277 -30.49 38.60 25.84
C CYS D 277 -31.93 38.83 25.42
N LYS D 278 -32.89 38.35 26.21
CA LYS D 278 -34.30 38.57 25.87
C LYS D 278 -34.66 40.04 25.93
N GLU D 279 -34.16 40.77 26.92
CA GLU D 279 -34.47 42.17 27.11
C GLU D 279 -33.27 43.09 26.92
N ASP D 280 -32.14 42.55 26.46
CA ASP D 280 -30.95 43.37 26.26
C ASP D 280 -31.13 44.27 25.05
N ASP D 281 -30.83 45.56 25.21
CA ASP D 281 -31.00 46.51 24.13
C ASP D 281 -30.07 46.22 22.96
N VAL D 282 -28.80 45.91 23.26
CA VAL D 282 -27.83 45.66 22.20
C VAL D 282 -28.22 44.42 21.41
N ALA D 283 -28.57 43.34 22.11
CA ALA D 283 -28.99 42.13 21.43
C ALA D 283 -30.25 42.35 20.60
N LYS D 284 -31.21 43.10 21.16
CA LYS D 284 -32.44 43.39 20.42
C LYS D 284 -32.14 44.16 19.15
N ARG D 285 -31.28 45.18 19.23
CA ARG D 285 -30.94 45.96 18.05
C ARG D 285 -30.23 45.10 17.01
N VAL D 286 -29.30 44.25 17.45
CA VAL D 286 -28.59 43.40 16.51
C VAL D 286 -29.55 42.44 15.81
N ILE D 287 -30.47 41.84 16.58
CA ILE D 287 -31.44 40.92 15.98
C ILE D 287 -32.33 41.65 14.99
N GLU D 288 -32.79 42.84 15.35
CA GLU D 288 -33.67 43.60 14.46
C GLU D 288 -32.97 43.94 13.17
N ASN D 289 -31.72 44.42 13.26
CA ASN D 289 -30.97 44.76 12.06
C ASN D 289 -30.72 43.53 11.20
N CYS D 290 -30.38 42.40 11.83
CA CYS D 290 -30.13 41.18 11.09
C CYS D 290 -31.38 40.70 10.36
N LYS D 291 -32.53 40.74 11.02
CA LYS D 291 -33.77 40.33 10.35
C LYS D 291 -34.13 41.30 9.23
N LYS D 292 -33.95 42.60 9.46
CA LYS D 292 -34.28 43.59 8.45
C LYS D 292 -33.44 43.40 7.20
N ILE D 293 -32.14 43.10 7.37
CA ILE D 293 -31.30 42.89 6.20
C ILE D 293 -31.53 41.50 5.60
N HIS D 294 -31.94 40.54 6.43
CA HIS D 294 -32.15 39.18 5.94
C HIS D 294 -33.38 39.09 5.05
N ALA D 295 -34.41 39.87 5.36
CA ALA D 295 -35.58 39.92 4.47
C ALA D 295 -35.19 40.41 3.08
N ASP D 296 -34.46 41.53 3.03
CA ASP D 296 -34.03 42.07 1.74
C ASP D 296 -33.12 41.09 1.01
N TYR D 297 -32.25 40.40 1.74
CA TYR D 297 -31.36 39.44 1.10
C TYR D 297 -32.12 38.23 0.58
N ALA D 298 -33.17 37.82 1.29
CA ALA D 298 -34.04 36.76 0.82
C ALA D 298 -34.85 37.19 -0.39
N GLN D 299 -35.06 38.50 -0.59
CA GLN D 299 -35.71 38.96 -1.80
C GLN D 299 -34.91 38.55 -3.05
N GLN D 300 -33.59 38.63 -2.98
CA GLN D 300 -32.76 38.22 -4.10
C GLN D 300 -32.75 36.69 -4.24
N LYS D 301 -32.01 36.21 -5.24
CA LYS D 301 -31.89 34.78 -5.51
C LYS D 301 -30.50 34.34 -5.09
N LEU D 302 -30.44 33.62 -3.96
CA LEU D 302 -29.18 33.11 -3.43
C LEU D 302 -29.37 31.66 -3.00
N SER D 303 -28.27 30.91 -3.02
CA SER D 303 -28.28 29.57 -2.48
C SER D 303 -28.42 29.63 -0.96
N PRO D 304 -28.94 28.56 -0.34
CA PRO D 304 -29.06 28.57 1.13
C PRO D 304 -27.74 28.79 1.83
N ALA D 305 -26.65 28.20 1.31
CA ALA D 305 -25.34 28.44 1.90
C ALA D 305 -24.93 29.90 1.75
N GLU D 306 -25.16 30.48 0.57
CA GLU D 306 -24.83 31.89 0.37
C GLU D 306 -25.68 32.78 1.27
N LEU D 307 -26.96 32.47 1.41
CA LEU D 307 -27.83 33.25 2.29
C LEU D 307 -27.34 33.19 3.72
N ASN D 308 -26.98 31.99 4.19
CA ASN D 308 -26.43 31.85 5.53
C ASN D 308 -25.16 32.67 5.70
N ASP D 309 -24.25 32.56 4.72
CA ASP D 309 -22.97 33.25 4.80
C ASP D 309 -23.15 34.76 4.86
N MET D 310 -24.00 35.30 3.99
CA MET D 310 -24.18 36.75 3.93
C MET D 310 -24.95 37.27 5.14
N SER D 311 -25.95 36.52 5.61
CA SER D 311 -26.67 36.92 6.80
C SER D 311 -25.73 36.96 8.01
N MET D 312 -24.82 35.99 8.10
CA MET D 312 -23.88 36.01 9.22
C MET D 312 -22.80 37.07 9.04
N GLN D 313 -22.46 37.40 7.79
CA GLN D 313 -21.57 38.54 7.56
C GLN D 313 -22.20 39.82 8.10
N MET D 314 -23.47 40.04 7.80
CA MET D 314 -24.16 41.21 8.32
C MET D 314 -24.29 41.16 9.84
N PHE D 315 -24.54 39.96 10.38
CA PHE D 315 -24.56 39.79 11.82
C PHE D 315 -23.23 40.21 12.44
N ARG D 316 -22.12 39.82 11.82
CA ARG D 316 -20.82 40.19 12.33
C ARG D 316 -20.63 41.70 12.28
N VAL D 317 -20.97 42.33 11.14
CA VAL D 317 -20.71 43.76 11.01
C VAL D 317 -21.60 44.56 11.96
N TYR D 318 -22.73 44.00 12.37
CA TYR D 318 -23.57 44.69 13.35
C TYR D 318 -23.10 44.45 14.78
N ALA D 319 -22.85 43.19 15.12
CA ALA D 319 -22.46 42.84 16.49
C ALA D 319 -21.12 43.45 16.85
N ILE D 320 -20.15 43.40 15.93
CA ILE D 320 -18.84 43.97 16.21
C ILE D 320 -18.95 45.47 16.45
N ALA D 321 -19.75 46.15 15.62
CA ALA D 321 -19.94 47.60 15.79
C ALA D 321 -20.56 47.91 17.15
N GLU D 322 -21.63 47.19 17.51
CA GLU D 322 -22.30 47.44 18.77
C GLU D 322 -21.37 47.17 19.95
N LEU D 323 -20.66 46.05 19.91
CA LEU D 323 -19.78 45.69 21.02
C LEU D 323 -18.62 46.67 21.15
N VAL D 324 -18.04 47.09 20.02
CA VAL D 324 -16.94 48.05 20.07
C VAL D 324 -17.41 49.38 20.62
N ASP D 325 -18.59 49.85 20.19
CA ASP D 325 -19.11 51.09 20.72
C ASP D 325 -19.36 51.00 22.22
N ALA D 326 -19.94 49.88 22.66
CA ALA D 326 -20.19 49.69 24.09
C ALA D 326 -18.89 49.66 24.88
N VAL D 327 -17.86 48.98 24.36
CA VAL D 327 -16.59 48.90 25.05
C VAL D 327 -15.94 50.27 25.14
N VAL D 328 -15.99 51.05 24.06
CA VAL D 328 -15.41 52.39 24.08
C VAL D 328 -16.14 53.26 25.09
N ILE D 329 -17.47 53.19 25.12
CA ILE D 329 -18.23 53.98 26.08
C ILE D 329 -17.89 53.58 27.51
N ALA D 330 -17.79 52.27 27.76
CA ALA D 330 -17.45 51.80 29.11
C ALA D 330 -16.06 52.27 29.53
N PHE D 331 -15.10 52.20 28.61
CA PHE D 331 -13.74 52.66 28.93
C PHE D 331 -13.72 54.16 29.21
N LYS D 332 -14.47 54.94 28.43
CA LYS D 332 -14.51 56.37 28.65
C LYS D 332 -15.16 56.71 29.99
N ASP D 333 -16.23 56.00 30.34
CA ASP D 333 -16.94 56.31 31.58
C ASP D 333 -16.10 55.97 32.82
N ASN D 334 -15.45 54.81 32.81
CA ASN D 334 -14.69 54.33 33.96
C ASN D 334 -13.20 54.61 33.83
N ILE D 335 -12.82 55.71 33.17
CA ILE D 335 -11.40 55.98 32.97
C ILE D 335 -10.72 56.31 34.29
N ASN D 336 -11.41 57.03 35.17
CA ASN D 336 -10.82 57.38 36.46
C ASN D 336 -10.55 56.13 37.31
N GLU D 337 -11.49 55.18 37.29
CA GLU D 337 -11.28 53.93 38.02
C GLU D 337 -10.11 53.13 37.43
N PHE D 338 -10.00 53.11 36.10
CA PHE D 338 -8.89 52.40 35.47
C PHE D 338 -7.55 53.05 35.81
N LEU D 339 -7.51 54.37 35.85
CA LEU D 339 -6.28 55.07 36.20
C LEU D 339 -5.96 55.00 37.68
N ASN D 340 -6.87 54.51 38.51
CA ASN D 340 -6.60 54.38 39.93
C ASN D 340 -5.58 53.28 40.19
N ASP D 341 -4.75 53.50 41.21
CA ASP D 341 -3.74 52.52 41.56
C ASP D 341 -4.31 51.26 42.19
N THR D 342 -5.59 51.26 42.56
CA THR D 342 -6.23 50.11 43.17
C THR D 342 -7.42 49.65 42.34
N CYS D 343 -7.24 49.57 41.03
CA CYS D 343 -8.31 49.13 40.15
C CYS D 343 -8.62 47.65 40.39
N GLU D 344 -9.91 47.32 40.43
CA GLU D 344 -10.34 45.96 40.69
C GLU D 344 -11.29 45.44 39.62
N ILE D 345 -11.46 46.16 38.51
CA ILE D 345 -12.37 45.74 37.46
C ILE D 345 -11.83 44.47 36.80
N LYS D 346 -12.69 43.44 36.70
CA LYS D 346 -12.26 42.17 36.13
C LYS D 346 -12.04 42.31 34.62
N ASP D 347 -12.99 42.92 33.92
CA ASP D 347 -12.88 43.06 32.47
C ASP D 347 -13.73 44.24 32.03
N LEU D 348 -13.38 44.78 30.85
CA LEU D 348 -14.07 45.94 30.33
C LEU D 348 -15.45 45.60 29.80
N ILE D 349 -15.63 44.39 29.25
CA ILE D 349 -16.90 44.02 28.65
C ILE D 349 -18.00 43.94 29.71
N SER D 350 -17.65 43.47 30.91
CA SER D 350 -18.65 43.36 31.98
C SER D 350 -19.19 44.74 32.35
N CYS D 351 -18.34 45.75 32.39
CA CYS D 351 -18.80 47.10 32.67
C CYS D 351 -19.57 47.70 31.51
N SER D 352 -19.43 47.13 30.31
CA SER D 352 -20.10 47.67 29.14
C SER D 352 -21.55 47.19 29.06
N SER D 353 -22.27 47.71 28.08
CA SER D 353 -23.65 47.31 27.83
C SER D 353 -23.75 46.12 26.89
N GLY D 354 -22.64 45.66 26.32
CA GLY D 354 -22.64 44.51 25.45
C GLY D 354 -22.27 43.23 26.16
N LYS D 355 -22.36 43.24 27.49
CA LYS D 355 -21.98 42.08 28.28
C LYS D 355 -22.86 40.87 27.96
N ASN D 356 -24.17 41.08 27.90
CA ASN D 356 -25.09 39.97 27.68
C ASN D 356 -24.89 39.34 26.31
N LEU D 357 -24.71 40.19 25.28
CA LEU D 357 -24.51 39.65 23.93
C LEU D 357 -23.21 38.85 23.84
N CYS D 358 -22.14 39.36 24.45
CA CYS D 358 -20.87 38.63 24.43
C CYS D 358 -20.99 37.32 25.19
N GLN D 359 -21.68 37.32 26.33
CA GLN D 359 -21.87 36.08 27.08
C GLN D 359 -22.67 35.06 26.27
N ALA D 360 -23.73 35.52 25.60
CA ALA D 360 -24.52 34.63 24.78
C ALA D 360 -23.71 34.07 23.61
N LEU D 361 -22.88 34.91 22.99
CA LEU D 361 -22.04 34.44 21.89
C LEU D 361 -21.03 33.41 22.39
N LYS D 362 -20.44 33.64 23.56
CA LYS D 362 -19.51 32.67 24.12
C LYS D 362 -20.21 31.35 24.42
N LYS D 363 -21.42 31.41 24.97
CA LYS D 363 -22.17 30.19 25.24
C LYS D 363 -22.51 29.45 23.95
N PHE D 364 -22.89 30.18 22.90
CA PHE D 364 -23.18 29.56 21.61
C PHE D 364 -21.93 28.89 21.04
N ASP D 365 -20.79 29.57 21.12
CA ASP D 365 -19.54 28.99 20.62
C ASP D 365 -19.18 27.73 21.38
N SER D 366 -19.33 27.75 22.71
CA SER D 366 -19.00 26.59 23.51
C SER D 366 -19.93 25.42 23.20
N SER D 367 -21.24 25.68 23.09
CA SER D 367 -22.19 24.60 22.92
C SER D 367 -22.12 24.01 21.51
N ARG D 368 -21.92 24.85 20.50
CA ARG D 368 -21.98 24.40 19.12
C ARG D 368 -20.62 24.10 18.51
N GLY D 369 -19.59 24.88 18.82
CA GLY D 369 -18.31 24.69 18.17
C GLY D 369 -17.22 24.08 19.03
N TYR D 370 -17.12 24.49 20.29
CA TYR D 370 -16.04 24.00 21.13
C TYR D 370 -16.26 22.55 21.57
N GLN D 371 -17.52 22.14 21.73
CA GLN D 371 -17.84 20.78 22.14
C GLN D 371 -18.31 19.91 20.98
N HIS D 372 -18.05 20.33 19.74
CA HIS D 372 -18.38 19.51 18.60
C HIS D 372 -17.51 18.25 18.58
N ARG D 373 -18.04 17.20 17.97
CA ARG D 373 -17.36 15.90 17.98
C ARG D 373 -16.00 15.98 17.31
N SER D 374 -15.93 16.63 16.15
CA SER D 374 -14.67 16.74 15.42
C SER D 374 -13.64 17.53 16.23
N VAL D 375 -14.07 18.64 16.84
CA VAL D 375 -13.15 19.45 17.63
C VAL D 375 -12.62 18.65 18.82
N LEU D 376 -13.50 17.88 19.48
CA LEU D 376 -13.05 17.08 20.61
C LEU D 376 -12.06 16.01 20.18
N LYS D 377 -12.33 15.34 19.05
CA LYS D 377 -11.40 14.34 18.56
C LYS D 377 -10.04 14.94 18.22
N LEU D 378 -10.06 16.10 17.55
CA LEU D 378 -8.79 16.77 17.21
C LEU D 378 -8.06 17.22 18.47
N GLU D 379 -8.79 17.67 19.49
CA GLU D 379 -8.16 18.05 20.74
C GLU D 379 -7.51 16.86 21.42
N LEU D 380 -8.18 15.70 21.41
CA LEU D 380 -7.58 14.51 21.99
C LEU D 380 -6.32 14.09 21.22
N GLU D 381 -6.38 14.15 19.89
CA GLU D 381 -5.20 13.81 19.10
C GLU D 381 -4.05 14.76 19.39
N GLY D 382 -4.34 16.06 19.48
CA GLY D 382 -3.30 17.02 19.80
C GLY D 382 -2.71 16.80 21.18
N SER D 383 -3.56 16.47 22.15
CA SER D 383 -3.06 16.16 23.49
C SER D 383 -2.15 14.95 23.48
N ASN D 384 -2.53 13.91 22.74
CA ASN D 384 -1.67 12.72 22.64
C ASN D 384 -0.34 13.06 22.00
N TYR D 385 -0.38 13.84 20.91
CA TYR D 385 0.86 14.24 20.25
C TYR D 385 1.76 15.03 21.19
N ILE D 386 1.18 16.00 21.89
CA ILE D 386 1.97 16.87 22.76
C ILE D 386 2.58 16.07 23.90
N LYS D 387 1.79 15.19 24.51
CA LYS D 387 2.30 14.42 25.65
C LYS D 387 3.38 13.44 25.21
N GLY D 388 3.20 12.79 24.05
CA GLY D 388 4.23 11.90 23.56
C GLY D 388 5.52 12.63 23.25
N LEU D 389 5.43 13.76 22.56
CA LEU D 389 6.63 14.54 22.26
C LEU D 389 7.30 15.03 23.54
N MET D 390 6.50 15.44 24.52
CA MET D 390 7.07 15.87 25.79
C MET D 390 7.81 14.73 26.48
N ASP D 391 7.26 13.52 26.43
CA ASP D 391 7.94 12.37 27.01
C ASP D 391 9.28 12.13 26.32
N MET D 392 9.27 12.12 24.98
CA MET D 392 10.52 11.86 24.26
C MET D 392 11.55 12.94 24.51
N LEU D 393 11.12 14.20 24.62
CA LEU D 393 12.07 15.27 24.88
C LEU D 393 12.59 15.21 26.31
N TRP D 394 11.71 14.93 27.28
CA TRP D 394 12.14 14.78 28.66
C TRP D 394 13.14 13.65 28.82
N LEU D 395 13.06 12.64 27.95
CA LEU D 395 14.07 11.59 27.97
C LEU D 395 15.47 12.15 27.73
N GLY D 396 15.58 13.27 27.03
CA GLY D 396 16.88 13.85 26.75
C GLY D 396 17.16 15.15 27.47
N ILE D 397 16.17 15.67 28.20
CA ILE D 397 16.32 16.90 28.95
C ILE D 397 16.56 16.64 30.44
N LYS D 398 15.88 15.65 31.00
CA LYS D 398 15.95 15.41 32.44
C LYS D 398 17.37 15.07 32.87
N GLY D 399 17.80 15.70 33.96
CA GLY D 399 19.13 15.48 34.49
C GLY D 399 20.22 16.29 33.83
N ARG D 400 19.91 17.09 32.81
CA ARG D 400 20.93 17.87 32.13
C ARG D 400 21.50 18.95 33.04
N ALA D 401 20.74 19.39 34.04
CA ALA D 401 21.18 20.43 34.95
C ALA D 401 21.32 19.97 36.39
N THR D 402 20.53 19.01 36.83
CA THR D 402 20.62 18.55 38.22
C THR D 402 21.95 17.86 38.48
N GLY D 403 22.38 16.99 37.57
CA GLY D 403 23.65 16.31 37.72
C GLY D 403 23.62 14.85 37.31
N ASP D 404 22.43 14.30 37.09
CA ASP D 404 22.30 12.92 36.67
C ASP D 404 22.84 12.74 35.25
N THR D 405 22.98 11.48 34.85
CA THR D 405 23.50 11.15 33.53
C THR D 405 22.56 10.24 32.75
N GLN D 406 21.27 10.26 33.09
CA GLN D 406 20.28 9.44 32.40
C GLN D 406 20.03 9.91 30.97
N TYR D 407 20.51 11.09 30.60
CA TYR D 407 20.30 11.65 29.28
C TYR D 407 21.40 11.27 28.28
N ASP D 408 22.42 10.55 28.73
CA ASP D 408 23.61 10.34 27.90
C ASP D 408 23.40 9.31 26.81
N THR D 409 22.22 8.70 26.72
CA THR D 409 21.95 7.77 25.65
C THR D 409 21.95 8.49 24.30
N PRO D 410 22.25 7.78 23.21
CA PRO D 410 22.26 8.45 21.89
C PRO D 410 20.94 9.13 21.55
N PHE D 411 19.82 8.50 21.90
CA PHE D 411 18.53 9.13 21.64
C PHE D 411 18.38 10.41 22.45
N GLY D 412 18.82 10.40 23.70
CA GLY D 412 18.75 11.61 24.51
C GLY D 412 19.58 12.74 23.94
N ARG D 413 20.80 12.44 23.50
CA ARG D 413 21.64 13.46 22.88
C ARG D 413 21.00 13.98 21.60
N TYR D 414 20.43 13.09 20.80
CA TYR D 414 19.81 13.53 19.55
C TYR D 414 18.62 14.45 19.81
N VAL D 415 17.75 14.06 20.75
CA VAL D 415 16.57 14.89 21.00
C VAL D 415 16.96 16.20 21.67
N TYR D 416 18.04 16.21 22.44
CA TYR D 416 18.56 17.48 22.96
C TYR D 416 19.05 18.35 21.82
N GLY D 417 19.73 17.76 20.84
CA GLY D 417 20.20 18.53 19.70
C GLY D 417 19.09 19.01 18.78
N ARG D 418 17.93 18.34 18.82
CA ARG D 418 16.82 18.75 17.96
C ARG D 418 16.19 20.05 18.46
N ILE D 419 16.28 20.33 19.76
CA ILE D 419 15.70 21.56 20.29
C ILE D 419 16.44 22.77 19.72
N SER D 420 15.71 23.88 19.58
CA SER D 420 16.28 25.08 18.98
C SER D 420 17.45 25.60 19.80
N GLU D 421 18.42 26.20 19.12
CA GLU D 421 19.67 26.58 19.76
C GLU D 421 19.47 27.68 20.79
N ASN D 422 18.54 28.61 20.56
CA ASN D 422 18.35 29.70 21.51
C ASN D 422 17.82 29.19 22.84
N TYR D 423 16.89 28.23 22.80
CA TYR D 423 16.38 27.66 24.05
C TYR D 423 17.47 26.95 24.82
N ARG D 424 18.31 26.18 24.13
CA ARG D 424 19.42 25.51 24.79
C ARG D 424 20.43 26.50 25.35
N ARG D 425 20.67 27.59 24.62
CA ARG D 425 21.59 28.61 25.10
C ARG D 425 21.06 29.26 26.37
N ILE D 426 19.76 29.54 26.42
CA ILE D 426 19.15 30.09 27.63
C ILE D 426 19.26 29.07 28.77
N PHE D 427 18.98 27.80 28.47
CA PHE D 427 19.00 26.77 29.51
C PHE D 427 20.39 26.58 30.09
N GLU D 428 21.43 26.60 29.25
CA GLU D 428 22.78 26.37 29.70
C GLU D 428 23.41 27.59 30.37
N GLN D 429 22.82 28.77 30.22
CA GLN D 429 23.36 29.96 30.86
C GLN D 429 23.28 29.84 32.37
N GLU D 430 24.32 30.33 33.04
CA GLU D 430 24.41 30.25 34.49
C GLU D 430 23.58 31.36 35.11
N ASN D 431 22.46 30.97 35.74
CA ASN D 431 21.60 31.93 36.42
C ASN D 431 21.22 31.42 37.79
N ASN D 432 20.29 32.11 38.46
CA ASN D 432 19.88 31.75 39.81
C ASN D 432 18.68 30.80 39.84
N LEU D 433 18.14 30.42 38.70
CA LEU D 433 17.00 29.53 38.68
C LEU D 433 17.41 28.13 39.14
N PRO D 434 16.53 27.42 39.84
CA PRO D 434 16.84 26.03 40.21
C PRO D 434 16.95 25.14 38.98
N ALA D 435 17.77 24.09 39.10
CA ALA D 435 18.07 23.25 37.95
C ALA D 435 16.81 22.58 37.40
N CYS D 436 15.95 22.07 38.29
CA CYS D 436 14.70 21.47 37.83
C CYS D 436 13.83 22.50 37.13
N TYR D 437 13.77 23.72 37.67
CA TYR D 437 13.04 24.79 37.02
C TYR D 437 13.62 25.08 35.64
N LYS D 438 14.94 25.08 35.52
CA LYS D 438 15.57 25.33 34.21
C LYS D 438 15.20 24.24 33.20
N GLU D 439 15.22 22.98 33.63
CA GLU D 439 14.86 21.89 32.72
C GLU D 439 13.40 22.00 32.30
N ALA D 440 12.51 22.25 33.25
CA ALA D 440 11.09 22.38 32.92
C ALA D 440 10.86 23.56 31.99
N GLN D 441 11.55 24.68 32.23
CA GLN D 441 11.42 25.84 31.37
C GLN D 441 11.93 25.55 29.97
N LEU D 442 13.02 24.80 29.85
CA LEU D 442 13.52 24.43 28.54
C LEU D 442 12.49 23.61 27.78
N LEU D 443 11.89 22.63 28.45
CA LEU D 443 10.87 21.81 27.80
C LEU D 443 9.67 22.64 27.39
N ALA D 444 9.22 23.54 28.28
CA ALA D 444 8.06 24.37 27.97
C ALA D 444 8.34 25.32 26.81
N ASP D 445 9.52 25.93 26.79
CA ASP D 445 9.89 26.81 25.69
C ASP D 445 9.97 26.05 24.38
N ALA D 446 10.52 24.83 24.41
CA ALA D 446 10.60 24.03 23.18
C ALA D 446 9.21 23.71 22.66
N ILE D 447 8.33 23.22 23.54
CA ILE D 447 7.02 22.77 23.09
C ILE D 447 6.15 23.95 22.64
N SER D 448 6.20 25.06 23.39
CA SER D 448 5.33 26.19 23.08
C SER D 448 5.65 26.82 21.74
N GLY D 449 6.92 26.81 21.33
CA GLY D 449 7.30 27.43 20.08
C GLY D 449 7.02 26.63 18.83
N MET D 450 6.49 25.42 18.97
CA MET D 450 6.21 24.58 17.83
C MET D 450 4.83 24.88 17.25
N THR D 451 4.70 24.68 15.94
CA THR D 451 3.41 24.71 15.28
C THR D 451 2.82 23.30 15.25
N ASP D 452 1.57 23.21 14.80
CA ASP D 452 0.88 21.92 14.79
C ASP D 452 1.58 20.94 13.86
N SER D 453 1.82 21.34 12.61
CA SER D 453 2.44 20.45 11.64
C SER D 453 3.87 20.09 12.06
N TYR D 454 4.62 21.08 12.55
CA TYR D 454 5.99 20.82 12.99
C TYR D 454 5.98 19.87 14.19
N LEU D 455 5.07 20.07 15.14
CA LEU D 455 5.00 19.18 16.29
C LEU D 455 4.66 17.77 15.87
N ILE D 456 3.70 17.60 14.96
CA ILE D 456 3.34 16.26 14.50
C ILE D 456 4.51 15.59 13.79
N ALA D 457 5.19 16.34 12.91
CA ALA D 457 6.32 15.77 12.19
C ALA D 457 7.44 15.37 13.14
N LEU D 458 7.76 16.22 14.11
CA LEU D 458 8.80 15.90 15.07
C LEU D 458 8.42 14.70 15.92
N HIS D 459 7.16 14.63 16.34
CA HIS D 459 6.70 13.49 17.13
C HIS D 459 6.84 12.19 16.34
N ASP D 460 6.42 12.20 15.07
CA ASP D 460 6.53 11.00 14.26
C ASP D 460 7.99 10.60 14.05
N GLU D 461 8.84 11.58 13.76
CA GLU D 461 10.26 11.28 13.54
C GLU D 461 10.91 10.70 14.79
N LEU D 462 10.64 11.30 15.94
CA LEU D 462 11.23 10.80 17.18
C LEU D 462 10.67 9.43 17.54
N ARG D 463 9.39 9.20 17.29
CA ARG D 463 8.82 7.87 17.52
C ARG D 463 9.50 6.83 16.64
N ALA D 464 9.78 7.20 15.38
CA ALA D 464 10.51 6.30 14.50
C ALA D 464 11.91 6.03 15.04
N LEU D 465 12.58 7.05 15.55
CA LEU D 465 13.94 6.89 16.05
C LEU D 465 14.00 6.32 17.47
N HIS D 466 12.88 6.25 18.17
CA HIS D 466 12.86 5.76 19.55
C HIS D 466 12.61 4.26 19.63
N GLN D 467 12.51 3.57 18.50
CA GLN D 467 12.11 2.16 18.51
C GLN D 467 13.11 1.29 19.26
N TYR D 468 14.40 1.52 19.04
CA TYR D 468 15.40 0.63 19.64
C TYR D 468 15.43 0.78 21.16
N GLU D 469 15.46 2.03 21.65
CA GLU D 469 15.55 2.23 23.09
C GLU D 469 14.24 1.91 23.80
N CYS D 470 13.11 2.06 23.11
CA CYS D 470 11.83 1.70 23.71
C CYS D 470 11.75 0.21 23.99
N ARG D 471 12.24 -0.61 23.07
CA ARG D 471 12.23 -2.06 23.25
C ARG D 471 13.32 -2.48 24.23
N SER E 2 60.49 5.15 -36.75
CA SER E 2 60.01 6.26 -37.54
C SER E 2 59.41 7.35 -36.66
N MET E 3 58.80 6.92 -35.56
CA MET E 3 58.20 7.84 -34.59
C MET E 3 59.10 7.93 -33.36
N HIS E 4 59.41 9.16 -32.96
CA HIS E 4 60.34 9.40 -31.86
C HIS E 4 59.61 9.46 -30.53
N TRP E 5 60.24 8.91 -29.49
CA TRP E 5 59.65 8.93 -28.16
C TRP E 5 59.56 10.34 -27.58
N ASN E 6 60.37 11.28 -28.06
CA ASN E 6 60.28 12.65 -27.57
C ASN E 6 58.94 13.27 -27.88
N ASP E 7 58.41 13.04 -29.09
CA ASP E 7 57.10 13.56 -29.45
C ASP E 7 55.99 12.77 -28.79
N LEU E 8 56.14 11.44 -28.69
CA LEU E 8 55.09 10.61 -28.11
C LEU E 8 54.91 10.89 -26.62
N LEU E 9 55.99 11.26 -25.93
CA LEU E 9 55.94 11.58 -24.50
C LEU E 9 55.95 13.08 -24.27
N ASN E 10 55.30 13.84 -25.14
CA ASN E 10 55.25 15.29 -25.00
C ASN E 10 54.44 15.67 -23.77
N SER E 11 55.04 16.45 -22.89
CA SER E 11 54.41 16.86 -21.64
C SER E 11 53.77 18.25 -21.73
N ASN E 12 53.77 18.86 -22.91
CA ASN E 12 53.10 20.14 -23.07
C ASN E 12 51.59 19.96 -23.08
N ARG E 13 50.88 21.02 -22.74
CA ARG E 13 49.42 21.02 -22.69
C ARG E 13 48.86 21.96 -23.75
N ARG E 14 47.58 21.75 -24.08
CA ARG E 14 46.95 22.52 -25.15
C ARG E 14 46.71 23.97 -24.74
N LYS E 15 46.31 24.20 -23.50
CA LYS E 15 46.02 25.56 -23.06
C LYS E 15 47.28 26.40 -23.08
N PRO E 16 47.27 27.59 -23.68
CA PRO E 16 48.45 28.45 -23.64
C PRO E 16 48.82 28.79 -22.20
N LYS E 17 50.12 28.80 -21.92
CA LYS E 17 50.58 29.03 -20.57
C LYS E 17 50.31 30.47 -20.15
N ASN E 18 49.77 30.65 -18.96
CA ASN E 18 49.45 31.98 -18.46
C ASN E 18 50.73 32.66 -17.98
N GLU E 19 51.09 33.77 -18.64
CA GLU E 19 52.30 34.49 -18.31
C GLU E 19 52.16 35.35 -17.07
N LYS E 20 50.94 35.49 -16.53
CA LYS E 20 50.71 36.29 -15.34
C LYS E 20 50.80 35.48 -14.05
N LYS E 21 51.07 34.18 -14.16
CA LYS E 21 51.19 33.35 -12.98
C LYS E 21 52.43 33.72 -12.18
N GLU E 22 52.27 33.74 -10.85
CA GLU E 22 53.37 34.02 -9.94
C GLU E 22 53.83 32.74 -9.27
N SER E 23 54.98 32.84 -8.58
CA SER E 23 55.52 31.68 -7.89
C SER E 23 54.62 31.20 -6.76
N SER E 24 53.77 32.07 -6.23
CA SER E 24 52.85 31.69 -5.17
C SER E 24 51.66 30.88 -5.68
N GLN E 25 51.37 30.93 -6.98
CA GLN E 25 50.27 30.18 -7.56
C GLN E 25 50.73 28.85 -8.17
N ASP E 26 52.02 28.53 -8.06
CA ASP E 26 52.51 27.26 -8.59
C ASP E 26 51.89 26.10 -7.80
N THR E 27 51.43 25.09 -8.54
CA THR E 27 50.74 23.96 -7.95
C THR E 27 51.47 22.64 -8.17
N SER E 28 52.47 22.61 -9.06
CA SER E 28 53.18 21.36 -9.35
C SER E 28 53.77 20.76 -8.08
N LYS E 29 54.46 21.56 -7.29
CA LYS E 29 55.07 21.12 -6.03
C LYS E 29 55.97 19.92 -6.26
N GLY E 30 56.87 20.05 -7.23
CA GLY E 30 57.78 18.96 -7.56
C GLY E 30 57.12 17.73 -8.12
N ARG E 31 56.16 17.90 -9.02
CA ARG E 31 55.47 16.81 -9.67
C ARG E 31 55.71 16.87 -11.18
N GLN E 32 55.83 15.71 -11.80
CA GLN E 32 55.91 15.66 -13.25
C GLN E 32 54.54 15.98 -13.85
N GLN E 33 54.55 16.48 -15.08
CA GLN E 33 53.32 16.93 -15.71
C GLN E 33 52.32 15.80 -15.87
N ILE E 34 52.79 14.62 -16.26
CA ILE E 34 51.88 13.50 -16.46
C ILE E 34 51.34 12.99 -15.13
N GLU E 35 52.13 13.09 -14.06
CA GLU E 35 51.60 12.81 -12.73
C GLU E 35 50.48 13.78 -12.39
N ARG E 36 50.65 15.05 -12.77
CA ARG E 36 49.57 16.01 -12.58
C ARG E 36 48.34 15.63 -13.40
N ASP E 37 48.55 15.07 -14.60
CA ASP E 37 47.42 14.60 -15.39
C ASP E 37 46.68 13.48 -14.68
N TYR E 38 47.43 12.54 -14.10
CA TYR E 38 46.80 11.44 -13.35
C TYR E 38 46.02 11.99 -12.17
N ASP E 39 46.60 12.96 -11.46
CA ASP E 39 45.91 13.57 -10.33
C ASP E 39 44.64 14.30 -10.77
N ARG E 40 44.72 15.00 -11.90
CA ARG E 40 43.55 15.68 -12.44
C ARG E 40 42.43 14.69 -12.75
N ILE E 41 42.79 13.57 -13.39
CA ILE E 41 41.79 12.56 -13.72
C ILE E 41 41.19 11.96 -12.46
N LEU E 42 42.03 11.64 -11.48
CA LEU E 42 41.56 10.98 -10.26
C LEU E 42 40.60 11.87 -9.48
N PHE E 43 40.90 13.16 -9.38
CA PHE E 43 40.11 14.08 -8.57
C PHE E 43 38.91 14.66 -9.31
N ALA E 44 38.72 14.31 -10.58
CA ALA E 44 37.59 14.81 -11.33
C ALA E 44 36.29 14.18 -10.82
N ALA E 45 35.21 14.96 -10.90
CA ALA E 45 33.89 14.45 -10.51
C ALA E 45 33.46 13.22 -11.30
N PRO E 46 33.64 13.13 -12.62
CA PRO E 46 33.27 11.88 -13.32
C PRO E 46 33.99 10.66 -12.79
N THR E 47 35.23 10.81 -12.31
CA THR E 47 35.93 9.67 -11.73
C THR E 47 35.18 9.13 -10.52
N ARG E 48 34.70 10.03 -9.65
CA ARG E 48 33.92 9.59 -8.50
C ARG E 48 32.57 9.03 -8.92
N ARG E 49 31.93 9.65 -9.91
CA ARG E 49 30.63 9.16 -10.38
C ARG E 49 30.74 7.83 -11.12
N LEU E 50 31.95 7.43 -11.52
CA LEU E 50 32.14 6.12 -12.14
C LEU E 50 31.71 5.00 -11.19
N ALA E 51 31.74 5.24 -9.89
CA ALA E 51 31.35 4.22 -8.93
C ALA E 51 29.87 3.88 -9.05
N ASP E 52 29.02 4.87 -9.37
CA ASP E 52 27.59 4.63 -9.49
C ASP E 52 27.21 3.97 -10.81
N LYS E 53 28.09 3.99 -11.80
CA LYS E 53 27.80 3.36 -13.08
C LYS E 53 28.25 1.90 -13.05
N THR E 54 27.35 1.02 -13.48
CA THR E 54 27.62 -0.41 -13.44
C THR E 54 28.56 -0.81 -14.59
N GLN E 55 29.13 -2.00 -14.46
CA GLN E 55 30.02 -2.54 -15.48
C GLN E 55 29.41 -3.73 -16.19
N VAL E 56 29.07 -4.80 -15.47
CA VAL E 56 28.36 -5.93 -16.06
C VAL E 56 27.13 -6.26 -15.23
N PHE E 57 27.33 -6.50 -13.94
CA PHE E 57 26.31 -6.98 -13.02
C PHE E 57 25.80 -5.85 -12.14
N PRO E 58 24.62 -6.02 -11.53
CA PRO E 58 24.10 -4.98 -10.62
C PRO E 58 25.08 -4.72 -9.48
N LEU E 59 25.17 -3.44 -9.09
CA LEU E 59 26.17 -2.98 -8.14
C LEU E 59 25.60 -2.72 -6.75
N ASP E 60 24.38 -3.19 -6.48
CA ASP E 60 23.74 -2.95 -5.19
C ASP E 60 23.39 -4.26 -4.48
N LYS E 61 24.09 -5.33 -4.82
CA LYS E 61 23.83 -6.64 -4.23
C LYS E 61 24.83 -7.02 -3.14
N ASN E 62 25.79 -6.14 -2.84
CA ASN E 62 26.79 -6.38 -1.80
C ASN E 62 27.60 -7.65 -2.06
N ASP E 63 27.80 -7.99 -3.33
CA ASP E 63 28.57 -9.17 -3.72
C ASP E 63 30.00 -8.82 -4.13
N SER E 64 30.41 -7.57 -3.91
CA SER E 64 31.75 -7.11 -4.25
C SER E 64 32.08 -7.29 -5.74
N VAL E 65 31.08 -7.11 -6.59
CA VAL E 65 31.29 -7.17 -8.04
C VAL E 65 31.94 -5.88 -8.48
N ARG E 66 32.53 -5.89 -9.67
CA ARG E 66 33.26 -4.73 -10.18
C ARG E 66 32.30 -3.71 -10.78
N THR E 67 32.55 -2.45 -10.49
CA THR E 67 31.88 -1.33 -11.13
C THR E 67 32.85 -0.67 -12.11
N ARG E 68 32.41 0.44 -12.71
CA ARG E 68 33.29 1.17 -13.62
C ARG E 68 34.51 1.71 -12.88
N LEU E 69 34.32 2.19 -11.65
CA LEU E 69 35.43 2.74 -10.89
C LEU E 69 36.45 1.66 -10.54
N THR E 70 35.98 0.51 -10.05
CA THR E 70 36.89 -0.57 -9.68
C THR E 70 37.61 -1.13 -10.90
N HIS E 71 36.88 -1.31 -12.00
CA HIS E 71 37.50 -1.81 -13.23
C HIS E 71 38.54 -0.81 -13.74
N SER E 72 38.22 0.47 -13.69
CA SER E 72 39.18 1.49 -14.13
C SER E 72 40.43 1.48 -13.26
N HIS E 73 40.25 1.34 -11.95
CA HIS E 73 41.40 1.31 -11.06
C HIS E 73 42.26 0.07 -11.30
N GLU E 74 41.63 -1.07 -11.56
CA GLU E 74 42.38 -2.28 -11.85
C GLU E 74 43.16 -2.16 -13.17
N VAL E 75 42.52 -1.59 -14.20
CA VAL E 75 43.21 -1.36 -15.45
C VAL E 75 44.38 -0.40 -15.25
N ALA E 76 44.16 0.65 -14.46
CA ALA E 76 45.22 1.61 -14.20
C ALA E 76 46.38 0.95 -13.46
N ASN E 77 46.09 0.07 -12.50
CA ASN E 77 47.16 -0.63 -11.79
C ASN E 77 47.94 -1.55 -12.70
N LEU E 78 47.25 -2.30 -13.57
CA LEU E 78 47.97 -3.17 -14.50
C LEU E 78 48.84 -2.36 -15.45
N SER E 79 48.30 -1.26 -15.97
CA SER E 79 49.09 -0.40 -16.86
C SER E 79 50.27 0.20 -16.13
N ARG E 80 50.09 0.59 -14.87
CA ARG E 80 51.19 1.13 -14.09
C ARG E 80 52.27 0.08 -13.87
N GLY E 81 51.89 -1.15 -13.59
CA GLY E 81 52.87 -2.20 -13.43
C GLY E 81 53.66 -2.44 -14.71
N ILE E 82 52.96 -2.46 -15.85
CA ILE E 82 53.65 -2.60 -17.14
C ILE E 82 54.59 -1.43 -17.37
N GLY E 83 54.18 -0.22 -16.96
CA GLY E 83 55.05 0.94 -17.10
C GLY E 83 56.29 0.85 -16.23
N MET E 84 56.12 0.36 -15.00
CA MET E 84 57.29 0.14 -14.14
C MET E 84 58.25 -0.86 -14.78
N ARG E 85 57.70 -1.95 -15.34
CA ARG E 85 58.56 -2.93 -16.00
C ARG E 85 59.29 -2.31 -17.19
N LEU E 86 58.59 -1.49 -17.97
CA LEU E 86 59.21 -0.88 -19.15
C LEU E 86 60.28 0.12 -18.77
N ALA E 87 60.02 0.96 -17.78
CA ALA E 87 60.92 2.05 -17.44
C ALA E 87 62.04 1.63 -16.49
N PHE E 88 61.95 0.47 -15.86
CA PHE E 88 62.98 0.04 -14.91
C PHE E 88 63.78 -1.18 -15.35
N GLU E 89 63.23 -2.02 -16.22
CA GLU E 89 63.94 -3.19 -16.71
C GLU E 89 64.23 -3.14 -18.20
N LEU E 90 63.22 -2.87 -19.02
CA LEU E 90 63.34 -2.91 -20.46
C LEU E 90 63.54 -1.52 -21.07
N GLU E 91 64.21 -0.62 -20.33
CA GLU E 91 64.42 0.73 -20.85
C GLU E 91 65.28 0.72 -22.09
N ASP E 92 66.36 -0.08 -22.10
CA ASP E 92 67.26 -0.11 -23.24
C ASP E 92 66.57 -0.68 -24.48
N ASP E 93 65.76 -1.73 -24.30
CA ASP E 93 65.10 -2.35 -25.45
C ASP E 93 64.02 -1.45 -26.03
N VAL E 94 63.22 -0.81 -25.18
CA VAL E 94 62.06 -0.06 -25.63
C VAL E 94 62.44 1.38 -25.98
N PHE E 95 62.93 2.12 -24.99
CA PHE E 95 63.23 3.54 -25.16
C PHE E 95 64.69 3.69 -25.57
N LYS E 96 64.94 3.46 -26.86
CA LYS E 96 66.31 3.50 -27.36
C LYS E 96 66.83 4.94 -27.49
N ASP E 97 65.99 5.86 -27.96
CA ASP E 97 66.39 7.23 -28.19
C ASP E 97 65.41 8.16 -27.48
N VAL E 98 65.78 8.60 -26.27
CA VAL E 98 64.97 9.52 -25.48
C VAL E 98 65.88 10.60 -24.92
N SER E 99 65.43 11.85 -25.02
CA SER E 99 66.21 12.95 -24.46
C SER E 99 66.26 12.86 -22.95
N GLU E 100 67.34 13.40 -22.37
CA GLU E 100 67.53 13.34 -20.93
C GLU E 100 66.51 14.19 -20.19
N ASP E 101 65.81 15.09 -20.87
CA ASP E 101 64.80 15.93 -20.22
C ASP E 101 63.55 15.16 -19.82
N ILE E 102 63.40 13.92 -20.26
CA ILE E 102 62.24 13.10 -19.95
C ILE E 102 62.65 12.07 -18.91
N CYS E 103 61.95 12.07 -17.77
CA CYS E 103 62.18 11.09 -16.72
C CYS E 103 61.23 9.93 -16.97
N LEU E 104 61.74 8.87 -17.62
CA LEU E 104 60.89 7.75 -17.96
C LEU E 104 60.31 7.07 -16.73
N LYS E 105 61.13 6.90 -15.70
CA LYS E 105 60.70 6.19 -14.50
C LYS E 105 59.53 6.88 -13.80
N ARG E 106 59.36 8.17 -14.01
CA ARG E 106 58.24 8.89 -13.42
C ARG E 106 57.12 9.18 -14.42
N ASP E 107 57.42 9.22 -15.71
CA ASP E 107 56.44 9.56 -16.74
C ASP E 107 55.70 8.35 -17.28
N VAL E 108 56.43 7.30 -17.67
CA VAL E 108 55.78 6.14 -18.30
C VAL E 108 54.77 5.47 -17.38
N PRO E 109 55.11 5.11 -16.14
CA PRO E 109 54.08 4.51 -15.27
C PRO E 109 52.92 5.45 -15.01
N ALA E 110 53.19 6.74 -14.80
CA ALA E 110 52.11 7.69 -14.58
C ALA E 110 51.23 7.82 -15.81
N LEU E 111 51.84 7.85 -17.00
CA LEU E 111 51.06 7.97 -18.23
C LEU E 111 50.17 6.75 -18.43
N LEU E 112 50.73 5.55 -18.22
CA LEU E 112 49.93 4.34 -18.39
C LEU E 112 48.79 4.28 -17.38
N ALA E 113 49.07 4.64 -16.12
CA ALA E 113 48.02 4.65 -15.11
C ALA E 113 46.94 5.66 -15.45
N ALA E 114 47.33 6.85 -15.92
CA ALA E 114 46.36 7.88 -16.24
C ALA E 114 45.46 7.46 -17.39
N ILE E 115 46.06 6.89 -18.44
CA ILE E 115 45.21 6.49 -19.58
C ILE E 115 44.36 5.28 -19.21
N GLY E 116 44.84 4.41 -18.32
CA GLY E 116 44.01 3.30 -17.88
C GLY E 116 42.84 3.74 -17.04
N LEU E 117 43.05 4.72 -16.17
CA LEU E 117 41.99 5.17 -15.27
C LEU E 117 40.88 5.89 -16.01
N VAL E 118 41.22 6.59 -17.10
CA VAL E 118 40.26 7.42 -17.82
C VAL E 118 39.71 6.72 -19.05
N HIS E 119 40.06 5.45 -19.26
CA HIS E 119 39.72 4.77 -20.51
C HIS E 119 38.22 4.59 -20.70
N ASP E 120 37.44 4.56 -19.62
CA ASP E 120 35.99 4.35 -19.71
C ASP E 120 35.25 5.45 -18.96
N MET E 121 35.76 6.67 -19.03
CA MET E 121 35.20 7.78 -18.28
C MET E 121 33.88 8.28 -18.86
N GLY E 122 33.75 8.37 -20.17
CA GLY E 122 32.57 8.91 -20.81
C GLY E 122 31.59 7.91 -21.35
N ASN E 123 31.69 6.63 -21.00
CA ASN E 123 30.75 5.64 -21.51
C ASN E 123 29.36 5.91 -20.93
N PRO E 124 28.31 5.66 -21.71
CA PRO E 124 26.95 5.82 -21.19
C PRO E 124 26.67 4.81 -20.10
N PRO E 125 25.69 5.07 -19.24
CA PRO E 125 25.39 4.12 -18.16
C PRO E 125 24.79 2.82 -18.68
N PHE E 126 24.52 1.88 -17.75
CA PHE E 126 23.90 0.60 -18.07
C PHE E 126 24.79 -0.27 -18.96
N GLY E 127 26.10 -0.13 -18.80
CA GLY E 127 27.02 -0.96 -19.56
C GLY E 127 27.04 -0.64 -21.04
N ALA E 128 27.50 -1.63 -21.81
CA ALA E 128 27.51 -1.51 -23.27
C ALA E 128 26.10 -1.41 -23.83
N GLN E 129 25.11 -1.96 -23.14
CA GLN E 129 23.73 -1.80 -23.58
C GLN E 129 23.31 -0.35 -23.61
N GLY E 130 23.91 0.50 -22.76
CA GLY E 130 23.61 1.92 -22.84
C GLY E 130 24.01 2.52 -24.16
N ALA E 131 25.24 2.24 -24.61
CA ALA E 131 25.70 2.72 -25.90
C ALA E 131 24.86 2.15 -27.03
N LYS E 132 24.51 0.86 -26.93
CA LYS E 132 23.66 0.25 -27.95
C LYS E 132 22.30 0.93 -28.02
N ALA E 133 21.71 1.23 -26.85
CA ALA E 133 20.40 1.86 -26.81
C ALA E 133 20.44 3.26 -27.39
N MET E 134 21.47 4.05 -27.04
CA MET E 134 21.60 5.38 -27.62
C MET E 134 21.81 5.31 -29.13
N SER E 135 22.59 4.32 -29.60
CA SER E 135 22.77 4.16 -31.03
C SER E 135 21.45 3.86 -31.73
N GLU E 136 20.66 2.95 -31.15
CA GLU E 136 19.37 2.62 -31.75
C GLU E 136 18.43 3.82 -31.74
N TRP E 137 18.40 4.57 -30.63
CA TRP E 137 17.52 5.73 -30.56
C TRP E 137 17.92 6.78 -31.57
N PHE E 138 19.23 7.03 -31.72
CA PHE E 138 19.68 8.02 -32.69
C PHE E 138 19.42 7.56 -34.12
N THR E 139 19.57 6.25 -34.38
CA THR E 139 19.26 5.74 -35.70
C THR E 139 17.78 5.92 -36.04
N LYS E 140 16.91 5.69 -35.06
CA LYS E 140 15.48 5.84 -35.32
C LYS E 140 15.09 7.32 -35.45
N ASN E 141 15.62 8.18 -34.59
CA ASN E 141 15.21 9.57 -34.52
C ASN E 141 16.04 10.50 -35.38
N LEU E 142 17.12 10.01 -35.99
CA LEU E 142 17.90 10.77 -36.96
C LEU E 142 18.03 9.91 -38.22
N PRO E 143 16.94 9.74 -38.96
CA PRO E 143 16.96 8.82 -40.11
C PRO E 143 17.96 9.25 -41.16
N GLU E 144 18.61 8.26 -41.78
CA GLU E 144 19.60 8.54 -42.80
C GLU E 144 18.99 9.06 -44.10
N HIS E 145 17.75 8.69 -44.40
CA HIS E 145 17.13 9.15 -45.64
C HIS E 145 16.70 10.61 -45.54
N SER E 146 16.45 11.11 -44.34
CA SER E 146 16.05 12.50 -44.17
C SER E 146 17.20 13.43 -44.55
N ASP E 147 16.88 14.53 -45.24
CA ASP E 147 17.91 15.43 -45.72
C ASP E 147 18.63 16.13 -44.57
N ASN E 148 17.97 16.28 -43.42
CA ASN E 148 18.61 16.92 -42.28
C ASN E 148 19.78 16.09 -41.77
N TYR E 149 19.65 14.76 -41.82
CA TYR E 149 20.68 13.86 -41.31
C TYR E 149 21.26 12.94 -42.39
N LYS E 150 21.23 13.37 -43.66
CA LYS E 150 21.84 12.57 -44.71
C LYS E 150 23.35 12.50 -44.56
N ASP E 151 23.95 13.52 -43.96
CA ASP E 151 25.41 13.59 -43.87
C ASP E 151 25.95 12.45 -43.02
N LYS E 152 27.15 11.97 -43.36
CA LYS E 152 27.76 10.88 -42.62
C LYS E 152 28.21 11.30 -41.23
N ILE E 153 28.33 12.60 -40.97
CA ILE E 153 28.77 13.06 -39.66
C ILE E 153 27.80 12.62 -38.58
N TYR E 154 26.50 12.57 -38.90
CA TYR E 154 25.51 12.11 -37.93
C TYR E 154 25.68 10.65 -37.58
N GLY E 155 26.48 9.89 -38.33
CA GLY E 155 26.86 8.57 -37.90
C GLY E 155 27.51 8.57 -36.53
N ASP E 156 28.21 9.65 -36.20
CA ASP E 156 28.77 9.83 -34.86
C ASP E 156 27.76 9.54 -33.77
N PHE E 157 26.47 9.71 -34.07
CA PHE E 157 25.40 9.41 -33.13
C PHE E 157 24.68 8.12 -33.44
N ARG E 158 24.61 7.73 -34.72
CA ARG E 158 23.95 6.47 -35.07
C ARG E 158 24.82 5.27 -34.71
N HIS E 159 26.12 5.48 -34.52
CA HIS E 159 27.06 4.47 -34.07
C HIS E 159 27.83 4.99 -32.86
N PHE E 160 27.09 5.50 -31.87
CA PHE E 160 27.69 6.17 -30.73
C PHE E 160 28.71 5.28 -30.03
N ASP E 161 29.85 5.87 -29.69
CA ASP E 161 30.95 5.17 -29.06
C ASP E 161 31.28 5.82 -27.73
N GLY E 162 31.63 5.00 -26.74
CA GLY E 162 32.07 5.53 -25.47
C GLY E 162 33.38 6.29 -25.54
N ASN E 163 34.30 5.85 -26.41
CA ASN E 163 35.63 6.46 -26.46
C ASN E 163 35.57 7.89 -26.96
N SER E 164 34.77 8.16 -28.00
CA SER E 164 34.66 9.52 -28.50
C SER E 164 34.08 10.45 -27.46
N GLN E 165 33.04 9.98 -26.75
CA GLN E 165 32.47 10.79 -25.68
C GLN E 165 33.45 11.00 -24.54
N THR E 166 34.27 9.99 -24.23
CA THR E 166 35.29 10.15 -23.21
C THR E 166 36.29 11.22 -23.59
N LEU E 167 36.75 11.20 -24.85
CA LEU E 167 37.69 12.22 -25.31
C LEU E 167 37.06 13.61 -25.26
N ARG E 168 35.79 13.71 -25.70
CA ARG E 168 35.10 15.00 -25.64
C ARG E 168 34.96 15.49 -24.20
N LEU E 169 34.61 14.58 -23.29
CA LEU E 169 34.43 14.95 -21.90
C LEU E 169 35.73 15.42 -21.26
N VAL E 170 36.83 14.74 -21.57
CA VAL E 170 38.11 15.04 -20.94
C VAL E 170 38.73 16.26 -21.61
N THR E 171 38.24 16.61 -22.79
CA THR E 171 38.79 17.75 -23.53
C THR E 171 37.88 18.97 -23.57
N LYS E 172 36.56 18.80 -23.58
CA LYS E 172 35.68 19.96 -23.73
C LYS E 172 34.56 20.04 -22.70
N LEU E 173 34.09 18.93 -22.14
CA LEU E 173 32.90 18.95 -21.28
C LEU E 173 33.22 19.15 -19.82
N GLN E 174 33.98 20.19 -19.48
CA GLN E 174 34.14 20.60 -18.09
C GLN E 174 33.27 21.81 -17.83
N ILE E 175 33.28 22.29 -16.58
CA ILE E 175 32.42 23.41 -16.21
C ILE E 175 32.84 24.67 -16.98
N LEU E 176 34.14 24.93 -17.04
CA LEU E 176 34.63 26.08 -17.81
C LEU E 176 34.59 25.75 -19.30
N ASN E 177 34.03 26.68 -20.08
CA ASN E 177 33.92 26.49 -21.53
C ASN E 177 35.09 27.18 -22.20
N ASP E 178 36.24 26.52 -22.16
CA ASP E 178 37.45 27.02 -22.80
C ASP E 178 38.00 26.07 -23.85
N THR E 179 37.27 25.00 -24.18
CA THR E 179 37.71 24.00 -25.15
C THR E 179 39.03 23.35 -24.74
N TYR E 180 39.31 23.33 -23.44
CA TYR E 180 40.55 22.73 -22.92
C TYR E 180 40.31 21.66 -21.88
N GLY E 181 39.13 21.62 -21.25
CA GLY E 181 38.79 20.57 -20.30
C GLY E 181 39.76 20.44 -19.14
N LEU E 182 40.19 19.22 -18.86
CA LEU E 182 41.16 18.98 -17.81
C LEU E 182 42.56 19.44 -18.19
N ASN E 183 42.79 19.81 -19.45
CA ASN E 183 44.07 20.31 -19.93
C ASN E 183 45.19 19.30 -19.67
N LEU E 184 44.94 18.07 -20.10
CA LEU E 184 45.95 17.04 -19.97
C LEU E 184 47.07 17.26 -20.98
N THR E 185 48.20 16.60 -20.75
CA THR E 185 49.34 16.73 -21.64
C THR E 185 49.03 16.09 -22.99
N TYR E 186 49.82 16.44 -24.00
CA TYR E 186 49.62 15.88 -25.32
C TYR E 186 49.82 14.36 -25.33
N ALA E 187 50.73 13.87 -24.50
CA ALA E 187 50.97 12.42 -24.45
C ALA E 187 49.73 11.68 -23.98
N THR E 188 49.08 12.17 -22.92
CA THR E 188 47.90 11.51 -22.39
C THR E 188 46.76 11.54 -23.39
N LEU E 189 46.53 12.69 -24.03
CA LEU E 189 45.45 12.78 -25.02
C LEU E 189 45.73 11.88 -26.22
N ALA E 190 46.98 11.83 -26.68
CA ALA E 190 47.32 10.98 -27.80
C ALA E 190 47.14 9.50 -27.44
N SER E 191 47.54 9.11 -26.23
CA SER E 191 47.41 7.72 -25.83
C SER E 191 45.96 7.34 -25.56
N MET E 192 45.11 8.31 -25.25
CA MET E 192 43.72 8.02 -24.93
C MET E 192 42.91 7.66 -26.17
N ILE E 193 43.38 8.05 -27.35
CA ILE E 193 42.63 7.80 -28.58
C ILE E 193 42.77 6.33 -28.94
N LYS E 194 41.72 5.54 -28.67
CA LYS E 194 41.75 4.12 -28.98
C LYS E 194 41.72 3.88 -30.49
N TYR E 195 40.85 4.60 -31.20
CA TYR E 195 40.66 4.42 -32.63
C TYR E 195 40.95 5.73 -33.35
N PRO E 196 42.15 5.92 -33.88
CA PRO E 196 42.48 7.21 -34.50
C PRO E 196 41.82 7.44 -35.84
N ARG E 197 40.48 7.54 -35.85
CA ARG E 197 39.74 7.85 -37.06
C ARG E 197 38.37 8.37 -36.66
N SER E 198 37.73 9.05 -37.60
CA SER E 198 36.38 9.57 -37.42
C SER E 198 35.40 8.78 -38.26
N SER E 199 34.10 9.01 -38.02
CA SER E 199 33.08 8.32 -38.78
C SER E 199 33.09 8.72 -40.25
N GLU E 200 33.54 9.94 -40.56
CA GLU E 200 33.66 10.34 -41.96
C GLU E 200 34.68 9.47 -42.69
N SER E 201 35.79 9.16 -42.04
CA SER E 201 36.81 8.30 -42.65
C SER E 201 36.30 6.89 -42.81
N ASP E 202 36.96 6.14 -43.69
CA ASP E 202 36.55 4.78 -44.00
C ASP E 202 37.71 3.81 -43.79
N SER E 203 38.42 3.95 -42.68
CA SER E 203 39.54 3.07 -42.38
C SER E 203 39.05 1.65 -42.11
N SER E 204 39.76 0.67 -42.65
CA SER E 204 39.47 -0.73 -42.42
C SER E 204 40.19 -1.30 -41.21
N LEU E 205 41.19 -0.59 -40.68
CA LEU E 205 41.93 -1.11 -39.54
C LEU E 205 41.11 -0.99 -38.26
N TRP E 206 40.41 0.11 -38.07
CA TRP E 206 39.63 0.36 -36.85
C TRP E 206 38.15 0.35 -37.22
N LYS E 207 37.39 -0.54 -36.58
CA LYS E 207 35.97 -0.65 -36.89
C LYS E 207 35.20 0.54 -36.34
N LYS E 208 35.56 1.03 -35.16
CA LYS E 208 34.88 2.13 -34.52
C LYS E 208 35.59 3.44 -34.83
N HIS E 209 34.99 4.54 -34.39
CA HIS E 209 35.56 5.87 -34.54
C HIS E 209 35.92 6.42 -33.16
N GLY E 210 37.03 7.13 -33.09
CA GLY E 210 37.57 7.55 -31.80
C GLY E 210 37.22 8.95 -31.35
N PHE E 211 36.67 9.78 -32.25
CA PHE E 211 36.36 11.15 -31.88
C PHE E 211 35.21 11.66 -32.73
N PHE E 212 34.53 12.67 -32.19
CA PHE E 212 33.41 13.30 -32.88
C PHE E 212 33.90 14.30 -33.90
N LEU E 213 32.94 14.87 -34.65
CA LEU E 213 33.28 15.94 -35.58
C LEU E 213 33.72 17.20 -34.84
N SER E 214 33.13 17.44 -33.67
CA SER E 214 33.47 18.65 -32.92
C SER E 214 34.92 18.63 -32.45
N GLU E 215 35.44 17.45 -32.14
CA GLU E 215 36.81 17.30 -31.65
C GLU E 215 37.83 17.12 -32.76
N LYS E 216 37.44 17.32 -34.02
CA LYS E 216 38.34 17.05 -35.14
C LYS E 216 39.58 17.94 -35.07
N ASP E 217 39.38 19.24 -34.78
CA ASP E 217 40.50 20.17 -34.70
C ASP E 217 41.41 19.83 -33.52
N VAL E 218 40.80 19.44 -32.39
CA VAL E 218 41.59 19.07 -31.22
C VAL E 218 42.46 17.85 -31.51
N VAL E 219 41.87 16.83 -32.17
CA VAL E 219 42.62 15.64 -32.49
C VAL E 219 43.72 15.94 -33.50
N GLN E 220 43.43 16.85 -34.44
CA GLN E 220 44.45 17.27 -35.40
C GLN E 220 45.63 17.94 -34.68
N ASP E 221 45.32 18.79 -33.70
CA ASP E 221 46.37 19.43 -32.91
C ASP E 221 47.19 18.40 -32.14
N ILE E 222 46.50 17.41 -31.55
CA ILE E 222 47.19 16.37 -30.80
C ILE E 222 48.13 15.59 -31.72
N TRP E 223 47.66 15.24 -32.91
CA TRP E 223 48.51 14.54 -33.87
C TRP E 223 49.70 15.40 -34.28
N ASN E 224 49.48 16.69 -34.50
CA ASN E 224 50.57 17.58 -34.88
C ASN E 224 51.62 17.70 -33.78
N ASN E 225 51.20 17.71 -32.52
CA ASN E 225 52.12 17.91 -31.40
C ASN E 225 52.72 16.61 -30.89
N THR E 226 52.36 15.46 -31.48
CA THR E 226 52.90 14.18 -31.04
C THR E 226 53.49 13.35 -32.17
N GLY E 227 53.47 13.84 -33.41
CA GLY E 227 54.00 13.09 -34.52
C GLY E 227 53.13 11.98 -35.03
N LEU E 228 51.91 11.84 -34.52
CA LEU E 228 50.98 10.83 -34.99
C LEU E 228 50.17 11.36 -36.17
N SER E 229 49.33 10.51 -36.73
CA SER E 229 48.46 10.89 -37.84
C SER E 229 47.24 9.98 -37.81
N GLU E 230 46.31 10.23 -38.73
CA GLU E 230 45.09 9.45 -38.78
C GLU E 230 45.39 7.99 -39.11
N GLY E 231 44.80 7.08 -38.34
CA GLY E 231 44.98 5.67 -38.50
C GLY E 231 46.15 5.10 -37.71
N VAL E 232 47.04 5.96 -37.24
CA VAL E 232 48.19 5.53 -36.45
C VAL E 232 47.85 5.68 -34.98
N ARG E 233 48.04 4.60 -34.22
CA ARG E 233 47.67 4.56 -32.82
C ARG E 233 48.91 4.75 -31.95
N HIS E 234 48.74 5.45 -30.84
CA HIS E 234 49.86 5.67 -29.93
C HIS E 234 50.35 4.34 -29.38
N PRO E 235 51.67 4.16 -29.23
CA PRO E 235 52.17 2.85 -28.76
C PRO E 235 51.63 2.44 -27.40
N PHE E 236 51.41 3.39 -26.50
CA PHE E 236 50.88 3.06 -25.18
C PHE E 236 49.39 2.77 -25.20
N THR E 237 48.69 3.17 -26.26
CA THR E 237 47.28 2.81 -26.37
C THR E 237 47.11 1.30 -26.51
N TYR E 238 48.05 0.65 -27.21
CA TYR E 238 48.01 -0.81 -27.28
C TYR E 238 48.16 -1.43 -25.90
N ILE E 239 49.07 -0.90 -25.09
CA ILE E 239 49.25 -1.42 -23.74
C ILE E 239 47.99 -1.21 -22.91
N MET E 240 47.40 -0.02 -23.00
CA MET E 240 46.19 0.26 -22.25
C MET E 240 45.04 -0.66 -22.67
N GLU E 241 44.89 -0.87 -23.98
CA GLU E 241 43.84 -1.75 -24.46
C GLU E 241 44.06 -3.19 -24.03
N ALA E 242 45.31 -3.67 -24.07
CA ALA E 242 45.61 -5.01 -23.61
C ALA E 242 45.31 -5.17 -22.13
N CYS E 243 45.69 -4.17 -21.32
CA CYS E 243 45.41 -4.22 -19.90
C CYS E 243 43.91 -4.21 -19.63
N ASP E 244 43.16 -3.40 -20.38
CA ASP E 244 41.71 -3.37 -20.23
C ASP E 244 41.11 -4.73 -20.59
N ASP E 245 41.58 -5.33 -21.68
CA ASP E 245 41.07 -6.64 -22.09
C ASP E 245 41.35 -7.69 -21.02
N ILE E 246 42.59 -7.74 -20.54
CA ILE E 246 42.99 -8.71 -19.53
C ILE E 246 42.12 -8.54 -18.29
N ALA E 247 42.02 -7.29 -17.82
CA ALA E 247 41.29 -7.00 -16.59
C ALA E 247 39.83 -7.41 -16.72
N TYR E 248 39.15 -6.98 -17.78
CA TYR E 248 37.73 -7.28 -17.87
C TYR E 248 37.52 -8.78 -18.07
N SER E 249 38.34 -9.42 -18.91
CA SER E 249 38.16 -10.84 -19.18
C SER E 249 38.36 -11.69 -17.93
N VAL E 250 39.36 -11.37 -17.12
CA VAL E 250 39.62 -12.18 -15.94
C VAL E 250 38.64 -11.85 -14.82
N LEU E 251 38.43 -10.57 -14.53
CA LEU E 251 37.59 -10.19 -13.41
C LEU E 251 36.11 -10.41 -13.68
N ASP E 252 35.67 -10.41 -14.94
CA ASP E 252 34.28 -10.79 -15.20
C ASP E 252 34.05 -12.27 -14.94
N ALA E 253 35.04 -13.11 -15.27
CA ALA E 253 34.94 -14.53 -14.91
C ALA E 253 34.93 -14.69 -13.39
N GLU E 254 35.77 -13.92 -12.70
CA GLU E 254 35.76 -13.97 -11.24
C GLU E 254 34.40 -13.57 -10.68
N ASP E 255 33.81 -12.51 -11.24
CA ASP E 255 32.50 -12.06 -10.78
C ASP E 255 31.41 -13.07 -11.11
N ILE E 256 31.54 -13.76 -12.25
CA ILE E 256 30.58 -14.80 -12.60
C ILE E 256 30.63 -15.93 -11.57
N ILE E 257 31.85 -16.35 -11.21
CA ILE E 257 32.00 -17.40 -10.21
C ILE E 257 31.46 -16.94 -8.86
N LYS E 258 31.77 -15.70 -8.47
CA LYS E 258 31.31 -15.19 -7.18
C LYS E 258 29.78 -15.10 -7.14
N LYS E 259 29.16 -14.67 -8.23
CA LYS E 259 27.72 -14.51 -8.28
C LYS E 259 26.95 -15.82 -8.37
N GLY E 260 27.66 -16.94 -8.54
CA GLY E 260 27.02 -18.23 -8.59
C GLY E 260 26.53 -18.67 -9.95
N PHE E 261 26.76 -17.87 -11.00
CA PHE E 261 26.35 -18.26 -12.34
C PHE E 261 27.18 -19.41 -12.89
N ALA E 262 28.32 -19.69 -12.28
CA ALA E 262 29.17 -20.81 -12.67
C ALA E 262 30.03 -21.18 -11.46
N SER E 263 30.91 -22.15 -11.65
CA SER E 263 31.79 -22.61 -10.60
C SER E 263 33.22 -22.68 -11.13
N PHE E 264 34.17 -22.78 -10.20
CA PHE E 264 35.57 -22.87 -10.57
C PHE E 264 35.85 -24.09 -11.43
N HIS E 265 35.24 -25.23 -11.08
CA HIS E 265 35.40 -26.43 -11.89
C HIS E 265 34.79 -26.23 -13.28
N ASP E 266 33.70 -25.48 -13.38
CA ASP E 266 33.13 -25.19 -14.69
C ASP E 266 34.11 -24.42 -15.55
N LEU E 267 34.77 -23.40 -14.98
CA LEU E 267 35.76 -22.64 -15.73
C LEU E 267 36.95 -23.51 -16.12
N ILE E 268 37.40 -24.37 -15.20
CA ILE E 268 38.53 -25.24 -15.50
C ILE E 268 38.19 -26.17 -16.65
N ASP E 269 36.99 -26.76 -16.62
CA ASP E 269 36.57 -27.65 -17.69
C ASP E 269 36.41 -26.89 -19.01
N PHE E 270 35.88 -25.67 -18.95
CA PHE E 270 35.72 -24.88 -20.17
C PHE E 270 37.07 -24.58 -20.80
N ILE E 271 38.06 -24.22 -19.99
CA ILE E 271 39.39 -23.92 -20.53
C ILE E 271 40.05 -25.18 -21.06
N GLN E 272 39.93 -26.29 -20.32
CA GLN E 272 40.56 -27.53 -20.75
C GLN E 272 39.95 -28.04 -22.06
N SER E 273 38.64 -27.96 -22.20
CA SER E 273 37.94 -28.46 -23.38
C SER E 273 37.89 -27.44 -24.50
N ASN E 274 38.42 -26.24 -24.31
CA ASN E 274 38.44 -25.25 -25.37
C ASN E 274 39.33 -25.72 -26.51
N GLN E 275 38.90 -25.45 -27.75
CA GLN E 275 39.62 -25.96 -28.90
C GLN E 275 41.04 -25.39 -28.99
N PHE E 276 41.19 -24.09 -28.77
CA PHE E 276 42.49 -23.45 -28.89
C PHE E 276 43.32 -23.52 -27.62
N CYS E 277 42.72 -23.85 -26.48
CA CYS E 277 43.42 -23.90 -25.21
C CYS E 277 43.87 -25.31 -24.83
N LYS E 278 43.60 -26.31 -25.67
CA LYS E 278 44.04 -27.66 -25.35
C LYS E 278 45.55 -27.79 -25.42
N GLU E 279 46.21 -27.00 -26.28
CA GLU E 279 47.65 -27.09 -26.45
C GLU E 279 48.38 -25.80 -26.13
N ASP E 280 47.68 -24.76 -25.67
CA ASP E 280 48.33 -23.50 -25.34
C ASP E 280 49.16 -23.67 -24.07
N ASP E 281 50.41 -23.22 -24.14
CA ASP E 281 51.31 -23.37 -22.99
C ASP E 281 50.84 -22.54 -21.80
N VAL E 282 50.40 -21.30 -22.05
CA VAL E 282 49.98 -20.43 -20.95
C VAL E 282 48.76 -21.02 -20.26
N ALA E 283 47.78 -21.48 -21.04
CA ALA E 283 46.59 -22.08 -20.45
C ALA E 283 46.94 -23.34 -19.67
N LYS E 284 47.84 -24.17 -20.21
CA LYS E 284 48.25 -25.37 -19.51
C LYS E 284 48.91 -25.05 -18.17
N ARG E 285 49.80 -24.05 -18.16
CA ARG E 285 50.46 -23.67 -16.93
C ARG E 285 49.48 -23.13 -15.91
N VAL E 286 48.53 -22.30 -16.37
CA VAL E 286 47.53 -21.75 -15.46
C VAL E 286 46.68 -22.87 -14.86
N ILE E 287 46.25 -23.82 -15.69
CA ILE E 287 45.44 -24.92 -15.20
C ILE E 287 46.22 -25.76 -14.19
N GLU E 288 47.50 -26.04 -14.50
CA GLU E 288 48.31 -26.85 -13.59
C GLU E 288 48.48 -26.15 -12.24
N ASN E 289 48.79 -24.85 -12.27
CA ASN E 289 48.94 -24.12 -11.01
C ASN E 289 47.64 -24.09 -10.23
N CYS E 290 46.52 -23.87 -10.92
CA CYS E 290 45.23 -23.83 -10.23
C CYS E 290 44.90 -25.16 -9.59
N LYS E 291 45.13 -26.27 -10.29
CA LYS E 291 44.86 -27.57 -9.72
C LYS E 291 45.79 -27.87 -8.54
N LYS E 292 47.07 -27.49 -8.67
CA LYS E 292 48.00 -27.72 -7.58
C LYS E 292 47.60 -26.96 -6.32
N ILE E 293 47.18 -25.71 -6.47
CA ILE E 293 46.75 -24.95 -5.31
C ILE E 293 45.40 -25.46 -4.80
N HIS E 294 44.53 -25.93 -5.69
CA HIS E 294 43.22 -26.40 -5.29
C HIS E 294 43.30 -27.68 -4.46
N ALA E 295 44.25 -28.55 -4.78
CA ALA E 295 44.43 -29.75 -3.96
C ALA E 295 44.78 -29.36 -2.52
N ASP E 296 45.74 -28.46 -2.35
CA ASP E 296 46.13 -28.03 -1.01
C ASP E 296 44.98 -27.33 -0.28
N TYR E 297 44.22 -26.52 -1.01
CA TYR E 297 43.07 -25.86 -0.38
C TYR E 297 42.02 -26.87 0.04
N ALA E 298 41.80 -27.89 -0.78
CA ALA E 298 40.87 -28.95 -0.41
C ALA E 298 41.36 -29.74 0.79
N GLN E 299 42.69 -29.79 1.00
CA GLN E 299 43.20 -30.42 2.21
C GLN E 299 42.71 -29.71 3.47
N GLN E 300 42.65 -28.38 3.43
CA GLN E 300 42.11 -27.63 4.55
C GLN E 300 40.60 -27.80 4.63
N LYS E 301 40.00 -27.20 5.65
CA LYS E 301 38.56 -27.23 5.85
C LYS E 301 37.98 -25.90 5.37
N LEU E 302 37.09 -25.97 4.38
CA LEU E 302 36.49 -24.78 3.78
C LEU E 302 35.09 -25.12 3.28
N SER E 303 34.20 -24.14 3.33
CA SER E 303 32.89 -24.30 2.74
C SER E 303 33.02 -24.31 1.22
N PRO E 304 32.05 -24.92 0.52
CA PRO E 304 32.14 -24.94 -0.95
C PRO E 304 32.25 -23.56 -1.57
N ALA E 305 31.52 -22.58 -1.04
CA ALA E 305 31.64 -21.22 -1.56
C ALA E 305 33.03 -20.65 -1.29
N GLU E 306 33.59 -20.91 -0.11
CA GLU E 306 34.92 -20.42 0.21
C GLU E 306 35.98 -21.09 -0.66
N LEU E 307 35.84 -22.40 -0.90
CA LEU E 307 36.76 -23.09 -1.79
C LEU E 307 36.68 -22.53 -3.21
N ASN E 308 35.46 -22.27 -3.68
CA ASN E 308 35.28 -21.65 -4.99
C ASN E 308 35.96 -20.30 -5.04
N ASP E 309 35.79 -19.49 -3.99
CA ASP E 309 36.36 -18.15 -3.96
C ASP E 309 37.88 -18.20 -3.97
N MET E 310 38.48 -19.09 -3.17
CA MET E 310 39.93 -19.20 -3.15
C MET E 310 40.49 -19.70 -4.47
N SER E 311 39.84 -20.70 -5.06
CA SER E 311 40.30 -21.21 -6.34
C SER E 311 40.20 -20.12 -7.41
N MET E 312 39.11 -19.36 -7.40
CA MET E 312 38.96 -18.25 -8.34
C MET E 312 40.02 -17.18 -8.12
N GLN E 313 40.33 -16.88 -6.87
CA GLN E 313 41.36 -15.88 -6.57
C GLN E 313 42.71 -16.33 -7.11
N MET E 314 43.07 -17.59 -6.88
CA MET E 314 44.35 -18.08 -7.36
C MET E 314 44.38 -18.13 -8.88
N PHE E 315 43.26 -18.51 -9.51
CA PHE E 315 43.19 -18.48 -10.96
C PHE E 315 43.39 -17.05 -11.47
N ARG E 316 42.76 -16.08 -10.81
CA ARG E 316 42.95 -14.69 -11.21
C ARG E 316 44.41 -14.29 -11.10
N VAL E 317 45.06 -14.66 -10.00
CA VAL E 317 46.47 -14.30 -9.81
C VAL E 317 47.32 -14.88 -10.93
N TYR E 318 47.20 -16.18 -11.17
CA TYR E 318 48.05 -16.83 -12.17
C TYR E 318 47.74 -16.35 -13.58
N ALA E 319 46.47 -16.22 -13.94
CA ALA E 319 46.10 -15.76 -15.27
C ALA E 319 46.56 -14.34 -15.51
N ILE E 320 46.38 -13.46 -14.53
CA ILE E 320 46.82 -12.07 -14.68
C ILE E 320 48.32 -12.01 -14.85
N ALA E 321 49.06 -12.78 -14.03
CA ALA E 321 50.52 -12.78 -14.15
C ALA E 321 50.95 -13.25 -15.54
N GLU E 322 50.39 -14.37 -16.00
CA GLU E 322 50.79 -14.90 -17.30
C GLU E 322 50.44 -13.94 -18.43
N LEU E 323 49.22 -13.39 -18.40
CA LEU E 323 48.80 -12.49 -19.47
C LEU E 323 49.62 -11.21 -19.48
N VAL E 324 49.92 -10.65 -18.31
CA VAL E 324 50.72 -9.44 -18.24
C VAL E 324 52.12 -9.70 -18.76
N ASP E 325 52.72 -10.84 -18.37
CA ASP E 325 54.05 -11.16 -18.86
C ASP E 325 54.05 -11.34 -20.37
N ALA E 326 53.04 -12.03 -20.91
CA ALA E 326 52.95 -12.23 -22.35
C ALA E 326 52.79 -10.91 -23.08
N VAL E 327 51.96 -10.01 -22.54
CA VAL E 327 51.74 -8.71 -23.17
C VAL E 327 53.02 -7.89 -23.16
N VAL E 328 53.74 -7.90 -22.04
CA VAL E 328 54.99 -7.15 -21.96
C VAL E 328 56.01 -7.71 -22.97
N ILE E 329 56.11 -9.03 -23.06
CA ILE E 329 57.05 -9.63 -24.01
C ILE E 329 56.67 -9.27 -25.44
N ALA E 330 55.37 -9.34 -25.76
CA ALA E 330 54.94 -9.00 -27.11
C ALA E 330 55.23 -7.54 -27.44
N PHE E 331 54.97 -6.64 -26.50
CA PHE E 331 55.26 -5.23 -26.74
C PHE E 331 56.75 -5.00 -26.93
N LYS E 332 57.58 -5.66 -26.12
CA LYS E 332 59.02 -5.50 -26.27
C LYS E 332 59.51 -6.03 -27.61
N ASP E 333 58.98 -7.17 -28.05
CA ASP E 333 59.43 -7.77 -29.30
C ASP E 333 59.02 -6.94 -30.51
N ASN E 334 57.78 -6.42 -30.51
CA ASN E 334 57.24 -5.68 -31.64
C ASN E 334 57.32 -4.17 -31.42
N ILE E 335 58.33 -3.69 -30.70
CA ILE E 335 58.41 -2.26 -30.42
C ILE E 335 58.71 -1.47 -31.69
N ASN E 336 59.54 -2.01 -32.57
CA ASN E 336 59.85 -1.31 -33.81
C ASN E 336 58.62 -1.17 -34.69
N GLU E 337 57.80 -2.21 -34.78
CA GLU E 337 56.57 -2.13 -35.56
C GLU E 337 55.60 -1.13 -34.95
N PHE E 338 55.51 -1.10 -33.62
CA PHE E 338 54.62 -0.14 -32.97
C PHE E 338 55.08 1.29 -33.21
N LEU E 339 56.39 1.53 -33.16
CA LEU E 339 56.92 2.87 -33.43
C LEU E 339 56.92 3.21 -34.91
N ASN E 340 56.63 2.25 -35.78
CA ASN E 340 56.57 2.54 -37.21
C ASN E 340 55.39 3.45 -37.52
N ASP E 341 55.59 4.36 -38.47
CA ASP E 341 54.55 5.31 -38.84
C ASP E 341 53.37 4.66 -39.54
N THR E 342 53.51 3.41 -39.99
CA THR E 342 52.45 2.69 -40.68
C THR E 342 52.12 1.39 -39.97
N CYS E 343 51.99 1.45 -38.64
CA CYS E 343 51.67 0.26 -37.88
C CYS E 343 50.26 -0.23 -38.20
N GLU E 344 50.12 -1.54 -38.36
CA GLU E 344 48.82 -2.14 -38.70
C GLU E 344 48.45 -3.26 -37.73
N ILE E 345 49.00 -3.26 -36.53
CA ILE E 345 48.67 -4.27 -35.53
C ILE E 345 47.31 -3.93 -34.92
N LYS E 346 46.40 -4.89 -34.93
CA LYS E 346 45.06 -4.63 -34.40
C LYS E 346 45.05 -4.55 -32.89
N ASP E 347 45.76 -5.47 -32.22
CA ASP E 347 45.80 -5.46 -30.76
C ASP E 347 47.08 -6.14 -30.30
N LEU E 348 47.48 -5.82 -29.07
CA LEU E 348 48.71 -6.38 -28.51
C LEU E 348 48.53 -7.82 -28.06
N ILE E 349 47.35 -8.19 -27.58
CA ILE E 349 47.13 -9.55 -27.07
C ILE E 349 47.27 -10.57 -28.19
N SER E 350 46.71 -10.26 -29.37
CA SER E 350 46.77 -11.20 -30.49
C SER E 350 48.20 -11.47 -30.93
N CYS E 351 49.13 -10.57 -30.64
CA CYS E 351 50.54 -10.78 -30.95
C CYS E 351 51.29 -11.48 -29.83
N SER E 352 50.64 -11.74 -28.70
CA SER E 352 51.29 -12.35 -27.55
C SER E 352 50.93 -13.84 -27.48
N SER E 353 51.49 -14.52 -26.49
CA SER E 353 51.23 -15.93 -26.27
C SER E 353 50.01 -16.17 -25.40
N GLY E 354 49.41 -15.12 -24.84
CA GLY E 354 48.22 -15.26 -24.02
C GLY E 354 46.95 -14.99 -24.80
N LYS E 355 47.05 -15.02 -26.13
CA LYS E 355 45.89 -14.74 -26.97
C LYS E 355 44.80 -15.78 -26.77
N ASN E 356 45.17 -17.05 -26.79
CA ASN E 356 44.17 -18.12 -26.68
C ASN E 356 43.48 -18.09 -25.33
N LEU E 357 44.24 -17.88 -24.24
CA LEU E 357 43.64 -17.85 -22.92
C LEU E 357 42.67 -16.69 -22.78
N CYS E 358 43.06 -15.50 -23.26
CA CYS E 358 42.18 -14.34 -23.17
C CYS E 358 40.92 -14.54 -24.02
N GLN E 359 41.08 -15.11 -25.21
CA GLN E 359 39.91 -15.36 -26.06
C GLN E 359 38.97 -16.36 -25.41
N ALA E 360 39.50 -17.42 -24.81
CA ALA E 360 38.67 -18.40 -24.13
C ALA E 360 37.97 -17.78 -22.93
N LEU E 361 38.67 -16.91 -22.19
CA LEU E 361 38.03 -16.24 -21.07
C LEU E 361 36.90 -15.32 -21.53
N LYS E 362 37.10 -14.62 -22.65
CA LYS E 362 36.04 -13.79 -23.20
C LYS E 362 34.84 -14.64 -23.61
N LYS E 363 35.10 -15.78 -24.24
CA LYS E 363 34.00 -16.66 -24.63
C LYS E 363 33.25 -17.18 -23.41
N PHE E 364 33.99 -17.55 -22.36
CA PHE E 364 33.35 -18.01 -21.13
C PHE E 364 32.50 -16.91 -20.50
N ASP E 365 33.01 -15.69 -20.46
CA ASP E 365 32.25 -14.57 -19.90
C ASP E 365 30.99 -14.31 -20.72
N SER E 366 31.10 -14.37 -22.04
CA SER E 366 29.93 -14.16 -22.89
C SER E 366 28.88 -15.25 -22.67
N SER E 367 29.32 -16.51 -22.62
CA SER E 367 28.37 -17.61 -22.52
C SER E 367 27.71 -17.67 -21.14
N ARG E 368 28.47 -17.37 -20.09
CA ARG E 368 27.95 -17.54 -18.74
C ARG E 368 27.39 -16.25 -18.16
N GLY E 369 28.06 -15.13 -18.35
CA GLY E 369 27.65 -13.90 -17.69
C GLY E 369 26.90 -12.90 -18.54
N TYR E 370 27.39 -12.64 -19.75
CA TYR E 370 26.78 -11.62 -20.59
C TYR E 370 25.42 -12.04 -21.12
N GLN E 371 25.24 -13.34 -21.37
CA GLN E 371 23.98 -13.86 -21.85
C GLN E 371 23.11 -14.46 -20.76
N HIS E 372 23.43 -14.20 -19.49
CA HIS E 372 22.59 -14.67 -18.40
C HIS E 372 21.23 -13.98 -18.44
N ARG E 373 20.22 -14.68 -17.95
CA ARG E 373 18.85 -14.17 -18.01
C ARG E 373 18.70 -12.87 -17.24
N SER E 374 19.26 -12.80 -16.03
CA SER E 374 19.15 -11.59 -15.24
C SER E 374 19.85 -10.41 -15.91
N VAL E 375 21.03 -10.67 -16.49
CA VAL E 375 21.76 -9.61 -17.17
C VAL E 375 20.98 -9.12 -18.38
N LEU E 376 20.38 -10.03 -19.14
CA LEU E 376 19.58 -9.62 -20.30
C LEU E 376 18.37 -8.80 -19.88
N LYS E 377 17.69 -9.21 -18.80
CA LYS E 377 16.54 -8.45 -18.32
C LYS E 377 16.96 -7.05 -17.86
N LEU E 378 18.07 -6.96 -17.13
CA LEU E 378 18.57 -5.65 -16.71
C LEU E 378 18.96 -4.79 -17.90
N GLU E 379 19.54 -5.40 -18.93
CA GLU E 379 19.89 -4.66 -20.14
C GLU E 379 18.65 -4.11 -20.82
N LEU E 380 17.60 -4.93 -20.91
CA LEU E 380 16.36 -4.45 -21.51
C LEU E 380 15.75 -3.32 -20.70
N GLU E 381 15.77 -3.43 -19.38
CA GLU E 381 15.26 -2.35 -18.54
C GLU E 381 16.06 -1.07 -18.73
N GLY E 382 17.38 -1.17 -18.78
CA GLY E 382 18.20 0.00 -19.02
C GLY E 382 17.95 0.62 -20.37
N SER E 383 17.76 -0.22 -21.39
CA SER E 383 17.45 0.29 -22.72
C SER E 383 16.13 1.04 -22.72
N ASN E 384 15.11 0.50 -22.06
CA ASN E 384 13.83 1.18 -21.98
C ASN E 384 13.97 2.51 -21.27
N TYR E 385 14.68 2.53 -20.14
CA TYR E 385 14.90 3.76 -19.40
C TYR E 385 15.60 4.81 -20.27
N ILE E 386 16.67 4.41 -20.93
CA ILE E 386 17.47 5.34 -21.72
C ILE E 386 16.64 5.88 -22.88
N LYS E 387 15.92 5.01 -23.59
CA LYS E 387 15.15 5.48 -24.73
C LYS E 387 14.01 6.39 -24.30
N GLY E 388 13.33 6.07 -23.20
CA GLY E 388 12.28 6.95 -22.71
C GLY E 388 12.81 8.32 -22.32
N LEU E 389 13.92 8.34 -21.58
CA LEU E 389 14.51 9.61 -21.18
C LEU E 389 14.98 10.40 -22.39
N MET E 390 15.54 9.72 -23.40
CA MET E 390 15.97 10.41 -24.60
C MET E 390 14.80 11.02 -25.34
N ASP E 391 13.68 10.30 -25.44
CA ASP E 391 12.49 10.88 -26.06
C ASP E 391 12.03 12.12 -25.30
N MET E 392 11.98 12.02 -23.97
CA MET E 392 11.53 13.14 -23.16
C MET E 392 12.44 14.35 -23.31
N LEU E 393 13.76 14.13 -23.33
CA LEU E 393 14.69 15.25 -23.50
C LEU E 393 14.61 15.81 -24.91
N TRP E 394 14.47 14.95 -25.92
CA TRP E 394 14.35 15.42 -27.29
C TRP E 394 13.10 16.27 -27.48
N LEU E 395 12.06 16.03 -26.68
CA LEU E 395 10.89 16.89 -26.74
C LEU E 395 11.25 18.35 -26.46
N GLY E 396 12.24 18.58 -25.60
CA GLY E 396 12.67 19.92 -25.25
C GLY E 396 13.95 20.40 -25.89
N ILE E 397 14.50 19.66 -26.85
CA ILE E 397 15.75 20.02 -27.49
C ILE E 397 15.59 20.27 -28.99
N LYS E 398 14.81 19.43 -29.68
CA LYS E 398 14.70 19.55 -31.12
C LYS E 398 14.13 20.92 -31.52
N GLY E 399 14.77 21.56 -32.48
CA GLY E 399 14.37 22.87 -32.94
C GLY E 399 14.99 24.02 -32.18
N ARG E 400 15.68 23.76 -31.07
CA ARG E 400 16.28 24.84 -30.30
C ARG E 400 17.36 25.57 -31.10
N ALA E 401 18.04 24.86 -31.99
CA ALA E 401 19.08 25.46 -32.82
C ALA E 401 18.68 25.64 -34.27
N THR E 402 17.81 24.76 -34.80
CA THR E 402 17.40 24.88 -36.20
C THR E 402 16.54 26.12 -36.42
N GLY E 403 15.61 26.39 -35.50
CA GLY E 403 14.75 27.55 -35.64
C GLY E 403 13.30 27.28 -35.29
N ASP E 404 12.89 26.02 -35.33
CA ASP E 404 11.52 25.66 -34.97
C ASP E 404 11.27 25.92 -33.50
N THR E 405 10.02 26.20 -33.16
CA THR E 405 9.62 26.56 -31.81
C THR E 405 8.70 25.50 -31.21
N GLN E 406 8.93 24.24 -31.54
CA GLN E 406 8.14 23.15 -30.98
C GLN E 406 8.53 22.82 -29.54
N TYR E 407 9.61 23.42 -29.04
CA TYR E 407 10.10 23.17 -27.69
C TYR E 407 9.51 24.13 -26.66
N ASP E 408 8.72 25.10 -27.08
CA ASP E 408 8.31 26.19 -26.20
C ASP E 408 7.26 25.79 -25.19
N THR E 409 6.84 24.53 -25.16
CA THR E 409 5.91 24.08 -24.14
C THR E 409 6.57 24.14 -22.77
N PRO E 410 5.77 24.31 -21.70
CA PRO E 410 6.37 24.35 -20.36
C PRO E 410 7.18 23.12 -20.01
N PHE E 411 6.71 21.94 -20.43
CA PHE E 411 7.48 20.73 -20.21
C PHE E 411 8.81 20.78 -20.94
N GLY E 412 8.80 21.30 -22.17
CA GLY E 412 10.05 21.42 -22.91
C GLY E 412 11.04 22.35 -22.25
N ARG E 413 10.56 23.49 -21.76
CA ARG E 413 11.45 24.43 -21.09
C ARG E 413 12.00 23.83 -19.80
N TYR E 414 11.15 23.14 -19.03
CA TYR E 414 11.64 22.50 -17.81
C TYR E 414 12.67 21.42 -18.12
N VAL E 415 12.42 20.62 -19.15
CA VAL E 415 13.35 19.56 -19.54
C VAL E 415 14.68 20.16 -19.97
N TYR E 416 14.65 21.24 -20.74
CA TYR E 416 15.88 21.91 -21.12
C TYR E 416 16.62 22.43 -19.89
N GLY E 417 15.87 23.02 -18.94
CA GLY E 417 16.50 23.50 -17.73
C GLY E 417 17.09 22.40 -16.87
N ARG E 418 16.59 21.17 -17.00
CA ARG E 418 17.09 20.07 -16.20
C ARG E 418 18.47 19.59 -16.67
N ILE E 419 18.84 19.87 -17.92
CA ILE E 419 20.15 19.45 -18.41
C ILE E 419 21.24 20.26 -17.73
N SER E 420 22.40 19.65 -17.55
CA SER E 420 23.52 20.30 -16.87
C SER E 420 23.91 21.58 -17.60
N GLU E 421 24.33 22.57 -16.81
CA GLU E 421 24.58 23.90 -17.36
C GLU E 421 25.73 23.93 -18.35
N ASN E 422 26.79 23.14 -18.11
CA ASN E 422 27.93 23.17 -19.00
C ASN E 422 27.56 22.66 -20.39
N TYR E 423 26.76 21.59 -20.46
CA TYR E 423 26.33 21.07 -21.74
C TYR E 423 25.51 22.09 -22.51
N ARG E 424 24.59 22.76 -21.82
CA ARG E 424 23.78 23.78 -22.47
C ARG E 424 24.63 24.96 -22.91
N ARG E 425 25.63 25.33 -22.12
CA ARG E 425 26.50 26.44 -22.48
C ARG E 425 27.31 26.11 -23.73
N ILE E 426 27.80 24.88 -23.83
CA ILE E 426 28.50 24.45 -25.04
C ILE E 426 27.54 24.43 -26.23
N PHE E 427 26.31 23.95 -26.02
CA PHE E 427 25.35 23.87 -27.10
C PHE E 427 24.97 25.24 -27.62
N GLU E 428 24.80 26.22 -26.73
CA GLU E 428 24.42 27.57 -27.14
C GLU E 428 25.56 28.37 -27.74
N GLN E 429 26.79 27.89 -27.63
CA GLN E 429 27.92 28.59 -28.22
C GLN E 429 27.81 28.59 -29.75
N GLU E 430 28.23 29.70 -30.35
CA GLU E 430 28.18 29.87 -31.79
C GLU E 430 29.43 29.26 -32.41
N ASN E 431 29.26 28.18 -33.16
CA ASN E 431 30.37 27.52 -33.83
C ASN E 431 29.92 27.13 -35.23
N ASN E 432 30.75 26.35 -35.92
CA ASN E 432 30.48 25.97 -37.30
C ASN E 432 29.76 24.63 -37.42
N LEU E 433 29.39 23.99 -36.31
CA LEU E 433 28.69 22.73 -36.38
C LEU E 433 27.25 22.93 -36.87
N PRO E 434 26.71 21.96 -37.61
CA PRO E 434 25.31 22.05 -38.02
C PRO E 434 24.38 22.03 -36.81
N ALA E 435 23.24 22.71 -36.96
CA ALA E 435 22.31 22.86 -35.84
C ALA E 435 21.78 21.52 -35.35
N CYS E 436 21.39 20.64 -36.28
CA CYS E 436 20.92 19.32 -35.89
C CYS E 436 22.03 18.54 -35.20
N TYR E 437 23.26 18.66 -35.69
CA TYR E 437 24.40 18.03 -35.04
C TYR E 437 24.57 18.56 -33.62
N LYS E 438 24.42 19.87 -33.44
CA LYS E 438 24.55 20.45 -32.11
C LYS E 438 23.48 19.92 -31.17
N GLU E 439 22.24 19.82 -31.64
CA GLU E 439 21.17 19.30 -30.79
C GLU E 439 21.43 17.85 -30.41
N ALA E 440 21.81 17.02 -31.38
CA ALA E 440 22.09 15.62 -31.09
C ALA E 440 23.27 15.49 -30.14
N GLN E 441 24.30 16.31 -30.32
CA GLN E 441 25.45 16.27 -29.42
C GLN E 441 25.06 16.69 -28.01
N LEU E 442 24.18 17.69 -27.88
CA LEU E 442 23.70 18.08 -26.56
C LEU E 442 22.97 16.93 -25.88
N LEU E 443 22.11 16.24 -26.62
CA LEU E 443 21.39 15.11 -26.04
C LEU E 443 22.35 13.99 -25.64
N ALA E 444 23.33 13.69 -26.50
CA ALA E 444 24.29 12.63 -26.19
C ALA E 444 25.13 12.99 -24.97
N ASP E 445 25.56 14.25 -24.87
CA ASP E 445 26.32 14.69 -23.70
C ASP E 445 25.49 14.59 -22.43
N ALA E 446 24.22 14.97 -22.52
CA ALA E 446 23.35 14.89 -21.35
C ALA E 446 23.20 13.45 -20.88
N ILE E 447 22.89 12.53 -21.80
CA ILE E 447 22.64 11.15 -21.39
C ILE E 447 23.91 10.46 -20.94
N SER E 448 25.02 10.70 -21.64
CA SER E 448 26.24 9.95 -21.38
C SER E 448 26.80 10.23 -19.99
N GLY E 449 26.67 11.46 -19.51
CA GLY E 449 27.20 11.81 -18.22
C GLY E 449 26.41 11.32 -17.03
N MET E 450 25.24 10.73 -17.28
CA MET E 450 24.36 10.28 -16.21
C MET E 450 24.80 8.93 -15.67
N THR E 451 24.46 8.67 -14.42
CA THR E 451 24.64 7.35 -13.81
C THR E 451 23.33 6.60 -13.82
N ASP E 452 23.39 5.33 -13.42
CA ASP E 452 22.19 4.49 -13.44
C ASP E 452 21.11 5.05 -12.53
N SER E 453 21.45 5.32 -11.27
CA SER E 453 20.47 5.83 -10.33
C SER E 453 19.95 7.19 -10.75
N TYR E 454 20.84 8.08 -11.17
CA TYR E 454 20.42 9.41 -11.59
C TYR E 454 19.54 9.34 -12.83
N LEU E 455 19.89 8.49 -13.79
CA LEU E 455 19.07 8.35 -14.99
C LEU E 455 17.69 7.83 -14.65
N ILE E 456 17.62 6.81 -13.78
CA ILE E 456 16.32 6.26 -13.42
C ILE E 456 15.47 7.29 -12.69
N ALA E 457 16.09 8.02 -11.75
CA ALA E 457 15.35 9.03 -11.01
C ALA E 457 14.84 10.14 -11.91
N LEU E 458 15.68 10.62 -12.83
CA LEU E 458 15.25 11.66 -13.76
C LEU E 458 14.16 11.15 -14.68
N HIS E 459 14.27 9.90 -15.15
CA HIS E 459 13.23 9.34 -16.00
C HIS E 459 11.90 9.28 -15.27
N ASP E 460 11.91 8.81 -14.02
CA ASP E 460 10.67 8.73 -13.26
C ASP E 460 10.09 10.11 -13.00
N GLU E 461 10.94 11.07 -12.64
CA GLU E 461 10.46 12.43 -12.36
C GLU E 461 9.82 13.04 -13.60
N LEU E 462 10.50 12.94 -14.75
CA LEU E 462 9.97 13.54 -15.97
C LEU E 462 8.73 12.79 -16.46
N ARG E 463 8.65 11.48 -16.25
CA ARG E 463 7.43 10.74 -16.57
C ARG E 463 6.27 11.25 -15.72
N ALA E 464 6.53 11.52 -14.44
CA ALA E 464 5.49 12.08 -13.59
C ALA E 464 5.06 13.46 -14.09
N LEU E 465 6.02 14.27 -14.53
CA LEU E 465 5.71 15.62 -14.99
C LEU E 465 5.23 15.66 -16.43
N HIS E 466 5.27 14.56 -17.16
CA HIS E 466 4.87 14.51 -18.56
C HIS E 466 3.42 14.07 -18.76
N GLN E 467 2.69 13.86 -17.67
CA GLN E 467 1.35 13.27 -17.78
C GLN E 467 0.41 14.17 -18.56
N TYR E 468 0.44 15.48 -18.29
CA TYR E 468 -0.50 16.38 -18.94
C TYR E 468 -0.20 16.50 -20.43
N GLU E 469 1.07 16.61 -20.80
CA GLU E 469 1.41 16.78 -22.21
C GLU E 469 1.12 15.52 -23.01
N CYS E 470 1.27 14.34 -22.39
CA CYS E 470 0.98 13.09 -23.09
C CYS E 470 -0.49 13.01 -23.50
N ARG E 471 -1.38 13.42 -22.60
CA ARG E 471 -2.81 13.37 -22.87
C ARG E 471 -3.25 14.58 -23.69
N SER F 2 68.28 6.73 15.35
CA SER F 2 69.14 5.56 15.51
C SER F 2 68.60 4.37 14.73
N MET F 3 67.34 4.46 14.31
CA MET F 3 66.74 3.41 13.50
C MET F 3 67.31 3.44 12.08
N HIS F 4 67.44 2.26 11.49
CA HIS F 4 68.03 2.12 10.16
C HIS F 4 66.94 1.90 9.12
N TRP F 5 67.13 2.48 7.94
CA TRP F 5 66.16 2.31 6.86
C TRP F 5 66.12 0.89 6.33
N ASN F 6 67.20 0.13 6.50
CA ASN F 6 67.19 -1.27 6.04
C ASN F 6 66.15 -2.08 6.77
N ASP F 7 66.04 -1.90 8.09
CA ASP F 7 65.02 -2.61 8.86
C ASP F 7 63.64 -2.02 8.62
N LEU F 8 63.55 -0.69 8.51
CA LEU F 8 62.26 -0.04 8.34
C LEU F 8 61.64 -0.38 6.98
N LEU F 9 62.47 -0.63 5.97
CA LEU F 9 61.99 -0.99 4.64
C LEU F 9 62.18 -2.49 4.38
N ASN F 10 62.04 -3.31 5.41
CA ASN F 10 62.21 -4.75 5.27
C ASN F 10 61.11 -5.31 4.37
N SER F 11 61.52 -5.99 3.29
CA SER F 11 60.60 -6.52 2.31
C SER F 11 60.25 -7.98 2.55
N ASN F 12 60.71 -8.57 3.64
CA ASN F 12 60.36 -9.95 3.95
C ASN F 12 58.91 -10.02 4.45
N ARG F 13 58.35 -11.22 4.40
CA ARG F 13 56.98 -11.46 4.79
C ARG F 13 56.92 -12.47 5.93
N ARG F 14 55.85 -12.40 6.71
CA ARG F 14 55.72 -13.23 7.89
C ARG F 14 55.63 -14.72 7.53
N LYS F 15 54.86 -15.03 6.49
CA LYS F 15 54.68 -16.43 6.10
C LYS F 15 56.01 -17.03 5.67
N PRO F 16 56.38 -18.21 6.17
CA PRO F 16 57.63 -18.84 5.74
C PRO F 16 57.62 -19.10 4.25
N LYS F 17 58.76 -18.85 3.61
CA LYS F 17 58.85 -19.02 2.16
C LYS F 17 58.81 -20.51 1.81
N ASN F 18 57.81 -20.90 1.04
CA ASN F 18 57.69 -22.30 0.64
C ASN F 18 58.82 -22.68 -0.29
N GLU F 19 59.34 -23.90 -0.09
CA GLU F 19 60.48 -24.38 -0.86
C GLU F 19 60.10 -25.24 -2.05
N LYS F 20 58.93 -25.87 -2.04
CA LYS F 20 58.47 -26.67 -3.18
C LYS F 20 57.66 -25.86 -4.16
N LYS F 21 58.20 -24.72 -4.62
CA LYS F 21 57.57 -23.89 -5.63
C LYS F 21 58.48 -23.84 -6.85
N GLU F 22 57.95 -24.24 -8.00
CA GLU F 22 58.71 -24.21 -9.24
C GLU F 22 58.67 -22.81 -9.84
N SER F 23 59.56 -22.59 -10.81
CA SER F 23 59.62 -21.31 -11.50
C SER F 23 58.33 -21.00 -12.25
N SER F 24 57.57 -22.02 -12.64
CA SER F 24 56.30 -21.80 -13.33
C SER F 24 55.25 -21.20 -12.41
N GLN F 25 55.42 -21.32 -11.10
CA GLN F 25 54.47 -20.77 -10.14
C GLN F 25 54.85 -19.39 -9.64
N ASP F 26 55.94 -18.80 -10.14
CA ASP F 26 56.33 -17.47 -9.74
C ASP F 26 55.38 -16.45 -10.35
N THR F 27 54.87 -15.54 -9.51
CA THR F 27 53.92 -14.52 -9.96
C THR F 27 54.44 -13.11 -9.70
N SER F 28 55.71 -12.96 -9.36
CA SER F 28 56.27 -11.63 -9.15
C SER F 28 56.30 -10.86 -10.47
N LYS F 29 56.84 -11.47 -11.52
CA LYS F 29 56.92 -10.86 -12.84
C LYS F 29 57.63 -9.51 -12.79
N GLY F 30 58.82 -9.52 -12.19
CA GLY F 30 59.61 -8.30 -12.09
C GLY F 30 58.96 -7.21 -11.27
N ARG F 31 58.35 -7.57 -10.15
CA ARG F 31 57.69 -6.62 -9.27
C ARG F 31 58.40 -6.60 -7.93
N GLN F 32 58.59 -5.42 -7.37
CA GLN F 32 59.08 -5.32 -6.01
C GLN F 32 58.03 -5.86 -5.04
N GLN F 33 58.50 -6.36 -3.91
CA GLN F 33 57.60 -7.01 -2.96
C GLN F 33 56.54 -6.05 -2.43
N ILE F 34 56.93 -4.79 -2.19
CA ILE F 34 55.97 -3.81 -1.70
C ILE F 34 54.95 -3.46 -2.77
N GLU F 35 55.35 -3.48 -4.04
CA GLU F 35 54.38 -3.32 -5.12
C GLU F 35 53.38 -4.46 -5.11
N ARG F 36 53.84 -5.68 -4.85
CA ARG F 36 52.92 -6.80 -4.73
C ARG F 36 52.00 -6.62 -3.52
N ASP F 37 52.51 -6.02 -2.45
CA ASP F 37 51.65 -5.72 -1.31
C ASP F 37 50.54 -4.75 -1.70
N TYR F 38 50.89 -3.70 -2.43
CA TYR F 38 49.86 -2.75 -2.89
C TYR F 38 48.86 -3.44 -3.80
N ASP F 39 49.33 -4.32 -4.69
CA ASP F 39 48.41 -5.05 -5.56
C ASP F 39 47.49 -5.98 -4.76
N ARG F 40 48.03 -6.66 -3.75
CA ARG F 40 47.20 -7.50 -2.90
C ARG F 40 46.14 -6.70 -2.19
N ILE F 41 46.50 -5.52 -1.67
CA ILE F 41 45.52 -4.68 -1.00
C ILE F 41 44.46 -4.22 -1.98
N LEU F 42 44.86 -3.82 -3.19
CA LEU F 42 43.91 -3.31 -4.17
C LEU F 42 42.93 -4.40 -4.62
N PHE F 43 43.42 -5.61 -4.84
CA PHE F 43 42.59 -6.69 -5.35
C PHE F 43 41.82 -7.42 -4.26
N ALA F 44 42.01 -7.05 -3.00
CA ALA F 44 41.29 -7.69 -1.91
C ALA F 44 39.81 -7.34 -1.95
N ALA F 45 38.97 -8.30 -1.54
CA ALA F 45 37.53 -8.06 -1.49
C ALA F 45 37.14 -6.89 -0.58
N PRO F 46 37.70 -6.73 0.62
CA PRO F 46 37.32 -5.56 1.43
C PRO F 46 37.60 -4.23 0.75
N THR F 47 38.65 -4.15 -0.07
CA THR F 47 38.92 -2.92 -0.80
C THR F 47 37.76 -2.56 -1.72
N ARG F 48 37.23 -3.55 -2.45
CA ARG F 48 36.07 -3.31 -3.29
C ARG F 48 34.83 -3.01 -2.45
N ARG F 49 34.67 -3.70 -1.33
CA ARG F 49 33.51 -3.46 -0.47
C ARG F 49 33.56 -2.08 0.19
N LEU F 50 34.73 -1.45 0.22
CA LEU F 50 34.84 -0.10 0.80
C LEU F 50 33.96 0.90 0.08
N ALA F 51 33.58 0.63 -1.18
CA ALA F 51 32.70 1.55 -1.89
C ALA F 51 31.33 1.63 -1.25
N ASP F 52 30.86 0.53 -0.66
CA ASP F 52 29.55 0.52 -0.03
C ASP F 52 29.56 1.15 1.36
N LYS F 53 30.74 1.32 1.95
CA LYS F 53 30.83 1.96 3.26
C LYS F 53 30.90 3.47 3.10
N THR F 54 30.19 4.18 3.98
CA THR F 54 30.12 5.63 3.92
C THR F 54 31.29 6.26 4.69
N GLN F 55 31.57 7.52 4.34
CA GLN F 55 32.60 8.29 5.03
C GLN F 55 31.99 9.35 5.94
N VAL F 56 31.20 10.26 5.37
CA VAL F 56 30.49 11.26 6.16
C VAL F 56 29.02 11.28 5.75
N PHE F 57 28.78 11.41 4.45
CA PHE F 57 27.49 11.66 3.85
C PHE F 57 26.94 10.42 3.16
N PRO F 58 25.62 10.34 2.99
CA PRO F 58 25.03 9.14 2.37
C PRO F 58 25.48 8.97 0.93
N LEU F 59 25.48 7.72 0.48
CA LEU F 59 25.97 7.37 -0.84
C LEU F 59 24.88 7.35 -1.91
N ASP F 60 23.62 7.14 -1.52
CA ASP F 60 22.56 6.98 -2.50
C ASP F 60 22.31 8.27 -3.28
N LYS F 61 22.51 9.42 -2.65
CA LYS F 61 22.48 10.68 -3.39
C LYS F 61 23.55 10.69 -4.47
N ASN F 62 23.19 11.17 -5.65
CA ASN F 62 24.12 11.25 -6.77
C ASN F 62 24.82 12.60 -6.83
N ASP F 63 25.41 13.00 -5.70
CA ASP F 63 26.15 14.24 -5.61
C ASP F 63 27.65 14.05 -5.68
N SER F 64 28.11 12.84 -6.02
CA SER F 64 29.53 12.53 -6.15
C SER F 64 30.28 12.77 -4.85
N VAL F 65 29.62 12.56 -3.71
CA VAL F 65 30.31 12.65 -2.42
C VAL F 65 31.23 11.44 -2.28
N ARG F 66 32.27 11.61 -1.46
CA ARG F 66 33.33 10.63 -1.37
C ARG F 66 32.97 9.53 -0.38
N THR F 67 33.10 8.29 -0.82
CA THR F 67 32.90 7.12 0.02
C THR F 67 34.22 6.75 0.68
N ARG F 68 34.24 5.61 1.36
CA ARG F 68 35.49 5.14 1.95
C ARG F 68 36.49 4.75 0.88
N LEU F 69 36.03 4.16 -0.22
CA LEU F 69 36.93 3.76 -1.29
C LEU F 69 37.58 4.97 -1.94
N THR F 70 36.79 6.00 -2.26
CA THR F 70 37.34 7.20 -2.89
C THR F 70 38.30 7.91 -1.95
N HIS F 71 37.94 8.01 -0.67
CA HIS F 71 38.82 8.64 0.30
C HIS F 71 40.14 7.88 0.43
N SER F 72 40.06 6.55 0.48
CA SER F 72 41.28 5.75 0.56
C SER F 72 42.15 5.93 -0.67
N HIS F 73 41.52 5.99 -1.84
CA HIS F 73 42.29 6.17 -3.07
C HIS F 73 42.96 7.54 -3.10
N GLU F 74 42.26 8.58 -2.65
CA GLU F 74 42.87 9.91 -2.61
C GLU F 74 44.03 9.96 -1.61
N VAL F 75 43.86 9.32 -0.46
CA VAL F 75 44.94 9.25 0.52
C VAL F 75 46.14 8.52 -0.07
N ALA F 76 45.88 7.42 -0.77
CA ALA F 76 46.95 6.65 -1.39
C ALA F 76 47.67 7.48 -2.44
N ASN F 77 46.93 8.26 -3.23
CA ASN F 77 47.55 9.09 -4.24
C ASN F 77 48.43 10.16 -3.61
N LEU F 78 47.94 10.80 -2.54
CA LEU F 78 48.75 11.81 -1.86
C LEU F 78 50.02 11.20 -1.28
N SER F 79 49.89 10.01 -0.67
CA SER F 79 51.06 9.35 -0.11
C SER F 79 52.05 8.95 -1.21
N ARG F 80 51.53 8.50 -2.35
CA ARG F 80 52.40 8.14 -3.47
C ARG F 80 53.14 9.36 -3.99
N GLY F 81 52.46 10.51 -4.07
CA GLY F 81 53.14 11.72 -4.49
C GLY F 81 54.24 12.13 -3.52
N ILE F 82 53.95 12.04 -2.21
CA ILE F 82 54.97 12.37 -1.23
C ILE F 82 56.14 11.40 -1.33
N GLY F 83 55.86 10.12 -1.57
CA GLY F 83 56.93 9.14 -1.71
C GLY F 83 57.78 9.40 -2.94
N MET F 84 57.15 9.78 -4.05
CA MET F 84 57.92 10.15 -5.23
C MET F 84 58.82 11.35 -4.95
N ARG F 85 58.28 12.35 -4.24
CA ARG F 85 59.10 13.50 -3.87
C ARG F 85 60.28 13.08 -3.00
N LEU F 86 60.04 12.19 -2.04
CA LEU F 86 61.11 11.76 -1.15
C LEU F 86 62.18 10.97 -1.89
N ALA F 87 61.77 10.04 -2.76
CA ALA F 87 62.71 9.12 -3.40
C ALA F 87 63.36 9.71 -4.64
N PHE F 88 62.84 10.81 -5.19
CA PHE F 88 63.41 11.38 -6.41
C PHE F 88 64.07 12.74 -6.21
N GLU F 89 63.73 13.47 -5.15
CA GLU F 89 64.32 14.78 -4.91
C GLU F 89 65.08 14.83 -3.59
N LEU F 90 64.49 14.37 -2.50
CA LEU F 90 65.07 14.48 -1.17
C LEU F 90 65.73 13.17 -0.72
N GLU F 91 66.25 12.38 -1.66
CA GLU F 91 66.84 11.10 -1.29
C GLU F 91 68.05 11.28 -0.38
N ASP F 92 68.93 12.24 -0.72
CA ASP F 92 70.12 12.45 0.09
C ASP F 92 69.77 12.98 1.47
N ASP F 93 68.80 13.89 1.55
CA ASP F 93 68.43 14.48 2.83
C ASP F 93 67.72 13.49 3.74
N VAL F 94 66.91 12.60 3.17
CA VAL F 94 66.07 11.71 3.97
C VAL F 94 66.74 10.36 4.15
N PHE F 95 67.05 9.68 3.05
CA PHE F 95 67.55 8.31 3.09
C PHE F 95 69.06 8.32 3.08
N LYS F 96 69.67 7.93 4.19
CA LYS F 96 71.12 7.80 4.31
C LYS F 96 71.45 6.41 4.82
N ASP F 97 72.62 5.90 4.40
CA ASP F 97 73.07 4.56 4.78
C ASP F 97 72.04 3.50 4.43
N VAL F 98 71.47 3.60 3.24
CA VAL F 98 70.47 2.66 2.75
C VAL F 98 71.17 1.66 1.84
N SER F 99 70.89 0.37 2.05
CA SER F 99 71.51 -0.67 1.26
C SER F 99 71.13 -0.54 -0.21
N GLU F 100 72.09 -0.87 -1.08
CA GLU F 100 71.84 -0.79 -2.53
C GLU F 100 70.80 -1.80 -2.99
N ASP F 101 70.53 -2.84 -2.20
CA ASP F 101 69.51 -3.81 -2.58
C ASP F 101 68.13 -3.16 -2.64
N ILE F 102 67.85 -2.25 -1.72
CA ILE F 102 66.56 -1.58 -1.68
C ILE F 102 66.48 -0.56 -2.80
N CYS F 103 65.44 -0.66 -3.64
CA CYS F 103 65.18 0.31 -4.69
C CYS F 103 64.18 1.31 -4.14
N LEU F 104 64.68 2.47 -3.69
CA LEU F 104 63.81 3.46 -3.06
C LEU F 104 62.74 3.96 -4.04
N LYS F 105 63.14 4.23 -5.28
CA LYS F 105 62.21 4.80 -6.25
C LYS F 105 61.02 3.90 -6.53
N ARG F 106 61.17 2.58 -6.32
CA ARG F 106 60.07 1.66 -6.52
C ARG F 106 59.39 1.24 -5.22
N ASP F 107 60.10 1.31 -4.10
CA ASP F 107 59.55 0.83 -2.83
C ASP F 107 58.83 1.92 -2.05
N VAL F 108 59.46 3.09 -1.91
CA VAL F 108 58.89 4.15 -1.08
C VAL F 108 57.53 4.63 -1.59
N PRO F 109 57.37 4.99 -2.88
CA PRO F 109 56.02 5.35 -3.35
C PRO F 109 55.03 4.21 -3.21
N ALA F 110 55.46 2.98 -3.52
CA ALA F 110 54.56 1.84 -3.39
C ALA F 110 54.17 1.61 -1.94
N LEU F 111 55.12 1.73 -1.01
CA LEU F 111 54.82 1.54 0.39
C LEU F 111 53.84 2.59 0.89
N LEU F 112 54.09 3.85 0.55
CA LEU F 112 53.19 4.91 1.01
C LEU F 112 51.80 4.75 0.42
N ALA F 113 51.71 4.41 -0.87
CA ALA F 113 50.41 4.19 -1.49
C ALA F 113 49.68 3.02 -0.85
N ALA F 114 50.39 1.93 -0.58
CA ALA F 114 49.77 0.76 0.01
C ALA F 114 49.24 1.06 1.41
N ILE F 115 50.02 1.76 2.23
CA ILE F 115 49.54 2.04 3.58
C ILE F 115 48.43 3.08 3.55
N GLY F 116 48.44 3.99 2.58
CA GLY F 116 47.35 4.93 2.46
C GLY F 116 46.05 4.27 2.04
N LEU F 117 46.13 3.31 1.11
CA LEU F 117 44.93 2.66 0.59
C LEU F 117 44.25 1.80 1.63
N VAL F 118 45.02 1.14 2.51
CA VAL F 118 44.49 0.18 3.46
C VAL F 118 44.22 0.82 4.82
N HIS F 119 44.40 2.15 4.94
CA HIS F 119 44.35 2.80 6.24
C HIS F 119 42.98 2.73 6.89
N ASP F 120 41.92 2.46 6.13
CA ASP F 120 40.56 2.41 6.68
C ASP F 120 39.81 1.17 6.19
N MET F 121 40.52 0.06 6.00
CA MET F 121 39.88 -1.13 5.44
C MET F 121 39.00 -1.84 6.48
N GLY F 122 39.36 -1.77 7.75
CA GLY F 122 38.65 -2.48 8.80
C GLY F 122 37.71 -1.65 9.64
N ASN F 123 37.42 -0.41 9.25
CA ASN F 123 36.52 0.41 10.03
C ASN F 123 35.09 -0.11 9.93
N PRO F 124 34.32 0.00 11.01
CA PRO F 124 32.91 -0.39 10.96
C PRO F 124 32.12 0.53 10.05
N PRO F 125 30.97 0.09 9.56
CA PRO F 125 30.17 0.92 8.65
C PRO F 125 29.54 2.09 9.39
N PHE F 126 28.75 2.87 8.64
CA PHE F 126 28.06 4.06 9.14
C PHE F 126 29.04 5.12 9.65
N GLY F 127 30.22 5.16 9.06
CA GLY F 127 31.17 6.19 9.45
C GLY F 127 31.74 5.97 10.84
N ALA F 128 32.41 7.01 11.33
CA ALA F 128 33.06 6.94 12.64
C ALA F 128 32.08 6.56 13.73
N GLN F 129 30.89 7.16 13.71
CA GLN F 129 29.86 6.82 14.70
C GLN F 129 29.63 5.32 14.80
N GLY F 130 29.65 4.61 13.67
CA GLY F 130 29.55 3.16 13.71
C GLY F 130 30.45 2.56 14.76
N ALA F 131 31.76 2.81 14.65
CA ALA F 131 32.69 2.29 15.65
C ALA F 131 32.28 2.74 17.04
N LYS F 132 31.99 4.04 17.19
CA LYS F 132 31.53 4.55 18.48
C LYS F 132 30.35 3.74 18.99
N ALA F 133 29.35 3.51 18.13
CA ALA F 133 28.19 2.73 18.54
C ALA F 133 28.63 1.37 19.08
N MET F 134 29.51 0.69 18.35
CA MET F 134 29.98 -0.61 18.81
C MET F 134 30.55 -0.51 20.21
N SER F 135 31.40 0.50 20.45
CA SER F 135 31.96 0.68 21.78
C SER F 135 30.87 0.76 22.82
N GLU F 136 29.85 1.60 22.58
CA GLU F 136 28.76 1.71 23.53
C GLU F 136 28.14 0.36 23.82
N TRP F 137 27.87 -0.41 22.76
CA TRP F 137 27.30 -1.74 22.98
C TRP F 137 28.23 -2.59 23.82
N PHE F 138 29.52 -2.58 23.50
CA PHE F 138 30.46 -3.40 24.26
C PHE F 138 30.61 -2.88 25.68
N THR F 139 30.30 -1.60 25.89
CA THR F 139 30.34 -1.07 27.25
C THR F 139 29.16 -1.59 28.06
N LYS F 140 28.04 -1.86 27.40
CA LYS F 140 26.85 -2.28 28.13
C LYS F 140 26.80 -3.79 28.30
N ASN F 141 27.12 -4.53 27.26
CA ASN F 141 27.00 -5.99 27.29
C ASN F 141 28.25 -6.70 27.79
N LEU F 142 29.33 -5.96 28.03
CA LEU F 142 30.53 -6.49 28.68
C LEU F 142 30.87 -5.59 29.86
N PRO F 143 30.07 -5.65 30.92
CA PRO F 143 30.24 -4.70 32.03
C PRO F 143 31.61 -4.83 32.67
N GLU F 144 32.17 -3.67 33.05
CA GLU F 144 33.51 -3.66 33.62
C GLU F 144 33.52 -4.26 35.03
N HIS F 145 32.47 -3.98 35.82
CA HIS F 145 32.44 -4.46 37.20
C HIS F 145 32.25 -5.97 37.28
N SER F 146 31.71 -6.59 36.23
CA SER F 146 31.51 -8.03 36.24
C SER F 146 32.86 -8.75 36.24
N ASP F 147 32.90 -9.90 36.91
CA ASP F 147 34.14 -10.67 37.01
C ASP F 147 34.54 -11.25 35.65
N ASN F 148 33.58 -11.59 34.81
CA ASN F 148 33.90 -12.15 33.50
C ASN F 148 34.65 -11.16 32.63
N TYR F 149 34.24 -9.89 32.66
CA TYR F 149 34.81 -8.86 31.80
C TYR F 149 35.50 -7.79 32.63
N LYS F 150 36.15 -8.19 33.72
CA LYS F 150 36.86 -7.26 34.58
C LYS F 150 38.23 -6.89 34.04
N ASP F 151 38.87 -7.80 33.32
CA ASP F 151 40.24 -7.57 32.85
C ASP F 151 40.28 -6.43 31.85
N LYS F 152 41.44 -5.77 31.79
CA LYS F 152 41.62 -4.63 30.90
C LYS F 152 41.66 -5.03 29.44
N ILE F 153 41.89 -6.31 29.13
CA ILE F 153 41.97 -6.74 27.74
C ILE F 153 40.64 -6.51 27.03
N TYR F 154 39.52 -6.67 27.74
CA TYR F 154 38.22 -6.42 27.15
C TYR F 154 38.01 -4.96 26.79
N GLY F 155 38.86 -4.06 27.28
CA GLY F 155 38.85 -2.70 26.77
C GLY F 155 39.03 -2.65 25.27
N ASP F 156 39.76 -3.62 24.72
CA ASP F 156 39.89 -3.76 23.26
C ASP F 156 38.54 -3.65 22.56
N PHE F 157 37.47 -4.05 23.23
CA PHE F 157 36.13 -3.91 22.67
C PHE F 157 35.35 -2.76 23.25
N ARG F 158 35.62 -2.38 24.51
CA ARG F 158 34.94 -1.23 25.09
C ARG F 158 35.44 0.08 24.50
N HIS F 159 36.65 0.08 23.95
CA HIS F 159 37.19 1.24 23.25
C HIS F 159 37.51 0.84 21.82
N PHE F 160 36.57 0.16 21.17
CA PHE F 160 36.81 -0.41 19.85
C PHE F 160 37.24 0.68 18.86
N ASP F 161 38.29 0.36 18.10
CA ASP F 161 38.87 1.28 17.14
C ASP F 161 39.07 0.55 15.81
N GLY F 162 38.99 1.32 14.72
CA GLY F 162 39.09 0.73 13.39
C GLY F 162 40.50 0.31 13.00
N ASN F 163 41.52 0.91 13.61
CA ASN F 163 42.89 0.58 13.23
C ASN F 163 43.26 -0.84 13.66
N SER F 164 42.88 -1.23 14.88
CA SER F 164 43.16 -2.58 15.34
C SER F 164 42.43 -3.61 14.48
N GLN F 165 41.18 -3.32 14.12
CA GLN F 165 40.44 -4.23 13.26
C GLN F 165 41.04 -4.28 11.86
N THR F 166 41.57 -3.16 11.36
CA THR F 166 42.24 -3.17 10.07
C THR F 166 43.48 -4.06 10.10
N LEU F 167 44.27 -3.95 11.17
CA LEU F 167 45.46 -4.81 11.30
C LEU F 167 45.05 -6.27 11.39
N ARG F 168 44.00 -6.58 12.16
CA ARG F 168 43.52 -7.95 12.26
C ARG F 168 43.03 -8.45 10.91
N LEU F 169 42.34 -7.61 10.15
CA LEU F 169 41.81 -8.01 8.85
C LEU F 169 42.95 -8.31 7.87
N VAL F 170 43.99 -7.47 7.87
CA VAL F 170 45.09 -7.68 6.93
C VAL F 170 46.06 -8.76 7.39
N THR F 171 46.02 -9.16 8.67
CA THR F 171 46.92 -10.18 9.18
C THR F 171 46.25 -11.52 9.41
N LYS F 172 45.01 -11.55 9.87
CA LYS F 172 44.41 -12.83 10.21
C LYS F 172 43.06 -13.08 9.55
N LEU F 173 42.26 -12.03 9.36
CA LEU F 173 40.87 -12.20 8.94
C LEU F 173 40.76 -12.32 7.42
N GLN F 174 41.42 -13.33 6.88
CA GLN F 174 41.21 -13.76 5.51
C GLN F 174 40.50 -15.11 5.52
N ILE F 175 40.06 -15.53 4.33
CA ILE F 175 39.28 -16.76 4.24
C ILE F 175 40.13 -17.96 4.65
N LEU F 176 41.38 -18.00 4.20
CA LEU F 176 42.28 -19.08 4.58
C LEU F 176 42.83 -18.80 5.97
N ASN F 177 42.50 -19.67 6.93
CA ASN F 177 42.94 -19.50 8.32
C ASN F 177 44.36 -20.02 8.45
N ASP F 178 45.33 -19.12 8.30
CA ASP F 178 46.73 -19.47 8.46
C ASP F 178 47.52 -18.46 9.28
N THR F 179 46.85 -17.50 9.92
CA THR F 179 47.46 -16.46 10.73
C THR F 179 48.46 -15.60 9.95
N TYR F 180 48.31 -15.56 8.62
CA TYR F 180 49.17 -14.74 7.78
C TYR F 180 48.41 -13.74 6.92
N GLY F 181 47.11 -13.92 6.73
CA GLY F 181 46.31 -12.93 6.02
C GLY F 181 46.78 -12.74 4.60
N LEU F 182 46.94 -11.47 4.21
CA LEU F 182 47.41 -11.10 2.89
C LEU F 182 48.92 -11.31 2.73
N ASN F 183 49.61 -11.64 3.81
CA ASN F 183 51.06 -11.86 3.79
C ASN F 183 51.79 -10.63 3.27
N LEU F 184 51.44 -9.48 3.83
CA LEU F 184 52.12 -8.24 3.46
C LEU F 184 53.54 -8.22 4.02
N THR F 185 54.37 -7.39 3.43
CA THR F 185 55.75 -7.28 3.87
C THR F 185 55.83 -6.66 5.25
N TYR F 186 56.98 -6.85 5.91
CA TYR F 186 57.16 -6.29 7.24
C TYR F 186 57.09 -4.78 7.23
N ALA F 187 57.60 -4.14 6.18
CA ALA F 187 57.53 -2.68 6.09
C ALA F 187 56.09 -2.20 6.05
N THR F 188 55.25 -2.85 5.25
CA THR F 188 53.84 -2.44 5.15
C THR F 188 53.13 -2.63 6.48
N LEU F 189 53.34 -3.78 7.14
CA LEU F 189 52.70 -4.03 8.42
C LEU F 189 53.16 -3.03 9.47
N ALA F 190 54.46 -2.74 9.50
CA ALA F 190 54.97 -1.77 10.48
C ALA F 190 54.40 -0.38 10.23
N SER F 191 54.35 0.05 8.97
CA SER F 191 53.81 1.36 8.66
C SER F 191 52.30 1.43 8.84
N MET F 192 51.63 0.28 8.87
CA MET F 192 50.18 0.28 9.03
C MET F 192 49.77 0.58 10.47
N ILE F 193 50.61 0.23 11.45
CA ILE F 193 50.28 0.43 12.85
C ILE F 193 50.33 1.91 13.19
N LYS F 194 49.17 2.54 13.29
CA LYS F 194 49.11 3.97 13.59
C LYS F 194 49.41 4.25 15.06
N TYR F 195 48.95 3.39 15.95
CA TYR F 195 49.13 3.56 17.38
C TYR F 195 49.87 2.37 17.96
N PRO F 196 51.19 2.44 18.10
CA PRO F 196 51.98 1.27 18.52
C PRO F 196 51.86 0.97 20.01
N ARG F 197 50.64 0.65 20.45
CA ARG F 197 50.40 0.28 21.82
C ARG F 197 49.12 -0.54 21.90
N SER F 198 48.97 -1.28 22.99
CA SER F 198 47.80 -2.08 23.25
C SER F 198 46.92 -1.43 24.31
N SER F 199 45.71 -1.96 24.46
CA SER F 199 44.78 -1.42 25.45
C SER F 199 45.30 -1.62 26.87
N GLU F 200 45.94 -2.77 27.13
CA GLU F 200 46.49 -3.01 28.46
C GLU F 200 47.59 -2.01 28.79
N SER F 201 48.45 -1.71 27.83
CA SER F 201 49.51 -0.74 28.03
C SER F 201 48.92 0.67 28.21
N ASP F 202 49.48 1.41 29.16
CA ASP F 202 49.05 2.78 29.44
C ASP F 202 50.13 3.74 28.96
N SER F 203 49.86 4.41 27.85
CA SER F 203 50.80 5.36 27.26
C SER F 203 50.10 6.70 27.09
N SER F 204 50.76 7.77 27.55
CA SER F 204 50.22 9.11 27.37
C SER F 204 50.48 9.66 25.97
N LEU F 205 51.39 9.05 25.21
CA LEU F 205 51.70 9.56 23.89
C LEU F 205 50.58 9.27 22.90
N TRP F 206 50.02 8.07 22.94
CA TRP F 206 49.00 7.64 21.99
C TRP F 206 47.66 7.50 22.69
N LYS F 207 46.64 8.17 22.15
CA LYS F 207 45.33 8.17 22.77
C LYS F 207 44.64 6.81 22.64
N LYS F 208 44.81 6.14 21.52
CA LYS F 208 44.10 4.90 21.24
C LYS F 208 45.08 3.74 21.10
N HIS F 209 44.56 2.52 21.28
CA HIS F 209 45.34 1.32 21.02
C HIS F 209 45.30 0.98 19.53
N GLY F 210 46.34 0.28 19.08
CA GLY F 210 46.47 0.01 17.66
C GLY F 210 46.34 -1.45 17.27
N PHE F 211 46.25 -2.35 18.25
CA PHE F 211 46.11 -3.76 17.93
C PHE F 211 45.44 -4.49 19.09
N PHE F 212 44.78 -5.59 18.78
CA PHE F 212 44.07 -6.38 19.76
C PHE F 212 45.05 -7.24 20.56
N LEU F 213 44.52 -7.91 21.59
CA LEU F 213 45.31 -8.88 22.33
C LEU F 213 45.68 -10.06 21.45
N SER F 214 44.78 -10.49 20.57
CA SER F 214 45.04 -11.62 19.69
C SER F 214 46.16 -11.34 18.71
N GLU F 215 46.46 -10.08 18.43
CA GLU F 215 47.52 -9.71 17.50
C GLU F 215 48.79 -9.28 18.20
N LYS F 216 48.91 -9.53 19.50
CA LYS F 216 50.10 -9.11 20.23
C LYS F 216 51.36 -9.80 19.71
N ASP F 217 51.28 -11.11 19.44
CA ASP F 217 52.44 -11.83 18.94
C ASP F 217 52.82 -11.36 17.54
N VAL F 218 51.82 -11.10 16.68
CA VAL F 218 52.10 -10.62 15.34
C VAL F 218 52.80 -9.26 15.39
N VAL F 219 52.29 -8.36 16.24
CA VAL F 219 52.90 -7.03 16.36
C VAL F 219 54.31 -7.14 16.94
N GLN F 220 54.52 -8.05 17.89
CA GLN F 220 55.86 -8.26 18.42
C GLN F 220 56.80 -8.76 17.34
N ASP F 221 56.34 -9.68 16.50
CA ASP F 221 57.16 -10.15 15.39
C ASP F 221 57.50 -9.03 14.42
N ILE F 222 56.52 -8.17 14.12
CA ILE F 222 56.76 -7.05 13.23
C ILE F 222 57.81 -6.11 13.83
N TRP F 223 57.68 -5.82 15.12
CA TRP F 223 58.65 -4.94 15.77
C TRP F 223 60.04 -5.57 15.78
N ASN F 224 60.13 -6.87 16.02
CA ASN F 224 61.43 -7.54 15.99
C ASN F 224 62.06 -7.48 14.62
N ASN F 225 61.27 -7.67 13.57
CA ASN F 225 61.80 -7.71 12.22
C ASN F 225 61.99 -6.34 11.58
N THR F 226 61.45 -5.28 12.18
CA THR F 226 61.57 -3.94 11.62
C THR F 226 62.36 -2.99 12.50
N GLY F 227 62.84 -3.42 13.66
CA GLY F 227 63.60 -2.56 14.53
C GLY F 227 62.78 -1.60 15.37
N LEU F 228 61.46 -1.63 15.26
CA LEU F 228 60.61 -0.78 16.07
C LEU F 228 60.38 -1.40 17.43
N SER F 229 59.59 -0.72 18.26
CA SER F 229 59.25 -1.21 19.59
C SER F 229 57.95 -0.54 20.01
N GLU F 230 57.48 -0.90 21.21
CA GLU F 230 56.23 -0.37 21.72
C GLU F 230 56.35 1.14 21.92
N GLY F 231 55.33 1.88 21.45
CA GLY F 231 55.32 3.31 21.56
C GLY F 231 56.08 4.04 20.48
N VAL F 232 56.84 3.33 19.65
CA VAL F 232 57.60 3.93 18.56
C VAL F 232 56.85 3.69 17.27
N ARG F 233 56.60 4.76 16.52
CA ARG F 233 55.80 4.71 15.31
C ARG F 233 56.72 4.73 14.08
N HIS F 234 56.35 3.97 13.07
CA HIS F 234 57.13 3.94 11.83
C HIS F 234 57.16 5.32 11.21
N PRO F 235 58.30 5.75 10.65
CA PRO F 235 58.36 7.10 10.08
C PRO F 235 57.34 7.36 8.98
N PHE F 236 57.04 6.35 8.16
CA PHE F 236 56.07 6.53 7.09
C PHE F 236 54.64 6.58 7.60
N THR F 237 54.39 6.09 8.82
CA THR F 237 53.06 6.21 9.40
C THR F 237 52.70 7.67 9.65
N TYR F 238 53.68 8.49 10.01
CA TYR F 238 53.43 9.93 10.16
C TYR F 238 52.99 10.53 8.83
N ILE F 239 53.67 10.15 7.74
CA ILE F 239 53.30 10.66 6.42
C ILE F 239 51.89 10.20 6.04
N MET F 240 51.60 8.93 6.29
CA MET F 240 50.27 8.41 5.96
C MET F 240 49.18 9.12 6.75
N GLU F 241 49.42 9.35 8.05
CA GLU F 241 48.44 10.04 8.87
C GLU F 241 48.27 11.49 8.44
N ALA F 242 49.37 12.17 8.09
CA ALA F 242 49.27 13.53 7.59
C ALA F 242 48.48 13.59 6.30
N CYS F 243 48.72 12.64 5.39
CA CYS F 243 47.97 12.60 4.14
C CYS F 243 46.50 12.33 4.40
N ASP F 244 46.19 11.42 5.34
CA ASP F 244 44.81 11.15 5.69
C ASP F 244 44.13 12.40 6.24
N ASP F 245 44.81 13.12 7.13
CA ASP F 245 44.24 14.34 7.70
C ASP F 245 43.99 15.38 6.63
N ILE F 246 44.99 15.61 5.76
CA ILE F 246 44.84 16.60 4.70
C ILE F 246 43.67 16.22 3.80
N ALA F 247 43.63 14.97 3.36
CA ALA F 247 42.59 14.52 2.45
C ALA F 247 41.22 14.69 3.05
N TYR F 248 41.00 14.17 4.26
CA TYR F 248 39.66 14.24 4.82
C TYR F 248 39.27 15.68 5.12
N SER F 249 40.20 16.47 5.67
CA SER F 249 39.88 17.84 6.03
C SER F 249 39.50 18.68 4.81
N VAL F 250 40.23 18.51 3.69
CA VAL F 250 39.93 19.32 2.52
C VAL F 250 38.71 18.80 1.78
N LEU F 251 38.65 17.48 1.55
CA LEU F 251 37.58 16.94 0.73
C LEU F 251 36.25 16.91 1.47
N ASP F 252 36.26 16.88 2.81
CA ASP F 252 35.01 17.00 3.54
C ASP F 252 34.44 18.41 3.41
N ALA F 253 35.30 19.43 3.43
CA ALA F 253 34.82 20.78 3.16
C ALA F 253 34.28 20.89 1.74
N GLU F 254 34.97 20.27 0.78
CA GLU F 254 34.49 20.29 -0.60
C GLU F 254 33.12 19.62 -0.70
N ASP F 255 32.94 18.48 -0.04
CA ASP F 255 31.66 17.78 -0.06
C ASP F 255 30.57 18.57 0.67
N ILE F 256 30.93 19.28 1.74
CA ILE F 256 29.96 20.13 2.42
C ILE F 256 29.46 21.22 1.47
N ILE F 257 30.38 21.85 0.75
CA ILE F 257 30.01 22.90 -0.18
C ILE F 257 29.16 22.33 -1.32
N LYS F 258 29.54 21.17 -1.85
CA LYS F 258 28.77 20.56 -2.92
C LYS F 258 27.37 20.18 -2.47
N LYS F 259 27.25 19.67 -1.24
CA LYS F 259 25.94 19.26 -0.73
C LYS F 259 25.05 20.44 -0.40
N GLY F 260 25.56 21.66 -0.42
CA GLY F 260 24.76 22.83 -0.13
C GLY F 260 24.67 23.21 1.33
N PHE F 261 25.40 22.52 2.21
CA PHE F 261 25.37 22.88 3.62
C PHE F 261 26.09 24.19 3.89
N ALA F 262 26.91 24.66 2.95
CA ALA F 262 27.59 25.94 3.05
C ALA F 262 27.99 26.36 1.65
N SER F 263 28.64 27.52 1.56
CA SER F 263 29.07 28.07 0.28
C SER F 263 30.55 28.39 0.32
N PHE F 264 31.11 28.66 -0.86
CA PHE F 264 32.52 28.99 -0.94
C PHE F 264 32.84 30.27 -0.17
N HIS F 265 31.97 31.27 -0.28
CA HIS F 265 32.17 32.50 0.48
C HIS F 265 32.11 32.25 1.97
N ASP F 266 31.25 31.32 2.41
CA ASP F 266 31.20 30.97 3.83
C ASP F 266 32.53 30.40 4.29
N LEU F 267 33.12 29.50 3.50
CA LEU F 267 34.43 28.94 3.87
C LEU F 267 35.51 30.02 3.88
N ILE F 268 35.48 30.91 2.89
CA ILE F 268 36.49 31.97 2.83
C ILE F 268 36.38 32.87 4.06
N ASP F 269 35.15 33.25 4.42
CA ASP F 269 34.96 34.09 5.60
C ASP F 269 35.36 33.37 6.88
N PHE F 270 35.05 32.07 6.96
CA PHE F 270 35.44 31.31 8.14
C PHE F 270 36.95 31.24 8.29
N ILE F 271 37.66 31.03 7.19
CA ILE F 271 39.12 30.95 7.25
C ILE F 271 39.70 32.32 7.58
N GLN F 272 39.17 33.39 6.96
CA GLN F 272 39.70 34.71 7.21
C GLN F 272 39.47 35.16 8.66
N SER F 273 38.30 34.86 9.20
CA SER F 273 37.95 35.27 10.55
C SER F 273 38.46 34.31 11.62
N ASN F 274 39.09 33.20 11.22
CA ASN F 274 39.64 32.28 12.20
C ASN F 274 40.79 32.93 12.96
N GLN F 275 40.86 32.65 14.26
CA GLN F 275 41.85 33.32 15.11
C GLN F 275 43.27 32.96 14.69
N PHE F 276 43.52 31.69 14.39
CA PHE F 276 44.88 31.25 14.07
C PHE F 276 45.22 31.45 12.60
N CYS F 277 44.23 31.50 11.71
CA CYS F 277 44.48 31.68 10.29
C CYS F 277 44.48 33.13 9.86
N LYS F 278 44.30 34.06 10.80
CA LYS F 278 44.33 35.48 10.45
C LYS F 278 45.71 35.90 9.95
N GLU F 279 46.77 35.41 10.59
CA GLU F 279 48.13 35.78 10.24
C GLU F 279 48.94 34.62 9.68
N ASP F 280 48.31 33.48 9.42
CA ASP F 280 49.03 32.32 8.90
C ASP F 280 49.40 32.56 7.44
N ASP F 281 50.67 32.31 7.10
CA ASP F 281 51.14 32.54 5.74
C ASP F 281 50.46 31.61 4.75
N VAL F 282 50.33 30.32 5.11
CA VAL F 282 49.73 29.36 4.18
C VAL F 282 48.27 29.71 3.93
N ALA F 283 47.52 30.01 5.00
CA ALA F 283 46.12 30.39 4.84
C ALA F 283 45.98 31.67 4.02
N LYS F 284 46.85 32.65 4.29
CA LYS F 284 46.80 33.90 3.53
C LYS F 284 47.05 33.65 2.05
N ARG F 285 48.05 32.83 1.72
CA ARG F 285 48.34 32.54 0.32
C ARG F 285 47.17 31.81 -0.34
N VAL F 286 46.58 30.84 0.36
CA VAL F 286 45.46 30.11 -0.21
C VAL F 286 44.28 31.04 -0.46
N ILE F 287 43.98 31.92 0.49
CA ILE F 287 42.87 32.86 0.32
C ILE F 287 43.15 33.80 -0.84
N GLU F 288 44.37 34.31 -0.95
CA GLU F 288 44.71 35.23 -2.03
C GLU F 288 44.56 34.55 -3.38
N ASN F 289 45.08 33.33 -3.51
CA ASN F 289 44.96 32.61 -4.77
C ASN F 289 43.50 32.32 -5.11
N CYS F 290 42.71 31.93 -4.11
CA CYS F 290 41.30 31.64 -4.34
C CYS F 290 40.55 32.87 -4.81
N LYS F 291 40.80 34.02 -4.18
CA LYS F 291 40.13 35.25 -4.61
C LYS F 291 40.59 35.67 -6.00
N LYS F 292 41.89 35.54 -6.28
CA LYS F 292 42.41 35.92 -7.58
C LYS F 292 41.79 35.09 -8.69
N ILE F 293 41.62 33.78 -8.46
CA ILE F 293 41.01 32.95 -9.49
C ILE F 293 39.50 33.13 -9.52
N HIS F 294 38.90 33.48 -8.37
CA HIS F 294 37.45 33.65 -8.31
C HIS F 294 37.00 34.89 -9.06
N ALA F 295 37.80 35.94 -9.04
CA ALA F 295 37.47 37.13 -9.84
C ALA F 295 37.42 36.78 -11.33
N ASP F 296 38.46 36.09 -11.82
CA ASP F 296 38.49 35.70 -13.23
C ASP F 296 37.33 34.77 -13.57
N TYR F 297 37.00 33.86 -12.66
CA TYR F 297 35.90 32.94 -12.91
C TYR F 297 34.56 33.66 -12.91
N ALA F 298 34.41 34.68 -12.07
CA ALA F 298 33.22 35.51 -12.09
C ALA F 298 33.14 36.35 -13.35
N GLN F 299 34.27 36.62 -14.01
CA GLN F 299 34.21 37.30 -15.29
C GLN F 299 33.39 36.51 -16.31
N GLN F 300 33.53 35.19 -16.32
CA GLN F 300 32.76 34.36 -17.23
C GLN F 300 31.29 34.29 -16.78
N LYS F 301 30.50 33.55 -17.55
CA LYS F 301 29.08 33.37 -17.27
C LYS F 301 28.87 31.96 -16.74
N LEU F 302 28.64 31.85 -15.43
CA LEU F 302 28.40 30.57 -14.79
C LEU F 302 27.22 30.69 -13.83
N SER F 303 26.55 29.56 -13.60
CA SER F 303 25.51 29.51 -12.60
C SER F 303 26.12 29.62 -11.21
N PRO F 304 25.36 30.10 -10.22
CA PRO F 304 25.92 30.19 -8.86
C PRO F 304 26.43 28.87 -8.33
N ALA F 305 25.72 27.77 -8.62
CA ALA F 305 26.21 26.46 -8.21
C ALA F 305 27.52 26.11 -8.90
N GLU F 306 27.61 26.39 -10.21
CA GLU F 306 28.85 26.12 -10.94
C GLU F 306 29.98 26.99 -10.42
N LEU F 307 29.70 28.26 -10.13
CA LEU F 307 30.73 29.14 -9.58
C LEU F 307 31.23 28.63 -8.25
N ASN F 308 30.31 28.21 -7.37
CA ASN F 308 30.71 27.63 -6.09
C ASN F 308 31.56 26.40 -6.29
N ASP F 309 31.13 25.50 -7.17
CA ASP F 309 31.84 24.25 -7.39
C ASP F 309 33.25 24.49 -7.91
N MET F 310 33.39 25.37 -8.89
CA MET F 310 34.71 25.61 -9.49
C MET F 310 35.62 26.38 -8.54
N SER F 311 35.06 27.35 -7.79
CA SER F 311 35.87 28.06 -6.82
C SER F 311 36.39 27.11 -5.74
N MET F 312 35.56 26.16 -5.32
CA MET F 312 36.03 25.21 -4.31
C MET F 312 36.97 24.17 -4.92
N GLN F 313 36.82 23.87 -6.21
CA GLN F 313 37.81 23.03 -6.87
C GLN F 313 39.19 23.70 -6.83
N MET F 314 39.24 24.98 -7.16
CA MET F 314 40.50 25.72 -7.10
C MET F 314 41.01 25.82 -5.67
N PHE F 315 40.10 26.01 -4.71
CA PHE F 315 40.49 26.01 -3.31
C PHE F 315 41.15 24.69 -2.93
N ARG F 316 40.59 23.57 -3.39
CA ARG F 316 41.17 22.28 -3.10
C ARG F 316 42.56 22.15 -3.72
N VAL F 317 42.69 22.53 -5.00
CA VAL F 317 43.98 22.34 -5.66
C VAL F 317 45.04 23.24 -5.06
N TYR F 318 44.65 24.34 -4.44
CA TYR F 318 45.63 25.20 -3.77
C TYR F 318 45.96 24.70 -2.37
N ALA F 319 44.93 24.40 -1.58
CA ALA F 319 45.14 23.97 -0.19
C ALA F 319 45.88 22.64 -0.13
N ILE F 320 45.52 21.69 -0.99
CA ILE F 320 46.20 20.40 -0.98
C ILE F 320 47.67 20.57 -1.32
N ALA F 321 47.96 21.41 -2.33
CA ALA F 321 49.36 21.65 -2.70
C ALA F 321 50.14 22.27 -1.54
N GLU F 322 49.57 23.30 -0.91
CA GLU F 322 50.26 23.97 0.18
C GLU F 322 50.49 23.01 1.35
N LEU F 323 49.46 22.25 1.72
CA LEU F 323 49.57 21.34 2.85
C LEU F 323 50.56 20.21 2.57
N VAL F 324 50.55 19.67 1.35
CA VAL F 324 51.49 18.61 1.00
C VAL F 324 52.92 19.13 1.02
N ASP F 325 53.14 20.33 0.49
CA ASP F 325 54.48 20.90 0.52
C ASP F 325 54.95 21.12 1.95
N ALA F 326 54.06 21.65 2.80
CA ALA F 326 54.42 21.87 4.21
C ALA F 326 54.73 20.55 4.91
N VAL F 327 53.94 19.51 4.65
CA VAL F 327 54.16 18.22 5.28
C VAL F 327 55.49 17.63 4.84
N VAL F 328 55.80 17.73 3.54
CA VAL F 328 57.07 17.20 3.04
C VAL F 328 58.24 17.95 3.67
N ILE F 329 58.13 19.28 3.76
CA ILE F 329 59.20 20.06 4.37
C ILE F 329 59.38 19.68 5.84
N ALA F 330 58.27 19.52 6.56
CA ALA F 330 58.35 19.15 7.97
C ALA F 330 58.98 17.77 8.15
N PHE F 331 58.61 16.82 7.30
CA PHE F 331 59.20 15.48 7.38
C PHE F 331 60.70 15.52 7.08
N LYS F 332 61.10 16.30 6.08
CA LYS F 332 62.51 16.41 5.74
C LYS F 332 63.31 17.04 6.88
N ASP F 333 62.75 18.08 7.51
CA ASP F 333 63.47 18.78 8.56
C ASP F 333 63.65 17.92 9.81
N ASN F 334 62.60 17.21 10.22
CA ASN F 334 62.61 16.42 11.44
C ASN F 334 62.87 14.94 11.17
N ILE F 335 63.65 14.62 10.14
CA ILE F 335 63.88 13.22 9.80
C ILE F 335 64.70 12.53 10.88
N ASN F 336 65.68 13.24 11.45
CA ASN F 336 66.50 12.64 12.50
C ASN F 336 65.68 12.31 13.74
N GLU F 337 64.76 13.21 14.11
CA GLU F 337 63.88 12.94 15.25
C GLU F 337 62.96 11.75 14.97
N PHE F 338 62.45 11.65 13.74
CA PHE F 338 61.58 10.52 13.39
C PHE F 338 62.36 9.21 13.43
N LEU F 339 63.60 9.22 12.97
CA LEU F 339 64.42 8.02 12.99
C LEU F 339 64.92 7.67 14.38
N ASN F 340 64.75 8.55 15.36
CA ASN F 340 65.17 8.26 16.71
C ASN F 340 64.28 7.19 17.34
N ASP F 341 64.90 6.36 18.18
CA ASP F 341 64.16 5.30 18.84
C ASP F 341 63.21 5.81 19.92
N THR F 342 63.31 7.07 20.29
CA THR F 342 62.46 7.67 21.32
C THR F 342 61.68 8.85 20.75
N CYS F 343 61.12 8.69 19.56
CA CYS F 343 60.34 9.75 18.94
C CYS F 343 59.05 9.99 19.73
N GLU F 344 58.72 11.26 19.93
CA GLU F 344 57.54 11.63 20.70
C GLU F 344 56.62 12.57 19.92
N ILE F 345 56.87 12.79 18.63
CA ILE F 345 56.05 13.69 17.85
C ILE F 345 54.65 13.12 17.70
N LYS F 346 53.64 13.93 18.02
CA LYS F 346 52.26 13.46 17.95
C LYS F 346 51.82 13.26 16.50
N ASP F 347 52.10 14.26 15.64
CA ASP F 347 51.68 14.17 14.25
C ASP F 347 52.58 15.07 13.42
N LEU F 348 52.63 14.76 12.11
CA LEU F 348 53.50 15.51 11.22
C LEU F 348 52.94 16.88 10.89
N ILE F 349 51.60 17.02 10.84
CA ILE F 349 50.99 18.28 10.46
C ILE F 349 51.29 19.35 11.51
N SER F 350 51.30 18.98 12.79
CA SER F 350 51.58 19.95 13.84
C SER F 350 52.98 20.55 13.69
N CYS F 351 53.96 19.73 13.32
CA CYS F 351 55.30 20.25 13.08
C CYS F 351 55.39 21.06 11.80
N SER F 352 54.42 20.91 10.90
CA SER F 352 54.45 21.62 9.63
C SER F 352 53.93 23.05 9.79
N SER F 353 54.02 23.80 8.70
CA SER F 353 53.51 25.17 8.66
C SER F 353 52.05 25.23 8.24
N GLY F 354 51.44 24.11 7.86
CA GLY F 354 50.04 24.09 7.48
C GLY F 354 49.15 23.65 8.61
N LYS F 355 49.66 23.72 9.84
CA LYS F 355 48.89 23.28 11.00
C LYS F 355 47.63 24.12 11.18
N ASN F 356 47.75 25.44 11.09
CA ASN F 356 46.61 26.31 11.33
C ASN F 356 45.52 26.10 10.28
N LEU F 357 45.91 25.97 9.01
CA LEU F 357 44.92 25.77 7.96
C LEU F 357 44.19 24.45 8.14
N CYS F 358 44.93 23.39 8.48
CA CYS F 358 44.28 22.10 8.70
C CYS F 358 43.35 22.14 9.90
N GLN F 359 43.76 22.82 10.97
CA GLN F 359 42.89 22.94 12.14
C GLN F 359 41.62 23.71 11.79
N ALA F 360 41.75 24.80 11.03
CA ALA F 360 40.58 25.57 10.63
C ALA F 360 39.66 24.75 9.74
N LEU F 361 40.23 23.97 8.82
CA LEU F 361 39.41 23.12 7.96
C LEU F 361 38.68 22.06 8.77
N LYS F 362 39.35 21.47 9.76
CA LYS F 362 38.69 20.48 10.61
C LYS F 362 37.56 21.13 11.41
N LYS F 363 37.78 22.33 11.93
CA LYS F 363 36.73 23.03 12.66
C LYS F 363 35.54 23.34 11.75
N PHE F 364 35.82 23.78 10.51
CA PHE F 364 34.75 24.06 9.57
C PHE F 364 33.96 22.79 9.25
N ASP F 365 34.66 21.68 9.03
CA ASP F 365 33.97 20.42 8.75
C ASP F 365 33.10 20.00 9.93
N SER F 366 33.62 20.12 11.15
CA SER F 366 32.85 19.74 12.32
C SER F 366 31.63 20.63 12.50
N SER F 367 31.78 21.94 12.34
CA SER F 367 30.69 22.85 12.61
C SER F 367 29.61 22.77 11.53
N ARG F 368 30.02 22.62 10.27
CA ARG F 368 29.08 22.68 9.16
C ARG F 368 28.61 21.33 8.67
N GLY F 369 29.48 20.33 8.64
CA GLY F 369 29.10 19.05 8.07
C GLY F 369 28.89 17.92 9.07
N TYR F 370 29.76 17.82 10.08
CA TYR F 370 29.65 16.71 11.00
C TYR F 370 28.48 16.86 11.96
N GLN F 371 28.11 18.10 12.30
CA GLN F 371 27.00 18.35 13.20
C GLN F 371 25.74 18.80 12.47
N HIS F 372 25.67 18.58 11.16
CA HIS F 372 24.47 18.90 10.42
C HIS F 372 23.33 17.98 10.85
N ARG F 373 22.10 18.47 10.69
CA ARG F 373 20.93 17.73 11.18
C ARG F 373 20.80 16.39 10.48
N SER F 374 20.96 16.37 9.16
CA SER F 374 20.83 15.12 8.41
C SER F 374 21.90 14.12 8.83
N VAL F 375 23.14 14.58 8.99
CA VAL F 375 24.22 13.68 9.39
C VAL F 375 23.95 13.10 10.78
N LEU F 376 23.46 13.94 11.71
CA LEU F 376 23.16 13.45 13.04
C LEU F 376 22.03 12.42 13.02
N LYS F 377 20.98 12.67 12.23
CA LYS F 377 19.90 11.71 12.13
C LYS F 377 20.37 10.38 11.54
N LEU F 378 21.19 10.46 10.49
CA LEU F 378 21.73 9.23 9.89
C LEU F 378 22.64 8.50 10.86
N GLU F 379 23.41 9.23 11.66
CA GLU F 379 24.26 8.59 12.65
C GLU F 379 23.43 7.89 13.71
N LEU F 380 22.34 8.51 14.16
CA LEU F 380 21.48 7.85 15.13
C LEU F 380 20.84 6.59 14.54
N GLU F 381 20.39 6.67 13.29
CA GLU F 381 19.81 5.49 12.65
C GLU F 381 20.84 4.37 12.52
N GLY F 382 22.06 4.72 12.13
CA GLY F 382 23.11 3.71 12.03
C GLY F 382 23.44 3.09 13.37
N SER F 383 23.48 3.91 14.42
CA SER F 383 23.72 3.38 15.76
C SER F 383 22.62 2.42 16.18
N ASN F 384 21.36 2.77 15.90
CA ASN F 384 20.26 1.87 16.23
C ASN F 384 20.38 0.56 15.47
N TYR F 385 20.68 0.64 14.17
CA TYR F 385 20.84 -0.57 13.37
C TYR F 385 21.95 -1.44 13.92
N ILE F 386 23.11 -0.84 14.22
CA ILE F 386 24.26 -1.60 14.67
C ILE F 386 23.97 -2.26 16.01
N LYS F 387 23.36 -1.52 16.93
CA LYS F 387 23.09 -2.08 18.26
C LYS F 387 22.05 -3.19 18.19
N GLY F 388 21.01 -3.01 17.37
CA GLY F 388 20.03 -4.08 17.22
C GLY F 388 20.63 -5.33 16.62
N LEU F 389 21.42 -5.18 15.56
CA LEU F 389 22.07 -6.35 14.95
C LEU F 389 23.02 -7.01 15.93
N MET F 390 23.74 -6.22 16.71
CA MET F 390 24.64 -6.79 17.71
C MET F 390 23.87 -7.58 18.76
N ASP F 391 22.71 -7.07 19.18
CA ASP F 391 21.89 -7.82 20.13
C ASP F 391 21.45 -9.15 19.54
N MET F 392 20.94 -9.12 18.30
CA MET F 392 20.46 -10.37 17.69
C MET F 392 21.60 -11.36 17.50
N LEU F 393 22.79 -10.88 17.13
CA LEU F 393 23.91 -11.79 16.95
C LEU F 393 24.41 -12.33 18.28
N TRP F 394 24.49 -11.48 19.31
CA TRP F 394 24.89 -11.94 20.63
C TRP F 394 23.93 -12.98 21.17
N LEU F 395 22.66 -12.93 20.75
CA LEU F 395 21.74 -13.98 21.14
C LEU F 395 22.21 -15.36 20.67
N GLY F 396 22.99 -15.41 19.59
CA GLY F 396 23.46 -16.68 19.07
C GLY F 396 24.94 -16.91 19.24
N ILE F 397 25.66 -15.92 19.75
CA ILE F 397 27.10 -16.03 19.98
C ILE F 397 27.42 -16.30 21.45
N LYS F 398 26.69 -15.67 22.37
CA LYS F 398 27.01 -15.77 23.78
C LYS F 398 26.91 -17.20 24.27
N GLY F 399 27.92 -17.63 25.03
CA GLY F 399 27.96 -18.98 25.57
C GLY F 399 28.50 -20.02 24.62
N ARG F 400 28.84 -19.66 23.38
CA ARG F 400 29.34 -20.64 22.43
C ARG F 400 30.71 -21.18 22.85
N ALA F 401 31.46 -20.41 23.63
CA ALA F 401 32.79 -20.82 24.07
C ALA F 401 32.90 -21.01 25.57
N THR F 402 32.15 -20.26 26.37
CA THR F 402 32.25 -20.39 27.82
C THR F 402 31.76 -21.75 28.29
N GLY F 403 30.62 -22.20 27.75
CA GLY F 403 30.08 -23.49 28.12
C GLY F 403 28.58 -23.53 28.28
N ASP F 404 27.95 -22.35 28.33
CA ASP F 404 26.52 -22.27 28.46
C ASP F 404 25.83 -22.80 27.20
N THR F 405 24.51 -22.99 27.29
CA THR F 405 23.73 -23.50 26.17
C THR F 405 22.56 -22.59 25.83
N GLN F 406 22.67 -21.30 26.17
CA GLN F 406 21.61 -20.35 25.87
C GLN F 406 21.51 -20.05 24.37
N TYR F 407 22.48 -20.48 23.58
CA TYR F 407 22.48 -20.23 22.14
C TYR F 407 21.80 -21.32 21.33
N ASP F 408 21.33 -22.38 21.99
CA ASP F 408 20.86 -23.56 21.27
C ASP F 408 19.49 -23.38 20.65
N THR F 409 18.85 -22.23 20.83
CA THR F 409 17.57 -21.98 20.20
C THR F 409 17.74 -21.93 18.67
N PRO F 410 16.68 -22.24 17.92
CA PRO F 410 16.81 -22.21 16.45
C PRO F 410 17.26 -20.86 15.91
N PHE F 411 16.77 -19.77 16.51
CA PHE F 411 17.22 -18.45 16.07
C PHE F 411 18.70 -18.26 16.34
N GLY F 412 19.18 -18.72 17.49
CA GLY F 412 20.60 -18.61 17.79
C GLY F 412 21.46 -19.38 16.81
N ARG F 413 21.05 -20.61 16.48
CA ARG F 413 21.80 -21.39 15.50
C ARG F 413 21.77 -20.72 14.14
N TYR F 414 20.63 -20.18 13.74
CA TYR F 414 20.54 -19.52 12.44
C TYR F 414 21.46 -18.29 12.37
N VAL F 415 21.42 -17.45 13.41
CA VAL F 415 22.24 -16.24 13.36
C VAL F 415 23.72 -16.59 13.48
N TYR F 416 24.05 -17.68 14.17
CA TYR F 416 25.44 -18.15 14.15
C TYR F 416 25.84 -18.59 12.75
N GLY F 417 24.94 -19.29 12.05
CA GLY F 417 25.23 -19.71 10.69
C GLY F 417 25.30 -18.56 9.69
N ARG F 418 24.66 -17.43 10.01
CA ARG F 418 24.68 -16.29 9.09
C ARG F 418 26.05 -15.61 9.08
N ILE F 419 26.80 -15.71 10.18
CA ILE F 419 28.12 -15.10 10.23
C ILE F 419 29.05 -15.77 9.22
N SER F 420 30.00 -15.00 8.70
CA SER F 420 30.90 -15.51 7.67
C SER F 420 31.72 -16.66 8.21
N GLU F 421 32.06 -17.60 7.32
CA GLU F 421 32.70 -18.84 7.73
C GLU F 421 34.10 -18.61 8.28
N ASN F 422 34.84 -17.64 7.74
CA ASN F 422 36.20 -17.42 8.22
C ASN F 422 36.21 -16.93 9.66
N TYR F 423 35.28 -16.04 10.01
CA TYR F 423 35.20 -15.57 11.39
C TYR F 423 34.87 -16.71 12.35
N ARG F 424 33.93 -17.57 11.97
CA ARG F 424 33.59 -18.71 12.80
C ARG F 424 34.76 -19.69 12.92
N ARG F 425 35.50 -19.87 11.82
CA ARG F 425 36.66 -20.75 11.86
C ARG F 425 37.71 -20.22 12.81
N ILE F 426 37.95 -18.91 12.78
CA ILE F 426 38.88 -18.30 13.72
C ILE F 426 38.38 -18.46 15.15
N PHE F 427 37.09 -18.23 15.36
CA PHE F 427 36.53 -18.30 16.71
C PHE F 427 36.61 -19.71 17.28
N GLU F 428 36.35 -20.73 16.46
CA GLU F 428 36.36 -22.10 16.93
C GLU F 428 37.75 -22.69 17.07
N GLN F 429 38.77 -22.05 16.51
CA GLN F 429 40.13 -22.55 16.63
C GLN F 429 40.59 -22.50 18.08
N GLU F 430 41.33 -23.53 18.49
CA GLU F 430 41.80 -23.65 19.86
C GLU F 430 43.03 -22.77 20.04
N ASN F 431 42.88 -21.68 20.80
CA ASN F 431 43.99 -20.79 21.09
C ASN F 431 44.03 -20.45 22.57
N ASN F 432 44.88 -19.50 22.95
CA ASN F 432 45.05 -19.13 24.35
C ASN F 432 44.14 -17.97 24.77
N LEU F 433 43.34 -17.43 23.87
CA LEU F 433 42.47 -16.32 24.22
C LEU F 433 41.37 -16.80 25.16
N PRO F 434 40.94 -15.97 26.10
CA PRO F 434 39.81 -16.34 26.96
C PRO F 434 38.52 -16.47 26.15
N ALA F 435 37.62 -17.33 26.63
CA ALA F 435 36.41 -17.65 25.88
C ALA F 435 35.55 -16.41 25.66
N CYS F 436 35.39 -15.58 26.69
CA CYS F 436 34.62 -14.35 26.54
C CYS F 436 35.27 -13.43 25.53
N TYR F 437 36.61 -13.33 25.57
CA TYR F 437 37.32 -12.54 24.58
C TYR F 437 37.10 -13.09 23.18
N LYS F 438 37.09 -14.41 23.03
CA LYS F 438 36.85 -15.01 21.71
C LYS F 438 35.46 -14.67 21.19
N GLU F 439 34.45 -14.75 22.06
CA GLU F 439 33.09 -14.42 21.63
C GLU F 439 32.97 -12.95 21.25
N ALA F 440 33.54 -12.06 22.06
CA ALA F 440 33.49 -10.64 21.74
C ALA F 440 34.23 -10.34 20.45
N GLN F 441 35.37 -10.99 20.23
CA GLN F 441 36.12 -10.80 19.00
C GLN F 441 35.34 -11.30 17.80
N LEU F 442 34.64 -12.42 17.94
CA LEU F 442 33.81 -12.91 16.85
C LEU F 442 32.73 -11.90 16.49
N LEU F 443 32.06 -11.36 17.50
CA LEU F 443 31.02 -10.37 17.23
C LEU F 443 31.60 -9.12 16.57
N ALA F 444 32.75 -8.65 17.06
CA ALA F 444 33.37 -7.45 16.51
C ALA F 444 33.81 -7.68 15.06
N ASP F 445 34.41 -8.84 14.78
CA ASP F 445 34.82 -9.15 13.42
C ASP F 445 33.63 -9.24 12.49
N ALA F 446 32.53 -9.84 12.96
CA ALA F 446 31.33 -9.93 12.12
C ALA F 446 30.79 -8.55 11.80
N ILE F 447 30.64 -7.71 12.83
CA ILE F 447 30.01 -6.41 12.62
C ILE F 447 30.91 -5.49 11.78
N SER F 448 32.21 -5.50 12.05
CA SER F 448 33.12 -4.58 11.37
C SER F 448 33.20 -4.86 9.88
N GLY F 449 33.08 -6.12 9.47
CA GLY F 449 33.20 -6.46 8.07
C GLY F 449 31.98 -6.19 7.22
N MET F 450 30.90 -5.71 7.82
CA MET F 450 29.67 -5.45 7.08
C MET F 450 29.69 -4.05 6.47
N THR F 451 29.01 -3.91 5.34
CA THR F 451 28.74 -2.61 4.76
C THR F 451 27.41 -2.08 5.28
N ASP F 452 27.11 -0.83 4.94
CA ASP F 452 25.89 -0.19 5.42
C ASP F 452 24.66 -0.92 4.91
N SER F 453 24.57 -1.12 3.60
CA SER F 453 23.40 -1.77 3.01
C SER F 453 23.27 -3.21 3.50
N TYR F 454 24.40 -3.93 3.55
CA TYR F 454 24.36 -5.31 4.03
C TYR F 454 23.94 -5.36 5.49
N LEU F 455 24.45 -4.46 6.32
CA LEU F 455 24.06 -4.44 7.73
C LEU F 455 22.58 -4.16 7.88
N ILE F 456 22.05 -3.19 7.12
CA ILE F 456 20.63 -2.87 7.22
C ILE F 456 19.78 -4.06 6.77
N ALA F 457 20.16 -4.70 5.66
CA ALA F 457 19.40 -5.84 5.17
C ALA F 457 19.42 -6.99 6.17
N LEU F 458 20.59 -7.29 6.74
CA LEU F 458 20.69 -8.36 7.72
C LEU F 458 19.88 -8.04 8.97
N HIS F 459 19.94 -6.78 9.42
CA HIS F 459 19.16 -6.39 10.60
C HIS F 459 17.67 -6.57 10.35
N ASP F 460 17.19 -6.13 9.18
CA ASP F 460 15.77 -6.28 8.88
C ASP F 460 15.37 -7.75 8.79
N GLU F 461 16.19 -8.56 8.13
CA GLU F 461 15.88 -9.98 7.99
C GLU F 461 15.83 -10.67 9.35
N LEU F 462 16.82 -10.39 10.20
CA LEU F 462 16.84 -11.02 11.52
C LEU F 462 15.69 -10.53 12.39
N ARG F 463 15.34 -9.25 12.28
CA ARG F 463 14.18 -8.74 13.01
C ARG F 463 12.91 -9.45 12.56
N ALA F 464 12.78 -9.70 11.25
CA ALA F 464 11.64 -10.45 10.76
C ALA F 464 11.64 -11.87 11.31
N LEU F 465 12.80 -12.50 11.39
CA LEU F 465 12.89 -13.87 11.87
C LEU F 465 12.89 -13.98 13.40
N HIS F 466 13.05 -12.87 14.11
CA HIS F 466 13.12 -12.90 15.57
C HIS F 466 11.75 -12.71 16.22
N GLN F 467 10.68 -12.62 15.43
CA GLN F 467 9.37 -12.27 15.98
C GLN F 467 8.88 -13.32 16.97
N TYR F 468 9.05 -14.60 16.65
CA TYR F 468 8.50 -15.64 17.51
C TYR F 468 9.21 -15.69 18.85
N GLU F 469 10.54 -15.67 18.84
CA GLU F 469 11.28 -15.78 20.10
C GLU F 469 11.20 -14.50 20.91
N CYS F 470 11.05 -13.35 20.25
CA CYS F 470 10.90 -12.09 20.98
C CYS F 470 9.63 -12.08 21.80
N ARG F 471 8.53 -12.58 21.24
CA ARG F 471 7.26 -12.64 21.95
C ARG F 471 7.28 -13.76 22.99
N SER G 2 -7.11 -59.68 -37.72
CA SER G 2 -6.39 -59.15 -38.86
C SER G 2 -5.08 -58.52 -38.44
N MET G 3 -5.07 -57.94 -37.23
CA MET G 3 -3.88 -57.32 -36.66
C MET G 3 -3.30 -58.24 -35.59
N HIS G 4 -2.00 -58.50 -35.69
CA HIS G 4 -1.34 -59.44 -34.79
C HIS G 4 -0.80 -58.72 -33.56
N TRP G 5 -0.90 -59.39 -32.41
CA TRP G 5 -0.40 -58.82 -31.17
C TRP G 5 1.12 -58.67 -31.15
N ASN G 6 1.83 -59.44 -31.98
CA ASN G 6 3.28 -59.30 -32.04
C ASN G 6 3.70 -57.93 -32.52
N ASP G 7 3.01 -57.40 -33.54
CA ASP G 7 3.31 -56.07 -34.03
C ASP G 7 2.80 -54.99 -33.08
N LEU G 8 1.61 -55.20 -32.50
CA LEU G 8 1.03 -54.20 -31.62
C LEU G 8 1.84 -54.03 -30.34
N LEU G 9 2.48 -55.10 -29.87
CA LEU G 9 3.32 -55.05 -28.66
C LEU G 9 4.79 -55.00 -29.01
N ASN G 10 5.14 -54.31 -30.09
CA ASN G 10 6.54 -54.21 -30.50
C ASN G 10 7.32 -53.40 -29.48
N SER G 11 8.40 -53.98 -28.98
CA SER G 11 9.23 -53.35 -27.96
C SER G 11 10.45 -52.65 -28.54
N ASN G 12 10.58 -52.61 -29.86
CA ASN G 12 11.69 -51.89 -30.48
C ASN G 12 11.46 -50.38 -30.37
N ARG G 13 12.55 -49.63 -30.44
CA ARG G 13 12.52 -48.18 -30.36
C ARG G 13 12.97 -47.57 -31.67
N ARG G 14 12.61 -46.29 -31.86
CA ARG G 14 12.90 -45.61 -33.12
C ARG G 14 14.38 -45.32 -33.28
N LYS G 15 15.06 -44.93 -32.20
CA LYS G 15 16.47 -44.59 -32.30
C LYS G 15 17.29 -45.82 -32.68
N PRO G 16 18.15 -45.74 -33.68
CA PRO G 16 19.01 -46.89 -33.99
C PRO G 16 19.88 -47.27 -32.80
N LYS G 17 20.03 -48.57 -32.59
CA LYS G 17 20.77 -49.04 -31.43
C LYS G 17 22.25 -48.72 -31.58
N ASN G 18 22.85 -48.18 -30.53
CA ASN G 18 24.26 -47.82 -30.55
C ASN G 18 25.10 -49.08 -30.41
N GLU G 19 25.89 -49.38 -31.44
CA GLU G 19 26.73 -50.57 -31.44
C GLU G 19 28.00 -50.41 -30.62
N LYS G 20 28.28 -49.19 -30.13
CA LYS G 20 29.47 -48.94 -29.33
C LYS G 20 29.21 -49.09 -27.83
N LYS G 21 27.97 -49.41 -27.45
CA LYS G 21 27.65 -49.58 -26.04
C LYS G 21 28.33 -50.81 -25.48
N GLU G 22 28.85 -50.67 -24.26
CA GLU G 22 29.49 -51.77 -23.55
C GLU G 22 28.57 -52.30 -22.46
N SER G 23 28.96 -53.45 -21.89
CA SER G 23 28.16 -54.04 -20.83
C SER G 23 28.12 -53.18 -19.58
N SER G 24 29.10 -52.30 -19.39
CA SER G 24 29.11 -51.41 -18.24
C SER G 24 28.13 -50.25 -18.37
N GLN G 25 27.68 -49.95 -19.59
CA GLN G 25 26.72 -48.88 -19.81
C GLN G 25 25.29 -49.38 -19.88
N ASP G 26 25.07 -50.67 -19.70
CA ASP G 26 23.71 -51.21 -19.72
C ASP G 26 22.92 -50.66 -18.54
N THR G 27 21.68 -50.23 -18.83
CA THR G 27 20.84 -49.59 -17.85
C THR G 27 19.56 -50.37 -17.57
N SER G 28 19.23 -51.36 -18.40
CA SER G 28 17.99 -52.11 -18.24
C SER G 28 17.92 -52.74 -16.85
N LYS G 29 18.99 -53.42 -16.43
CA LYS G 29 19.08 -54.05 -15.12
C LYS G 29 17.91 -55.01 -14.89
N GLY G 30 17.69 -55.88 -15.88
CA GLY G 30 16.60 -56.84 -15.79
C GLY G 30 15.22 -56.21 -15.84
N ARG G 31 15.02 -55.24 -16.72
CA ARG G 31 13.72 -54.59 -16.89
C ARG G 31 13.24 -54.80 -18.31
N GLN G 32 11.93 -54.95 -18.45
CA GLN G 32 11.34 -55.01 -19.78
C GLN G 32 11.36 -53.62 -20.42
N GLN G 33 11.35 -53.60 -21.75
CA GLN G 33 11.51 -52.34 -22.46
C GLN G 33 10.36 -51.38 -22.17
N ILE G 34 9.13 -51.91 -22.10
CA ILE G 34 7.99 -51.05 -21.83
C ILE G 34 8.01 -50.54 -20.38
N GLU G 35 8.53 -51.35 -19.46
CA GLU G 35 8.74 -50.84 -18.10
C GLU G 35 9.74 -49.70 -18.12
N ARG G 36 10.78 -49.79 -18.95
CA ARG G 36 11.70 -48.68 -19.12
C ARG G 36 11.00 -47.47 -19.70
N ASP G 37 10.04 -47.68 -20.61
CA ASP G 37 9.26 -46.56 -21.13
C ASP G 37 8.47 -45.87 -20.02
N TYR G 38 7.84 -46.66 -19.16
CA TYR G 38 7.09 -46.10 -18.04
C TYR G 38 8.02 -45.31 -17.11
N ASP G 39 9.21 -45.86 -16.85
CA ASP G 39 10.17 -45.16 -16.00
C ASP G 39 10.64 -43.86 -16.64
N ARG G 40 10.86 -43.88 -17.97
CA ARG G 40 11.25 -42.68 -18.68
C ARG G 40 10.17 -41.61 -18.57
N ILE G 41 8.91 -42.00 -18.74
CA ILE G 41 7.82 -41.03 -18.64
C ILE G 41 7.72 -40.48 -17.23
N LEU G 42 7.82 -41.35 -16.23
CA LEU G 42 7.65 -40.91 -14.85
C LEU G 42 8.74 -39.93 -14.42
N PHE G 43 9.99 -40.18 -14.82
CA PHE G 43 11.11 -39.37 -14.39
C PHE G 43 11.33 -38.14 -15.27
N ALA G 44 10.52 -37.94 -16.30
CA ALA G 44 10.67 -36.77 -17.15
C ALA G 44 10.24 -35.51 -16.41
N ALA G 45 10.89 -34.40 -16.74
CA ALA G 45 10.53 -33.12 -16.15
C ALA G 45 9.07 -32.71 -16.41
N PRO G 46 8.49 -32.89 -17.60
CA PRO G 46 7.07 -32.56 -17.77
C PRO G 46 6.16 -33.34 -16.84
N THR G 47 6.52 -34.57 -16.49
CA THR G 47 5.71 -35.33 -15.54
C THR G 47 5.63 -34.61 -14.20
N ARG G 48 6.78 -34.11 -13.72
CA ARG G 48 6.78 -33.37 -12.46
C ARG G 48 6.06 -32.04 -12.60
N ARG G 49 6.25 -31.36 -13.73
CA ARG G 49 5.57 -30.07 -13.95
C ARG G 49 4.06 -30.23 -14.13
N LEU G 50 3.58 -31.45 -14.39
CA LEU G 50 2.14 -31.68 -14.47
C LEU G 50 1.45 -31.31 -13.16
N ALA G 51 2.17 -31.35 -12.05
CA ALA G 51 1.57 -31.01 -10.76
C ALA G 51 1.15 -29.55 -10.71
N ASP G 52 1.92 -28.66 -11.35
CA ASP G 52 1.61 -27.24 -11.32
C ASP G 52 0.49 -26.86 -12.29
N LYS G 53 0.16 -27.73 -13.25
CA LYS G 53 -0.92 -27.45 -14.18
C LYS G 53 -2.24 -27.95 -13.62
N THR G 54 -3.24 -27.09 -13.66
CA THR G 54 -4.55 -27.42 -13.10
C THR G 54 -5.31 -28.35 -14.03
N GLN G 55 -6.35 -28.98 -13.48
CA GLN G 55 -7.20 -29.87 -14.25
C GLN G 55 -8.60 -29.30 -14.45
N VAL G 56 -9.32 -29.01 -13.37
CA VAL G 56 -10.61 -28.35 -13.46
C VAL G 56 -10.65 -27.14 -12.54
N PHE G 57 -10.38 -27.37 -11.25
CA PHE G 57 -10.51 -26.38 -10.20
C PHE G 57 -9.15 -25.84 -9.79
N PRO G 58 -9.11 -24.68 -9.13
CA PRO G 58 -7.83 -24.13 -8.66
C PRO G 58 -7.12 -25.11 -7.73
N LEU G 59 -5.78 -25.15 -7.85
CA LEU G 59 -4.97 -26.15 -7.18
C LEU G 59 -4.23 -25.59 -5.97
N ASP G 60 -4.60 -24.39 -5.51
CA ASP G 60 -3.91 -23.77 -4.38
C ASP G 60 -4.87 -23.47 -3.23
N LYS G 61 -5.97 -24.22 -3.16
CA LYS G 61 -6.96 -24.02 -2.11
C LYS G 61 -6.88 -25.06 -0.99
N ASN G 62 -5.91 -25.98 -1.06
CA ASN G 62 -5.72 -27.01 -0.04
C ASN G 62 -6.96 -27.86 0.17
N ASP G 63 -7.75 -28.05 -0.89
CA ASP G 63 -8.95 -28.87 -0.83
C ASP G 63 -8.74 -30.27 -1.38
N SER G 64 -7.48 -30.64 -1.67
CA SER G 64 -7.14 -31.96 -2.19
C SER G 64 -7.85 -32.26 -3.50
N VAL G 65 -8.07 -31.24 -4.33
CA VAL G 65 -8.66 -31.44 -5.65
C VAL G 65 -7.60 -32.03 -6.56
N ARG G 66 -8.04 -32.60 -7.68
CA ARG G 66 -7.13 -33.27 -8.60
C ARG G 66 -6.44 -32.27 -9.51
N THR G 67 -5.16 -32.47 -9.73
CA THR G 67 -4.38 -31.75 -10.73
C THR G 67 -4.11 -32.67 -11.91
N ARG G 68 -3.32 -32.18 -12.86
CA ARG G 68 -2.96 -33.01 -14.01
C ARG G 68 -2.15 -34.22 -13.57
N LEU G 69 -1.24 -34.03 -12.61
CA LEU G 69 -0.41 -35.13 -12.13
C LEU G 69 -1.26 -36.20 -11.44
N THR G 70 -2.15 -35.78 -10.54
CA THR G 70 -2.97 -36.74 -9.82
C THR G 70 -3.92 -37.46 -10.76
N HIS G 71 -4.53 -36.72 -11.68
CA HIS G 71 -5.43 -37.34 -12.65
C HIS G 71 -4.68 -38.33 -13.53
N SER G 72 -3.47 -37.97 -13.96
CA SER G 72 -2.66 -38.87 -14.78
C SER G 72 -2.31 -40.13 -14.01
N HIS G 73 -1.94 -39.98 -12.73
CA HIS G 73 -1.60 -41.15 -11.93
C HIS G 73 -2.81 -42.06 -11.72
N GLU G 74 -4.00 -41.46 -11.51
CA GLU G 74 -5.20 -42.27 -11.35
C GLU G 74 -5.55 -43.01 -12.63
N VAL G 75 -5.43 -42.34 -13.78
CA VAL G 75 -5.67 -43.00 -15.05
C VAL G 75 -4.66 -44.13 -15.26
N ALA G 76 -3.40 -43.88 -14.91
CA ALA G 76 -2.38 -44.91 -15.06
C ALA G 76 -2.68 -46.11 -14.17
N ASN G 77 -3.14 -45.87 -12.94
CA ASN G 77 -3.48 -46.97 -12.05
C ASN G 77 -4.66 -47.78 -12.57
N LEU G 78 -5.70 -47.11 -13.07
CA LEU G 78 -6.83 -47.85 -13.63
C LEU G 78 -6.41 -48.67 -14.84
N SER G 79 -5.60 -48.08 -15.72
CA SER G 79 -5.12 -48.81 -16.89
C SER G 79 -4.26 -49.98 -16.47
N ARG G 80 -3.42 -49.80 -15.44
CA ARG G 80 -2.59 -50.89 -14.95
C ARG G 80 -3.44 -52.02 -14.39
N GLY G 81 -4.49 -51.69 -13.65
CA GLY G 81 -5.38 -52.73 -13.14
C GLY G 81 -6.05 -53.49 -14.26
N ILE G 82 -6.52 -52.78 -15.29
CA ILE G 82 -7.12 -53.46 -16.44
C ILE G 82 -6.08 -54.35 -17.13
N GLY G 83 -4.83 -53.89 -17.19
CA GLY G 83 -3.78 -54.70 -17.78
C GLY G 83 -3.49 -55.96 -16.97
N MET G 84 -3.50 -55.84 -15.65
CA MET G 84 -3.33 -57.02 -14.81
C MET G 84 -4.47 -58.01 -15.04
N ARG G 85 -5.70 -57.51 -15.14
CA ARG G 85 -6.82 -58.39 -15.41
C ARG G 85 -6.68 -59.08 -16.76
N LEU G 86 -6.23 -58.33 -17.78
CA LEU G 86 -6.10 -58.91 -19.11
C LEU G 86 -5.00 -59.94 -19.18
N ALA G 87 -3.85 -59.66 -18.56
CA ALA G 87 -2.68 -60.53 -18.68
C ALA G 87 -2.68 -61.68 -17.68
N PHE G 88 -3.53 -61.65 -16.65
CA PHE G 88 -3.52 -62.70 -15.65
C PHE G 88 -4.79 -63.54 -15.62
N GLU G 89 -5.92 -63.02 -16.10
CA GLU G 89 -7.16 -63.77 -16.13
C GLU G 89 -7.67 -64.03 -17.53
N LEU G 90 -7.76 -63.00 -18.36
CA LEU G 90 -8.33 -63.10 -19.69
C LEU G 90 -7.27 -63.24 -20.78
N GLU G 91 -6.14 -63.87 -20.45
CA GLU G 91 -5.08 -64.03 -21.44
C GLU G 91 -5.53 -64.87 -22.62
N ASP G 92 -6.23 -65.98 -22.36
CA ASP G 92 -6.66 -66.86 -23.43
C ASP G 92 -7.68 -66.18 -24.34
N ASP G 93 -8.61 -65.41 -23.75
CA ASP G 93 -9.64 -64.77 -24.57
C ASP G 93 -9.06 -63.64 -25.41
N VAL G 94 -8.17 -62.83 -24.84
CA VAL G 94 -7.68 -61.63 -25.51
C VAL G 94 -6.49 -61.95 -26.38
N PHE G 95 -5.40 -62.42 -25.76
CA PHE G 95 -4.14 -62.66 -26.46
C PHE G 95 -4.11 -64.11 -26.94
N LYS G 96 -4.80 -64.35 -28.06
CA LYS G 96 -4.90 -65.71 -28.58
C LYS G 96 -3.61 -66.16 -29.25
N ASP G 97 -2.96 -65.28 -30.00
CA ASP G 97 -1.76 -65.62 -30.75
C ASP G 97 -0.66 -64.61 -30.41
N VAL G 98 0.21 -64.98 -29.47
CA VAL G 98 1.33 -64.14 -29.05
C VAL G 98 2.57 -65.01 -28.97
N SER G 99 3.68 -64.52 -29.52
CA SER G 99 4.93 -65.26 -29.45
C SER G 99 5.42 -65.34 -28.01
N GLU G 100 6.16 -66.41 -27.71
CA GLU G 100 6.67 -66.61 -26.36
C GLU G 100 7.70 -65.57 -25.96
N ASP G 101 8.25 -64.82 -26.91
CA ASP G 101 9.25 -63.79 -26.59
C ASP G 101 8.64 -62.58 -25.90
N ILE G 102 7.32 -62.48 -25.84
CA ILE G 102 6.64 -61.36 -25.20
C ILE G 102 6.09 -61.82 -23.87
N CYS G 103 6.50 -61.14 -22.79
CA CYS G 103 5.99 -61.42 -21.46
C CYS G 103 4.80 -60.52 -21.22
N LEU G 104 3.59 -61.06 -21.44
CA LEU G 104 2.38 -60.25 -21.31
C LEU G 104 2.21 -59.72 -19.90
N LYS G 105 2.47 -60.56 -18.90
CA LYS G 105 2.25 -60.18 -17.51
C LYS G 105 3.10 -59.00 -17.09
N ARG G 106 4.22 -58.76 -17.77
CA ARG G 106 5.07 -57.61 -17.46
C ARG G 106 4.92 -56.47 -18.46
N ASP G 107 4.49 -56.76 -19.68
CA ASP G 107 4.38 -55.75 -20.73
C ASP G 107 3.03 -55.06 -20.75
N VAL G 108 1.94 -55.82 -20.74
CA VAL G 108 0.61 -55.20 -20.88
C VAL G 108 0.31 -54.24 -19.74
N PRO G 109 0.45 -54.61 -18.46
CA PRO G 109 0.19 -53.62 -17.40
C PRO G 109 1.11 -52.42 -17.48
N ALA G 110 2.39 -52.65 -17.78
CA ALA G 110 3.33 -51.53 -17.91
C ALA G 110 2.96 -50.63 -19.07
N LEU G 111 2.55 -51.22 -20.20
CA LEU G 111 2.17 -50.42 -21.35
C LEU G 111 0.94 -49.58 -21.05
N LEU G 112 -0.07 -50.18 -20.43
CA LEU G 112 -1.28 -49.44 -20.12
C LEU G 112 -0.99 -48.33 -19.12
N ALA G 113 -0.18 -48.60 -18.09
CA ALA G 113 0.18 -47.57 -17.13
C ALA G 113 0.95 -46.44 -17.80
N ALA G 114 1.89 -46.77 -18.69
CA ALA G 114 2.69 -45.76 -19.34
C ALA G 114 1.84 -44.86 -20.23
N ILE G 115 0.92 -45.45 -21.00
CA ILE G 115 0.10 -44.63 -21.87
C ILE G 115 -0.91 -43.83 -21.06
N GLY G 116 -1.36 -44.35 -19.93
CA GLY G 116 -2.26 -43.58 -19.08
C GLY G 116 -1.57 -42.40 -18.43
N LEU G 117 -0.32 -42.58 -17.99
CA LEU G 117 0.40 -41.52 -17.30
C LEU G 117 0.76 -40.37 -18.23
N VAL G 118 1.00 -40.66 -19.51
CA VAL G 118 1.47 -39.66 -20.46
C VAL G 118 0.34 -39.12 -21.32
N HIS G 119 -0.91 -39.52 -21.05
CA HIS G 119 -2.02 -39.19 -21.94
C HIS G 119 -2.30 -37.69 -22.00
N ASP G 120 -1.96 -36.93 -20.97
CA ASP G 120 -2.23 -35.50 -20.93
C ASP G 120 -0.95 -34.72 -20.63
N MET G 121 0.17 -35.18 -21.17
CA MET G 121 1.46 -34.58 -20.88
C MET G 121 1.67 -33.23 -21.56
N GLY G 122 1.24 -33.08 -22.81
CA GLY G 122 1.47 -31.87 -23.56
C GLY G 122 0.31 -30.92 -23.66
N ASN G 123 -0.74 -31.08 -22.86
CA ASN G 123 -1.88 -30.18 -22.93
C ASN G 123 -1.46 -28.79 -22.45
N PRO G 124 -2.02 -27.73 -23.05
CA PRO G 124 -1.72 -26.38 -22.59
C PRO G 124 -2.26 -26.15 -21.20
N PRO G 125 -1.72 -25.18 -20.47
CA PRO G 125 -2.20 -24.93 -19.10
C PRO G 125 -3.62 -24.38 -19.07
N PHE G 126 -4.15 -24.16 -17.86
CA PHE G 126 -5.48 -23.59 -17.65
C PHE G 126 -6.58 -24.50 -18.18
N GLY G 127 -6.36 -25.81 -18.11
CA GLY G 127 -7.38 -26.75 -18.53
C GLY G 127 -7.64 -26.73 -20.03
N ALA G 128 -8.83 -27.22 -20.39
CA ALA G 128 -9.27 -27.21 -21.78
C ALA G 128 -9.43 -25.79 -22.30
N GLN G 129 -9.71 -24.83 -21.42
CA GLN G 129 -9.78 -23.44 -21.84
C GLN G 129 -8.46 -22.96 -22.40
N GLY G 130 -7.34 -23.53 -21.96
CA GLY G 130 -6.06 -23.18 -22.56
C GLY G 130 -5.99 -23.54 -24.02
N ALA G 131 -6.38 -24.77 -24.36
CA ALA G 131 -6.40 -25.19 -25.75
C ALA G 131 -7.39 -24.36 -26.56
N LYS G 132 -8.55 -24.06 -25.97
CA LYS G 132 -9.53 -23.22 -26.66
C LYS G 132 -8.97 -21.83 -26.94
N ALA G 133 -8.27 -21.25 -25.96
CA ALA G 133 -7.72 -19.92 -26.12
C ALA G 133 -6.63 -19.89 -27.18
N MET G 134 -5.75 -20.90 -27.19
CA MET G 134 -4.73 -20.95 -28.23
C MET G 134 -5.36 -21.14 -29.61
N SER G 135 -6.42 -21.96 -29.69
CA SER G 135 -7.10 -22.13 -30.96
C SER G 135 -7.68 -20.81 -31.46
N GLU G 136 -8.33 -20.07 -30.56
CA GLU G 136 -8.91 -18.78 -30.95
C GLU G 136 -7.82 -17.80 -31.37
N TRP G 137 -6.72 -17.75 -30.62
CA TRP G 137 -5.64 -16.83 -30.96
C TRP G 137 -5.04 -17.16 -32.31
N PHE G 138 -4.82 -18.46 -32.58
CA PHE G 138 -4.26 -18.86 -33.86
C PHE G 138 -5.23 -18.59 -35.01
N THR G 139 -6.53 -18.79 -34.76
CA THR G 139 -7.52 -18.49 -35.78
C THR G 139 -7.53 -17.00 -36.12
N LYS G 140 -7.40 -16.15 -35.10
CA LYS G 140 -7.40 -14.71 -35.36
C LYS G 140 -6.10 -14.26 -36.02
N ASN G 141 -4.96 -14.77 -35.56
CA ASN G 141 -3.66 -14.30 -36.01
C ASN G 141 -3.10 -15.08 -37.18
N LEU G 142 -3.75 -16.17 -37.59
CA LEU G 142 -3.38 -16.91 -38.80
C LEU G 142 -4.65 -17.05 -39.64
N PRO G 143 -5.12 -15.96 -40.24
CA PRO G 143 -6.40 -16.00 -40.95
C PRO G 143 -6.37 -16.97 -42.12
N GLU G 144 -7.50 -17.65 -42.34
CA GLU G 144 -7.59 -18.61 -43.42
C GLU G 144 -7.61 -17.96 -44.80
N HIS G 145 -8.11 -16.73 -44.90
CA HIS G 145 -8.18 -16.07 -46.20
C HIS G 145 -6.80 -15.59 -46.65
N SER G 146 -5.90 -15.33 -45.72
CA SER G 146 -4.56 -14.88 -46.07
C SER G 146 -3.80 -15.98 -46.81
N ASP G 147 -3.06 -15.61 -47.85
CA ASP G 147 -2.37 -16.60 -48.66
C ASP G 147 -1.26 -17.30 -47.89
N ASN G 148 -0.71 -16.65 -46.86
CA ASN G 148 0.32 -17.28 -46.06
C ASN G 148 -0.21 -18.49 -45.31
N TYR G 149 -1.46 -18.41 -44.85
CA TYR G 149 -2.07 -19.49 -44.07
C TYR G 149 -3.30 -20.09 -44.74
N LYS G 150 -3.39 -20.02 -46.08
CA LYS G 150 -4.51 -20.66 -46.77
C LYS G 150 -4.47 -22.16 -46.65
N ASP G 151 -3.27 -22.74 -46.49
CA ASP G 151 -3.13 -24.19 -46.47
C ASP G 151 -3.84 -24.79 -45.27
N LYS G 152 -4.38 -26.00 -45.45
CA LYS G 152 -5.09 -26.67 -44.36
C LYS G 152 -4.17 -27.12 -43.25
N ILE G 153 -2.85 -27.19 -43.50
CA ILE G 153 -1.92 -27.63 -42.47
C ILE G 153 -1.96 -26.70 -41.28
N TYR G 154 -2.16 -25.40 -41.52
CA TYR G 154 -2.25 -24.44 -40.42
C TYR G 154 -3.46 -24.68 -39.55
N GLY G 155 -4.43 -25.49 -39.99
CA GLY G 155 -5.48 -25.93 -39.10
C GLY G 155 -4.93 -26.60 -37.85
N ASP G 156 -3.79 -27.26 -37.97
CA ASP G 156 -3.10 -27.84 -36.82
C ASP G 156 -2.99 -26.85 -35.67
N PHE G 157 -2.99 -25.55 -35.97
CA PHE G 157 -2.95 -24.51 -34.96
C PHE G 157 -4.28 -23.83 -34.74
N ARG G 158 -5.13 -23.76 -35.77
CA ARG G 158 -6.45 -23.15 -35.60
C ARG G 158 -7.39 -24.08 -34.84
N HIS G 159 -7.08 -25.37 -34.79
CA HIS G 159 -7.83 -26.36 -34.01
C HIS G 159 -6.86 -27.12 -33.11
N PHE G 160 -6.04 -26.38 -32.37
CA PHE G 160 -4.97 -26.96 -31.58
C PHE G 160 -5.49 -28.03 -30.63
N ASP G 161 -4.79 -29.15 -30.57
CA ASP G 161 -5.16 -30.29 -29.76
C ASP G 161 -4.04 -30.61 -28.77
N GLY G 162 -4.42 -31.01 -27.56
CA GLY G 162 -3.43 -31.45 -26.59
C GLY G 162 -2.72 -32.73 -26.99
N ASN G 163 -3.42 -33.64 -27.65
CA ASN G 163 -2.83 -34.94 -27.96
C ASN G 163 -1.69 -34.82 -28.96
N SER G 164 -1.87 -34.00 -30.00
CA SER G 164 -0.80 -33.82 -30.98
C SER G 164 0.43 -33.21 -30.34
N GLN G 165 0.24 -32.21 -29.48
CA GLN G 165 1.37 -31.62 -28.78
C GLN G 165 2.02 -32.61 -27.83
N THR G 166 1.23 -33.48 -27.19
CA THR G 166 1.80 -34.50 -26.33
C THR G 166 2.68 -35.45 -27.12
N LEU G 167 2.21 -35.90 -28.29
CA LEU G 167 3.00 -36.78 -29.12
C LEU G 167 4.28 -36.09 -29.58
N ARG G 168 4.18 -34.82 -29.99
CA ARG G 168 5.36 -34.08 -30.40
C ARG G 168 6.36 -33.94 -29.25
N LEU G 169 5.85 -33.64 -28.05
CA LEU G 169 6.71 -33.46 -26.90
C LEU G 169 7.43 -34.76 -26.53
N VAL G 170 6.71 -35.88 -26.59
CA VAL G 170 7.27 -37.15 -26.15
C VAL G 170 8.18 -37.71 -27.25
N THR G 171 8.04 -37.19 -28.46
CA THR G 171 8.83 -37.68 -29.59
C THR G 171 9.91 -36.72 -30.06
N LYS G 172 9.71 -35.41 -29.97
CA LYS G 172 10.70 -34.48 -30.52
C LYS G 172 11.13 -33.37 -29.56
N LEU G 173 10.29 -32.95 -28.61
CA LEU G 173 10.60 -31.78 -27.79
C LEU G 173 11.35 -32.12 -26.52
N GLN G 174 12.45 -32.84 -26.61
CA GLN G 174 13.35 -33.00 -25.48
C GLN G 174 14.55 -32.07 -25.67
N ILE G 175 15.47 -32.09 -24.70
CA ILE G 175 16.62 -31.19 -24.76
C ILE G 175 17.50 -31.54 -25.94
N LEU G 176 17.77 -32.82 -26.15
CA LEU G 176 18.55 -33.25 -27.30
C LEU G 176 17.69 -33.20 -28.55
N ASN G 177 18.23 -32.62 -29.62
CA ASN G 177 17.51 -32.48 -30.88
C ASN G 177 17.95 -33.62 -31.81
N ASP G 178 17.39 -34.80 -31.55
CA ASP G 178 17.64 -35.97 -32.36
C ASP G 178 16.38 -36.55 -32.99
N THR G 179 15.25 -35.86 -32.87
CA THR G 179 13.97 -36.33 -33.41
C THR G 179 13.57 -37.67 -32.83
N TYR G 180 14.04 -37.97 -31.62
CA TYR G 180 13.73 -39.24 -30.95
C TYR G 180 13.12 -39.06 -29.57
N GLY G 181 13.29 -37.90 -28.94
CA GLY G 181 12.66 -37.61 -27.66
C GLY G 181 13.01 -38.60 -26.57
N LEU G 182 12.00 -39.09 -25.86
CA LEU G 182 12.20 -40.08 -24.82
C LEU G 182 12.53 -41.46 -25.39
N ASN G 183 12.40 -41.65 -26.70
CA ASN G 183 12.73 -42.90 -27.37
C ASN G 183 11.93 -44.07 -26.78
N LEU G 184 10.62 -43.86 -26.71
CA LEU G 184 9.73 -44.92 -26.24
C LEU G 184 9.60 -46.01 -27.28
N THR G 185 9.12 -47.17 -26.86
CA THR G 185 8.94 -48.29 -27.76
C THR G 185 7.83 -47.98 -28.76
N TYR G 186 7.80 -48.75 -29.85
CA TYR G 186 6.77 -48.55 -30.86
C TYR G 186 5.38 -48.81 -30.30
N ALA G 187 5.26 -49.76 -29.38
CA ALA G 187 3.95 -50.05 -28.79
C ALA G 187 3.39 -48.85 -28.03
N THR G 188 4.23 -48.20 -27.22
CA THR G 188 3.78 -47.06 -26.45
C THR G 188 3.39 -45.90 -27.36
N LEU G 189 4.21 -45.61 -28.38
CA LEU G 189 3.88 -44.52 -29.29
C LEU G 189 2.61 -44.81 -30.08
N ALA G 190 2.43 -46.06 -30.52
CA ALA G 190 1.23 -46.42 -31.24
C ALA G 190 -0.01 -46.31 -30.35
N SER G 191 0.10 -46.74 -29.10
CA SER G 191 -1.04 -46.67 -28.20
C SER G 191 -1.34 -45.24 -27.76
N MET G 192 -0.35 -44.36 -27.82
CA MET G 192 -0.55 -42.99 -27.37
C MET G 192 -1.37 -42.17 -28.36
N ILE G 193 -1.44 -42.61 -29.61
CA ILE G 193 -2.17 -41.85 -30.64
C ILE G 193 -3.65 -42.05 -30.42
N LYS G 194 -4.32 -41.03 -29.84
CA LYS G 194 -5.75 -41.12 -29.60
C LYS G 194 -6.54 -41.07 -30.91
N TYR G 195 -6.17 -40.17 -31.81
CA TYR G 195 -6.88 -39.97 -33.06
C TYR G 195 -5.93 -40.19 -34.22
N PRO G 196 -5.91 -41.37 -34.83
CA PRO G 196 -4.94 -41.64 -35.89
C PRO G 196 -5.26 -40.95 -37.20
N ARG G 197 -5.21 -39.61 -37.21
CA ARG G 197 -5.40 -38.84 -38.42
C ARG G 197 -4.82 -37.45 -38.21
N SER G 198 -4.56 -36.78 -39.32
CA SER G 198 -4.06 -35.41 -39.31
C SER G 198 -5.14 -34.45 -39.76
N SER G 199 -4.88 -33.15 -39.59
CA SER G 199 -5.84 -32.14 -40.00
C SER G 199 -6.02 -32.12 -41.51
N GLU G 200 -5.00 -32.52 -42.27
CA GLU G 200 -5.15 -32.60 -43.72
C GLU G 200 -6.19 -33.64 -44.10
N SER G 201 -6.20 -34.77 -43.41
CA SER G 201 -7.19 -35.81 -43.68
C SER G 201 -8.58 -35.36 -43.29
N ASP G 202 -9.58 -36.04 -43.84
CA ASP G 202 -10.97 -35.68 -43.60
C ASP G 202 -11.75 -36.88 -43.07
N SER G 203 -11.17 -37.60 -42.12
CA SER G 203 -11.84 -38.76 -41.55
C SER G 203 -13.07 -38.33 -40.75
N SER G 204 -14.15 -39.08 -40.90
CA SER G 204 -15.38 -38.85 -40.16
C SER G 204 -15.43 -39.61 -38.84
N LEU G 205 -14.55 -40.59 -38.64
CA LEU G 205 -14.56 -41.36 -37.41
C LEU G 205 -14.00 -40.57 -36.25
N TRP G 206 -12.93 -39.81 -36.47
CA TRP G 206 -12.26 -39.04 -35.41
C TRP G 206 -12.46 -37.56 -35.70
N LYS G 207 -13.07 -36.85 -34.75
CA LYS G 207 -13.33 -35.43 -34.96
C LYS G 207 -12.05 -34.61 -34.88
N LYS G 208 -11.14 -34.98 -33.97
CA LYS G 208 -9.90 -34.26 -33.77
C LYS G 208 -8.78 -34.91 -34.58
N HIS G 209 -7.62 -34.27 -34.57
CA HIS G 209 -6.42 -34.78 -35.22
C HIS G 209 -5.38 -35.14 -34.16
N GLY G 210 -4.66 -36.23 -34.39
CA GLY G 210 -3.77 -36.76 -33.38
C GLY G 210 -2.31 -36.36 -33.48
N PHE G 211 -1.91 -35.77 -34.61
CA PHE G 211 -0.51 -35.41 -34.77
C PHE G 211 -0.40 -34.22 -35.72
N PHE G 212 0.72 -33.51 -35.58
CA PHE G 212 1.00 -32.34 -36.42
C PHE G 212 1.57 -32.79 -37.76
N LEU G 213 1.78 -31.79 -38.64
CA LEU G 213 2.43 -32.07 -39.91
C LEU G 213 3.89 -32.47 -39.71
N SER G 214 4.54 -31.90 -38.70
CA SER G 214 5.95 -32.20 -38.47
C SER G 214 6.15 -33.65 -38.07
N GLU G 215 5.20 -34.23 -37.35
CA GLU G 215 5.29 -35.60 -36.88
C GLU G 215 4.73 -36.61 -37.87
N LYS G 216 4.43 -36.20 -39.10
CA LYS G 216 3.80 -37.09 -40.06
C LYS G 216 4.69 -38.29 -40.37
N ASP G 217 5.99 -38.04 -40.59
CA ASP G 217 6.91 -39.13 -40.89
C ASP G 217 7.07 -40.07 -39.70
N VAL G 218 7.11 -39.49 -38.49
CA VAL G 218 7.25 -40.31 -37.29
C VAL G 218 6.03 -41.22 -37.13
N VAL G 219 4.83 -40.67 -37.33
CA VAL G 219 3.62 -41.47 -37.20
C VAL G 219 3.56 -42.54 -38.29
N GLN G 220 4.03 -42.20 -39.49
CA GLN G 220 4.09 -43.18 -40.56
C GLN G 220 5.02 -44.34 -40.18
N ASP G 221 6.17 -44.01 -39.59
CA ASP G 221 7.10 -45.05 -39.13
C ASP G 221 6.46 -45.92 -38.05
N ILE G 222 5.74 -45.28 -37.12
CA ILE G 222 5.08 -46.02 -36.05
C ILE G 222 4.04 -46.98 -36.64
N TRP G 223 3.26 -46.51 -37.60
CA TRP G 223 2.27 -47.38 -38.24
C TRP G 223 2.95 -48.52 -38.98
N ASN G 224 4.06 -48.24 -39.66
CA ASN G 224 4.78 -49.29 -40.38
C ASN G 224 5.34 -50.35 -39.44
N ASN G 225 5.81 -49.95 -38.26
CA ASN G 225 6.44 -50.88 -37.33
C ASN G 225 5.45 -51.54 -36.38
N THR G 226 4.16 -51.22 -36.48
CA THR G 226 3.16 -51.82 -35.61
C THR G 226 1.98 -52.43 -36.36
N GLY G 227 1.96 -52.36 -37.69
CA GLY G 227 0.87 -52.91 -38.45
C GLY G 227 -0.38 -52.08 -38.48
N LEU G 228 -0.36 -50.87 -37.93
CA LEU G 228 -1.50 -49.98 -37.95
C LEU G 228 -1.48 -49.13 -39.22
N SER G 229 -2.50 -48.31 -39.40
CA SER G 229 -2.60 -47.42 -40.54
C SER G 229 -3.47 -46.24 -40.14
N GLU G 230 -3.61 -45.28 -41.05
CA GLU G 230 -4.40 -44.09 -40.77
C GLU G 230 -5.86 -44.45 -40.54
N GLY G 231 -6.43 -43.91 -39.46
CA GLY G 231 -7.80 -44.14 -39.09
C GLY G 231 -7.99 -45.35 -38.18
N VAL G 232 -6.98 -46.21 -38.09
CA VAL G 232 -7.05 -47.38 -37.24
C VAL G 232 -6.36 -47.07 -35.91
N ARG G 233 -7.07 -47.31 -34.81
CA ARG G 233 -6.60 -46.97 -33.49
C ARG G 233 -6.05 -48.21 -32.80
N HIS G 234 -4.98 -48.03 -32.02
CA HIS G 234 -4.40 -49.14 -31.30
C HIS G 234 -5.41 -49.70 -30.30
N PRO G 235 -5.48 -51.02 -30.13
CA PRO G 235 -6.50 -51.58 -29.22
C PRO G 235 -6.38 -51.08 -27.79
N PHE G 236 -5.17 -50.84 -27.30
CA PHE G 236 -5.00 -50.34 -25.94
C PHE G 236 -5.32 -48.87 -25.81
N THR G 237 -5.38 -48.14 -26.92
CA THR G 237 -5.79 -46.74 -26.85
C THR G 237 -7.25 -46.63 -26.41
N TYR G 238 -8.08 -47.58 -26.84
CA TYR G 238 -9.47 -47.60 -26.35
C TYR G 238 -9.52 -47.79 -24.84
N ILE G 239 -8.69 -48.69 -24.32
CA ILE G 239 -8.66 -48.92 -22.87
C ILE G 239 -8.18 -47.66 -22.15
N MET G 240 -7.14 -47.02 -22.67
CA MET G 240 -6.64 -45.81 -22.04
C MET G 240 -7.69 -44.70 -22.05
N GLU G 241 -8.38 -44.52 -23.17
CA GLU G 241 -9.41 -43.51 -23.27
C GLU G 241 -10.57 -43.80 -22.33
N ALA G 242 -10.99 -45.07 -22.23
CA ALA G 242 -12.06 -45.42 -21.30
C ALA G 242 -11.64 -45.16 -19.86
N CYS G 243 -10.40 -45.51 -19.51
CA CYS G 243 -9.93 -45.25 -18.15
C CYS G 243 -9.87 -43.75 -17.87
N ASP G 244 -9.42 -42.97 -18.85
CA ASP G 244 -9.38 -41.51 -18.67
C ASP G 244 -10.79 -40.96 -18.48
N ASP G 245 -11.75 -41.44 -19.27
CA ASP G 245 -13.13 -40.98 -19.14
C ASP G 245 -13.69 -41.32 -17.78
N ILE G 246 -13.51 -42.57 -17.34
CA ILE G 246 -14.02 -43.02 -16.05
C ILE G 246 -13.42 -42.17 -14.94
N ALA G 247 -12.09 -42.02 -14.98
CA ALA G 247 -11.39 -41.30 -13.93
C ALA G 247 -11.86 -39.86 -13.85
N TYR G 248 -11.88 -39.15 -14.97
CA TYR G 248 -12.24 -37.73 -14.91
C TYR G 248 -13.71 -37.58 -14.52
N SER G 249 -14.59 -38.41 -15.09
CA SER G 249 -16.02 -38.29 -14.80
C SER G 249 -16.33 -38.54 -13.33
N VAL G 250 -15.69 -39.54 -12.73
CA VAL G 250 -15.99 -39.85 -11.33
C VAL G 250 -15.29 -38.87 -10.39
N LEU G 251 -14.01 -38.62 -10.59
CA LEU G 251 -13.26 -37.78 -9.68
C LEU G 251 -13.61 -36.31 -9.79
N ASP G 252 -14.10 -35.84 -10.95
CA ASP G 252 -14.59 -34.47 -11.01
C ASP G 252 -15.88 -34.31 -10.21
N ALA G 253 -16.75 -35.32 -10.23
CA ALA G 253 -17.93 -35.29 -9.35
C ALA G 253 -17.50 -35.30 -7.89
N GLU G 254 -16.51 -36.12 -7.56
CA GLU G 254 -16.00 -36.14 -6.19
C GLU G 254 -15.46 -34.77 -5.78
N ASP G 255 -14.71 -34.13 -6.68
CA ASP G 255 -14.16 -32.81 -6.39
C ASP G 255 -15.26 -31.76 -6.28
N ILE G 256 -16.32 -31.89 -7.08
CA ILE G 256 -17.45 -30.97 -6.98
C ILE G 256 -18.11 -31.09 -5.61
N ILE G 257 -18.31 -32.33 -5.15
CA ILE G 257 -18.91 -32.53 -3.84
C ILE G 257 -17.99 -32.00 -2.74
N LYS G 258 -16.69 -32.27 -2.86
CA LYS G 258 -15.75 -31.79 -1.84
C LYS G 258 -15.69 -30.27 -1.79
N LYS G 259 -15.74 -29.62 -2.95
CA LYS G 259 -15.64 -28.17 -3.01
C LYS G 259 -16.92 -27.46 -2.58
N GLY G 260 -17.99 -28.21 -2.34
CA GLY G 260 -19.23 -27.62 -1.88
C GLY G 260 -20.16 -27.13 -2.96
N PHE G 261 -19.82 -27.31 -4.24
CA PHE G 261 -20.69 -26.90 -5.32
C PHE G 261 -21.93 -27.77 -5.42
N ALA G 262 -21.94 -28.94 -4.79
CA ALA G 262 -23.09 -29.82 -4.75
C ALA G 262 -22.95 -30.70 -3.51
N SER G 263 -23.90 -31.63 -3.35
CA SER G 263 -23.89 -32.54 -2.23
C SER G 263 -24.10 -33.96 -2.74
N PHE G 264 -23.81 -34.92 -1.86
CA PHE G 264 -23.99 -36.33 -2.22
C PHE G 264 -25.43 -36.64 -2.56
N HIS G 265 -26.38 -36.09 -1.79
CA HIS G 265 -27.79 -36.28 -2.10
C HIS G 265 -28.15 -35.65 -3.43
N ASP G 266 -27.53 -34.52 -3.78
CA ASP G 266 -27.77 -33.92 -5.08
C ASP G 266 -27.35 -34.86 -6.20
N LEU G 267 -26.17 -35.48 -6.08
CA LEU G 267 -25.72 -36.43 -7.09
C LEU G 267 -26.63 -37.65 -7.16
N ILE G 268 -27.06 -38.15 -5.99
CA ILE G 268 -27.95 -39.31 -5.98
C ILE G 268 -29.25 -38.99 -6.68
N ASP G 269 -29.83 -37.82 -6.39
CA ASP G 269 -31.07 -37.41 -7.04
C ASP G 269 -30.86 -37.21 -8.54
N PHE G 270 -29.73 -36.63 -8.93
CA PHE G 270 -29.46 -36.42 -10.35
C PHE G 270 -29.38 -37.74 -11.10
N ILE G 271 -28.71 -38.73 -10.50
CA ILE G 271 -28.59 -40.04 -11.16
C ILE G 271 -29.93 -40.75 -11.19
N GLN G 272 -30.69 -40.68 -10.09
CA GLN G 272 -31.98 -41.36 -10.04
C GLN G 272 -32.97 -40.75 -11.03
N SER G 273 -32.98 -39.44 -11.16
CA SER G 273 -33.91 -38.74 -12.04
C SER G 273 -33.40 -38.62 -13.47
N ASN G 274 -32.19 -39.12 -13.76
CA ASN G 274 -31.68 -39.08 -15.11
C ASN G 274 -32.51 -39.97 -16.02
N GLN G 275 -32.75 -39.51 -17.25
CA GLN G 275 -33.63 -40.24 -18.15
C GLN G 275 -33.09 -41.63 -18.48
N PHE G 276 -31.80 -41.73 -18.78
CA PHE G 276 -31.20 -43.00 -19.17
C PHE G 276 -30.76 -43.84 -17.98
N CYS G 277 -30.66 -43.27 -16.79
CA CYS G 277 -30.20 -44.00 -15.62
C CYS G 277 -31.35 -44.51 -14.75
N LYS G 278 -32.60 -44.27 -15.14
CA LYS G 278 -33.72 -44.77 -14.35
C LYS G 278 -33.82 -46.28 -14.41
N GLU G 279 -33.39 -46.90 -15.51
CA GLU G 279 -33.49 -48.34 -15.69
C GLU G 279 -32.15 -49.01 -15.89
N ASP G 280 -31.04 -48.28 -15.84
CA ASP G 280 -29.73 -48.88 -16.03
C ASP G 280 -29.37 -49.74 -14.81
N ASP G 281 -28.95 -50.97 -15.08
CA ASP G 281 -28.62 -51.89 -13.98
C ASP G 281 -27.42 -51.41 -13.18
N VAL G 282 -26.38 -50.91 -13.86
CA VAL G 282 -25.18 -50.47 -13.17
C VAL G 282 -25.50 -49.28 -12.26
N ALA G 283 -26.25 -48.31 -12.79
CA ALA G 283 -26.62 -47.16 -11.98
C ALA G 283 -27.48 -47.57 -10.79
N LYS G 284 -28.42 -48.49 -11.01
CA LYS G 284 -29.27 -48.97 -9.92
C LYS G 284 -28.43 -49.63 -8.82
N ARG G 285 -27.48 -50.48 -9.21
CA ARG G 285 -26.64 -51.15 -8.23
C ARG G 285 -25.79 -50.15 -7.47
N VAL G 286 -25.22 -49.16 -8.17
CA VAL G 286 -24.41 -48.16 -7.51
C VAL G 286 -25.24 -47.37 -6.51
N ILE G 287 -26.45 -46.96 -6.91
CA ILE G 287 -27.31 -46.21 -6.02
C ILE G 287 -27.69 -47.04 -4.79
N GLU G 288 -28.02 -48.31 -5.01
CA GLU G 288 -28.39 -49.18 -3.88
C GLU G 288 -27.23 -49.33 -2.91
N ASN G 289 -26.03 -49.59 -3.43
CA ASN G 289 -24.88 -49.73 -2.54
C ASN G 289 -24.59 -48.44 -1.79
N CYS G 290 -24.69 -47.30 -2.48
CA CYS G 290 -24.43 -46.02 -1.82
C CYS G 290 -25.43 -45.76 -0.71
N LYS G 291 -26.72 -46.02 -0.95
CA LYS G 291 -27.72 -45.82 0.08
C LYS G 291 -27.52 -46.77 1.25
N LYS G 292 -27.17 -48.03 0.95
CA LYS G 292 -26.95 -49.00 2.01
C LYS G 292 -25.78 -48.59 2.91
N ILE G 293 -24.69 -48.10 2.31
CA ILE G 293 -23.57 -47.65 3.12
C ILE G 293 -23.89 -46.33 3.82
N HIS G 294 -24.70 -45.48 3.20
CA HIS G 294 -25.01 -44.19 3.79
C HIS G 294 -25.89 -44.33 5.02
N ALA G 295 -26.79 -45.31 5.04
CA ALA G 295 -27.58 -45.56 6.23
C ALA G 295 -26.67 -45.91 7.41
N ASP G 296 -25.73 -46.83 7.21
CA ASP G 296 -24.82 -47.23 8.27
C ASP G 296 -23.94 -46.06 8.72
N TYR G 297 -23.48 -45.25 7.76
CA TYR G 297 -22.67 -44.09 8.13
C TYR G 297 -23.48 -43.09 8.93
N ALA G 298 -24.75 -42.90 8.56
CA ALA G 298 -25.62 -42.02 9.34
C ALA G 298 -25.87 -42.56 10.72
N GLN G 299 -25.80 -43.89 10.90
CA GLN G 299 -25.92 -44.45 12.24
C GLN G 299 -24.80 -43.95 13.15
N GLN G 300 -23.58 -43.83 12.61
CA GLN G 300 -22.48 -43.27 13.39
C GLN G 300 -22.66 -41.77 13.57
N LYS G 301 -21.74 -41.17 14.30
CA LYS G 301 -21.73 -39.73 14.54
C LYS G 301 -20.71 -39.09 13.62
N LEU G 302 -21.17 -38.19 12.75
CA LEU G 302 -20.32 -37.53 11.77
C LEU G 302 -20.87 -36.15 11.47
N SER G 303 -19.97 -35.21 11.18
CA SER G 303 -20.38 -33.90 10.73
C SER G 303 -20.96 -34.00 9.32
N PRO G 304 -21.82 -33.06 8.92
CA PRO G 304 -22.39 -33.12 7.57
C PRO G 304 -21.34 -33.17 6.47
N ALA G 305 -20.26 -32.41 6.62
CA ALA G 305 -19.19 -32.47 5.62
C ALA G 305 -18.53 -33.83 5.62
N GLU G 306 -18.30 -34.42 6.79
CA GLU G 306 -17.68 -35.73 6.87
C GLU G 306 -18.60 -36.80 6.28
N LEU G 307 -19.90 -36.71 6.55
CA LEU G 307 -20.84 -37.65 5.96
C LEU G 307 -20.86 -37.53 4.44
N ASN G 308 -20.84 -36.29 3.94
CA ASN G 308 -20.77 -36.07 2.50
C ASN G 308 -19.51 -36.69 1.92
N ASP G 309 -18.38 -36.50 2.60
CA ASP G 309 -17.10 -37.01 2.11
C ASP G 309 -17.11 -38.54 2.07
N MET G 310 -17.61 -39.18 3.13
CA MET G 310 -17.65 -40.64 3.15
C MET G 310 -18.60 -41.20 2.10
N SER G 311 -19.76 -40.58 1.95
CA SER G 311 -20.70 -41.04 0.94
C SER G 311 -20.12 -40.88 -0.46
N MET G 312 -19.43 -39.76 -0.70
CA MET G 312 -18.77 -39.55 -1.99
C MET G 312 -17.66 -40.57 -2.21
N GLN G 313 -16.89 -40.89 -1.18
CA GLN G 313 -15.83 -41.88 -1.31
C GLN G 313 -16.39 -43.24 -1.68
N MET G 314 -17.47 -43.65 -1.00
CA MET G 314 -18.06 -44.94 -1.29
C MET G 314 -18.68 -44.95 -2.69
N PHE G 315 -19.31 -43.85 -3.09
CA PHE G 315 -19.82 -43.75 -4.45
C PHE G 315 -18.69 -43.88 -5.46
N ARG G 316 -17.56 -43.23 -5.20
CA ARG G 316 -16.42 -43.36 -6.10
C ARG G 316 -15.96 -44.80 -6.19
N VAL G 317 -15.86 -45.48 -5.05
CA VAL G 317 -15.41 -46.87 -5.06
C VAL G 317 -16.35 -47.73 -5.89
N TYR G 318 -17.65 -47.66 -5.62
CA TYR G 318 -18.60 -48.52 -6.33
C TYR G 318 -18.70 -48.18 -7.81
N ALA G 319 -18.75 -46.89 -8.15
CA ALA G 319 -18.84 -46.48 -9.55
C ALA G 319 -17.60 -46.88 -10.32
N ILE G 320 -16.42 -46.68 -9.73
CA ILE G 320 -15.18 -47.06 -10.41
C ILE G 320 -15.13 -48.56 -10.63
N ALA G 321 -15.51 -49.34 -9.61
CA ALA G 321 -15.51 -50.79 -9.76
C ALA G 321 -16.45 -51.22 -10.88
N GLU G 322 -17.69 -50.71 -10.87
CA GLU G 322 -18.65 -51.11 -11.89
C GLU G 322 -18.21 -50.70 -13.29
N LEU G 323 -17.72 -49.46 -13.43
CA LEU G 323 -17.31 -48.99 -14.75
C LEU G 323 -16.10 -49.75 -15.26
N VAL G 324 -15.13 -50.04 -14.39
CA VAL G 324 -13.96 -50.80 -14.81
C VAL G 324 -14.35 -52.20 -15.23
N ASP G 325 -15.23 -52.85 -14.47
CA ASP G 325 -15.67 -54.19 -14.83
C ASP G 325 -16.41 -54.17 -16.17
N ALA G 326 -17.29 -53.18 -16.37
CA ALA G 326 -18.01 -53.08 -17.63
C ALA G 326 -17.07 -52.85 -18.80
N VAL G 327 -16.06 -51.99 -18.61
CA VAL G 327 -15.11 -51.71 -19.67
C VAL G 327 -14.30 -52.96 -20.02
N VAL G 328 -13.86 -53.70 -19.00
CA VAL G 328 -13.10 -54.92 -19.24
C VAL G 328 -13.96 -55.94 -19.99
N ILE G 329 -15.22 -56.10 -19.58
CA ILE G 329 -16.10 -57.05 -20.26
C ILE G 329 -16.33 -56.63 -21.71
N ALA G 330 -16.54 -55.33 -21.95
CA ALA G 330 -16.75 -54.86 -23.31
C ALA G 330 -15.52 -55.09 -24.17
N PHE G 331 -14.34 -54.81 -23.64
CA PHE G 331 -13.11 -55.04 -24.40
C PHE G 331 -12.92 -56.51 -24.70
N LYS G 332 -13.20 -57.38 -23.73
CA LYS G 332 -13.06 -58.81 -23.97
C LYS G 332 -14.05 -59.30 -25.03
N ASP G 333 -15.29 -58.81 -24.98
CA ASP G 333 -16.29 -59.27 -25.93
C ASP G 333 -16.00 -58.80 -27.35
N ASN G 334 -15.56 -57.55 -27.51
CA ASN G 334 -15.31 -56.96 -28.82
C ASN G 334 -13.83 -56.98 -29.19
N ILE G 335 -13.08 -57.98 -28.73
CA ILE G 335 -11.65 -58.01 -29.01
C ILE G 335 -11.39 -58.25 -30.49
N ASN G 336 -12.20 -59.09 -31.13
CA ASN G 336 -12.00 -59.35 -32.55
C ASN G 336 -12.24 -58.11 -33.39
N GLU G 337 -13.27 -57.34 -33.05
CA GLU G 337 -13.53 -56.09 -33.77
C GLU G 337 -12.40 -55.09 -33.55
N PHE G 338 -11.88 -55.02 -32.33
CA PHE G 338 -10.78 -54.10 -32.06
C PHE G 338 -9.52 -54.49 -32.83
N LEU G 339 -9.24 -55.79 -32.92
CA LEU G 339 -8.09 -56.26 -33.68
C LEU G 339 -8.33 -56.22 -35.18
N ASN G 340 -9.56 -55.97 -35.62
CA ASN G 340 -9.83 -55.87 -37.05
C ASN G 340 -9.14 -54.65 -37.65
N ASP G 341 -8.65 -54.80 -38.87
CA ASP G 341 -7.94 -53.72 -39.55
C ASP G 341 -8.85 -52.56 -39.91
N THR G 342 -10.17 -52.74 -39.87
CA THR G 342 -11.13 -51.70 -40.20
C THR G 342 -12.07 -51.43 -39.05
N CYS G 343 -11.53 -51.32 -37.84
CA CYS G 343 -12.35 -51.06 -36.67
C CYS G 343 -12.97 -49.67 -36.75
N GLU G 344 -14.25 -49.58 -36.40
CA GLU G 344 -14.97 -48.30 -36.45
C GLU G 344 -15.65 -47.99 -35.12
N ILE G 345 -15.18 -48.55 -34.02
CA ILE G 345 -15.75 -48.28 -32.71
C ILE G 345 -15.25 -46.92 -32.23
N LYS G 346 -16.18 -46.05 -31.85
CA LYS G 346 -15.79 -44.71 -31.42
C LYS G 346 -15.14 -44.71 -30.05
N ASP G 347 -15.71 -45.47 -29.10
CA ASP G 347 -15.16 -45.54 -27.76
C ASP G 347 -15.57 -46.85 -27.11
N LEU G 348 -14.80 -47.26 -26.11
CA LEU G 348 -15.06 -48.51 -25.41
C LEU G 348 -16.23 -48.40 -24.45
N ILE G 349 -16.43 -47.24 -23.83
CA ILE G 349 -17.50 -47.09 -22.84
C ILE G 349 -18.87 -47.25 -23.50
N SER G 350 -19.04 -46.66 -24.69
CA SER G 350 -20.33 -46.75 -25.38
C SER G 350 -20.70 -48.18 -25.72
N CYS G 351 -19.73 -49.08 -25.83
CA CYS G 351 -19.99 -50.49 -26.07
C CYS G 351 -20.19 -51.29 -24.79
N SER G 352 -20.03 -50.66 -23.63
CA SER G 352 -20.14 -51.35 -22.35
C SER G 352 -21.50 -51.05 -21.72
N SER G 353 -21.74 -51.66 -20.56
CA SER G 353 -22.97 -51.45 -19.82
C SER G 353 -22.91 -50.26 -18.89
N GLY G 354 -21.74 -49.63 -18.75
CA GLY G 354 -21.61 -48.45 -17.90
C GLY G 354 -21.69 -47.17 -18.68
N LYS G 355 -22.21 -47.24 -19.91
CA LYS G 355 -22.31 -46.07 -20.76
C LYS G 355 -23.23 -45.01 -20.15
N ASN G 356 -24.40 -45.44 -19.70
CA ASN G 356 -25.38 -44.48 -19.17
C ASN G 356 -24.87 -43.81 -17.91
N LEU G 357 -24.25 -44.59 -17.00
CA LEU G 357 -23.74 -44.00 -15.77
C LEU G 357 -22.64 -42.99 -16.06
N CYS G 358 -21.70 -43.32 -16.96
CA CYS G 358 -20.63 -42.39 -17.28
C CYS G 358 -21.18 -41.13 -17.95
N GLN G 359 -22.15 -41.30 -18.86
CA GLN G 359 -22.74 -40.13 -19.51
C GLN G 359 -23.45 -39.23 -18.51
N ALA G 360 -24.19 -39.83 -17.57
CA ALA G 360 -24.87 -39.04 -16.54
C ALA G 360 -23.86 -38.33 -15.64
N LEU G 361 -22.76 -39.01 -15.31
CA LEU G 361 -21.73 -38.35 -14.50
C LEU G 361 -21.09 -37.18 -15.25
N LYS G 362 -20.87 -37.34 -16.55
CA LYS G 362 -20.33 -36.23 -17.34
C LYS G 362 -21.31 -35.07 -17.37
N LYS G 363 -22.60 -35.36 -17.53
CA LYS G 363 -23.59 -34.29 -17.52
C LYS G 363 -23.64 -33.59 -16.18
N PHE G 364 -23.56 -34.35 -15.09
CA PHE G 364 -23.54 -33.75 -13.76
C PHE G 364 -22.32 -32.87 -13.56
N ASP G 365 -21.16 -33.33 -14.01
CA ASP G 365 -19.94 -32.53 -13.88
C ASP G 365 -20.04 -31.25 -14.70
N SER G 366 -20.59 -31.34 -15.91
CA SER G 366 -20.76 -30.15 -16.74
C SER G 366 -21.72 -29.16 -16.10
N SER G 367 -22.85 -29.64 -15.59
CA SER G 367 -23.87 -28.74 -15.05
C SER G 367 -23.42 -28.11 -13.74
N ARG G 368 -22.72 -28.87 -12.90
CA ARG G 368 -22.39 -28.38 -11.57
C ARG G 368 -20.99 -27.77 -11.49
N GLY G 369 -20.00 -28.40 -12.11
CA GLY G 369 -18.63 -27.94 -11.95
C GLY G 369 -18.05 -27.14 -13.10
N TYR G 370 -18.25 -27.60 -14.33
CA TYR G 370 -17.64 -26.94 -15.47
C TYR G 370 -18.28 -25.59 -15.76
N GLN G 371 -19.57 -25.45 -15.50
CA GLN G 371 -20.29 -24.21 -15.72
C GLN G 371 -20.45 -23.38 -14.45
N HIS G 372 -19.73 -23.71 -13.39
CA HIS G 372 -19.78 -22.90 -12.18
C HIS G 372 -19.20 -21.52 -12.43
N ARG G 373 -19.70 -20.54 -11.69
CA ARG G 373 -19.29 -19.16 -11.90
C ARG G 373 -17.80 -18.96 -11.67
N SER G 374 -17.26 -19.54 -10.59
CA SER G 374 -15.84 -19.39 -10.31
C SER G 374 -14.99 -20.03 -11.39
N VAL G 375 -15.40 -21.21 -11.87
CA VAL G 375 -14.66 -21.89 -12.92
C VAL G 375 -14.68 -21.07 -14.20
N LEU G 376 -15.84 -20.50 -14.54
CA LEU G 376 -15.91 -19.66 -15.75
C LEU G 376 -15.04 -18.42 -15.63
N LYS G 377 -15.03 -17.78 -14.46
CA LYS G 377 -14.18 -16.61 -14.26
C LYS G 377 -12.71 -16.97 -14.38
N LEU G 378 -12.31 -18.09 -13.77
CA LEU G 378 -10.92 -18.54 -13.89
C LEU G 378 -10.56 -18.88 -15.33
N GLU G 379 -11.50 -19.47 -16.07
CA GLU G 379 -11.25 -19.77 -17.48
C GLU G 379 -11.05 -18.50 -18.27
N LEU G 380 -11.87 -17.48 -18.02
CA LEU G 380 -11.70 -16.21 -18.72
C LEU G 380 -10.36 -15.58 -18.38
N GLU G 381 -9.96 -15.62 -17.11
CA GLU G 381 -8.67 -15.07 -16.72
C GLU G 381 -7.53 -15.81 -17.40
N GLY G 382 -7.60 -17.14 -17.45
CA GLY G 382 -6.57 -17.90 -18.14
C GLY G 382 -6.52 -17.61 -19.62
N SER G 383 -7.68 -17.44 -20.24
CA SER G 383 -7.73 -17.10 -21.66
C SER G 383 -7.07 -15.74 -21.91
N ASN G 384 -7.36 -14.76 -21.06
CA ASN G 384 -6.74 -13.45 -21.20
C ASN G 384 -5.23 -13.54 -21.04
N TYR G 385 -4.77 -14.27 -20.03
CA TYR G 385 -3.34 -14.45 -19.82
C TYR G 385 -2.68 -15.09 -21.03
N ILE G 386 -3.26 -16.17 -21.52
CA ILE G 386 -2.67 -16.92 -22.63
C ILE G 386 -2.63 -16.06 -23.88
N LYS G 387 -3.73 -15.36 -24.19
CA LYS G 387 -3.76 -14.55 -25.40
C LYS G 387 -2.79 -13.39 -25.32
N GLY G 388 -2.69 -12.74 -24.15
CA GLY G 388 -1.73 -11.65 -24.01
C GLY G 388 -0.29 -12.13 -24.17
N LEU G 389 0.05 -13.25 -23.51
CA LEU G 389 1.40 -13.79 -23.64
C LEU G 389 1.68 -14.22 -25.07
N MET G 390 0.69 -14.77 -25.76
CA MET G 390 0.88 -15.17 -27.15
C MET G 390 1.12 -13.97 -28.04
N ASP G 391 0.39 -12.88 -27.83
CA ASP G 391 0.66 -11.66 -28.59
C ASP G 391 2.07 -11.15 -28.35
N MET G 392 2.48 -11.13 -27.07
CA MET G 392 3.81 -10.64 -26.73
C MET G 392 4.90 -11.50 -27.35
N LEU G 393 4.74 -12.83 -27.32
CA LEU G 393 5.73 -13.71 -27.92
C LEU G 393 5.72 -13.59 -29.44
N TRP G 394 4.54 -13.47 -30.05
CA TRP G 394 4.45 -13.30 -31.49
C TRP G 394 5.13 -12.02 -31.95
N LEU G 395 5.17 -11.01 -31.09
CA LEU G 395 5.91 -9.80 -31.43
C LEU G 395 7.37 -10.11 -31.73
N GLY G 396 7.95 -11.10 -31.05
CA GLY G 396 9.33 -11.47 -31.24
C GLY G 396 9.58 -12.72 -32.05
N ILE G 397 8.54 -13.29 -32.68
CA ILE G 397 8.68 -14.52 -33.45
C ILE G 397 8.34 -14.32 -34.92
N LYS G 398 7.28 -13.57 -35.23
CA LYS G 398 6.85 -13.43 -36.60
C LYS G 398 7.94 -12.79 -37.46
N GLY G 399 8.19 -13.40 -38.62
CA GLY G 399 9.22 -12.94 -39.52
C GLY G 399 10.60 -13.52 -39.27
N ARG G 400 10.79 -14.23 -38.17
CA ARG G 400 12.10 -14.80 -37.88
C ARG G 400 12.52 -15.83 -38.92
N ALA G 401 11.54 -16.54 -39.50
CA ALA G 401 11.82 -17.54 -40.52
C ALA G 401 11.42 -17.11 -41.93
N THR G 402 10.38 -16.27 -42.06
CA THR G 402 9.96 -15.83 -43.39
C THR G 402 10.99 -14.92 -44.03
N GLY G 403 11.56 -13.99 -43.26
CA GLY G 403 12.55 -13.08 -43.79
C GLY G 403 12.38 -11.65 -43.33
N ASP G 404 11.19 -11.29 -42.88
CA ASP G 404 10.94 -9.95 -42.38
C ASP G 404 11.74 -9.71 -41.10
N THR G 405 12.08 -8.45 -40.86
CA THR G 405 12.91 -8.06 -39.73
C THR G 405 12.12 -7.19 -38.75
N GLN G 406 10.84 -7.46 -38.59
CA GLN G 406 10.02 -6.73 -37.64
C GLN G 406 10.26 -7.16 -36.19
N TYR G 407 11.04 -8.22 -35.98
CA TYR G 407 11.34 -8.74 -34.65
C TYR G 407 12.59 -8.13 -34.04
N ASP G 408 13.31 -7.28 -34.77
CA ASP G 408 14.64 -6.84 -34.36
C ASP G 408 14.61 -5.82 -33.24
N THR G 409 13.44 -5.46 -32.72
CA THR G 409 13.38 -4.56 -31.58
C THR G 409 13.97 -5.24 -30.35
N PRO G 410 14.52 -4.45 -29.41
CA PRO G 410 15.08 -5.07 -28.20
C PRO G 410 14.09 -5.93 -27.43
N PHE G 411 12.83 -5.51 -27.37
CA PHE G 411 11.81 -6.32 -26.73
C PHE G 411 11.63 -7.64 -27.47
N GLY G 412 11.64 -7.59 -28.80
CA GLY G 412 11.51 -8.83 -29.57
C GLY G 412 12.66 -9.79 -29.33
N ARG G 413 13.89 -9.27 -29.30
CA ARG G 413 15.04 -10.13 -29.05
C ARG G 413 14.99 -10.72 -27.65
N TYR G 414 14.61 -9.91 -26.65
CA TYR G 414 14.49 -10.45 -25.29
C TYR G 414 13.41 -11.51 -25.20
N VAL G 415 12.27 -11.28 -25.85
CA VAL G 415 11.18 -12.25 -25.84
C VAL G 415 11.61 -13.55 -26.50
N TYR G 416 12.32 -13.46 -27.62
CA TYR G 416 12.84 -14.66 -28.26
C TYR G 416 13.81 -15.39 -27.34
N GLY G 417 14.68 -14.64 -26.66
CA GLY G 417 15.61 -15.26 -25.74
C GLY G 417 14.94 -15.91 -24.54
N ARG G 418 13.73 -15.45 -24.19
CA ARG G 418 13.03 -16.02 -23.04
C ARG G 418 12.45 -17.40 -23.34
N ILE G 419 12.25 -17.75 -24.61
CA ILE G 419 11.72 -19.06 -24.95
C ILE G 419 12.77 -20.13 -24.65
N SER G 420 12.30 -21.32 -24.30
CA SER G 420 13.20 -22.41 -23.94
C SER G 420 14.12 -22.75 -25.11
N GLU G 421 15.35 -23.13 -24.76
CA GLU G 421 16.39 -23.32 -25.78
C GLU G 421 16.08 -24.46 -26.74
N ASN G 422 15.47 -25.54 -26.25
CA ASN G 422 15.20 -26.68 -27.12
C ASN G 422 14.19 -26.31 -28.21
N TYR G 423 13.15 -25.55 -27.84
CA TYR G 423 12.16 -25.12 -28.82
C TYR G 423 12.79 -24.25 -29.89
N ARG G 424 13.64 -23.31 -29.48
CA ARG G 424 14.32 -22.45 -30.44
C ARG G 424 15.28 -23.25 -31.32
N ARG G 425 15.95 -24.24 -30.75
CA ARG G 425 16.86 -25.06 -31.53
C ARG G 425 16.12 -25.86 -32.59
N ILE G 426 14.96 -26.41 -32.23
CA ILE G 426 14.13 -27.10 -33.22
C ILE G 426 13.63 -26.13 -34.28
N PHE G 427 13.22 -24.92 -33.86
CA PHE G 427 12.71 -23.95 -34.81
C PHE G 427 13.77 -23.51 -35.80
N GLU G 428 15.01 -23.31 -35.34
CA GLU G 428 16.08 -22.86 -36.21
C GLU G 428 16.64 -23.96 -37.10
N GLN G 429 16.27 -25.22 -36.86
CA GLN G 429 16.74 -26.31 -37.70
C GLN G 429 16.16 -26.17 -39.11
N GLU G 430 16.97 -26.54 -40.10
CA GLU G 430 16.59 -26.46 -41.49
C GLU G 430 15.83 -27.73 -41.88
N ASN G 431 14.54 -27.60 -42.16
CA ASN G 431 13.71 -28.73 -42.56
C ASN G 431 12.81 -28.26 -43.70
N ASN G 432 11.85 -29.11 -44.07
CA ASN G 432 10.96 -28.84 -45.19
C ASN G 432 9.66 -28.17 -44.78
N LEU G 433 9.48 -27.85 -43.50
CA LEU G 433 8.26 -27.20 -43.07
C LEU G 433 8.21 -25.75 -43.56
N PRO G 434 7.03 -25.24 -43.86
CA PRO G 434 6.91 -23.82 -44.24
C PRO G 434 7.31 -22.91 -43.08
N ALA G 435 7.85 -21.75 -43.45
CA ALA G 435 8.38 -20.83 -42.44
C ALA G 435 7.31 -20.36 -41.47
N CYS G 436 6.13 -19.99 -41.99
CA CYS G 436 5.03 -19.59 -41.11
C CYS G 436 4.61 -20.74 -40.21
N TYR G 437 4.58 -21.95 -40.75
CA TYR G 437 4.28 -23.12 -39.94
C TYR G 437 5.31 -23.30 -38.83
N LYS G 438 6.59 -23.09 -39.15
CA LYS G 438 7.63 -23.21 -38.14
C LYS G 438 7.46 -22.18 -37.04
N GLU G 439 7.15 -20.94 -37.40
CA GLU G 439 6.95 -19.90 -36.39
C GLU G 439 5.76 -20.22 -35.49
N ALA G 440 4.64 -20.64 -36.10
CA ALA G 440 3.46 -20.98 -35.31
C ALA G 440 3.73 -22.17 -34.41
N GLN G 441 4.46 -23.17 -34.91
CA GLN G 441 4.81 -24.32 -34.10
C GLN G 441 5.71 -23.94 -32.94
N LEU G 442 6.66 -23.02 -33.17
CA LEU G 442 7.49 -22.55 -32.08
C LEU G 442 6.66 -21.88 -31.00
N LEU G 443 5.72 -21.03 -31.40
CA LEU G 443 4.86 -20.36 -30.42
C LEU G 443 4.02 -21.38 -29.65
N ALA G 444 3.45 -22.36 -30.36
CA ALA G 444 2.62 -23.37 -29.70
C ALA G 444 3.43 -24.21 -28.74
N ASP G 445 4.65 -24.59 -29.13
CA ASP G 445 5.52 -25.35 -28.24
C ASP G 445 5.88 -24.54 -27.00
N ALA G 446 6.16 -23.25 -27.19
CA ALA G 446 6.49 -22.40 -26.05
C ALA G 446 5.33 -22.32 -25.07
N ILE G 447 4.13 -22.04 -25.56
CA ILE G 447 3.00 -21.84 -24.65
C ILE G 447 2.57 -23.15 -24.02
N SER G 448 2.56 -24.24 -24.79
CA SER G 448 2.00 -25.51 -24.30
C SER G 448 2.80 -26.07 -23.14
N GLY G 449 4.12 -25.88 -23.15
CA GLY G 449 4.95 -26.43 -22.10
C GLY G 449 4.92 -25.67 -20.79
N MET G 450 4.25 -24.52 -20.77
CA MET G 450 4.21 -23.68 -19.58
C MET G 450 3.17 -24.18 -18.59
N THR G 451 3.39 -23.88 -17.32
CA THR G 451 2.41 -24.12 -16.27
C THR G 451 1.66 -22.83 -15.96
N ASP G 452 0.64 -22.95 -15.11
CA ASP G 452 -0.19 -21.79 -14.77
C ASP G 452 0.64 -20.70 -14.12
N SER G 453 1.38 -21.05 -13.06
CA SER G 453 2.17 -20.06 -12.35
C SER G 453 3.25 -19.48 -13.24
N TYR G 454 3.95 -20.33 -13.99
CA TYR G 454 5.01 -19.84 -14.86
C TYR G 454 4.45 -18.95 -15.96
N LEU G 455 3.31 -19.32 -16.54
CA LEU G 455 2.71 -18.49 -17.57
C LEU G 455 2.29 -17.14 -17.02
N ILE G 456 1.69 -17.12 -15.84
CA ILE G 456 1.27 -15.85 -15.25
C ILE G 456 2.47 -14.97 -14.94
N ALA G 457 3.52 -15.57 -14.37
CA ALA G 457 4.72 -14.80 -14.04
C ALA G 457 5.38 -14.23 -15.28
N LEU G 458 5.51 -15.04 -16.33
CA LEU G 458 6.10 -14.56 -17.57
C LEU G 458 5.25 -13.47 -18.20
N HIS G 459 3.92 -13.63 -18.17
CA HIS G 459 3.05 -12.61 -18.71
C HIS G 459 3.22 -11.28 -17.98
N ASP G 460 3.25 -11.33 -16.65
CA ASP G 460 3.43 -10.11 -15.87
C ASP G 460 4.78 -9.47 -16.13
N GLU G 461 5.84 -10.29 -16.18
CA GLU G 461 7.18 -9.75 -16.43
C GLU G 461 7.27 -9.08 -17.79
N LEU G 462 6.76 -9.75 -18.83
CA LEU G 462 6.83 -9.17 -20.17
C LEU G 462 5.92 -7.96 -20.31
N ARG G 463 4.78 -7.94 -19.61
CA ARG G 463 3.95 -6.75 -19.60
C ARG G 463 4.69 -5.57 -18.97
N ALA G 464 5.42 -5.84 -17.89
CA ALA G 464 6.24 -4.79 -17.29
C ALA G 464 7.31 -4.30 -18.25
N LEU G 465 7.93 -5.22 -19.00
CA LEU G 465 8.99 -4.84 -19.92
C LEU G 465 8.47 -4.34 -21.26
N HIS G 466 7.17 -4.42 -21.52
CA HIS G 466 6.60 -4.00 -22.79
C HIS G 466 6.06 -2.58 -22.77
N GLN G 467 6.25 -1.86 -21.65
CA GLN G 467 5.62 -0.55 -21.50
C GLN G 467 6.14 0.44 -22.54
N TYR G 468 7.44 0.45 -22.77
CA TYR G 468 8.01 1.45 -23.70
C TYR G 468 7.56 1.18 -25.12
N GLU G 469 7.56 -0.08 -25.55
CA GLU G 469 7.21 -0.41 -26.92
C GLU G 469 5.73 -0.15 -27.19
N CYS G 470 4.88 -0.36 -26.17
CA CYS G 470 3.45 -0.11 -26.34
C CYS G 470 3.18 1.36 -26.64
N ARG G 471 3.85 2.25 -25.94
CA ARG G 471 3.67 3.69 -26.13
C ARG G 471 4.46 4.19 -27.33
N SER H 2 14.24 -68.16 9.70
CA SER H 2 13.25 -69.07 10.27
C SER H 2 11.84 -68.57 10.01
N MET H 3 11.72 -67.30 9.62
CA MET H 3 10.43 -66.73 9.29
C MET H 3 9.94 -67.27 7.95
N HIS H 4 8.63 -67.45 7.83
CA HIS H 4 8.02 -68.02 6.64
C HIS H 4 7.38 -66.93 5.80
N TRP H 5 7.48 -67.08 4.48
CA TRP H 5 6.89 -66.11 3.57
C TRP H 5 5.37 -66.11 3.62
N ASN H 6 4.76 -67.22 4.03
CA ASN H 6 3.30 -67.27 4.12
C ASN H 6 2.79 -66.27 5.14
N ASP H 7 3.45 -66.17 6.29
CA ASP H 7 3.05 -65.19 7.30
C ASP H 7 3.46 -63.78 6.90
N LEU H 8 4.65 -63.65 6.30
CA LEU H 8 5.14 -62.32 5.94
C LEU H 8 4.30 -61.70 4.82
N LEU H 9 3.71 -62.52 3.96
CA LEU H 9 2.85 -62.05 2.88
C LEU H 9 1.38 -62.28 3.19
N ASN H 10 1.01 -62.19 4.46
CA ASN H 10 -0.37 -62.42 4.86
C ASN H 10 -1.27 -61.34 4.27
N SER H 11 -2.29 -61.76 3.52
CA SER H 11 -3.18 -60.84 2.83
C SER H 11 -4.46 -60.55 3.62
N ASN H 12 -4.58 -61.06 4.84
CA ASN H 12 -5.74 -60.77 5.66
C ASN H 12 -5.67 -59.33 6.19
N ARG H 13 -6.82 -58.82 6.60
CA ARG H 13 -6.94 -57.46 7.10
C ARG H 13 -7.45 -57.47 8.53
N ARG H 14 -7.12 -56.40 9.26
CA ARG H 14 -7.46 -56.33 10.68
C ARG H 14 -8.97 -56.29 10.90
N LYS H 15 -9.67 -55.53 10.08
CA LYS H 15 -11.12 -55.39 10.24
C LYS H 15 -11.79 -56.74 10.03
N PRO H 16 -12.68 -57.16 10.93
CA PRO H 16 -13.39 -58.44 10.73
C PRO H 16 -14.19 -58.41 9.45
N LYS H 17 -14.16 -59.53 8.73
CA LYS H 17 -14.87 -59.60 7.45
C LYS H 17 -16.38 -59.63 7.69
N ASN H 18 -17.07 -58.63 7.16
CA ASN H 18 -18.51 -58.56 7.31
C ASN H 18 -19.18 -59.69 6.56
N GLU H 19 -20.22 -60.26 7.19
CA GLU H 19 -20.91 -61.41 6.63
C GLU H 19 -22.18 -61.05 5.85
N LYS H 20 -22.79 -59.91 6.13
CA LYS H 20 -23.97 -59.47 5.40
C LYS H 20 -23.62 -58.61 4.20
N LYS H 21 -22.72 -59.09 3.34
CA LYS H 21 -22.36 -58.41 2.11
C LYS H 21 -22.75 -59.31 0.93
N GLU H 22 -23.56 -58.78 0.03
CA GLU H 22 -23.98 -59.52 -1.15
C GLU H 22 -22.91 -59.43 -2.23
N SER H 23 -23.05 -60.29 -3.25
CA SER H 23 -22.11 -60.27 -4.36
C SER H 23 -22.15 -58.96 -5.13
N SER H 24 -23.27 -58.24 -5.09
CA SER H 24 -23.36 -56.95 -5.77
C SER H 24 -22.49 -55.89 -5.11
N GLN H 25 -22.10 -56.09 -3.85
CA GLN H 25 -21.26 -55.13 -3.14
C GLN H 25 -19.78 -55.47 -3.21
N ASP H 26 -19.40 -56.51 -3.94
CA ASP H 26 -17.99 -56.85 -4.09
C ASP H 26 -17.32 -55.84 -5.00
N THR H 27 -16.18 -55.31 -4.55
CA THR H 27 -15.44 -54.32 -5.31
C THR H 27 -14.02 -54.77 -5.62
N SER H 28 -13.70 -56.06 -5.40
CA SER H 28 -12.38 -56.57 -5.73
C SER H 28 -12.16 -56.54 -7.24
N LYS H 29 -13.10 -57.09 -8.00
CA LYS H 29 -13.04 -57.13 -9.45
C LYS H 29 -11.74 -57.78 -9.94
N GLY H 30 -11.48 -58.98 -9.41
CA GLY H 30 -10.30 -59.73 -9.80
C GLY H 30 -9.00 -59.04 -9.43
N ARG H 31 -8.93 -58.46 -8.24
CA ARG H 31 -7.74 -57.77 -7.77
C ARG H 31 -7.19 -58.50 -6.55
N GLN H 32 -5.88 -58.65 -6.49
CA GLN H 32 -5.26 -59.16 -5.27
C GLN H 32 -5.43 -58.15 -4.15
N GLN H 33 -5.44 -58.65 -2.92
CA GLN H 33 -5.72 -57.79 -1.77
C GLN H 33 -4.66 -56.70 -1.62
N ILE H 34 -3.40 -57.04 -1.87
CA ILE H 34 -2.34 -56.04 -1.76
C ILE H 34 -2.45 -55.00 -2.86
N GLU H 35 -2.93 -55.39 -4.03
CA GLU H 35 -3.22 -54.39 -5.07
C GLU H 35 -4.31 -53.44 -4.60
N ARG H 36 -5.33 -53.95 -3.91
CA ARG H 36 -6.35 -53.08 -3.35
C ARG H 36 -5.76 -52.18 -2.27
N ASP H 37 -4.78 -52.67 -1.52
CA ASP H 37 -4.09 -51.82 -0.56
C ASP H 37 -3.38 -50.66 -1.25
N TYR H 38 -2.67 -50.96 -2.34
CA TYR H 38 -2.01 -49.89 -3.09
C TYR H 38 -3.02 -48.90 -3.63
N ASP H 39 -4.15 -49.39 -4.15
CA ASP H 39 -5.18 -48.49 -4.65
C ASP H 39 -5.77 -47.62 -3.53
N ARG H 40 -6.00 -48.20 -2.36
CA ARG H 40 -6.50 -47.43 -1.23
C ARG H 40 -5.51 -46.34 -0.84
N ILE H 41 -4.22 -46.66 -0.82
CA ILE H 41 -3.22 -45.66 -0.48
C ILE H 41 -3.20 -44.56 -1.53
N LEU H 42 -3.27 -44.93 -2.81
CA LEU H 42 -3.20 -43.94 -3.89
C LEU H 42 -4.41 -43.01 -3.87
N PHE H 43 -5.60 -43.54 -3.63
CA PHE H 43 -6.82 -42.75 -3.67
C PHE H 43 -7.11 -42.02 -2.36
N ALA H 44 -6.29 -42.21 -1.34
CA ALA H 44 -6.49 -41.54 -0.07
C ALA H 44 -6.23 -40.04 -0.20
N ALA H 45 -6.99 -39.26 0.57
CA ALA H 45 -6.80 -37.81 0.57
C ALA H 45 -5.39 -37.39 0.98
N PRO H 46 -4.76 -37.95 2.02
CA PRO H 46 -3.38 -37.53 2.33
C PRO H 46 -2.40 -37.75 1.20
N THR H 47 -2.61 -38.78 0.37
CA THR H 47 -1.73 -38.99 -0.77
C THR H 47 -1.79 -37.80 -1.72
N ARG H 48 -2.99 -37.31 -2.01
CA ARG H 48 -3.12 -36.12 -2.84
C ARG H 48 -2.57 -34.89 -2.15
N ARG H 49 -2.79 -34.77 -0.84
CA ARG H 49 -2.28 -33.62 -0.09
C ARG H 49 -0.75 -33.62 -0.02
N LEU H 50 -0.12 -34.76 -0.25
CA LEU H 50 1.35 -34.82 -0.23
C LEU H 50 1.98 -33.89 -1.25
N ALA H 51 1.24 -33.51 -2.30
CA ALA H 51 1.79 -32.58 -3.28
C ALA H 51 2.06 -31.21 -2.68
N ASP H 52 1.24 -30.80 -1.70
CA ASP H 52 1.43 -29.49 -1.08
C ASP H 52 2.54 -29.50 -0.04
N LYS H 53 2.95 -30.69 0.42
CA LYS H 53 4.04 -30.76 1.38
C LYS H 53 5.39 -30.76 0.66
N THR H 54 6.36 -30.06 1.25
CA THR H 54 7.68 -29.93 0.65
C THR H 54 8.59 -31.07 1.08
N GLN H 55 9.63 -31.31 0.29
CA GLN H 55 10.64 -32.31 0.60
C GLN H 55 11.94 -31.66 1.06
N VAL H 56 12.55 -30.83 0.22
CA VAL H 56 13.75 -30.08 0.59
C VAL H 56 13.56 -28.61 0.24
N PHE H 57 13.18 -28.35 -1.01
CA PHE H 57 13.15 -27.04 -1.62
C PHE H 57 11.72 -26.53 -1.77
N PRO H 58 11.53 -25.21 -1.86
CA PRO H 58 10.18 -24.67 -1.97
C PRO H 58 9.49 -25.10 -3.25
N LEU H 59 8.15 -25.15 -3.19
CA LEU H 59 7.34 -25.64 -4.30
C LEU H 59 6.89 -24.53 -5.25
N ASP H 60 6.81 -23.28 -4.77
CA ASP H 60 6.26 -22.21 -5.59
C ASP H 60 7.14 -21.91 -6.79
N LYS H 61 8.45 -22.07 -6.65
CA LYS H 61 9.34 -21.97 -7.80
C LYS H 61 8.98 -23.03 -8.84
N ASN H 62 8.98 -22.62 -10.10
CA ASN H 62 8.64 -23.52 -11.21
C ASN H 62 9.90 -24.18 -11.78
N ASP H 63 10.70 -24.77 -10.90
CA ASP H 63 11.93 -25.46 -11.31
C ASP H 63 11.76 -26.96 -11.36
N SER H 64 10.53 -27.47 -11.22
CA SER H 64 10.23 -28.90 -11.26
C SER H 64 10.99 -29.66 -10.17
N VAL H 65 11.20 -29.02 -9.01
CA VAL H 65 11.78 -29.72 -7.88
C VAL H 65 10.75 -30.69 -7.32
N ARG H 66 11.25 -31.74 -6.66
CA ARG H 66 10.41 -32.84 -6.23
C ARG H 66 9.76 -32.54 -4.89
N THR H 67 8.44 -32.71 -4.84
CA THR H 67 7.67 -32.57 -3.61
C THR H 67 7.61 -33.92 -2.90
N ARG H 68 6.82 -34.00 -1.84
CA ARG H 68 6.65 -35.27 -1.16
C ARG H 68 5.92 -36.28 -2.03
N LEU H 69 4.95 -35.82 -2.81
CA LEU H 69 4.20 -36.72 -3.68
C LEU H 69 5.10 -37.32 -4.75
N THR H 70 5.90 -36.47 -5.41
CA THR H 70 6.80 -36.97 -6.47
C THR H 70 7.84 -37.91 -5.89
N HIS H 71 8.40 -37.57 -4.73
CA HIS H 71 9.38 -38.43 -4.10
C HIS H 71 8.77 -39.78 -3.73
N SER H 72 7.55 -39.76 -3.18
CA SER H 72 6.88 -41.01 -2.83
C SER H 72 6.61 -41.85 -4.07
N HIS H 73 6.21 -41.21 -5.16
CA HIS H 73 5.94 -41.95 -6.39
C HIS H 73 7.22 -42.56 -6.96
N GLU H 74 8.33 -41.83 -6.91
CA GLU H 74 9.59 -42.38 -7.38
C GLU H 74 10.05 -43.55 -6.51
N VAL H 75 9.89 -43.43 -5.20
CA VAL H 75 10.23 -44.53 -4.30
C VAL H 75 9.37 -45.75 -4.60
N ALA H 76 8.08 -45.52 -4.83
CA ALA H 76 7.17 -46.61 -5.15
C ALA H 76 7.56 -47.28 -6.46
N ASN H 77 7.96 -46.50 -7.46
CA ASN H 77 8.37 -47.07 -8.72
C ASN H 77 9.63 -47.91 -8.57
N LEU H 78 10.61 -47.41 -7.81
CA LEU H 78 11.83 -48.19 -7.57
C LEU H 78 11.52 -49.49 -6.85
N SER H 79 10.65 -49.42 -5.83
CA SER H 79 10.28 -50.62 -5.10
C SER H 79 9.53 -51.61 -5.99
N ARG H 80 8.67 -51.09 -6.87
CA ARG H 80 7.94 -51.96 -7.80
C ARG H 80 8.90 -52.65 -8.75
N GLY H 81 9.91 -51.92 -9.24
CA GLY H 81 10.90 -52.54 -10.10
C GLY H 81 11.67 -53.63 -9.39
N ILE H 82 12.08 -53.37 -8.14
CA ILE H 82 12.78 -54.39 -7.38
C ILE H 82 11.88 -55.60 -7.14
N GLY H 83 10.60 -55.36 -6.87
CA GLY H 83 9.68 -56.47 -6.67
C GLY H 83 9.48 -57.30 -7.93
N MET H 84 9.40 -56.64 -9.09
CA MET H 84 9.32 -57.37 -10.34
C MET H 84 10.57 -58.22 -10.55
N ARG H 85 11.74 -57.65 -10.26
CA ARG H 85 12.97 -58.43 -10.38
C ARG H 85 12.95 -59.64 -9.44
N LEU H 86 12.47 -59.46 -8.21
CA LEU H 86 12.45 -60.55 -7.26
C LEU H 86 11.47 -61.64 -7.67
N ALA H 87 10.28 -61.26 -8.12
CA ALA H 87 9.22 -62.23 -8.39
C ALA H 87 9.31 -62.83 -9.78
N PHE H 88 10.11 -62.26 -10.70
CA PHE H 88 10.19 -62.79 -12.05
C PHE H 88 11.55 -63.39 -12.40
N GLU H 89 12.61 -63.04 -11.68
CA GLU H 89 13.93 -63.58 -11.96
C GLU H 89 14.50 -64.36 -10.79
N LEU H 90 14.46 -63.80 -9.59
CA LEU H 90 15.08 -64.40 -8.42
C LEU H 90 14.07 -65.11 -7.52
N GLU H 91 13.00 -65.65 -8.11
CA GLU H 91 11.98 -66.30 -7.31
C GLU H 91 12.53 -67.51 -6.56
N ASP H 92 13.31 -68.35 -7.26
CA ASP H 92 13.85 -69.54 -6.63
C ASP H 92 14.85 -69.19 -5.54
N ASP H 93 15.69 -68.18 -5.78
CA ASP H 93 16.70 -67.81 -4.80
C ASP H 93 16.11 -67.15 -3.57
N VAL H 94 15.04 -66.37 -3.74
CA VAL H 94 14.50 -65.58 -2.64
C VAL H 94 13.33 -66.31 -1.98
N PHE H 95 12.31 -66.63 -2.75
CA PHE H 95 11.07 -67.19 -2.21
C PHE H 95 11.12 -68.70 -2.28
N LYS H 96 11.20 -69.34 -1.11
CA LYS H 96 11.17 -70.79 -1.01
C LYS H 96 10.09 -71.19 -0.01
N ASP H 97 9.50 -72.37 -0.24
CA ASP H 97 8.42 -72.89 0.60
C ASP H 97 7.27 -71.89 0.70
N VAL H 98 6.89 -71.30 -0.42
CA VAL H 98 5.80 -70.34 -0.49
C VAL H 98 4.55 -71.06 -0.98
N SER H 99 3.43 -70.83 -0.29
CA SER H 99 2.19 -71.49 -0.65
C SER H 99 1.75 -71.08 -2.05
N GLU H 100 1.14 -72.04 -2.76
CA GLU H 100 0.67 -71.76 -4.12
C GLU H 100 -0.48 -70.76 -4.14
N ASP H 101 -1.15 -70.55 -3.01
CA ASP H 101 -2.23 -69.56 -2.97
C ASP H 101 -1.70 -68.16 -3.23
N ILE H 102 -0.51 -67.86 -2.71
CA ILE H 102 0.08 -66.53 -2.89
C ILE H 102 0.60 -66.40 -4.31
N CYS H 103 0.15 -65.36 -5.01
CA CYS H 103 0.65 -65.04 -6.35
C CYS H 103 1.76 -64.00 -6.18
N LEU H 104 3.01 -64.46 -6.22
CA LEU H 104 4.13 -63.56 -5.98
C LEU H 104 4.19 -62.46 -7.04
N LYS H 105 3.99 -62.83 -8.31
CA LYS H 105 4.12 -61.87 -9.40
C LYS H 105 3.14 -60.71 -9.28
N ARG H 106 2.01 -60.91 -8.60
CA ARG H 106 1.05 -59.84 -8.40
C ARG H 106 1.12 -59.20 -7.02
N ASP H 107 1.63 -59.93 -6.02
CA ASP H 107 1.65 -59.41 -4.65
C ASP H 107 2.93 -58.67 -4.32
N VAL H 108 4.09 -59.25 -4.65
CA VAL H 108 5.37 -58.64 -4.26
C VAL H 108 5.56 -57.26 -4.88
N PRO H 109 5.41 -57.07 -6.20
CA PRO H 109 5.52 -55.69 -6.74
C PRO H 109 4.49 -54.76 -6.15
N ALA H 110 3.25 -55.23 -5.98
CA ALA H 110 2.21 -54.38 -5.41
C ALA H 110 2.53 -54.02 -3.97
N LEU H 111 3.02 -54.99 -3.19
CA LEU H 111 3.37 -54.71 -1.80
C LEU H 111 4.49 -53.69 -1.70
N LEU H 112 5.54 -53.89 -2.50
CA LEU H 112 6.66 -52.95 -2.46
C LEU H 112 6.25 -51.56 -2.89
N ALA H 113 5.45 -51.46 -3.96
CA ALA H 113 4.97 -50.17 -4.42
C ALA H 113 4.10 -49.49 -3.36
N ALA H 114 3.22 -50.26 -2.72
CA ALA H 114 2.33 -49.69 -1.71
C ALA H 114 3.13 -49.17 -0.52
N ILE H 115 4.10 -49.94 -0.04
CA ILE H 115 4.86 -49.46 1.11
C ILE H 115 5.77 -48.31 0.73
N GLY H 116 6.25 -48.27 -0.52
CA GLY H 116 7.04 -47.14 -0.95
C GLY H 116 6.23 -45.86 -1.05
N LEU H 117 4.99 -45.96 -1.55
CA LEU H 117 4.16 -44.79 -1.76
C LEU H 117 3.73 -44.16 -0.44
N VAL H 118 3.48 -44.97 0.59
CA VAL H 118 2.93 -44.49 1.85
C VAL H 118 4.03 -44.21 2.88
N HIS H 119 5.30 -44.34 2.48
CA HIS H 119 6.39 -44.28 3.45
C HIS H 119 6.53 -42.92 4.11
N ASP H 120 5.95 -41.87 3.54
CA ASP H 120 6.07 -40.52 4.10
C ASP H 120 4.72 -39.82 4.14
N MET H 121 3.64 -40.56 4.36
CA MET H 121 2.31 -39.96 4.31
C MET H 121 2.01 -39.14 5.56
N GLY H 122 2.57 -39.51 6.71
CA GLY H 122 2.29 -38.85 7.96
C GLY H 122 3.34 -37.88 8.46
N ASN H 123 4.33 -37.54 7.64
CA ASN H 123 5.36 -36.61 8.07
C ASN H 123 4.79 -35.20 8.22
N PRO H 124 5.27 -34.45 9.20
CA PRO H 124 4.84 -33.05 9.35
C PRO H 124 5.33 -32.21 8.18
N PRO H 125 4.70 -31.08 7.92
CA PRO H 125 5.10 -30.23 6.79
C PRO H 125 6.44 -29.56 7.05
N PHE H 126 6.85 -28.73 6.09
CA PHE H 126 8.12 -28.00 6.13
C PHE H 126 9.32 -28.94 6.17
N GLY H 127 9.19 -30.11 5.58
CA GLY H 127 10.31 -31.02 5.52
C GLY H 127 10.65 -31.62 6.88
N ALA H 128 11.82 -32.25 6.92
CA ALA H 128 12.27 -32.93 8.14
C ALA H 128 12.29 -31.98 9.32
N GLN H 129 12.80 -30.76 9.11
CA GLN H 129 12.83 -29.77 10.18
C GLN H 129 11.48 -29.60 10.85
N GLY H 130 10.39 -29.63 10.07
CA GLY H 130 9.06 -29.59 10.66
C GLY H 130 8.93 -30.53 11.82
N ALA H 131 9.16 -31.82 11.59
CA ALA H 131 9.09 -32.79 12.69
C ALA H 131 10.01 -32.39 13.82
N LYS H 132 11.27 -32.04 13.48
CA LYS H 132 12.21 -31.58 14.49
C LYS H 132 11.61 -30.44 15.30
N ALA H 133 11.05 -29.44 14.62
CA ALA H 133 10.44 -28.32 15.33
C ALA H 133 9.40 -28.81 16.33
N MET H 134 8.52 -29.72 15.89
CA MET H 134 7.50 -30.25 16.79
C MET H 134 8.15 -30.83 18.03
N SER H 135 9.20 -31.64 17.85
CA SER H 135 9.88 -32.22 18.99
C SER H 135 10.32 -31.14 19.96
N GLU H 136 10.97 -30.08 19.44
CA GLU H 136 11.40 -29.00 20.32
C GLU H 136 10.23 -28.45 21.11
N TRP H 137 9.11 -28.19 20.43
CA TRP H 137 7.95 -27.67 21.14
C TRP H 137 7.50 -28.65 22.22
N PHE H 138 7.43 -29.94 21.88
CA PHE H 138 6.99 -30.92 22.86
C PHE H 138 8.02 -31.07 23.98
N THR H 139 9.27 -30.72 23.70
CA THR H 139 10.28 -30.75 24.76
C THR H 139 10.06 -29.60 25.74
N LYS H 140 9.52 -28.49 25.27
CA LYS H 140 9.37 -27.33 26.13
C LYS H 140 8.04 -27.34 26.86
N ASN H 141 6.97 -27.68 26.17
CA ASN H 141 5.62 -27.62 26.74
C ASN H 141 5.20 -28.90 27.44
N LEU H 142 6.01 -29.96 27.35
CA LEU H 142 5.80 -31.19 28.12
C LEU H 142 7.10 -31.50 28.86
N PRO H 143 7.41 -30.72 29.89
CA PRO H 143 8.71 -30.87 30.56
C PRO H 143 8.88 -32.25 31.16
N GLU H 144 10.11 -32.77 31.06
CA GLU H 144 10.38 -34.12 31.55
C GLU H 144 10.36 -34.17 33.08
N HIS H 145 10.88 -33.13 33.73
CA HIS H 145 10.95 -33.14 35.19
C HIS H 145 9.58 -33.00 35.84
N SER H 146 8.59 -32.48 35.12
CA SER H 146 7.25 -32.35 35.67
C SER H 146 6.64 -33.72 35.90
N ASP H 147 5.82 -33.81 36.96
CA ASP H 147 5.19 -35.08 37.30
C ASP H 147 4.16 -35.49 36.25
N ASN H 148 3.49 -34.53 35.62
CA ASN H 148 2.48 -34.84 34.61
C ASN H 148 3.10 -35.55 33.41
N TYR H 149 4.28 -35.09 32.98
CA TYR H 149 4.92 -35.60 31.78
C TYR H 149 6.26 -36.26 32.12
N LYS H 150 6.31 -36.94 33.27
CA LYS H 150 7.52 -37.63 33.69
C LYS H 150 7.70 -38.97 33.01
N ASP H 151 6.61 -39.64 32.67
CA ASP H 151 6.69 -40.99 32.11
C ASP H 151 7.38 -40.97 30.75
N LYS H 152 8.00 -42.10 30.41
CA LYS H 152 8.72 -42.22 29.15
C LYS H 152 7.81 -42.25 27.95
N ILE H 153 6.51 -42.53 28.14
CA ILE H 153 5.59 -42.61 27.01
C ILE H 153 5.49 -41.26 26.30
N TYR H 154 5.58 -40.16 27.06
CA TYR H 154 5.54 -38.84 26.46
C TYR H 154 6.75 -38.57 25.58
N GLY H 155 7.80 -39.39 25.66
CA GLY H 155 8.86 -39.32 24.69
C GLY H 155 8.35 -39.47 23.26
N ASP H 156 7.26 -40.23 23.10
CA ASP H 156 6.59 -40.34 21.80
C ASP H 156 6.39 -38.98 21.15
N PHE H 157 6.24 -37.94 21.95
CA PHE H 157 6.10 -36.58 21.42
C PHE H 157 7.37 -35.77 21.55
N ARG H 158 8.20 -36.04 22.56
CA ARG H 158 9.46 -35.32 22.68
C ARG H 158 10.47 -35.75 21.64
N HIS H 159 10.31 -36.96 21.09
CA HIS H 159 11.13 -37.44 19.99
C HIS H 159 10.23 -37.76 18.81
N PHE H 160 9.32 -36.83 18.49
CA PHE H 160 8.31 -37.07 17.47
C PHE H 160 8.96 -37.45 16.14
N ASP H 161 8.41 -38.50 15.52
CA ASP H 161 8.92 -39.03 14.26
C ASP H 161 7.75 -39.24 13.30
N GLY H 162 8.04 -39.11 12.01
CA GLY H 162 7.00 -39.21 11.00
C GLY H 162 6.51 -40.63 10.75
N ASN H 163 7.33 -41.64 11.06
CA ASN H 163 6.93 -43.02 10.79
C ASN H 163 5.79 -43.45 11.72
N SER H 164 5.88 -43.11 13.00
CA SER H 164 4.81 -43.44 13.93
C SER H 164 3.51 -42.75 13.54
N GLN H 165 3.60 -41.49 13.13
CA GLN H 165 2.41 -40.77 12.70
C GLN H 165 1.85 -41.35 11.40
N THR H 166 2.72 -41.82 10.51
CA THR H 166 2.24 -42.48 9.30
C THR H 166 1.47 -43.75 9.63
N LEU H 167 2.00 -44.56 10.55
CA LEU H 167 1.29 -45.78 10.96
C LEU H 167 -0.04 -45.43 11.60
N ARG H 168 -0.06 -44.41 12.46
CA ARG H 168 -1.31 -43.99 13.08
C ARG H 168 -2.31 -43.49 12.04
N LEU H 169 -1.83 -42.75 11.04
CA LEU H 169 -2.71 -42.23 10.00
C LEU H 169 -3.31 -43.35 9.18
N VAL H 170 -2.51 -44.37 8.82
CA VAL H 170 -3.03 -45.46 8.00
C VAL H 170 -3.82 -46.48 8.81
N THR H 171 -3.70 -46.48 10.14
CA THR H 171 -4.43 -47.42 10.97
C THR H 171 -5.61 -46.82 11.71
N LYS H 172 -5.51 -45.59 12.18
CA LYS H 172 -6.57 -45.05 12.99
C LYS H 172 -7.10 -43.70 12.52
N LEU H 173 -6.23 -42.85 11.97
CA LEU H 173 -6.59 -41.47 11.69
C LEU H 173 -7.27 -41.33 10.33
N GLN H 174 -8.39 -42.03 10.19
CA GLN H 174 -9.31 -41.82 9.09
C GLN H 174 -10.58 -41.17 9.62
N ILE H 175 -11.43 -40.73 8.69
CA ILE H 175 -12.63 -39.99 9.09
C ILE H 175 -13.55 -40.89 9.90
N LEU H 176 -13.72 -42.14 9.47
CA LEU H 176 -14.55 -43.09 10.20
C LEU H 176 -13.75 -43.65 11.36
N ASN H 177 -14.20 -43.37 12.59
CA ASN H 177 -13.51 -43.82 13.80
C ASN H 177 -13.90 -45.26 14.08
N ASP H 178 -13.09 -46.20 13.57
CA ASP H 178 -13.30 -47.61 13.80
C ASP H 178 -12.04 -48.37 14.16
N THR H 179 -10.93 -47.67 14.41
CA THR H 179 -9.64 -48.25 14.76
C THR H 179 -9.11 -49.20 13.68
N TYR H 180 -9.57 -49.03 12.44
CA TYR H 180 -9.10 -49.84 11.33
C TYR H 180 -8.53 -49.03 10.17
N GLY H 181 -8.81 -47.73 10.11
CA GLY H 181 -8.19 -46.88 9.10
C GLY H 181 -8.53 -47.33 7.70
N LEU H 182 -7.49 -47.42 6.86
CA LEU H 182 -7.63 -47.87 5.48
C LEU H 182 -7.84 -49.37 5.37
N ASN H 183 -7.71 -50.10 6.47
CA ASN H 183 -7.88 -51.55 6.50
C ASN H 183 -6.92 -52.23 5.53
N LEU H 184 -5.65 -51.84 5.62
CA LEU H 184 -4.62 -52.46 4.80
C LEU H 184 -4.34 -53.88 5.27
N THR H 185 -3.77 -54.68 4.38
CA THR H 185 -3.46 -56.06 4.70
C THR H 185 -2.36 -56.13 5.75
N TYR H 186 -2.25 -57.29 6.40
CA TYR H 186 -1.23 -57.47 7.42
C TYR H 186 0.17 -57.34 6.84
N ALA H 187 0.38 -57.80 5.61
CA ALA H 187 1.70 -57.67 4.99
C ALA H 187 2.08 -56.21 4.81
N THR H 188 1.15 -55.39 4.33
CA THR H 188 1.45 -53.97 4.13
C THR H 188 1.75 -53.28 5.46
N LEU H 189 0.94 -53.55 6.49
CA LEU H 189 1.17 -52.94 7.79
C LEU H 189 2.50 -53.37 8.37
N ALA H 190 2.83 -54.66 8.26
CA ALA H 190 4.11 -55.14 8.78
C ALA H 190 5.28 -54.52 8.04
N SER H 191 5.20 -54.43 6.72
CA SER H 191 6.28 -53.83 5.95
C SER H 191 6.37 -52.32 6.14
N MET H 192 5.29 -51.70 6.61
CA MET H 192 5.30 -50.25 6.81
C MET H 192 6.11 -49.85 8.04
N ILE H 193 6.18 -50.72 9.05
CA ILE H 193 6.89 -50.40 10.28
C ILE H 193 8.38 -50.40 10.04
N LYS H 194 8.97 -49.21 9.92
CA LYS H 194 10.40 -49.10 9.67
C LYS H 194 11.23 -49.40 10.90
N TYR H 195 10.75 -48.99 12.08
CA TYR H 195 11.46 -49.19 13.34
C TYR H 195 10.59 -49.99 14.30
N PRO H 196 10.75 -51.30 14.35
CA PRO H 196 9.86 -52.14 15.16
C PRO H 196 10.15 -52.05 16.67
N ARG H 197 9.96 -50.87 17.22
CA ARG H 197 10.12 -50.65 18.66
C ARG H 197 9.35 -49.41 19.07
N SER H 198 9.08 -49.31 20.37
CA SER H 198 8.38 -48.17 20.94
C SER H 198 9.37 -47.28 21.70
N SER H 199 8.89 -46.09 22.07
CA SER H 199 9.74 -45.16 22.81
C SER H 199 10.11 -45.72 24.18
N GLU H 200 9.17 -46.39 24.84
CA GLU H 200 9.46 -46.98 26.15
C GLU H 200 10.55 -48.04 26.04
N SER H 201 10.49 -48.88 25.01
CA SER H 201 11.51 -49.90 24.82
C SER H 201 12.85 -49.25 24.46
N ASP H 202 13.92 -49.80 25.04
CA ASP H 202 15.28 -49.31 24.80
C ASP H 202 16.02 -50.35 23.97
N SER H 203 16.21 -50.03 22.69
CA SER H 203 16.90 -50.92 21.76
C SER H 203 18.05 -50.17 21.12
N SER H 204 19.23 -50.79 21.12
CA SER H 204 20.39 -50.20 20.47
C SER H 204 20.39 -50.41 18.96
N LEU H 205 19.56 -51.34 18.46
CA LEU H 205 19.54 -51.61 17.03
C LEU H 205 18.87 -50.48 16.25
N TRP H 206 17.75 -49.97 16.76
CA TRP H 206 16.97 -48.96 16.07
C TRP H 206 17.05 -47.64 16.81
N LYS H 207 17.44 -46.58 16.09
CA LYS H 207 17.62 -45.28 16.70
C LYS H 207 16.30 -44.65 17.11
N LYS H 208 15.25 -44.83 16.33
CA LYS H 208 13.98 -44.16 16.55
C LYS H 208 12.89 -45.19 16.83
N HIS H 209 11.81 -44.72 17.46
CA HIS H 209 10.63 -45.55 17.66
C HIS H 209 9.76 -45.51 16.41
N GLY H 210 8.97 -46.56 16.22
CA GLY H 210 8.19 -46.68 15.01
C GLY H 210 6.68 -46.60 15.19
N PHE H 211 6.21 -46.57 16.44
CA PHE H 211 4.78 -46.48 16.69
C PHE H 211 4.53 -45.86 18.05
N PHE H 212 3.37 -45.24 18.19
CA PHE H 212 2.98 -44.57 19.43
C PHE H 212 2.52 -45.60 20.46
N LEU H 213 2.27 -45.11 21.68
CA LEU H 213 1.68 -45.95 22.71
C LEU H 213 0.27 -46.36 22.32
N SER H 214 -0.49 -45.46 21.70
CA SER H 214 -1.86 -45.76 21.30
C SER H 214 -1.94 -46.86 20.25
N GLU H 215 -0.86 -47.10 19.51
CA GLU H 215 -0.84 -48.12 18.48
C GLU H 215 -0.14 -49.39 18.93
N LYS H 216 0.13 -49.54 20.23
CA LYS H 216 0.83 -50.72 20.72
C LYS H 216 0.04 -52.00 20.45
N ASP H 217 -1.27 -51.97 20.70
CA ASP H 217 -2.10 -53.15 20.47
C ASP H 217 -2.18 -53.49 18.99
N VAL H 218 -2.29 -52.47 18.13
CA VAL H 218 -2.34 -52.71 16.69
C VAL H 218 -1.04 -53.35 16.21
N VAL H 219 0.10 -52.82 16.67
CA VAL H 219 1.39 -53.38 16.27
C VAL H 219 1.55 -54.79 16.80
N GLN H 220 1.07 -55.06 18.02
CA GLN H 220 1.13 -56.41 18.55
C GLN H 220 0.29 -57.36 17.71
N ASP H 221 -0.89 -56.93 17.29
CA ASP H 221 -1.72 -57.75 16.42
C ASP H 221 -1.04 -58.03 15.09
N ILE H 222 -0.39 -57.01 14.52
CA ILE H 222 0.32 -57.19 13.26
C ILE H 222 1.45 -58.20 13.43
N TRP H 223 2.20 -58.08 14.52
CA TRP H 223 3.29 -59.03 14.77
C TRP H 223 2.76 -60.44 14.97
N ASN H 224 1.64 -60.59 15.68
CA ASN H 224 1.06 -61.90 15.87
C ASN H 224 0.61 -62.52 14.56
N ASN H 225 0.02 -61.72 13.67
CA ASN H 225 -0.51 -62.24 12.43
C ASN H 225 0.52 -62.36 11.32
N THR H 226 1.71 -61.78 11.49
CA THR H 226 2.74 -61.84 10.47
C THR H 226 3.99 -62.61 10.89
N GLY H 227 4.04 -63.12 12.12
CA GLY H 227 5.19 -63.86 12.57
C GLY H 227 6.36 -63.01 13.02
N LEU H 228 6.25 -61.69 12.97
CA LEU H 228 7.32 -60.82 13.42
C LEU H 228 7.24 -60.64 14.93
N SER H 229 8.17 -59.83 15.45
CA SER H 229 8.20 -59.52 16.88
C SER H 229 8.94 -58.20 17.06
N GLU H 230 9.03 -57.77 18.32
CA GLU H 230 9.69 -56.50 18.62
C GLU H 230 11.16 -56.57 18.24
N GLY H 231 11.64 -55.51 17.56
CA GLY H 231 13.00 -55.44 17.12
C GLY H 231 13.30 -56.16 15.82
N VAL H 232 12.35 -56.93 15.30
CA VAL H 232 12.52 -57.65 14.04
C VAL H 232 11.79 -56.89 12.96
N ARG H 233 12.49 -56.60 11.87
CA ARG H 233 11.96 -55.78 10.79
C ARG H 233 11.55 -56.68 9.62
N HIS H 234 10.44 -56.32 8.98
CA HIS H 234 9.98 -57.08 7.82
C HIS H 234 11.02 -57.04 6.72
N PRO H 235 11.24 -58.16 6.01
CA PRO H 235 12.28 -58.16 4.97
C PRO H 235 12.07 -57.12 3.89
N PHE H 236 10.82 -56.84 3.52
CA PHE H 236 10.56 -55.85 2.49
C PHE H 236 10.74 -54.42 2.98
N THR H 237 10.74 -54.22 4.30
CA THR H 237 11.03 -52.89 4.83
C THR H 237 12.46 -52.47 4.53
N TYR H 238 13.39 -53.43 4.53
CA TYR H 238 14.76 -53.11 4.13
C TYR H 238 14.81 -52.63 2.68
N ILE H 239 14.07 -53.31 1.79
CA ILE H 239 14.03 -52.90 0.39
C ILE H 239 13.42 -51.51 0.26
N MET H 240 12.32 -51.27 0.97
CA MET H 240 11.67 -49.97 0.90
C MET H 240 12.59 -48.86 1.40
N GLU H 241 13.31 -49.10 2.50
CA GLU H 241 14.22 -48.11 3.04
C GLU H 241 15.40 -47.87 2.10
N ALA H 242 15.92 -48.94 1.48
CA ALA H 242 17.00 -48.77 0.52
C ALA H 242 16.54 -47.97 -0.68
N CYS H 243 15.32 -48.23 -1.17
CA CYS H 243 14.79 -47.46 -2.29
C CYS H 243 14.59 -46.01 -1.91
N ASP H 244 14.09 -45.75 -0.69
CA ASP H 244 13.94 -44.39 -0.22
C ASP H 244 15.27 -43.67 -0.16
N ASP H 245 16.30 -44.33 0.37
CA ASP H 245 17.62 -43.71 0.46
C ASP H 245 18.17 -43.41 -0.92
N ILE H 246 18.10 -44.38 -1.84
CA ILE H 246 18.61 -44.18 -3.19
C ILE H 246 17.88 -43.01 -3.85
N ALA H 247 16.55 -43.02 -3.78
CA ALA H 247 15.76 -41.99 -4.43
C ALA H 247 16.10 -40.62 -3.89
N TYR H 248 16.07 -40.44 -2.57
CA TYR H 248 16.29 -39.10 -2.04
C TYR H 248 17.73 -38.66 -2.29
N SER H 249 18.70 -39.57 -2.11
CA SER H 249 20.09 -39.19 -2.28
C SER H 249 20.40 -38.76 -3.72
N VAL H 250 19.84 -39.48 -4.71
CA VAL H 250 20.14 -39.14 -6.09
C VAL H 250 19.34 -37.92 -6.54
N LEU H 251 18.03 -37.91 -6.26
CA LEU H 251 17.18 -36.86 -6.78
C LEU H 251 17.40 -35.54 -6.05
N ASP H 252 17.88 -35.58 -4.80
CA ASP H 252 18.22 -34.33 -4.13
C ASP H 252 19.45 -33.69 -4.76
N ALA H 253 20.43 -34.51 -5.15
CA ALA H 253 21.56 -33.97 -5.90
C ALA H 253 21.12 -33.41 -7.24
N GLU H 254 20.21 -34.12 -7.92
CA GLU H 254 19.68 -33.61 -9.19
C GLU H 254 18.98 -32.27 -8.99
N ASP H 255 18.16 -32.15 -7.94
CA ASP H 255 17.47 -30.89 -7.66
C ASP H 255 18.44 -29.79 -7.25
N ILE H 256 19.51 -30.13 -6.54
CA ILE H 256 20.53 -29.14 -6.20
C ILE H 256 21.16 -28.58 -7.47
N ILE H 257 21.49 -29.47 -8.40
CA ILE H 257 22.11 -29.03 -9.65
C ILE H 257 21.13 -28.19 -10.47
N LYS H 258 19.86 -28.62 -10.53
CA LYS H 258 18.87 -27.86 -11.27
C LYS H 258 18.65 -26.48 -10.67
N LYS H 259 18.63 -26.39 -9.34
CA LYS H 259 18.41 -25.11 -8.67
C LYS H 259 19.59 -24.17 -8.78
N GLY H 260 20.73 -24.64 -9.28
CA GLY H 260 21.89 -23.80 -9.42
C GLY H 260 22.80 -23.71 -8.21
N PHE H 261 22.51 -24.48 -7.16
CA PHE H 261 23.37 -24.46 -5.99
C PHE H 261 24.71 -25.13 -6.25
N ALA H 262 24.82 -25.91 -7.32
CA ALA H 262 26.06 -26.54 -7.73
C ALA H 262 25.94 -26.90 -9.20
N SER H 263 27.00 -27.50 -9.74
CA SER H 263 27.04 -27.89 -11.14
C SER H 263 27.40 -29.35 -11.27
N PHE H 264 27.22 -29.88 -12.48
CA PHE H 264 27.55 -31.28 -12.72
C PHE H 264 29.03 -31.56 -12.50
N HIS H 265 29.89 -30.65 -12.94
CA HIS H 265 31.32 -30.81 -12.72
C HIS H 265 31.65 -30.78 -11.23
N ASP H 266 30.92 -29.96 -10.46
CA ASP H 266 31.13 -29.95 -9.01
C ASP H 266 30.82 -31.31 -8.41
N LEU H 267 29.71 -31.93 -8.81
CA LEU H 267 29.38 -33.26 -8.30
C LEU H 267 30.41 -34.30 -8.73
N ILE H 268 30.86 -34.22 -9.98
CA ILE H 268 31.86 -35.18 -10.45
C ILE H 268 33.15 -35.04 -9.66
N ASP H 269 33.60 -33.81 -9.43
CA ASP H 269 34.81 -33.61 -8.65
C ASP H 269 34.63 -34.05 -7.21
N PHE H 270 33.46 -33.80 -6.63
CA PHE H 270 33.21 -34.23 -5.26
C PHE H 270 33.25 -35.75 -5.14
N ILE H 271 32.66 -36.45 -6.10
CA ILE H 271 32.67 -37.91 -6.06
C ILE H 271 34.07 -38.44 -6.29
N GLN H 272 34.81 -37.86 -7.24
CA GLN H 272 36.15 -38.34 -7.53
C GLN H 272 37.10 -38.10 -6.35
N SER H 273 36.99 -36.96 -5.70
CA SER H 273 37.86 -36.61 -4.59
C SER H 273 37.40 -37.18 -3.26
N ASN H 274 36.24 -37.84 -3.23
CA ASN H 274 35.78 -38.44 -1.99
C ASN H 274 36.70 -39.58 -1.57
N GLN H 275 36.94 -39.68 -0.26
CA GLN H 275 37.91 -40.65 0.24
C GLN H 275 37.46 -42.08 -0.05
N PHE H 276 36.18 -42.38 0.15
CA PHE H 276 35.70 -43.75 -0.03
C PHE H 276 35.34 -44.07 -1.47
N CYS H 277 35.02 -43.06 -2.28
CA CYS H 277 34.66 -43.28 -3.67
C CYS H 277 35.84 -43.22 -4.62
N LYS H 278 37.05 -43.02 -4.09
CA LYS H 278 38.23 -42.98 -4.95
C LYS H 278 38.48 -44.33 -5.62
N GLU H 279 38.30 -45.42 -4.87
CA GLU H 279 38.55 -46.76 -5.36
C GLU H 279 37.30 -47.61 -5.47
N ASP H 280 36.12 -47.02 -5.26
CA ASP H 280 34.88 -47.78 -5.34
C ASP H 280 34.56 -48.12 -6.78
N ASP H 281 34.24 -49.39 -7.04
CA ASP H 281 33.96 -49.83 -8.40
C ASP H 281 32.69 -49.18 -8.95
N VAL H 282 31.64 -49.11 -8.13
CA VAL H 282 30.38 -48.53 -8.61
C VAL H 282 30.56 -47.05 -8.93
N ALA H 283 31.22 -46.31 -8.04
CA ALA H 283 31.46 -44.90 -8.28
C ALA H 283 32.34 -44.69 -9.52
N LYS H 284 33.37 -45.52 -9.67
CA LYS H 284 34.24 -45.41 -10.84
C LYS H 284 33.46 -45.65 -12.12
N ARG H 285 32.61 -46.67 -12.15
CA ARG H 285 31.82 -46.96 -13.34
C ARG H 285 30.86 -45.81 -13.64
N VAL H 286 30.21 -45.27 -12.62
CA VAL H 286 29.28 -44.17 -12.83
C VAL H 286 30.01 -42.95 -13.39
N ILE H 287 31.17 -42.63 -12.82
CA ILE H 287 31.94 -41.48 -13.31
C ILE H 287 32.38 -41.70 -14.74
N GLU H 288 32.85 -42.90 -15.07
CA GLU H 288 33.31 -43.19 -16.43
C GLU H 288 32.16 -43.05 -17.42
N ASN H 289 31.00 -43.61 -17.09
CA ASN H 289 29.86 -43.51 -17.99
C ASN H 289 29.41 -42.06 -18.15
N CYS H 290 29.40 -41.30 -17.05
CA CYS H 290 29.00 -39.90 -17.12
C CYS H 290 29.94 -39.09 -18.00
N LYS H 291 31.25 -39.30 -17.85
CA LYS H 291 32.21 -38.58 -18.69
C LYS H 291 32.08 -38.99 -20.15
N LYS H 292 31.90 -40.29 -20.39
CA LYS H 292 31.77 -40.78 -21.76
C LYS H 292 30.57 -40.18 -22.46
N ILE H 293 29.44 -40.07 -21.75
CA ILE H 293 28.26 -39.48 -22.37
C ILE H 293 28.37 -37.96 -22.42
N HIS H 294 29.11 -37.36 -21.48
CA HIS H 294 29.24 -35.91 -21.43
C HIS H 294 30.08 -35.40 -22.58
N ALA H 295 31.10 -36.16 -22.99
CA ALA H 295 31.87 -35.77 -24.16
C ALA H 295 31.00 -35.70 -25.41
N ASP H 296 30.21 -36.76 -25.64
CA ASP H 296 29.32 -36.79 -26.80
C ASP H 296 28.29 -35.67 -26.72
N TYR H 297 27.78 -35.39 -25.53
CA TYR H 297 26.79 -34.32 -25.39
C TYR H 297 27.42 -32.95 -25.62
N ALA H 298 28.68 -32.78 -25.22
CA ALA H 298 29.40 -31.55 -25.51
C ALA H 298 29.70 -31.42 -26.99
N GLN H 299 29.73 -32.52 -27.74
CA GLN H 299 29.88 -32.42 -29.18
C GLN H 299 28.74 -31.62 -29.81
N GLN H 300 27.52 -31.81 -29.32
CA GLN H 300 26.38 -31.06 -29.83
C GLN H 300 26.44 -29.61 -29.35
N LYS H 301 25.44 -28.83 -29.75
CA LYS H 301 25.33 -27.42 -29.38
C LYS H 301 24.22 -27.28 -28.36
N LEU H 302 24.60 -27.07 -27.10
CA LEU H 302 23.65 -26.90 -26.01
C LEU H 302 24.08 -25.73 -25.14
N SER H 303 23.11 -25.11 -24.49
CA SER H 303 23.40 -24.09 -23.50
C SER H 303 24.05 -24.71 -22.28
N PRO H 304 24.84 -23.95 -21.52
CA PRO H 304 25.46 -24.52 -20.32
C PRO H 304 24.45 -25.10 -19.34
N ALA H 305 23.30 -24.43 -19.17
CA ALA H 305 22.25 -24.98 -18.31
C ALA H 305 21.71 -26.29 -18.86
N GLU H 306 21.48 -26.35 -20.18
CA GLU H 306 21.00 -27.59 -20.79
C GLU H 306 22.04 -28.69 -20.67
N LEU H 307 23.31 -28.36 -20.87
CA LEU H 307 24.37 -29.36 -20.73
C LEU H 307 24.41 -29.90 -19.31
N ASN H 308 24.33 -29.01 -18.32
CA ASN H 308 24.29 -29.45 -16.93
C ASN H 308 23.10 -30.36 -16.67
N ASP H 309 21.92 -29.94 -17.14
CA ASP H 309 20.70 -30.70 -16.89
C ASP H 309 20.78 -32.10 -17.50
N MET H 310 21.23 -32.19 -18.75
CA MET H 310 21.27 -33.49 -19.42
C MET H 310 22.37 -34.37 -18.86
N SER H 311 23.53 -33.79 -18.52
CA SER H 311 24.58 -34.58 -17.91
C SER H 311 24.12 -35.15 -16.57
N MET H 312 23.37 -34.37 -15.80
CA MET H 312 22.88 -34.89 -14.52
C MET H 312 21.73 -35.87 -14.71
N GLN H 313 20.96 -35.72 -15.79
CA GLN H 313 19.96 -36.73 -16.12
C GLN H 313 20.64 -38.08 -16.38
N MET H 314 21.71 -38.07 -17.17
CA MET H 314 22.45 -39.29 -17.42
C MET H 314 23.10 -39.82 -16.15
N PHE H 315 23.61 -38.92 -15.31
CA PHE H 315 24.15 -39.33 -14.02
C PHE H 315 23.09 -40.05 -13.19
N ARG H 316 21.87 -39.53 -13.18
CA ARG H 316 20.80 -40.17 -12.44
C ARG H 316 20.50 -41.55 -13.01
N VAL H 317 20.37 -41.65 -14.34
CA VAL H 317 19.98 -42.94 -14.92
C VAL H 317 21.08 -43.97 -14.73
N TYR H 318 22.32 -43.54 -14.56
CA TYR H 318 23.40 -44.49 -14.29
C TYR H 318 23.47 -44.87 -12.81
N ALA H 319 23.45 -43.86 -11.93
CA ALA H 319 23.59 -44.10 -10.50
C ALA H 319 22.41 -44.91 -9.96
N ILE H 320 21.19 -44.57 -10.39
CA ILE H 320 20.02 -45.30 -9.92
C ILE H 320 20.10 -46.76 -10.34
N ALA H 321 20.51 -47.00 -11.59
CA ALA H 321 20.64 -48.38 -12.08
C ALA H 321 21.67 -49.15 -11.26
N GLU H 322 22.85 -48.55 -11.04
CA GLU H 322 23.90 -49.23 -10.30
C GLU H 322 23.46 -49.51 -8.86
N LEU H 323 22.86 -48.52 -8.21
CA LEU H 323 22.45 -48.68 -6.82
C LEU H 323 21.33 -49.72 -6.69
N VAL H 324 20.37 -49.71 -7.61
CA VAL H 324 19.29 -50.69 -7.56
C VAL H 324 19.82 -52.09 -7.78
N ASP H 325 20.74 -52.26 -8.74
CA ASP H 325 21.32 -53.57 -8.96
C ASP H 325 22.09 -54.05 -7.73
N ALA H 326 22.86 -53.16 -7.11
CA ALA H 326 23.61 -53.52 -5.90
C ALA H 326 22.67 -53.91 -4.77
N VAL H 327 21.58 -53.15 -4.59
CA VAL H 327 20.63 -53.44 -3.53
C VAL H 327 19.96 -54.78 -3.76
N VAL H 328 19.57 -55.07 -5.00
CA VAL H 328 18.93 -56.35 -5.31
C VAL H 328 19.91 -57.49 -5.04
N ILE H 329 21.17 -57.34 -5.45
CA ILE H 329 22.16 -58.38 -5.21
C ILE H 329 22.36 -58.60 -3.72
N ALA H 330 22.45 -57.50 -2.95
CA ALA H 330 22.64 -57.62 -1.51
C ALA H 330 21.45 -58.31 -0.85
N PHE H 331 20.24 -57.97 -1.26
CA PHE H 331 19.05 -58.61 -0.70
C PHE H 331 19.02 -60.10 -1.04
N LYS H 332 19.38 -60.45 -2.27
CA LYS H 332 19.40 -61.85 -2.66
C LYS H 332 20.44 -62.64 -1.87
N ASP H 333 21.62 -62.05 -1.67
CA ASP H 333 22.69 -62.76 -0.98
C ASP H 333 22.36 -62.99 0.50
N ASN H 334 21.83 -61.98 1.18
CA ASN H 334 21.56 -62.04 2.61
C ASN H 334 20.10 -62.36 2.91
N ILE H 335 19.43 -63.13 2.05
CA ILE H 335 18.02 -63.41 2.26
C ILE H 335 17.82 -64.28 3.49
N ASN H 336 18.72 -65.24 3.72
CA ASN H 336 18.59 -66.10 4.90
C ASN H 336 18.73 -65.30 6.19
N GLU H 337 19.66 -64.35 6.23
CA GLU H 337 19.81 -63.51 7.41
C GLU H 337 18.58 -62.64 7.62
N PHE H 338 18.01 -62.10 6.53
CA PHE H 338 16.80 -61.29 6.66
C PHE H 338 15.63 -62.11 7.17
N LEU H 339 15.50 -63.35 6.70
CA LEU H 339 14.42 -64.22 7.15
C LEU H 339 14.65 -64.75 8.55
N ASN H 340 15.82 -64.55 9.13
CA ASN H 340 16.08 -65.01 10.48
C ASN H 340 15.30 -64.18 11.49
N ASP H 341 14.86 -64.84 12.57
CA ASP H 341 14.10 -64.16 13.60
C ASP H 341 14.95 -63.20 14.43
N THR H 342 16.27 -63.25 14.30
CA THR H 342 17.18 -62.39 15.05
C THR H 342 18.03 -61.55 14.11
N CYS H 343 17.41 -60.98 13.08
CA CYS H 343 18.14 -60.16 12.13
C CYS H 343 18.62 -58.87 12.81
N GLU H 344 19.86 -58.49 12.52
CA GLU H 344 20.45 -57.31 13.12
C GLU H 344 21.00 -56.33 12.08
N ILE H 345 20.73 -56.56 10.80
CA ILE H 345 21.24 -55.69 9.75
C ILE H 345 20.60 -54.31 9.87
N LYS H 346 21.44 -53.27 9.89
CA LYS H 346 20.93 -51.91 10.05
C LYS H 346 20.19 -51.46 8.79
N ASP H 347 20.80 -51.68 7.62
CA ASP H 347 20.18 -51.25 6.37
C ASP H 347 20.72 -52.11 5.23
N LEU H 348 19.95 -52.15 4.14
CA LEU H 348 20.34 -52.97 3.00
C LEU H 348 21.47 -52.35 2.21
N ILE H 349 21.52 -51.01 2.15
CA ILE H 349 22.54 -50.34 1.34
C ILE H 349 23.93 -50.61 1.89
N SER H 350 24.06 -50.66 3.22
CA SER H 350 25.37 -50.91 3.82
C SER H 350 25.91 -52.28 3.41
N CYS H 351 25.05 -53.29 3.35
CA CYS H 351 25.48 -54.61 2.90
C CYS H 351 25.76 -54.64 1.41
N SER H 352 25.25 -53.67 0.66
CA SER H 352 25.43 -53.65 -0.79
C SER H 352 26.79 -53.07 -1.17
N SER H 353 27.08 -53.11 -2.46
CA SER H 353 28.31 -52.55 -3.00
C SER H 353 28.17 -51.08 -3.37
N GLY H 354 26.97 -50.52 -3.28
CA GLY H 354 26.75 -49.12 -3.58
C GLY H 354 26.74 -48.25 -2.35
N LYS H 355 27.29 -48.77 -1.25
CA LYS H 355 27.29 -48.05 0.01
C LYS H 355 28.10 -46.75 -0.09
N ASN H 356 29.29 -46.82 -0.68
CA ASN H 356 30.15 -45.65 -0.76
C ASN H 356 29.53 -44.55 -1.61
N LEU H 357 28.94 -44.93 -2.76
CA LEU H 357 28.32 -43.93 -3.63
C LEU H 357 27.14 -43.26 -2.94
N CYS H 358 26.31 -44.04 -2.25
CA CYS H 358 25.17 -43.46 -1.54
C CYS H 358 25.65 -42.54 -0.42
N GLN H 359 26.68 -42.94 0.31
CA GLN H 359 27.21 -42.08 1.37
C GLN H 359 27.75 -40.77 0.80
N ALA H 360 28.48 -40.85 -0.32
CA ALA H 360 29.00 -39.65 -0.95
C ALA H 360 27.88 -38.74 -1.44
N LEU H 361 26.83 -39.34 -2.01
CA LEU H 361 25.69 -38.53 -2.47
C LEU H 361 24.99 -37.86 -1.29
N LYS H 362 24.84 -38.57 -0.18
CA LYS H 362 24.23 -37.96 1.00
C LYS H 362 25.09 -36.82 1.53
N LYS H 363 26.41 -37.00 1.55
CA LYS H 363 27.29 -35.93 2.00
C LYS H 363 27.21 -34.72 1.07
N PHE H 364 27.15 -34.96 -0.24
CA PHE H 364 27.01 -33.86 -1.19
C PHE H 364 25.70 -33.12 -0.99
N ASP H 365 24.61 -33.86 -0.79
CA ASP H 365 23.31 -33.22 -0.56
C ASP H 365 23.33 -32.39 0.71
N SER H 366 23.93 -32.92 1.79
CA SER H 366 23.99 -32.19 3.03
C SER H 366 24.84 -30.93 2.90
N SER H 367 26.00 -31.03 2.26
CA SER H 367 26.91 -29.90 2.20
C SER H 367 26.40 -28.81 1.26
N ARG H 368 25.79 -29.21 0.13
CA ARG H 368 25.40 -28.25 -0.89
C ARG H 368 23.95 -27.83 -0.82
N GLY H 369 23.04 -28.74 -0.50
CA GLY H 369 21.62 -28.41 -0.54
C GLY H 369 20.95 -28.27 0.82
N TYR H 370 21.27 -29.14 1.77
CA TYR H 370 20.58 -29.09 3.05
C TYR H 370 21.05 -27.93 3.91
N GLN H 371 22.31 -27.52 3.77
CA GLN H 371 22.85 -26.41 4.54
C GLN H 371 22.95 -25.12 3.73
N HIS H 372 22.25 -25.04 2.60
CA HIS H 372 22.22 -23.82 1.84
C HIS H 372 21.49 -22.72 2.61
N ARG H 373 21.85 -21.48 2.32
CA ARG H 373 21.31 -20.34 3.07
C ARG H 373 19.80 -20.25 2.94
N SER H 374 19.29 -20.40 1.72
CA SER H 374 17.85 -20.31 1.50
C SER H 374 17.11 -21.42 2.23
N VAL H 375 17.64 -22.65 2.17
CA VAL H 375 17.00 -23.77 2.85
C VAL H 375 16.97 -23.54 4.36
N LEU H 376 18.08 -23.03 4.92
CA LEU H 376 18.12 -22.77 6.35
C LEU H 376 17.12 -21.69 6.75
N LYS H 377 17.02 -20.62 5.95
CA LYS H 377 16.06 -19.57 6.25
C LYS H 377 14.63 -20.09 6.19
N LEU H 378 14.32 -20.89 5.16
CA LEU H 378 12.98 -21.47 5.06
C LEU H 378 12.70 -22.42 6.21
N GLU H 379 13.71 -23.18 6.65
CA GLU H 379 13.52 -24.07 7.78
C GLU H 379 13.24 -23.28 9.05
N LEU H 380 13.95 -22.17 9.27
CA LEU H 380 13.67 -21.35 10.44
C LEU H 380 12.26 -20.76 10.38
N GLU H 381 11.85 -20.29 9.21
CA GLU H 381 10.50 -19.75 9.07
C GLU H 381 9.45 -20.82 9.35
N GLY H 382 9.66 -22.03 8.81
CA GLY H 382 8.72 -23.11 9.07
C GLY H 382 8.67 -23.49 10.54
N SER H 383 9.83 -23.50 11.21
CA SER H 383 9.85 -23.78 12.64
C SER H 383 9.08 -22.73 13.42
N ASN H 384 9.25 -21.46 13.06
CA ASN H 384 8.51 -20.39 13.74
C ASN H 384 7.02 -20.56 13.53
N TYR H 385 6.61 -20.84 12.29
CA TYR H 385 5.19 -21.04 11.99
C TYR H 385 4.63 -22.19 12.80
N ILE H 386 5.33 -23.32 12.82
CA ILE H 386 4.84 -24.52 13.49
C ILE H 386 4.73 -24.27 14.98
N LYS H 387 5.74 -23.65 15.58
CA LYS H 387 5.71 -23.42 17.03
C LYS H 387 4.63 -22.42 17.41
N GLY H 388 4.45 -21.36 16.62
CA GLY H 388 3.37 -20.43 16.90
C GLY H 388 2.00 -21.08 16.80
N LEU H 389 1.77 -21.84 15.74
CA LEU H 389 0.49 -22.52 15.60
C LEU H 389 0.26 -23.52 16.73
N MET H 390 1.32 -24.22 17.13
CA MET H 390 1.20 -25.16 18.24
C MET H 390 0.84 -24.43 19.54
N ASP H 391 1.43 -23.26 19.77
CA ASP H 391 1.07 -22.48 20.95
C ASP H 391 -0.41 -22.09 20.92
N MET H 392 -0.87 -21.57 19.77
CA MET H 392 -2.25 -21.13 19.70
C MET H 392 -3.22 -22.30 19.85
N LEU H 393 -2.87 -23.47 19.29
CA LEU H 393 -3.74 -24.63 19.44
C LEU H 393 -3.73 -25.17 20.86
N TRP H 394 -2.55 -25.22 21.49
CA TRP H 394 -2.45 -25.65 22.88
C TRP H 394 -3.25 -24.75 23.79
N LEU H 395 -3.41 -23.47 23.42
CA LEU H 395 -4.27 -22.59 24.21
C LEU H 395 -5.70 -23.12 24.27
N GLY H 396 -6.12 -23.88 23.28
CA GLY H 396 -7.49 -24.40 23.26
C GLY H 396 -7.59 -25.89 23.46
N ILE H 397 -6.45 -26.58 23.54
CA ILE H 397 -6.42 -28.02 23.75
C ILE H 397 -6.10 -28.37 25.20
N LYS H 398 -5.20 -27.63 25.83
CA LYS H 398 -4.74 -27.98 27.17
C LYS H 398 -5.90 -27.94 28.17
N GLY H 399 -5.97 -28.98 29.00
CA GLY H 399 -7.01 -29.08 30.01
C GLY H 399 -8.32 -29.65 29.51
N ARG H 400 -8.44 -29.96 28.22
CA ARG H 400 -9.69 -30.49 27.69
C ARG H 400 -9.98 -31.88 28.24
N ALA H 401 -8.96 -32.62 28.65
CA ALA H 401 -9.12 -33.96 29.18
C ALA H 401 -8.73 -34.11 30.63
N THR H 402 -7.76 -33.34 31.11
CA THR H 402 -7.33 -33.47 32.50
C THR H 402 -8.43 -33.03 33.46
N GLY H 403 -9.09 -31.91 33.17
CA GLY H 403 -10.17 -31.44 34.01
C GLY H 403 -10.18 -29.93 34.21
N ASP H 404 -9.10 -29.26 33.83
CA ASP H 404 -9.03 -27.81 33.97
C ASP H 404 -10.01 -27.14 33.02
N THR H 405 -10.19 -25.83 33.21
CA THR H 405 -11.11 -25.06 32.39
C THR H 405 -10.43 -23.84 31.76
N GLN H 406 -9.11 -23.90 31.60
CA GLN H 406 -8.38 -22.80 30.98
C GLN H 406 -8.67 -22.66 29.49
N TYR H 407 -9.33 -23.64 28.89
CA TYR H 407 -9.64 -23.62 27.46
C TYR H 407 -10.98 -22.96 27.15
N ASP H 408 -11.73 -22.55 28.17
CA ASP H 408 -13.11 -22.12 27.95
C ASP H 408 -13.22 -20.73 27.35
N THR H 409 -12.11 -20.05 27.11
CA THR H 409 -12.16 -18.75 26.47
C THR H 409 -12.68 -18.90 25.03
N PRO H 410 -13.29 -17.84 24.48
CA PRO H 410 -13.81 -17.94 23.11
C PRO H 410 -12.74 -18.33 22.09
N PHE H 411 -11.53 -17.81 22.24
CA PHE H 411 -10.46 -18.19 21.32
C PHE H 411 -10.13 -19.67 21.46
N GLY H 412 -10.11 -20.19 22.69
CA GLY H 412 -9.85 -21.61 22.88
C GLY H 412 -10.90 -22.48 22.24
N ARG H 413 -12.18 -22.12 22.41
CA ARG H 413 -13.25 -22.88 21.77
C ARG H 413 -13.14 -22.81 20.26
N TYR H 414 -12.82 -21.64 19.72
CA TYR H 414 -12.70 -21.51 18.27
C TYR H 414 -11.57 -22.37 17.72
N VAL H 415 -10.40 -22.31 18.36
CA VAL H 415 -9.27 -23.08 17.84
C VAL H 415 -9.49 -24.57 18.04
N TYR H 416 -10.24 -24.96 19.07
CA TYR H 416 -10.64 -26.37 19.20
C TYR H 416 -11.55 -26.76 18.06
N GLY H 417 -12.49 -25.89 17.69
CA GLY H 417 -13.39 -26.18 16.58
C GLY H 417 -12.70 -26.18 15.23
N ARG H 418 -11.56 -25.50 15.11
CA ARG H 418 -10.85 -25.46 13.84
C ARG H 418 -10.18 -26.80 13.53
N ILE H 419 -9.83 -27.57 14.56
CA ILE H 419 -9.20 -28.86 14.34
C ILE H 419 -10.17 -29.80 13.63
N SER H 420 -9.62 -30.71 12.83
CA SER H 420 -10.45 -31.62 12.05
C SER H 420 -11.30 -32.51 12.95
N GLU H 421 -12.49 -32.86 12.47
CA GLU H 421 -13.45 -33.56 13.30
C GLU H 421 -12.99 -34.95 13.68
N ASN H 422 -12.27 -35.65 12.80
CA ASN H 422 -11.84 -37.00 13.11
C ASN H 422 -10.85 -37.01 14.27
N TYR H 423 -9.92 -36.05 14.29
CA TYR H 423 -8.97 -35.98 15.39
C TYR H 423 -9.67 -35.71 16.71
N ARG H 424 -10.64 -34.80 16.71
CA ARG H 424 -11.39 -34.51 17.92
C ARG H 424 -12.22 -35.72 18.36
N ARG H 425 -12.77 -36.45 17.40
CA ARG H 425 -13.54 -37.65 17.73
C ARG H 425 -12.65 -38.70 18.38
N ILE H 426 -11.44 -38.88 17.85
CA ILE H 426 -10.49 -39.81 18.46
C ILE H 426 -10.12 -39.33 19.87
N PHE H 427 -9.88 -38.02 20.01
CA PHE H 427 -9.45 -37.49 21.30
C PHE H 427 -10.54 -37.64 22.36
N GLU H 428 -11.80 -37.41 21.99
CA GLU H 428 -12.89 -37.48 22.94
C GLU H 428 -13.33 -38.90 23.25
N GLN H 429 -12.92 -39.88 22.46
CA GLN H 429 -13.29 -41.26 22.72
C GLN H 429 -12.68 -41.74 24.04
N GLU H 430 -13.46 -42.52 24.78
CA GLU H 430 -13.04 -43.02 26.08
C GLU H 430 -12.12 -44.22 25.88
N ASN H 431 -10.82 -44.03 26.18
CA ASN H 431 -9.86 -45.11 26.08
C ASN H 431 -8.99 -45.16 27.32
N ASN H 432 -7.93 -45.98 27.29
CA ASN H 432 -7.05 -46.14 28.44
C ASN H 432 -5.85 -45.20 28.42
N LEU H 433 -5.72 -44.36 27.40
CA LEU H 433 -4.59 -43.45 27.34
C LEU H 433 -4.71 -42.38 28.42
N PRO H 434 -3.60 -41.93 28.99
CA PRO H 434 -3.65 -40.83 29.96
C PRO H 434 -4.12 -39.54 29.29
N ALA H 435 -4.77 -38.68 30.09
CA ALA H 435 -5.39 -37.47 29.55
C ALA H 435 -4.35 -36.57 28.90
N CYS H 436 -3.20 -36.38 29.56
CA CYS H 436 -2.15 -35.56 28.97
C CYS H 436 -1.65 -36.16 27.67
N TYR H 437 -1.50 -37.49 27.63
CA TYR H 437 -1.12 -38.16 26.40
C TYR H 437 -2.17 -37.94 25.32
N LYS H 438 -3.45 -37.98 25.67
CA LYS H 438 -4.50 -37.75 24.68
C LYS H 438 -4.43 -36.33 24.12
N GLU H 439 -4.21 -35.34 24.98
CA GLU H 439 -4.11 -33.96 24.50
C GLU H 439 -2.90 -33.78 23.60
N ALA H 440 -1.75 -34.32 23.99
CA ALA H 440 -0.55 -34.21 23.17
C ALA H 440 -0.74 -34.92 21.84
N GLN H 441 -1.39 -36.09 21.85
CA GLN H 441 -1.65 -36.80 20.62
C GLN H 441 -2.59 -36.03 19.71
N LEU H 442 -3.60 -35.38 20.29
CA LEU H 442 -4.49 -34.56 19.48
C LEU H 442 -3.73 -33.43 18.80
N LEU H 443 -2.87 -32.75 19.55
CA LEU H 443 -2.09 -31.67 18.95
C LEU H 443 -1.16 -32.20 17.86
N ALA H 444 -0.50 -33.33 18.11
CA ALA H 444 0.41 -33.88 17.12
C ALA H 444 -0.32 -34.32 15.86
N ASP H 445 -1.48 -34.95 16.02
CA ASP H 445 -2.27 -35.36 14.86
C ASP H 445 -2.74 -34.16 14.07
N ALA H 446 -3.16 -33.09 14.76
CA ALA H 446 -3.60 -31.89 14.06
C ALA H 446 -2.46 -31.28 13.25
N ILE H 447 -1.30 -31.11 13.89
CA ILE H 447 -0.19 -30.43 13.23
C ILE H 447 0.37 -31.27 12.08
N SER H 448 0.51 -32.58 12.30
CA SER H 448 1.13 -33.44 11.29
C SER H 448 0.31 -33.51 10.02
N GLY H 449 -1.01 -33.44 10.12
CA GLY H 449 -1.85 -33.55 8.94
C GLY H 449 -1.96 -32.31 8.09
N MET H 450 -1.33 -31.21 8.50
CA MET H 450 -1.40 -29.97 7.75
C MET H 450 -0.34 -29.92 6.66
N THR H 451 -0.66 -29.22 5.58
CA THR H 451 0.32 -28.89 4.56
C THR H 451 0.96 -27.55 4.88
N ASP H 452 1.98 -27.19 4.10
CA ASP H 452 2.71 -25.95 4.35
C ASP H 452 1.81 -24.74 4.18
N SER H 453 1.12 -24.64 3.04
CA SER H 453 0.27 -23.49 2.78
C SER H 453 -0.89 -23.43 3.78
N TYR H 454 -1.50 -24.59 4.06
CA TYR H 454 -2.60 -24.62 5.02
C TYR H 454 -2.11 -24.21 6.41
N LEU H 455 -0.94 -24.70 6.82
CA LEU H 455 -0.41 -24.33 8.13
C LEU H 455 -0.14 -22.84 8.21
N ILE H 456 0.45 -22.27 7.16
CA ILE H 456 0.74 -20.83 7.17
C ILE H 456 -0.56 -20.03 7.23
N ALA H 457 -1.55 -20.42 6.43
CA ALA H 457 -2.82 -19.69 6.43
C ALA H 457 -3.51 -19.78 7.78
N LEU H 458 -3.53 -20.97 8.39
CA LEU H 458 -4.15 -21.12 9.70
C LEU H 458 -3.41 -20.33 10.76
N HIS H 459 -2.08 -20.33 10.70
CA HIS H 459 -1.29 -19.56 11.66
C HIS H 459 -1.60 -18.07 11.55
N ASP H 460 -1.65 -17.56 10.31
CA ASP H 460 -1.95 -16.14 10.13
C ASP H 460 -3.36 -15.80 10.61
N GLU H 461 -4.33 -16.65 10.28
CA GLU H 461 -5.70 -16.39 10.70
C GLU H 461 -5.83 -16.39 12.22
N LEU H 462 -5.22 -17.38 12.87
CA LEU H 462 -5.31 -17.44 14.33
C LEU H 462 -4.56 -16.29 14.98
N ARG H 463 -3.43 -15.88 14.41
CA ARG H 463 -2.72 -14.71 14.93
C ARG H 463 -3.59 -13.47 14.81
N ALA H 464 -4.31 -13.33 13.70
CA ALA H 464 -5.24 -12.22 13.56
C ALA H 464 -6.34 -12.28 14.61
N LEU H 465 -6.86 -13.47 14.88
CA LEU H 465 -7.94 -13.62 15.84
C LEU H 465 -7.47 -13.65 17.29
N HIS H 466 -6.17 -13.78 17.53
CA HIS H 466 -5.64 -13.86 18.89
C HIS H 466 -5.27 -12.50 19.46
N GLN H 467 -5.51 -11.42 18.73
CA GLN H 467 -5.03 -10.10 19.14
C GLN H 467 -5.64 -9.67 20.47
N TYR H 468 -6.94 -9.89 20.65
CA TYR H 468 -7.60 -9.39 21.85
C TYR H 468 -7.12 -10.12 23.09
N GLU H 469 -7.06 -11.45 23.04
CA GLU H 469 -6.66 -12.21 24.22
C GLU H 469 -5.17 -12.09 24.49
N CYS H 470 -4.36 -11.88 23.45
CA CYS H 470 -2.93 -11.69 23.66
C CYS H 470 -2.65 -10.43 24.45
N ARG H 471 -3.36 -9.35 24.16
CA ARG H 471 -3.19 -8.09 24.87
C ARG H 471 -3.83 -8.17 26.25
#